data_8E97
#
_entry.id   8E97
#
_cell.length_a   1.00
_cell.length_b   1.00
_cell.length_c   1.00
_cell.angle_alpha   90.00
_cell.angle_beta   90.00
_cell.angle_gamma   90.00
#
_symmetry.space_group_name_H-M   'P 1'
#
loop_
_entity.id
_entity.type
_entity.pdbx_description
1 polymer 'Glutamate receptor ionotropic, NMDA 1'
2 polymer 'Glutamate receptor ionotropic, NMDA 2C'
3 branched beta-D-mannopyranose-(1-4)-2-acetamido-2-deoxy-beta-D-glucopyranose-(1-4)-2-acetamido-2-deoxy-beta-D-glucopyranose
4 branched 2-acetamido-2-deoxy-beta-D-glucopyranose-(1-4)-2-acetamido-2-deoxy-beta-D-glucopyranose
5 non-polymer 2-acetamido-2-deoxy-beta-D-glucopyranose
#
loop_
_entity_poly.entity_id
_entity_poly.type
_entity_poly.pdbx_seq_one_letter_code
_entity_poly.pdbx_strand_id
1 'polypeptide(L)'
;MSTMHLLTFALLFSCSFARAASDPKIVNIGAVLSTRKHEQMFREAVNQANKRHGSWKIQLNATSVTHKPNAIQMALSVCE
DLISSQVYAILVSHPPTPNDHFTPTPVSYTAGFYRIPVLGLTTRMSIYSDKSIHLSFLRTVPPYSHQSSVWFEMMRVYSW
NHIILLVSDDHEGRAAQKRLETLLEERESKAEKVLQFDPGTKNVTALLMEAKELEARVIILSASEDDAATVYRAAAMLNM
TGSGYVWLVGEREISGNALRYAPDGILGLQLINGKNESAHISDAVGVVAQAVHELLEKENITDPPRGCVGNTNIWKTGPL
FKRVLMSSKYADGVTGRVEFNEDGDRKFANYSIMNLQNRKLVQVGIYNGTHVIPNDRKIIWPGGETEKPRGYQMSTRLKI
VTIHQEPFVYVKPTLSDGTCKEEFTVNGDPVKKVICTGPNDTSPGSPRHTVPQCCYGFCIDLLIKLARTMNFTYEVHLVA
DGKFGTQERVNNSNKKEWNGMMGELLSGQADMIVAPLTINNERAQYIEFSKPFKYQGLTILVKKEIPRSTLDSFMQPFQS
TLWLLVGLSVHVVAVMLYLLDRFSPFGRFKVNSEEEEEDALTLSSAMWFSWGVLLNSGIGEGAPRSFSARILGMVWAGFA
MIIVASYTANLAAFLVLDRPEERITGINDPRLRNPSDKFIYATVKQSSVDIYFRRQVELSTMYRHMEKHNYESAAEAIQA
VRDNKLHAFIWDSAVLEFEASQKCDLVTTGELFFRSGFGIGMRKDSPWKQNVSLSILKSHENGFMEDLDKTWVRYQECDS
RSNAPATLTFENMAGVFMLVAGGIVAGIFLIFIEIAYKRHKDANGAQ
;
A,C
2 'polypeptide(L)'
;MGTMRLFLLAVLFLFSFARATGWSHPQFEKGGGSGGGSGGSAWSHPQFEKGALVPRGEQGMTVAVVFSSSGPPQAQFRAR
LTPQSFLDLPLEIQPLTVGVNTTNPSSLLTQICGLLGAAHVHGIVFEDNVDTEAVAQILDFISSQTHVPILSISGGSAVV
LTPKEPGSAFLQLGVSLEQQLQVLFKVLEEYDWSAFAVITSLHPGHALFLEGVRAVADASHVSWRLLDVVTLELGPGGPR
ARTQRLLRQLDAPVFVAYCSREEAEVLFAEAAQAGLVGPGHVWLVPNLALGSTDAPPATFPVGLISVVTESWRLSLRQKV
RDGVAILALGAHSYWRQHGTLPAPAGDCRVHPGPVSPAREAFYRHLLNVTWEGRDFSFSPGGYLVQPTMVVIALNRHRLW
EMVGRWEHGVLYMKYPVWPRYSASLQPVVDSRHLTVATLEERPFVIVESPDPGTGGCVPNTVPCRRQSNHTFSSGDVAPY
TKLCCKGFCIDILKKLARVVKFSYDLYLVTNGKHGKRVRGVWNGMIGEVYYKRADMAIGSLTINEERSEIVDFSVPFVET
GISVMVARSNGTVSPSAFLEPYSPAVWVMMFVMCLTVVAITVFMFEYFSPVSYNQNLTRGKKSGGPAFTIGKSVWLLWAL
VFNNSVPIENPRGTTSKIMVLVWAFFAVIFLASYTANLAAFMIQEQYIDTVSGLSDKKFQRPQDQYPPFRFGTVPNGSTE
RNIRSNYRDMHTHMVKFNQRSVEDALTSLKMGKLDAFIYDAAVLNYMAGKDEGCKLVTIGSGKVFATTGYGIAMQKDSHW
KRAIDLALLQFLGDGETQKLETVWLSGICQNEKNEVMSSKLDIDNMAGVFYMLLVAMGLALLVFAWEHLVYWKLRHSVPN
;
B,D
#
loop_
_chem_comp.id
_chem_comp.type
_chem_comp.name
_chem_comp.formula
BMA D-saccharide, beta linking beta-D-mannopyranose 'C6 H12 O6'
NAG D-saccharide, beta linking 2-acetamido-2-deoxy-beta-D-glucopyranose 'C8 H15 N O6'
#
# COMPACT_ATOMS: atom_id res chain seq x y z
N LYS A 25 54.87 -56.51 2.71
CA LYS A 25 55.59 -55.27 2.45
C LYS A 25 55.97 -54.58 3.76
N ILE A 26 57.04 -53.80 3.73
CA ILE A 26 57.54 -53.10 4.90
C ILE A 26 56.87 -51.72 4.92
N VAL A 27 56.00 -51.50 5.89
CA VAL A 27 55.38 -50.19 6.12
C VAL A 27 56.18 -49.47 7.18
N ASN A 28 56.58 -48.23 6.88
CA ASN A 28 57.45 -47.46 7.75
C ASN A 28 56.69 -46.24 8.27
N ILE A 29 56.76 -46.04 9.59
CA ILE A 29 56.27 -44.81 10.20
C ILE A 29 57.36 -44.28 11.14
N GLY A 30 57.33 -42.98 11.37
CA GLY A 30 58.34 -42.34 12.18
C GLY A 30 57.69 -41.51 13.26
N ALA A 31 58.51 -40.73 13.96
CA ALA A 31 58.02 -39.89 15.05
C ALA A 31 59.14 -39.00 15.55
N VAL A 32 58.75 -37.94 16.24
CA VAL A 32 59.68 -37.01 16.89
C VAL A 32 59.31 -36.93 18.36
N LEU A 33 60.26 -37.22 19.24
CA LEU A 33 60.01 -37.22 20.66
C LEU A 33 61.16 -36.52 21.38
N SER A 34 61.19 -36.65 22.70
CA SER A 34 61.96 -35.75 23.54
C SER A 34 63.10 -36.41 24.31
N THR A 35 62.86 -37.54 24.99
CA THR A 35 63.77 -38.02 26.02
C THR A 35 64.64 -39.20 25.63
N ARG A 36 64.31 -39.91 24.55
CA ARG A 36 64.95 -41.14 24.07
C ARG A 36 64.59 -42.34 24.94
N LYS A 37 63.91 -42.14 26.07
CA LYS A 37 63.33 -43.27 26.78
C LYS A 37 61.91 -43.51 26.27
N HIS A 38 61.19 -42.43 26.01
CA HIS A 38 59.90 -42.56 25.34
C HIS A 38 60.06 -43.13 23.95
N GLU A 39 61.22 -42.92 23.32
CA GLU A 39 61.51 -43.56 22.05
C GLU A 39 61.48 -45.08 22.20
N GLN A 40 62.13 -45.59 23.25
CA GLN A 40 62.08 -47.02 23.50
C GLN A 40 60.68 -47.47 23.87
N MET A 41 59.93 -46.65 24.60
CA MET A 41 58.53 -46.97 24.87
C MET A 41 57.75 -47.11 23.57
N PHE A 42 58.00 -46.20 22.62
CA PHE A 42 57.35 -46.24 21.31
C PHE A 42 57.73 -47.48 20.53
N ARG A 43 59.01 -47.87 20.57
CA ARG A 43 59.43 -49.08 19.87
C ARG A 43 58.78 -50.31 20.48
N GLU A 44 58.78 -50.42 21.80
CA GLU A 44 58.11 -51.54 22.45
C GLU A 44 56.63 -51.56 22.11
N ALA A 45 56.01 -50.39 21.98
CA ALA A 45 54.58 -50.34 21.69
C ALA A 45 54.30 -50.76 20.26
N VAL A 46 55.11 -50.33 19.31
CA VAL A 46 54.90 -50.78 17.94
C VAL A 46 55.19 -52.27 17.82
N ASN A 47 56.10 -52.81 18.64
CA ASN A 47 56.31 -54.26 18.65
C ASN A 47 55.08 -54.99 19.16
N GLN A 48 54.57 -54.59 20.33
CA GLN A 48 53.38 -55.22 20.88
C GLN A 48 52.18 -55.03 19.96
N ALA A 49 52.20 -54.00 19.11
CA ALA A 49 51.15 -53.83 18.12
C ALA A 49 51.34 -54.77 16.94
N ASN A 50 52.60 -55.07 16.59
CA ASN A 50 52.86 -56.12 15.60
C ASN A 50 52.34 -57.46 16.09
N LYS A 51 52.75 -57.87 17.29
CA LYS A 51 52.34 -59.17 17.81
C LYS A 51 50.84 -59.22 18.10
N ARG A 52 50.14 -58.10 17.98
CA ARG A 52 48.72 -58.06 18.28
C ARG A 52 47.87 -58.61 17.15
N HIS A 53 47.91 -57.98 15.99
CA HIS A 53 47.16 -58.44 14.82
C HIS A 53 48.04 -58.67 13.60
N GLY A 54 49.35 -58.54 13.76
CA GLY A 54 50.23 -58.67 12.61
C GLY A 54 50.16 -60.05 11.98
N SER A 55 50.66 -60.13 10.75
CA SER A 55 50.70 -61.39 10.01
C SER A 55 51.79 -61.26 8.94
N TRP A 56 51.79 -62.19 7.99
CA TRP A 56 52.79 -62.20 6.92
C TRP A 56 52.45 -61.21 5.80
N LYS A 57 51.39 -60.43 5.94
CA LYS A 57 51.02 -59.49 4.89
C LYS A 57 51.99 -58.32 4.84
N ILE A 58 52.06 -57.55 5.93
CA ILE A 58 52.85 -56.32 5.97
C ILE A 58 53.33 -56.06 7.39
N GLN A 59 54.61 -55.75 7.51
CA GLN A 59 55.23 -55.46 8.80
C GLN A 59 55.44 -53.96 8.96
N LEU A 60 55.67 -53.55 10.21
CA LEU A 60 55.85 -52.14 10.54
C LEU A 60 57.25 -51.90 11.08
N ASN A 61 57.56 -50.64 11.32
CA ASN A 61 58.91 -50.23 11.72
C ASN A 61 58.79 -48.94 12.54
N ALA A 62 59.93 -48.28 12.76
CA ALA A 62 59.93 -47.05 13.55
C ALA A 62 61.22 -46.28 13.28
N THR A 63 61.14 -44.97 13.49
CA THR A 63 62.28 -44.07 13.37
C THR A 63 62.00 -42.85 14.24
N SER A 64 63.02 -42.37 14.96
CA SER A 64 62.82 -41.31 15.93
C SER A 64 63.92 -40.27 15.82
N VAL A 65 63.60 -39.03 16.22
CA VAL A 65 64.56 -37.94 16.29
C VAL A 65 64.36 -37.26 17.65
N THR A 66 65.07 -36.16 17.89
CA THR A 66 64.88 -35.33 19.07
C THR A 66 64.83 -33.86 18.67
N HIS A 67 64.29 -33.04 19.55
CA HIS A 67 64.17 -31.61 19.27
C HIS A 67 65.53 -30.96 19.15
N LYS A 68 65.51 -29.67 18.82
CA LYS A 68 66.66 -28.79 18.82
C LYS A 68 66.15 -27.37 19.05
N PRO A 69 67.00 -26.48 19.54
CA PRO A 69 66.53 -25.10 19.82
C PRO A 69 66.05 -24.35 18.59
N ASN A 70 66.87 -24.23 17.55
CA ASN A 70 66.54 -23.43 16.38
C ASN A 70 65.62 -24.24 15.49
N ALA A 71 64.38 -23.76 15.32
CA ALA A 71 63.36 -24.53 14.60
C ALA A 71 63.79 -24.83 13.17
N ILE A 72 64.55 -23.93 12.56
CA ILE A 72 65.03 -24.16 11.21
C ILE A 72 65.86 -25.44 11.16
N GLN A 73 66.76 -25.60 12.13
CA GLN A 73 67.52 -26.84 12.24
C GLN A 73 66.58 -28.03 12.34
N MET A 74 65.43 -27.85 12.98
CA MET A 74 64.49 -28.96 13.12
C MET A 74 63.83 -29.28 11.79
N ALA A 75 63.52 -28.27 10.99
CA ALA A 75 62.95 -28.54 9.67
C ALA A 75 63.94 -29.30 8.80
N LEU A 76 65.21 -28.93 8.87
CA LEU A 76 66.20 -29.66 8.09
C LEU A 76 66.40 -31.08 8.63
N SER A 77 66.38 -31.23 9.95
CA SER A 77 66.44 -32.57 10.52
C SER A 77 65.23 -33.40 10.13
N VAL A 78 64.08 -32.77 9.89
CA VAL A 78 62.90 -33.52 9.48
C VAL A 78 63.01 -33.94 8.04
N CYS A 79 63.59 -33.10 7.18
CA CYS A 79 63.93 -33.63 5.86
C CYS A 79 64.94 -34.78 5.93
N GLU A 80 65.86 -34.76 6.89
CA GLU A 80 66.76 -35.91 7.03
C GLU A 80 66.00 -37.16 7.48
N ASP A 81 65.17 -37.02 8.51
CA ASP A 81 64.24 -38.08 8.90
C ASP A 81 63.46 -38.62 7.71
N LEU A 82 62.95 -37.73 6.86
CA LEU A 82 62.10 -38.15 5.75
C LEU A 82 62.90 -38.83 4.64
N ILE A 83 64.06 -38.31 4.26
CA ILE A 83 64.87 -39.00 3.26
C ILE A 83 65.29 -40.36 3.78
N SER A 84 65.45 -40.51 5.09
CA SER A 84 65.87 -41.78 5.65
C SER A 84 64.76 -42.81 5.68
N SER A 85 63.54 -42.48 5.25
CA SER A 85 62.46 -43.45 5.30
C SER A 85 61.28 -42.99 4.46
N GLN A 86 60.67 -43.92 3.74
CA GLN A 86 59.43 -43.63 3.02
C GLN A 86 58.33 -43.55 4.07
N VAL A 87 58.29 -42.43 4.78
CA VAL A 87 57.45 -42.29 5.95
C VAL A 87 55.98 -42.30 5.55
N TYR A 88 55.13 -42.88 6.41
CA TYR A 88 53.70 -42.92 6.20
C TYR A 88 52.91 -42.09 7.20
N ALA A 89 53.56 -41.62 8.27
CA ALA A 89 52.92 -40.84 9.31
C ALA A 89 53.98 -40.39 10.30
N ILE A 90 53.67 -39.35 11.07
CA ILE A 90 54.60 -38.78 12.02
C ILE A 90 53.88 -38.57 13.35
N LEU A 91 54.64 -38.48 14.43
CA LEU A 91 54.12 -38.14 15.75
C LEU A 91 55.04 -37.09 16.37
N VAL A 92 54.47 -36.20 17.18
CA VAL A 92 55.17 -35.05 17.69
C VAL A 92 54.72 -34.76 19.12
N SER A 93 55.64 -34.28 19.95
CA SER A 93 55.36 -33.95 21.34
C SER A 93 56.22 -32.78 21.78
N HIS A 94 55.83 -32.13 22.87
CA HIS A 94 56.57 -30.95 23.31
C HIS A 94 56.87 -30.93 24.80
N PRO A 95 57.39 -32.01 25.39
CA PRO A 95 57.52 -32.07 26.86
C PRO A 95 58.30 -30.89 27.42
N PRO A 96 59.42 -30.47 26.83
CA PRO A 96 60.04 -29.23 27.30
C PRO A 96 59.43 -28.03 26.57
N THR A 97 58.90 -27.09 27.35
CA THR A 97 58.11 -26.02 26.75
C THR A 97 58.65 -24.62 27.01
N PRO A 98 59.88 -24.29 26.60
CA PRO A 98 60.24 -22.87 26.51
C PRO A 98 59.33 -22.09 25.59
N ASN A 99 58.76 -22.76 24.58
CA ASN A 99 57.75 -22.18 23.70
C ASN A 99 56.68 -23.25 23.45
N ASP A 100 55.64 -23.24 24.28
CA ASP A 100 54.52 -24.17 24.13
C ASP A 100 53.86 -24.05 22.77
N HIS A 101 54.18 -23.01 22.00
CA HIS A 101 53.50 -22.72 20.74
C HIS A 101 54.34 -23.13 19.54
N PHE A 102 55.57 -22.64 19.47
CA PHE A 102 56.39 -22.80 18.27
C PHE A 102 57.16 -24.11 18.24
N THR A 103 56.81 -25.07 19.09
CA THR A 103 57.49 -26.35 19.03
C THR A 103 56.95 -27.26 17.93
N PRO A 104 55.63 -27.45 17.81
CA PRO A 104 55.13 -28.41 16.82
C PRO A 104 54.84 -27.80 15.47
N THR A 105 55.26 -26.56 15.23
CA THR A 105 54.93 -25.99 13.93
C THR A 105 55.82 -26.53 12.81
N PRO A 106 57.16 -26.45 12.89
CA PRO A 106 57.96 -26.70 11.67
C PRO A 106 57.76 -28.07 11.09
N VAL A 107 57.49 -29.08 11.91
CA VAL A 107 57.18 -30.39 11.33
C VAL A 107 55.89 -30.30 10.53
N SER A 108 54.95 -29.46 10.94
CA SER A 108 53.68 -29.41 10.23
C SER A 108 53.81 -28.77 8.86
N TYR A 109 54.54 -27.66 8.77
CA TYR A 109 54.80 -27.07 7.46
C TYR A 109 55.62 -28.02 6.60
N THR A 110 56.64 -28.65 7.18
CA THR A 110 57.55 -29.45 6.38
C THR A 110 56.87 -30.73 5.87
N ALA A 111 55.92 -31.27 6.64
CA ALA A 111 55.27 -32.49 6.20
C ALA A 111 54.01 -32.23 5.40
N GLY A 112 53.24 -31.21 5.76
CA GLY A 112 52.04 -30.90 5.01
C GLY A 112 52.31 -30.56 3.55
N PHE A 113 53.53 -30.13 3.23
CA PHE A 113 53.87 -29.90 1.85
C PHE A 113 53.61 -31.13 1.00
N TYR A 114 53.82 -32.32 1.55
CA TYR A 114 53.57 -33.57 0.84
C TYR A 114 52.34 -34.29 1.36
N ARG A 115 51.48 -33.62 2.13
CA ARG A 115 50.26 -34.21 2.67
C ARG A 115 50.54 -35.40 3.58
N ILE A 116 51.77 -35.50 4.08
CA ILE A 116 52.14 -36.58 5.01
C ILE A 116 51.35 -36.39 6.30
N PRO A 117 50.37 -37.25 6.58
CA PRO A 117 49.48 -36.98 7.73
C PRO A 117 50.24 -37.08 9.03
N VAL A 118 50.38 -35.94 9.71
CA VAL A 118 51.10 -35.85 10.96
C VAL A 118 50.09 -35.84 12.11
N LEU A 119 50.33 -36.69 13.11
CA LEU A 119 49.53 -36.68 14.33
C LEU A 119 50.29 -35.91 15.40
N GLY A 120 49.55 -35.11 16.16
CA GLY A 120 50.10 -34.43 17.31
C GLY A 120 49.38 -34.89 18.55
N LEU A 121 50.11 -35.29 19.59
CA LEU A 121 49.47 -35.97 20.69
C LEU A 121 49.39 -35.07 21.93
N THR A 122 50.30 -34.11 22.05
CA THR A 122 50.24 -33.19 23.18
C THR A 122 50.52 -31.76 22.71
N THR A 123 49.46 -31.03 22.43
CA THR A 123 49.53 -29.60 22.18
C THR A 123 48.10 -29.07 22.14
N ARG A 124 47.87 -27.96 22.81
CA ARG A 124 46.51 -27.50 23.02
C ARG A 124 46.18 -26.17 22.38
N MET A 125 47.13 -25.50 21.72
CA MET A 125 46.81 -24.24 21.08
C MET A 125 45.69 -24.43 20.07
N SER A 126 44.96 -23.37 19.80
CA SER A 126 43.77 -23.47 18.96
C SER A 126 44.05 -23.16 17.50
N ILE A 127 45.25 -22.65 17.18
CA ILE A 127 45.53 -22.29 15.79
C ILE A 127 45.66 -23.53 14.91
N TYR A 128 46.12 -24.66 15.47
CA TYR A 128 46.33 -25.83 14.63
C TYR A 128 45.02 -26.48 14.20
N SER A 129 43.88 -25.87 14.49
CA SER A 129 42.61 -26.45 14.05
C SER A 129 42.14 -25.87 12.73
N ASP A 130 42.55 -24.65 12.41
CA ASP A 130 42.12 -23.99 11.18
C ASP A 130 42.80 -24.68 10.00
N LYS A 131 42.05 -25.56 9.31
CA LYS A 131 42.68 -26.47 8.37
C LYS A 131 43.16 -25.78 7.11
N SER A 132 42.75 -24.53 6.88
CA SER A 132 43.22 -23.85 5.69
C SER A 132 44.71 -23.57 5.74
N ILE A 133 45.28 -23.46 6.93
CA ILE A 133 46.69 -23.15 7.08
C ILE A 133 47.54 -24.41 7.16
N HIS A 134 47.20 -25.32 8.05
CA HIS A 134 47.89 -26.60 8.22
C HIS A 134 47.07 -27.66 7.51
N LEU A 135 47.50 -28.05 6.31
CA LEU A 135 46.65 -28.86 5.45
C LEU A 135 46.28 -30.19 6.07
N SER A 136 47.15 -30.74 6.92
CA SER A 136 46.93 -32.06 7.50
C SER A 136 47.50 -32.09 8.90
N PHE A 137 46.64 -32.31 9.88
CA PHE A 137 47.04 -32.31 11.28
C PHE A 137 45.91 -32.87 12.10
N LEU A 138 46.25 -33.73 13.05
CA LEU A 138 45.25 -34.34 13.92
C LEU A 138 45.75 -34.28 15.35
N ARG A 139 44.90 -34.70 16.27
CA ARG A 139 45.22 -34.63 17.69
C ARG A 139 44.63 -35.82 18.42
N THR A 140 45.10 -36.02 19.63
CA THR A 140 44.47 -36.93 20.57
C THR A 140 44.10 -36.27 21.88
N VAL A 141 43.91 -34.96 21.90
CA VAL A 141 43.48 -34.22 23.07
C VAL A 141 42.76 -32.97 22.60
N PRO A 142 41.57 -32.69 23.11
CA PRO A 142 40.81 -31.54 22.61
C PRO A 142 41.45 -30.24 23.04
N PRO A 143 41.27 -29.18 22.27
CA PRO A 143 41.99 -27.93 22.55
C PRO A 143 41.29 -27.03 23.54
N TYR A 144 41.88 -25.87 23.81
CA TYR A 144 41.34 -24.95 24.79
C TYR A 144 39.99 -24.38 24.37
N SER A 145 39.68 -24.40 23.07
CA SER A 145 38.41 -23.84 22.63
C SER A 145 37.24 -24.72 23.06
N HIS A 146 37.35 -26.04 22.90
CA HIS A 146 36.29 -26.96 23.28
C HIS A 146 35.98 -26.93 24.78
N GLN A 147 36.71 -26.13 25.55
CA GLN A 147 36.52 -26.09 26.99
C GLN A 147 35.17 -25.53 27.40
N SER A 148 34.63 -24.56 26.66
CA SER A 148 33.47 -23.83 27.14
C SER A 148 32.21 -24.67 27.17
N SER A 149 32.22 -25.87 26.58
CA SER A 149 31.06 -26.73 26.69
C SER A 149 30.75 -27.04 28.15
N VAL A 150 31.76 -27.33 28.96
CA VAL A 150 31.49 -27.63 30.36
C VAL A 150 31.06 -26.39 31.11
N TRP A 151 31.53 -25.20 30.72
CA TRP A 151 31.04 -23.98 31.33
C TRP A 151 29.55 -23.81 31.08
N PHE A 152 29.13 -23.96 29.83
CA PHE A 152 27.71 -23.81 29.53
C PHE A 152 26.88 -24.89 30.20
N GLU A 153 27.42 -26.11 30.31
CA GLU A 153 26.67 -27.16 30.97
C GLU A 153 26.51 -26.91 32.46
N MET A 154 27.57 -26.41 33.11
CA MET A 154 27.44 -26.01 34.50
C MET A 154 26.42 -24.89 34.65
N MET A 155 26.42 -23.94 33.70
CA MET A 155 25.41 -22.89 33.74
C MET A 155 24.01 -23.47 33.66
N ARG A 156 23.82 -24.50 32.84
CA ARG A 156 22.49 -25.10 32.74
C ARG A 156 22.11 -25.83 34.03
N VAL A 157 23.05 -26.58 34.61
CA VAL A 157 22.72 -27.38 35.78
C VAL A 157 22.43 -26.49 36.98
N TYR A 158 23.35 -25.58 37.30
CA TYR A 158 23.23 -24.78 38.51
C TYR A 158 22.27 -23.61 38.35
N SER A 159 21.72 -23.41 37.15
CA SER A 159 20.80 -22.32 36.85
C SER A 159 21.40 -20.94 37.13
N TRP A 160 22.52 -20.63 36.50
CA TRP A 160 23.03 -19.26 36.42
C TRP A 160 22.65 -18.72 35.05
N ASN A 161 22.22 -17.45 34.98
CA ASN A 161 21.65 -16.96 33.74
C ASN A 161 22.13 -15.56 33.38
N HIS A 162 23.03 -14.98 34.16
CA HIS A 162 23.57 -13.65 33.87
C HIS A 162 25.07 -13.69 34.15
N ILE A 163 25.87 -13.79 33.10
CA ILE A 163 27.29 -14.04 33.25
C ILE A 163 28.08 -12.93 32.58
N ILE A 164 29.19 -12.55 33.21
CA ILE A 164 30.16 -11.64 32.62
C ILE A 164 31.28 -12.48 32.07
N LEU A 165 31.71 -12.19 30.85
CA LEU A 165 32.78 -12.92 30.19
C LEU A 165 34.00 -12.03 30.27
N LEU A 166 35.18 -12.62 30.18
CA LEU A 166 36.42 -11.86 30.25
C LEU A 166 37.50 -12.62 29.49
N VAL A 167 37.93 -12.07 28.36
CA VAL A 167 38.78 -12.77 27.42
C VAL A 167 39.91 -11.85 26.99
N SER A 168 41.01 -12.45 26.56
CA SER A 168 42.18 -11.75 26.06
C SER A 168 41.94 -11.34 24.60
N ASP A 169 42.99 -10.95 23.89
CA ASP A 169 42.85 -10.44 22.53
C ASP A 169 43.56 -11.27 21.47
N ASP A 170 44.30 -12.31 21.83
CA ASP A 170 44.95 -13.13 20.83
C ASP A 170 44.04 -14.29 20.41
N HIS A 171 44.37 -14.88 19.26
CA HIS A 171 43.50 -15.87 18.62
C HIS A 171 43.04 -16.94 19.61
N GLU A 172 43.96 -17.46 20.41
CA GLU A 172 43.63 -18.50 21.38
C GLU A 172 42.56 -18.02 22.35
N GLY A 173 42.46 -16.72 22.56
CA GLY A 173 41.37 -16.19 23.35
C GLY A 173 40.12 -15.96 22.52
N ARG A 174 40.29 -15.35 21.35
CA ARG A 174 39.14 -14.98 20.52
C ARG A 174 38.30 -16.19 20.16
N ALA A 175 38.88 -17.38 20.11
CA ALA A 175 38.11 -18.56 19.74
C ALA A 175 36.98 -18.82 20.73
N ALA A 176 37.28 -18.71 22.03
CA ALA A 176 36.28 -19.02 23.05
C ALA A 176 35.07 -18.12 22.93
N GLN A 177 35.27 -16.87 22.54
CA GLN A 177 34.16 -15.95 22.35
C GLN A 177 33.13 -16.53 21.38
N LYS A 178 33.58 -16.83 20.15
CA LYS A 178 32.68 -17.37 19.14
C LYS A 178 32.06 -18.69 19.61
N ARG A 179 32.86 -19.51 20.28
CA ARG A 179 32.33 -20.78 20.76
C ARG A 179 31.14 -20.57 21.69
N LEU A 180 31.35 -19.82 22.78
CA LEU A 180 30.26 -19.57 23.72
C LEU A 180 29.08 -18.91 23.05
N GLU A 181 29.32 -18.00 22.11
CA GLU A 181 28.20 -17.29 21.50
C GLU A 181 27.32 -18.24 20.69
N THR A 182 27.94 -19.05 19.82
CA THR A 182 27.14 -19.97 19.03
C THR A 182 26.48 -21.02 19.92
N LEU A 183 27.06 -21.29 21.08
CA LEU A 183 26.45 -22.28 21.97
C LEU A 183 25.28 -21.67 22.75
N LEU A 184 25.31 -20.36 22.96
CA LEU A 184 24.24 -19.72 23.73
C LEU A 184 23.06 -19.32 22.86
N GLU A 185 23.34 -18.80 21.65
CA GLU A 185 22.25 -18.28 20.81
C GLU A 185 21.29 -19.38 20.39
N GLU A 186 21.69 -20.64 20.52
CA GLU A 186 20.78 -21.74 20.22
C GLU A 186 19.62 -21.77 21.20
N ARG A 187 19.72 -21.04 22.31
CA ARG A 187 18.62 -20.85 23.23
C ARG A 187 18.26 -19.38 23.43
N GLU A 188 18.95 -18.48 22.73
CA GLU A 188 18.65 -17.04 22.78
C GLU A 188 18.76 -16.50 24.21
N SER A 189 19.97 -16.57 24.76
CA SER A 189 20.22 -16.02 26.08
C SER A 189 21.08 -14.76 26.01
N LYS A 190 22.04 -14.73 25.09
CA LYS A 190 22.78 -13.51 24.80
C LYS A 190 23.47 -12.93 26.02
N ALA A 191 24.47 -13.63 26.54
CA ALA A 191 25.24 -13.17 27.69
C ALA A 191 25.77 -11.76 27.45
N GLU A 192 26.13 -11.08 28.53
CA GLU A 192 26.28 -9.64 28.49
C GLU A 192 27.70 -9.20 28.82
N LYS A 193 28.12 -8.11 28.19
CA LYS A 193 29.32 -7.38 28.55
C LYS A 193 30.56 -8.28 28.49
N VAL A 194 30.89 -8.68 27.27
CA VAL A 194 32.15 -9.37 27.00
C VAL A 194 33.26 -8.33 26.96
N LEU A 195 34.18 -8.40 27.92
CA LEU A 195 35.26 -7.42 28.05
C LEU A 195 36.54 -7.98 27.47
N GLN A 196 37.23 -7.17 26.69
CA GLN A 196 38.53 -7.58 26.15
C GLN A 196 39.64 -6.82 26.83
N PHE A 197 40.85 -7.36 26.80
CA PHE A 197 42.04 -6.67 27.28
C PHE A 197 43.28 -7.24 26.59
N ASP A 198 44.17 -6.34 26.21
CA ASP A 198 45.36 -6.69 25.43
C ASP A 198 46.27 -7.60 26.26
N PRO A 199 47.04 -8.48 25.61
CA PRO A 199 47.86 -9.43 26.36
C PRO A 199 49.14 -8.84 26.91
N GLY A 200 49.71 -9.54 27.88
CA GLY A 200 50.92 -9.08 28.57
C GLY A 200 50.75 -7.73 29.24
N THR A 201 49.51 -7.27 29.38
CA THR A 201 49.23 -5.92 29.82
C THR A 201 48.97 -5.88 31.32
N LYS A 202 49.65 -4.98 32.00
CA LYS A 202 49.41 -4.71 33.41
C LYS A 202 48.44 -3.55 33.57
N ASN A 203 48.02 -3.32 34.81
CA ASN A 203 47.07 -2.26 35.15
C ASN A 203 45.76 -2.43 34.38
N VAL A 204 45.10 -3.54 34.68
CA VAL A 204 43.76 -3.79 34.12
C VAL A 204 42.65 -3.24 34.98
N THR A 205 42.97 -2.64 36.13
CA THR A 205 41.92 -2.07 36.96
C THR A 205 41.15 -0.98 36.23
N ALA A 206 41.75 -0.39 35.20
CA ALA A 206 41.01 0.52 34.33
C ALA A 206 39.85 -0.20 33.67
N LEU A 207 39.93 -1.53 33.58
CA LEU A 207 38.88 -2.29 32.93
C LEU A 207 37.89 -2.85 33.95
N LEU A 208 38.39 -3.49 35.00
CA LEU A 208 37.52 -4.11 36.00
C LEU A 208 36.49 -3.13 36.53
N MET A 209 36.88 -1.88 36.77
CA MET A 209 35.95 -0.89 37.29
C MET A 209 34.70 -0.76 36.41
N GLU A 210 34.84 -0.93 35.10
CA GLU A 210 33.66 -0.94 34.24
C GLU A 210 32.78 -2.14 34.54
N ALA A 211 33.39 -3.26 34.92
CA ALA A 211 32.63 -4.42 35.35
C ALA A 211 32.33 -4.41 36.84
N LYS A 212 32.33 -3.24 37.47
CA LYS A 212 31.99 -3.13 38.88
C LYS A 212 30.56 -2.70 39.11
N GLU A 213 29.96 -1.95 38.18
CA GLU A 213 28.59 -1.48 38.31
C GLU A 213 27.61 -2.36 37.56
N LEU A 214 28.02 -3.56 37.17
CA LEU A 214 27.15 -4.43 36.37
C LEU A 214 26.37 -5.37 37.27
N GLU A 215 25.22 -5.81 36.77
CA GLU A 215 24.32 -6.61 37.58
C GLU A 215 24.86 -8.01 37.79
N ALA A 216 25.47 -8.60 36.76
CA ALA A 216 25.88 -9.99 36.84
C ALA A 216 27.04 -10.17 37.81
N ARG A 217 26.97 -11.24 38.61
CA ARG A 217 27.89 -11.46 39.70
C ARG A 217 28.78 -12.68 39.50
N VAL A 218 28.82 -13.24 38.29
CA VAL A 218 29.62 -14.43 38.02
C VAL A 218 30.49 -14.19 36.79
N ILE A 219 31.79 -14.11 37.00
CA ILE A 219 32.72 -13.82 35.92
C ILE A 219 33.26 -15.14 35.38
N ILE A 220 33.77 -15.10 34.15
CA ILE A 220 34.35 -16.26 33.51
C ILE A 220 35.63 -15.83 32.82
N LEU A 221 36.76 -16.33 33.30
CA LEU A 221 38.04 -15.84 32.83
C LEU A 221 38.60 -16.82 31.80
N SER A 222 39.42 -16.31 30.89
CA SER A 222 40.15 -17.15 29.96
C SER A 222 41.34 -16.36 29.45
N ALA A 223 42.55 -16.75 29.86
CA ALA A 223 43.72 -15.94 29.58
C ALA A 223 44.95 -16.81 29.67
N SER A 224 46.11 -16.17 29.77
CA SER A 224 47.38 -16.88 29.90
C SER A 224 47.84 -16.87 31.35
N GLU A 225 48.79 -17.76 31.65
CA GLU A 225 49.26 -17.90 33.03
C GLU A 225 49.98 -16.66 33.52
N ASP A 226 50.42 -15.79 32.60
CA ASP A 226 51.04 -14.54 33.03
C ASP A 226 49.99 -13.46 33.26
N ASP A 227 48.91 -13.48 32.48
CA ASP A 227 47.88 -12.46 32.63
C ASP A 227 46.98 -12.76 33.82
N ALA A 228 46.59 -14.02 33.97
CA ALA A 228 45.70 -14.39 35.06
C ALA A 228 46.30 -14.04 36.41
N ALA A 229 47.62 -14.15 36.53
CA ALA A 229 48.28 -13.68 37.75
C ALA A 229 47.95 -12.22 38.02
N THR A 230 47.99 -11.38 36.98
CA THR A 230 47.74 -9.96 37.17
C THR A 230 46.32 -9.73 37.67
N VAL A 231 45.32 -10.13 36.89
CA VAL A 231 43.94 -9.83 37.25
C VAL A 231 43.53 -10.43 38.59
N TYR A 232 44.16 -11.53 39.02
CA TYR A 232 43.92 -12.00 40.38
C TYR A 232 44.42 -10.97 41.39
N ARG A 233 45.59 -10.38 41.14
CA ARG A 233 46.07 -9.32 42.02
C ARG A 233 45.23 -8.07 41.87
N ALA A 234 44.99 -7.64 40.62
CA ALA A 234 44.25 -6.39 40.40
C ALA A 234 42.87 -6.46 41.03
N ALA A 235 42.31 -7.65 41.18
CA ALA A 235 41.04 -7.77 41.89
C ALA A 235 41.23 -7.54 43.38
N ALA A 236 42.40 -7.92 43.92
CA ALA A 236 42.61 -7.83 45.36
C ALA A 236 42.45 -6.40 45.86
N MET A 237 42.64 -5.42 44.99
CA MET A 237 42.42 -4.03 45.39
C MET A 237 40.95 -3.65 45.27
N LEU A 238 40.30 -4.04 44.17
CA LEU A 238 38.90 -3.70 43.98
C LEU A 238 37.98 -4.44 44.92
N ASN A 239 38.43 -5.54 45.52
CA ASN A 239 37.66 -6.28 46.50
C ASN A 239 36.37 -6.82 45.90
N MET A 240 36.50 -7.46 44.73
CA MET A 240 35.42 -8.26 44.16
C MET A 240 35.59 -9.74 44.45
N THR A 241 36.70 -10.12 45.07
CA THR A 241 36.94 -11.52 45.44
C THR A 241 36.12 -11.91 46.65
N GLY A 242 35.41 -10.94 47.23
CA GLY A 242 34.70 -11.15 48.47
C GLY A 242 33.51 -12.08 48.31
N SER A 243 32.68 -12.08 49.35
CA SER A 243 31.50 -12.96 49.35
C SER A 243 30.52 -12.52 48.27
N GLY A 244 29.59 -13.41 47.96
CA GLY A 244 28.57 -13.15 46.98
C GLY A 244 29.00 -13.36 45.55
N TYR A 245 30.25 -13.09 45.22
CA TYR A 245 30.74 -13.29 43.87
C TYR A 245 31.28 -14.69 43.70
N VAL A 246 30.98 -15.31 42.56
CA VAL A 246 31.43 -16.66 42.25
C VAL A 246 32.01 -16.66 40.85
N TRP A 247 33.17 -17.29 40.69
CA TRP A 247 33.64 -17.37 39.31
C TRP A 247 34.54 -18.55 39.09
N LEU A 248 34.63 -18.93 37.81
CA LEU A 248 35.25 -20.17 37.37
C LEU A 248 36.21 -19.86 36.23
N VAL A 249 37.20 -20.73 36.05
CA VAL A 249 38.31 -20.45 35.15
C VAL A 249 38.61 -21.66 34.27
N GLY A 250 39.67 -21.58 33.47
CA GLY A 250 40.09 -22.67 32.62
C GLY A 250 41.41 -23.25 33.10
N GLU A 251 41.83 -24.32 32.40
CA GLU A 251 42.99 -25.09 32.87
C GLU A 251 44.23 -24.24 33.00
N ARG A 252 44.61 -23.53 31.94
CA ARG A 252 45.81 -22.70 32.01
C ARG A 252 45.64 -21.55 32.99
N GLU A 253 44.40 -21.22 33.35
CA GLU A 253 44.17 -20.08 34.23
C GLU A 253 44.67 -20.35 35.64
N ILE A 254 44.77 -21.62 36.01
CA ILE A 254 45.40 -22.00 37.26
C ILE A 254 46.59 -22.89 36.94
N SER A 255 47.27 -23.37 37.97
CA SER A 255 48.45 -24.23 37.82
C SER A 255 49.55 -23.51 37.02
N GLY A 256 50.02 -22.43 37.62
CA GLY A 256 51.15 -21.71 37.06
C GLY A 256 51.81 -20.84 38.10
N ASN A 257 52.47 -19.76 37.67
CA ASN A 257 52.92 -18.76 38.62
C ASN A 257 51.75 -17.98 39.18
N ALA A 258 50.54 -18.24 38.68
CA ALA A 258 49.36 -17.51 39.14
C ALA A 258 48.70 -18.19 40.32
N LEU A 259 48.72 -19.53 40.37
CA LEU A 259 47.97 -20.25 41.39
C LEU A 259 48.34 -19.82 42.80
N ARG A 260 49.54 -19.26 42.98
CA ARG A 260 49.90 -18.72 44.28
C ARG A 260 48.99 -17.58 44.68
N TYR A 261 48.50 -16.82 43.70
CA TYR A 261 47.74 -15.60 43.95
C TYR A 261 46.23 -15.81 43.85
N ALA A 262 45.77 -17.01 43.58
CA ALA A 262 44.36 -17.22 43.32
C ALA A 262 43.54 -17.01 44.59
N PRO A 263 42.32 -16.49 44.48
CA PRO A 263 41.41 -16.52 45.62
C PRO A 263 40.72 -17.86 45.75
N ASP A 264 40.59 -18.32 46.98
CA ASP A 264 40.06 -19.65 47.23
C ASP A 264 38.62 -19.76 46.72
N GLY A 265 38.25 -20.96 46.31
CA GLY A 265 36.91 -21.25 45.85
C GLY A 265 36.67 -21.18 44.36
N ILE A 266 37.67 -20.81 43.56
CA ILE A 266 37.48 -20.65 42.13
C ILE A 266 37.30 -22.03 41.51
N LEU A 267 36.08 -22.33 41.08
CA LEU A 267 35.80 -23.65 40.57
C LEU A 267 36.39 -23.81 39.16
N GLY A 268 37.67 -24.17 39.10
CA GLY A 268 38.33 -24.40 37.83
C GLY A 268 38.25 -25.87 37.48
N LEU A 269 38.93 -26.25 36.40
CA LEU A 269 38.84 -27.63 35.93
C LEU A 269 40.16 -28.06 35.31
N GLN A 270 40.22 -29.34 34.93
CA GLN A 270 41.44 -29.98 34.46
C GLN A 270 41.12 -31.13 33.52
N LEU A 271 42.19 -31.74 33.00
CA LEU A 271 42.06 -32.91 32.13
C LEU A 271 42.07 -34.21 32.93
N ILE A 272 41.56 -35.26 32.28
CA ILE A 272 41.57 -36.58 32.91
C ILE A 272 42.99 -37.07 33.07
N ASN A 273 43.71 -37.23 31.96
CA ASN A 273 45.07 -37.77 32.05
C ASN A 273 46.04 -37.09 31.10
N GLY A 274 45.76 -35.90 30.59
CA GLY A 274 46.72 -35.18 29.78
C GLY A 274 48.02 -34.92 30.50
N LYS A 275 49.06 -34.54 29.76
CA LYS A 275 50.43 -34.34 30.22
C LYS A 275 51.08 -35.67 30.56
N ASN A 276 50.40 -36.79 30.32
CA ASN A 276 50.98 -38.10 30.61
C ASN A 276 52.12 -38.41 29.64
N GLU A 277 51.92 -38.13 28.35
CA GLU A 277 52.95 -38.22 27.32
C GLU A 277 53.38 -39.66 27.07
N SER A 278 52.83 -40.61 27.82
CA SER A 278 53.17 -42.00 27.60
C SER A 278 51.93 -42.82 27.27
N ALA A 279 50.80 -42.52 27.91
CA ALA A 279 49.57 -43.22 27.59
C ALA A 279 49.16 -42.97 26.15
N HIS A 280 49.44 -41.77 25.65
CA HIS A 280 49.00 -41.42 24.31
C HIS A 280 49.68 -42.29 23.26
N ILE A 281 50.98 -42.50 23.38
CA ILE A 281 51.74 -43.24 22.37
C ILE A 281 51.13 -44.62 22.20
N SER A 282 50.67 -45.20 23.31
CA SER A 282 49.97 -46.47 23.23
C SER A 282 48.64 -46.33 22.49
N ASP A 283 48.10 -45.11 22.44
CA ASP A 283 46.83 -44.91 21.76
C ASP A 283 47.04 -44.63 20.28
N ALA A 284 48.05 -43.84 19.95
CA ALA A 284 48.24 -43.42 18.57
C ALA A 284 48.55 -44.60 17.66
N VAL A 285 49.58 -45.39 18.00
CA VAL A 285 49.93 -46.52 17.16
C VAL A 285 48.76 -47.49 17.04
N GLY A 286 47.85 -47.47 18.01
CA GLY A 286 46.67 -48.31 17.93
C GLY A 286 45.69 -47.80 16.89
N VAL A 287 45.58 -46.48 16.76
CA VAL A 287 44.65 -45.92 15.79
C VAL A 287 45.33 -45.70 14.45
N VAL A 288 46.67 -45.70 14.43
CA VAL A 288 47.37 -45.65 13.15
C VAL A 288 47.36 -47.01 12.48
N ALA A 289 47.76 -48.06 13.21
CA ALA A 289 47.83 -49.39 12.62
C ALA A 289 46.45 -49.88 12.17
N GLN A 290 45.43 -49.69 13.01
CA GLN A 290 44.08 -50.11 12.63
C GLN A 290 43.61 -49.42 11.36
N ALA A 291 44.37 -48.44 10.88
CA ALA A 291 44.01 -47.76 9.63
C ALA A 291 44.81 -48.30 8.45
N VAL A 292 46.11 -48.52 8.64
CA VAL A 292 46.96 -48.92 7.53
C VAL A 292 46.47 -50.25 6.95
N HIS A 293 45.94 -51.13 7.79
CA HIS A 293 45.34 -52.35 7.28
C HIS A 293 44.03 -52.06 6.56
N GLU A 294 43.17 -51.24 7.18
CA GLU A 294 41.90 -50.90 6.54
C GLU A 294 42.12 -50.16 5.22
N LEU A 295 43.34 -49.67 4.99
CA LEU A 295 43.60 -48.96 3.74
C LEU A 295 44.15 -49.91 2.67
N LEU A 296 45.20 -50.65 2.99
CA LEU A 296 45.93 -51.39 1.96
C LEU A 296 45.08 -52.50 1.33
N GLU A 297 43.92 -52.81 1.91
CA GLU A 297 43.00 -53.74 1.28
C GLU A 297 42.17 -52.98 0.23
N LYS A 298 42.89 -52.35 -0.69
CA LYS A 298 42.26 -51.48 -1.68
C LYS A 298 43.16 -51.19 -2.88
N GLU A 299 42.82 -50.15 -3.63
CA GLU A 299 43.46 -49.83 -4.90
C GLU A 299 44.83 -49.20 -4.68
N ASN A 300 45.36 -48.65 -5.78
CA ASN A 300 46.75 -48.17 -5.83
C ASN A 300 47.12 -47.32 -4.63
N ILE A 301 48.12 -47.78 -3.89
CA ILE A 301 48.61 -47.10 -2.69
C ILE A 301 50.07 -46.70 -2.81
N THR A 302 50.52 -46.28 -4.00
CA THR A 302 51.87 -46.50 -4.51
C THR A 302 52.93 -46.24 -3.43
N ASP A 303 53.19 -44.99 -3.04
CA ASP A 303 54.32 -44.73 -2.15
C ASP A 303 54.38 -43.25 -1.85
N PRO A 304 54.96 -42.87 -0.72
CA PRO A 304 55.29 -41.46 -0.52
C PRO A 304 56.68 -41.17 -1.07
N PRO A 305 56.98 -39.90 -1.36
CA PRO A 305 58.25 -39.60 -2.04
C PRO A 305 59.41 -39.72 -1.08
N ARG A 306 60.43 -40.46 -1.51
CA ARG A 306 61.64 -40.67 -0.73
C ARG A 306 62.64 -39.56 -1.05
N GLY A 307 62.66 -38.52 -0.22
CA GLY A 307 63.63 -37.46 -0.38
C GLY A 307 63.05 -36.06 -0.48
N CYS A 308 63.39 -35.18 0.45
CA CYS A 308 63.02 -33.78 0.32
C CYS A 308 63.58 -33.20 -0.97
N VAL A 309 64.89 -33.27 -1.15
CA VAL A 309 65.48 -32.80 -2.40
C VAL A 309 65.11 -33.74 -3.54
N GLY A 310 64.94 -33.17 -4.73
CA GLY A 310 64.73 -33.95 -5.93
C GLY A 310 63.30 -34.28 -6.27
N ASN A 311 62.33 -33.65 -5.60
CA ASN A 311 60.92 -33.89 -5.91
C ASN A 311 60.11 -32.65 -5.60
N THR A 312 59.02 -32.45 -6.35
CA THR A 312 58.14 -31.30 -6.20
C THR A 312 56.69 -31.74 -6.33
N ASN A 313 56.44 -33.03 -6.20
CA ASN A 313 55.08 -33.52 -6.38
C ASN A 313 54.58 -34.21 -5.12
N ILE A 314 53.31 -34.00 -4.84
CA ILE A 314 52.67 -34.45 -3.62
C ILE A 314 52.35 -35.93 -3.76
N TRP A 315 52.43 -36.66 -2.66
CA TRP A 315 51.98 -38.04 -2.61
C TRP A 315 50.54 -38.14 -3.07
N LYS A 316 50.32 -38.80 -4.19
CA LYS A 316 49.04 -38.72 -4.90
C LYS A 316 47.89 -39.35 -4.12
N THR A 317 48.14 -39.98 -2.98
CA THR A 317 47.06 -40.57 -2.21
C THR A 317 47.04 -40.13 -0.76
N GLY A 318 47.81 -39.10 -0.39
CA GLY A 318 47.75 -38.52 0.93
C GLY A 318 46.33 -38.27 1.43
N PRO A 319 45.55 -37.49 0.69
CA PRO A 319 44.19 -37.17 1.17
C PRO A 319 43.33 -38.39 1.46
N LEU A 320 43.40 -39.43 0.64
CA LEU A 320 42.69 -40.66 0.96
C LEU A 320 43.10 -41.18 2.34
N PHE A 321 44.40 -41.28 2.59
CA PHE A 321 44.85 -41.83 3.86
C PHE A 321 44.35 -41.00 5.03
N LYS A 322 44.26 -39.68 4.86
CA LYS A 322 43.63 -38.86 5.88
C LYS A 322 42.12 -39.02 5.85
N ARG A 323 41.55 -39.26 4.68
CA ARG A 323 40.11 -39.44 4.57
C ARG A 323 39.66 -40.64 5.39
N VAL A 324 40.40 -41.75 5.29
CA VAL A 324 40.02 -42.94 6.04
C VAL A 324 40.36 -42.79 7.52
N LEU A 325 41.54 -42.24 7.81
CA LEU A 325 42.01 -42.16 9.19
C LEU A 325 41.07 -41.32 10.05
N MET A 326 40.13 -40.62 9.43
CA MET A 326 39.29 -39.70 10.18
C MET A 326 38.29 -40.44 11.05
N SER A 327 37.69 -41.50 10.53
CA SER A 327 36.57 -42.15 11.21
C SER A 327 36.94 -43.46 11.89
N SER A 328 38.23 -43.73 12.10
CA SER A 328 38.67 -45.02 12.60
C SER A 328 38.38 -45.13 14.09
N LYS A 329 37.31 -45.82 14.45
CA LYS A 329 36.97 -46.03 15.85
C LYS A 329 37.95 -47.00 16.50
N TYR A 330 38.27 -46.75 17.76
CA TYR A 330 39.23 -47.54 18.52
C TYR A 330 38.64 -47.88 19.88
N ALA A 331 38.73 -49.16 20.27
CA ALA A 331 37.94 -49.63 21.41
C ALA A 331 38.75 -49.61 22.70
N ASP A 332 39.86 -50.36 22.75
CA ASP A 332 40.64 -50.51 23.97
C ASP A 332 41.62 -49.36 24.06
N GLY A 333 41.12 -48.21 24.48
CA GLY A 333 41.97 -47.03 24.61
C GLY A 333 42.34 -46.81 26.05
N VAL A 334 43.65 -46.86 26.31
CA VAL A 334 44.16 -46.59 27.64
C VAL A 334 43.62 -45.27 28.16
N THR A 335 43.44 -44.30 27.26
CA THR A 335 42.78 -43.06 27.64
C THR A 335 41.27 -43.24 27.64
N GLY A 336 40.76 -44.10 26.77
CA GLY A 336 39.34 -44.31 26.63
C GLY A 336 38.95 -44.40 25.18
N ARG A 337 37.65 -44.34 24.92
CA ARG A 337 37.15 -44.36 23.55
C ARG A 337 37.70 -43.17 22.77
N VAL A 338 38.38 -43.45 21.66
CA VAL A 338 39.02 -42.41 20.85
C VAL A 338 38.33 -42.34 19.50
N GLU A 339 37.93 -41.14 19.11
CA GLU A 339 37.30 -40.92 17.82
C GLU A 339 37.47 -39.45 17.46
N PHE A 340 37.21 -39.11 16.21
CA PHE A 340 37.52 -37.78 15.70
C PHE A 340 36.26 -37.05 15.22
N ASN A 341 36.33 -35.72 15.25
CA ASN A 341 35.25 -34.89 14.74
C ASN A 341 35.53 -34.45 13.30
N GLU A 342 34.72 -33.52 12.80
CA GLU A 342 34.82 -33.15 11.39
C GLU A 342 36.08 -32.34 11.13
N ASP A 343 36.58 -31.62 12.13
CA ASP A 343 37.79 -30.83 11.99
C ASP A 343 39.05 -31.63 12.31
N GLY A 344 38.94 -32.62 13.19
CA GLY A 344 40.07 -33.38 13.66
C GLY A 344 40.48 -32.97 15.05
N ASP A 345 39.95 -33.69 16.02
CA ASP A 345 40.23 -33.48 17.44
C ASP A 345 39.50 -34.58 18.19
N ARG A 346 40.10 -35.09 19.26
CA ARG A 346 39.43 -36.12 20.04
C ARG A 346 38.13 -35.58 20.61
N LYS A 347 37.01 -36.12 20.14
CA LYS A 347 35.72 -35.79 20.71
C LYS A 347 35.49 -36.64 21.96
N PHE A 348 34.57 -36.18 22.80
CA PHE A 348 34.12 -36.94 23.96
C PHE A 348 35.29 -37.28 24.89
N ALA A 349 35.90 -36.26 25.48
CA ALA A 349 36.93 -36.50 26.47
C ALA A 349 36.37 -36.33 27.88
N ASN A 350 37.25 -36.50 28.86
CA ASN A 350 36.91 -36.35 30.27
C ASN A 350 37.53 -35.10 30.86
N TYR A 351 36.74 -34.38 31.64
CA TYR A 351 37.25 -33.28 32.43
C TYR A 351 36.88 -33.50 33.88
N SER A 352 37.81 -33.17 34.77
CA SER A 352 37.61 -33.35 36.20
C SER A 352 37.64 -31.99 36.88
N ILE A 353 36.49 -31.54 37.36
CA ILE A 353 36.33 -30.24 37.98
C ILE A 353 37.24 -30.17 39.19
N MET A 354 37.52 -28.96 39.66
CA MET A 354 38.29 -28.77 40.87
C MET A 354 37.64 -27.71 41.74
N ASN A 355 38.33 -27.38 42.84
CA ASN A 355 37.90 -26.33 43.75
C ASN A 355 39.03 -26.06 44.72
N LEU A 356 39.29 -24.80 44.99
CA LEU A 356 40.49 -24.39 45.71
C LEU A 356 40.16 -24.11 47.17
N GLN A 357 40.51 -25.05 48.05
CA GLN A 357 40.28 -24.93 49.49
C GLN A 357 41.62 -24.95 50.21
N ASN A 358 41.92 -23.86 50.93
CA ASN A 358 43.12 -23.77 51.76
C ASN A 358 44.39 -24.04 50.96
N ARG A 359 44.41 -23.53 49.73
CA ARG A 359 45.60 -23.57 48.88
C ARG A 359 45.97 -25.01 48.53
N LYS A 360 44.99 -25.74 48.02
CA LYS A 360 45.18 -27.09 47.53
C LYS A 360 43.94 -27.50 46.74
N LEU A 361 44.16 -28.03 45.54
CA LEU A 361 43.06 -28.37 44.64
C LEU A 361 42.45 -29.69 45.09
N VAL A 362 41.13 -29.72 45.21
CA VAL A 362 40.40 -30.90 45.65
C VAL A 362 39.24 -31.12 44.69
N GLN A 363 39.20 -32.30 44.08
CA GLN A 363 38.16 -32.59 43.10
C GLN A 363 36.79 -32.49 43.72
N VAL A 364 35.82 -32.03 42.93
CA VAL A 364 34.43 -31.94 43.36
C VAL A 364 33.46 -32.54 42.35
N GLY A 365 33.96 -33.18 41.29
CA GLY A 365 33.08 -33.76 40.31
C GLY A 365 33.86 -34.34 39.16
N ILE A 366 33.12 -34.77 38.14
CA ILE A 366 33.68 -35.34 36.91
C ILE A 366 32.75 -34.99 35.76
N TYR A 367 33.33 -34.46 34.68
CA TYR A 367 32.52 -34.11 33.48
C TYR A 367 32.67 -35.23 32.46
N ASN A 368 31.62 -36.03 32.27
CA ASN A 368 31.72 -37.16 31.31
C ASN A 368 30.99 -36.83 30.01
N GLY A 369 31.78 -36.68 28.93
CA GLY A 369 31.33 -36.42 27.54
C GLY A 369 30.24 -35.38 27.34
N THR A 370 29.02 -35.63 27.83
CA THR A 370 27.90 -34.76 27.50
C THR A 370 27.25 -34.12 28.73
N HIS A 371 27.35 -34.78 29.88
CA HIS A 371 26.74 -34.23 31.08
C HIS A 371 27.74 -34.22 32.22
N VAL A 372 27.35 -33.62 33.34
CA VAL A 372 28.21 -33.47 34.51
C VAL A 372 27.61 -34.28 35.65
N ILE A 373 28.45 -34.87 36.48
CA ILE A 373 27.99 -35.70 37.59
C ILE A 373 28.86 -35.46 38.81
N PRO A 374 28.37 -34.72 39.81
CA PRO A 374 29.17 -34.49 41.02
C PRO A 374 28.89 -35.54 42.08
N ASN A 375 29.66 -35.54 43.18
CA ASN A 375 29.43 -36.49 44.26
C ASN A 375 30.28 -36.21 45.49
N ASP A 376 29.79 -36.67 46.64
CA ASP A 376 30.53 -36.86 47.91
C ASP A 376 31.36 -35.66 48.35
N ARG A 377 30.95 -34.44 48.04
CA ARG A 377 31.68 -33.28 48.51
C ARG A 377 30.74 -32.09 48.59
N LYS A 378 31.08 -31.16 49.48
CA LYS A 378 30.37 -29.90 49.62
C LYS A 378 31.23 -28.79 49.05
N ILE A 379 30.69 -28.04 48.10
CA ILE A 379 31.48 -27.01 47.43
C ILE A 379 31.68 -25.81 48.36
N ILE A 380 32.87 -25.25 48.33
CA ILE A 380 33.21 -24.10 49.16
C ILE A 380 33.27 -22.89 48.25
N TRP A 381 32.27 -22.02 48.34
CA TRP A 381 32.23 -20.82 47.52
C TRP A 381 33.14 -19.76 48.11
N PRO A 382 33.55 -18.77 47.31
CA PRO A 382 34.72 -17.96 47.68
C PRO A 382 34.60 -17.28 49.04
N GLY A 383 33.46 -16.66 49.33
CA GLY A 383 33.34 -15.91 50.57
C GLY A 383 33.39 -16.78 51.81
N GLY A 384 33.29 -18.09 51.63
CA GLY A 384 33.22 -19.02 52.75
C GLY A 384 31.83 -19.51 53.05
N GLU A 385 30.82 -19.01 52.33
CA GLU A 385 29.45 -19.45 52.56
C GLU A 385 29.28 -20.92 52.22
N THR A 386 28.09 -21.44 52.47
CA THR A 386 27.81 -22.84 52.19
C THR A 386 26.47 -23.03 51.48
N GLU A 387 25.94 -21.98 50.88
CA GLU A 387 24.74 -22.08 50.06
C GLU A 387 25.00 -21.46 48.70
N LYS A 388 24.37 -22.02 47.68
CA LYS A 388 24.64 -21.59 46.31
C LYS A 388 24.27 -20.14 46.12
N PRO A 389 25.24 -19.25 46.00
CA PRO A 389 24.93 -17.83 45.84
C PRO A 389 24.58 -17.48 44.41
N ARG A 390 23.31 -17.24 44.12
CA ARG A 390 22.93 -16.86 42.76
C ARG A 390 23.38 -15.44 42.49
N GLY A 391 23.69 -15.16 41.23
CA GLY A 391 24.12 -13.82 40.87
C GLY A 391 22.95 -12.85 40.86
N TYR A 392 23.13 -11.76 40.11
CA TYR A 392 22.02 -10.87 39.80
C TYR A 392 21.38 -10.28 41.06
N GLN A 393 22.10 -9.37 41.72
CA GLN A 393 21.48 -8.45 42.67
C GLN A 393 20.88 -7.29 41.89
N MET A 394 19.56 -7.27 41.77
CA MET A 394 18.92 -6.23 40.98
C MET A 394 19.13 -4.88 41.62
N SER A 395 19.99 -4.08 40.99
CA SER A 395 20.42 -2.80 41.57
C SER A 395 19.21 -1.89 41.73
N THR A 396 19.00 -1.41 42.97
CA THR A 396 17.86 -0.54 43.22
C THR A 396 18.06 0.84 42.62
N ARG A 397 19.23 1.43 42.82
CA ARG A 397 19.52 2.74 42.25
C ARG A 397 19.46 2.66 40.73
N LEU A 398 19.27 3.81 40.09
CA LEU A 398 18.96 3.86 38.68
C LEU A 398 19.58 5.09 38.04
N LYS A 399 19.97 4.95 36.78
CA LYS A 399 20.62 6.03 36.04
C LYS A 399 19.72 6.40 34.87
N ILE A 400 19.38 7.69 34.78
CA ILE A 400 18.37 8.18 33.84
C ILE A 400 18.98 9.24 32.96
N VAL A 401 18.60 9.25 31.68
CA VAL A 401 19.08 10.23 30.72
C VAL A 401 17.89 11.06 30.28
N THR A 402 18.16 12.26 29.78
CA THR A 402 17.09 13.18 29.39
C THR A 402 17.63 14.14 28.32
N ILE A 403 16.83 15.16 28.02
CA ILE A 403 17.15 16.14 26.98
C ILE A 403 16.33 17.39 27.27
N HIS A 404 16.89 18.54 26.93
CA HIS A 404 16.28 19.82 27.27
C HIS A 404 15.19 20.18 26.25
N GLN A 405 13.93 20.08 26.67
CA GLN A 405 12.81 20.38 25.79
C GLN A 405 11.84 21.29 26.53
N GLU A 406 11.36 22.33 25.86
CA GLU A 406 10.78 23.47 26.54
C GLU A 406 9.60 23.13 27.45
N PRO A 407 8.46 22.64 26.96
CA PRO A 407 7.29 22.50 27.82
C PRO A 407 7.30 21.25 28.68
N PHE A 408 8.33 20.41 28.61
CA PHE A 408 8.36 19.17 29.37
C PHE A 408 9.39 19.15 30.48
N VAL A 409 10.66 19.44 30.20
CA VAL A 409 11.71 19.44 31.21
C VAL A 409 12.62 20.64 30.98
N TYR A 410 12.87 21.41 32.03
CA TYR A 410 13.64 22.65 31.92
C TYR A 410 15.04 22.46 32.46
N VAL A 411 15.96 23.30 31.99
CA VAL A 411 17.32 23.37 32.51
C VAL A 411 17.58 24.80 32.95
N LYS A 412 17.99 24.96 34.20
CA LYS A 412 18.25 26.29 34.76
C LYS A 412 19.49 26.23 35.64
N PRO A 413 20.30 27.29 35.64
CA PRO A 413 21.52 27.29 36.43
C PRO A 413 21.25 27.22 37.93
N THR A 414 22.22 26.70 38.66
CA THR A 414 22.11 26.57 40.10
C THR A 414 22.43 27.88 40.79
N LEU A 415 21.81 28.09 41.95
CA LEU A 415 22.19 29.19 42.82
C LEU A 415 23.54 28.84 43.45
N SER A 416 24.35 29.86 43.76
CA SER A 416 25.68 29.60 44.31
C SER A 416 25.63 28.80 45.60
N ASP A 417 24.52 28.85 46.32
CA ASP A 417 24.37 28.13 47.57
C ASP A 417 24.08 26.64 47.36
N GLY A 418 24.27 26.13 46.15
CA GLY A 418 24.17 24.69 45.92
C GLY A 418 22.76 24.24 45.60
N THR A 419 21.76 24.97 46.07
CA THR A 419 20.37 24.62 45.85
C THR A 419 19.84 25.42 44.66
N CYS A 420 18.54 25.33 44.38
CA CYS A 420 17.92 26.03 43.28
C CYS A 420 16.65 26.69 43.81
N LYS A 421 16.22 27.76 43.16
CA LYS A 421 15.17 28.60 43.70
C LYS A 421 13.81 27.89 43.69
N GLU A 422 13.05 28.07 44.76
CA GLU A 422 11.79 27.37 44.97
C GLU A 422 10.63 28.35 45.05
N GLU A 423 10.03 28.64 43.90
CA GLU A 423 8.86 29.51 43.80
C GLU A 423 7.62 28.65 43.60
N PHE A 424 6.63 28.84 44.47
CA PHE A 424 5.41 28.03 44.42
C PHE A 424 4.71 28.20 43.07
N THR A 425 3.76 27.31 42.80
CA THR A 425 2.90 27.46 41.65
C THR A 425 1.74 28.40 41.99
N VAL A 426 0.88 28.62 40.99
CA VAL A 426 -0.30 29.46 41.22
C VAL A 426 -1.28 28.75 42.13
N ASN A 427 -1.31 27.41 42.08
CA ASN A 427 -2.22 26.64 42.92
C ASN A 427 -1.76 26.63 44.37
N GLY A 428 -0.60 27.21 44.65
CA GLY A 428 -0.07 27.30 46.00
C GLY A 428 0.82 26.14 46.40
N ASP A 429 0.66 24.98 45.78
CA ASP A 429 1.49 23.84 46.14
C ASP A 429 2.94 24.10 45.76
N PRO A 430 3.90 23.65 46.56
CA PRO A 430 5.31 23.90 46.23
C PRO A 430 5.74 23.12 45.01
N VAL A 431 6.49 23.79 44.13
CA VAL A 431 7.02 23.11 42.95
C VAL A 431 8.10 22.13 43.39
N LYS A 432 8.17 21.01 42.68
CA LYS A 432 9.20 20.00 42.91
C LYS A 432 10.28 20.15 41.84
N LYS A 433 11.54 20.06 42.27
CA LYS A 433 12.68 20.15 41.37
C LYS A 433 13.77 19.21 41.87
N VAL A 434 14.62 18.77 40.95
CA VAL A 434 15.70 17.84 41.27
C VAL A 434 16.97 18.30 40.57
N ILE A 435 18.11 17.95 41.17
CA ILE A 435 19.41 18.37 40.68
C ILE A 435 19.82 17.47 39.53
N CYS A 436 19.93 18.07 38.33
CA CYS A 436 20.31 17.35 37.13
C CYS A 436 21.71 17.76 36.72
N THR A 437 22.65 16.82 36.76
CA THR A 437 23.98 17.04 36.24
C THR A 437 23.91 17.08 34.71
N GLY A 438 25.03 17.28 34.04
CA GLY A 438 24.99 17.25 32.60
C GLY A 438 26.10 18.00 31.87
N PRO A 439 25.77 18.55 30.71
CA PRO A 439 26.78 18.83 29.70
C PRO A 439 27.57 20.09 30.00
N ASN A 440 28.37 20.48 29.01
CA ASN A 440 29.41 21.49 29.15
C ASN A 440 28.89 22.89 29.47
N ASP A 441 27.57 23.06 29.58
CA ASP A 441 26.96 24.35 29.92
C ASP A 441 27.10 25.31 28.73
N THR A 442 27.85 24.86 27.73
CA THR A 442 28.02 25.59 26.47
C THR A 442 28.37 24.54 25.43
N SER A 443 27.38 24.15 24.64
CA SER A 443 27.47 22.94 23.82
C SER A 443 28.38 23.03 22.59
N PRO A 444 28.27 24.08 21.72
CA PRO A 444 28.90 23.97 20.40
C PRO A 444 30.42 23.85 20.41
N GLY A 445 31.12 24.81 21.01
CA GLY A 445 32.57 24.74 21.05
C GLY A 445 33.16 24.95 22.43
N SER A 446 33.72 23.87 22.98
CA SER A 446 34.41 23.84 24.26
C SER A 446 34.88 22.40 24.44
N PRO A 447 35.95 22.14 25.19
CA PRO A 447 36.29 20.75 25.48
C PRO A 447 35.14 20.05 26.22
N ARG A 448 34.83 20.51 27.44
CA ARG A 448 33.67 20.07 28.20
C ARG A 448 33.64 20.78 29.55
N HIS A 449 32.46 20.85 30.18
CA HIS A 449 32.32 21.35 31.56
C HIS A 449 31.12 20.64 32.18
N THR A 450 31.36 19.48 32.79
CA THR A 450 30.26 18.75 33.43
C THR A 450 29.92 19.47 34.72
N VAL A 451 28.93 20.36 34.64
CA VAL A 451 28.53 21.20 35.78
C VAL A 451 27.17 20.76 36.26
N PRO A 452 26.78 21.07 37.49
CA PRO A 452 25.43 20.72 37.94
C PRO A 452 24.41 21.75 37.47
N GLN A 453 23.14 21.37 37.51
CA GLN A 453 22.00 22.19 37.12
C GLN A 453 20.86 21.99 38.11
N CYS A 454 19.69 22.51 37.75
CA CYS A 454 18.45 22.18 38.43
C CYS A 454 17.35 22.07 37.40
N CYS A 455 16.65 20.94 37.41
CA CYS A 455 15.62 20.63 36.43
C CYS A 455 14.27 20.49 37.10
N TYR A 456 13.23 20.66 36.29
CA TYR A 456 11.84 20.62 36.73
C TYR A 456 10.95 20.72 35.51
N GLY A 457 9.84 19.99 35.53
CA GLY A 457 8.91 20.06 34.41
C GLY A 457 7.89 18.95 34.47
N PHE A 458 7.28 18.70 33.30
CA PHE A 458 6.20 17.72 33.23
C PHE A 458 6.73 16.31 33.50
N CYS A 459 7.65 15.84 32.66
CA CYS A 459 8.18 14.49 32.81
C CYS A 459 8.83 14.29 34.17
N ILE A 460 9.68 15.23 34.59
CA ILE A 460 10.35 15.10 35.87
C ILE A 460 9.34 14.86 36.99
N ASP A 461 8.18 15.50 36.91
CA ASP A 461 7.15 15.21 37.90
C ASP A 461 6.64 13.78 37.76
N LEU A 462 6.35 13.37 36.52
CA LEU A 462 5.92 11.98 36.33
C LEU A 462 6.99 11.01 36.79
N LEU A 463 8.26 11.43 36.77
CA LEU A 463 9.31 10.59 37.31
C LEU A 463 9.16 10.42 38.82
N ILE A 464 8.67 11.45 39.49
CA ILE A 464 8.60 11.38 40.95
C ILE A 464 7.55 10.38 41.39
N LYS A 465 6.30 10.57 40.96
CA LYS A 465 5.22 9.70 41.41
C LYS A 465 5.50 8.25 41.08
N LEU A 466 5.98 8.00 39.86
CA LEU A 466 6.40 6.65 39.50
C LEU A 466 7.42 6.12 40.50
N ALA A 467 8.35 6.97 40.93
CA ALA A 467 9.36 6.54 41.89
C ALA A 467 8.73 6.17 43.23
N ARG A 468 7.80 6.99 43.71
CA ARG A 468 7.18 6.73 45.01
C ARG A 468 6.32 5.48 45.01
N THR A 469 6.26 4.75 43.89
CA THR A 469 5.55 3.50 43.81
C THR A 469 6.46 2.36 43.40
N MET A 470 7.76 2.61 43.27
CA MET A 470 8.73 1.59 42.89
C MET A 470 9.97 1.57 43.76
N ASN A 471 10.15 2.53 44.66
CA ASN A 471 11.31 2.61 45.54
C ASN A 471 12.60 2.74 44.74
N PHE A 472 12.64 3.72 43.85
CA PHE A 472 13.83 3.94 43.04
C PHE A 472 14.86 4.70 43.86
N THR A 473 15.90 5.16 43.18
CA THR A 473 16.81 6.21 43.61
C THR A 473 17.57 6.63 42.37
N TYR A 474 17.40 7.88 41.98
CA TYR A 474 17.72 8.28 40.61
C TYR A 474 18.76 9.37 40.63
N GLU A 475 19.60 9.36 39.60
CA GLU A 475 20.52 10.46 39.34
C GLU A 475 20.33 10.87 37.89
N VAL A 476 19.81 12.07 37.69
CA VAL A 476 19.38 12.54 36.38
C VAL A 476 20.52 13.34 35.76
N HIS A 477 20.83 13.04 34.51
CA HIS A 477 21.89 13.74 33.79
C HIS A 477 21.49 13.91 32.34
N LEU A 478 21.72 15.10 31.82
CA LEU A 478 21.38 15.40 30.43
C LEU A 478 22.21 14.53 29.49
N VAL A 479 21.76 14.45 28.25
CA VAL A 479 22.42 13.62 27.26
C VAL A 479 23.63 14.37 26.69
N ALA A 480 24.58 13.60 26.17
CA ALA A 480 25.88 14.16 25.81
C ALA A 480 25.82 15.16 24.68
N ASP A 481 25.14 14.83 23.58
CA ASP A 481 25.20 15.65 22.38
C ASP A 481 23.85 16.16 21.91
N GLY A 482 22.84 16.16 22.77
CA GLY A 482 21.58 16.80 22.48
C GLY A 482 20.67 16.04 21.55
N LYS A 483 21.20 15.25 20.63
CA LYS A 483 20.37 14.66 19.59
C LYS A 483 19.49 13.55 20.16
N PHE A 484 18.28 13.45 19.61
CA PHE A 484 17.25 12.48 20.05
C PHE A 484 17.67 11.04 19.83
N GLY A 485 18.20 10.75 18.66
CA GLY A 485 18.76 9.44 18.41
C GLY A 485 18.25 8.75 17.17
N THR A 486 19.18 8.36 16.31
CA THR A 486 18.87 7.56 15.13
C THR A 486 20.06 6.70 14.80
N GLN A 487 19.86 5.75 13.90
CA GLN A 487 20.90 4.80 13.52
C GLN A 487 21.45 5.20 12.16
N GLU A 488 22.77 5.23 12.03
CA GLU A 488 23.43 5.66 10.81
C GLU A 488 24.56 4.71 10.48
N ARG A 489 24.83 4.58 9.17
CA ARG A 489 25.88 3.69 8.68
C ARG A 489 27.21 4.45 8.67
N VAL A 490 28.02 4.21 9.69
CA VAL A 490 29.27 4.94 9.84
C VAL A 490 30.30 4.45 8.84
N ASN A 491 31.42 5.16 8.78
CA ASN A 491 32.52 4.76 7.90
C ASN A 491 32.95 3.33 8.18
N ASN A 492 33.62 2.72 7.20
CA ASN A 492 34.05 1.32 7.19
C ASN A 492 32.86 0.38 6.94
N SER A 493 31.65 0.92 6.93
CA SER A 493 30.46 0.25 6.38
C SER A 493 30.19 -1.06 7.12
N ASN A 494 30.90 -1.40 8.19
CA ASN A 494 30.75 -2.72 8.79
C ASN A 494 29.57 -2.76 9.75
N LYS A 495 29.60 -1.93 10.79
CA LYS A 495 28.52 -1.92 11.77
C LYS A 495 27.77 -0.60 11.71
N LYS A 496 26.47 -0.64 11.95
CA LYS A 496 25.62 0.54 12.00
C LYS A 496 25.11 0.73 13.41
N GLU A 497 25.57 1.79 14.07
CA GLU A 497 25.28 2.02 15.47
C GLU A 497 24.26 3.14 15.63
N TRP A 498 23.66 3.20 16.81
CA TRP A 498 22.63 4.18 17.13
C TRP A 498 23.28 5.41 17.73
N ASN A 499 23.35 6.49 16.95
CA ASN A 499 23.93 7.72 17.45
C ASN A 499 23.04 8.37 18.47
N GLY A 500 23.66 9.01 19.46
CA GLY A 500 22.90 9.90 20.31
C GLY A 500 22.21 9.20 21.44
N MET A 501 21.15 9.83 21.95
CA MET A 501 20.53 9.39 23.19
C MET A 501 19.98 7.98 23.07
N MET A 502 19.41 7.64 21.92
CA MET A 502 18.89 6.28 21.72
C MET A 502 20.00 5.25 21.82
N GLY A 503 21.26 5.68 21.75
CA GLY A 503 22.35 4.75 21.94
C GLY A 503 22.85 4.74 23.37
N GLU A 504 22.64 5.83 24.10
CA GLU A 504 23.07 5.90 25.48
C GLU A 504 22.32 4.92 26.35
N LEU A 505 21.33 4.24 25.78
CA LEU A 505 20.67 3.15 26.50
C LEU A 505 21.25 1.81 26.10
N LEU A 506 21.53 1.62 24.80
CA LEU A 506 22.03 0.33 24.33
C LEU A 506 23.40 0.02 24.91
N SER A 507 24.28 1.01 24.98
CA SER A 507 25.62 0.76 25.51
C SER A 507 25.55 0.42 26.99
N GLY A 508 24.88 1.25 27.77
CA GLY A 508 24.79 1.05 29.21
C GLY A 508 25.08 2.30 30.02
N GLN A 509 25.31 3.43 29.39
CA GLN A 509 25.57 4.65 30.15
C GLN A 509 24.28 5.24 30.72
N ALA A 510 23.16 4.56 30.51
CA ALA A 510 21.88 4.91 31.09
C ALA A 510 21.01 3.66 31.15
N ASP A 511 20.03 3.68 32.04
CA ASP A 511 19.19 2.50 32.21
C ASP A 511 17.73 2.74 31.87
N MET A 512 17.29 3.98 31.86
CA MET A 512 15.89 4.26 31.57
C MET A 512 15.80 5.70 31.09
N ILE A 513 15.22 5.86 29.91
CA ILE A 513 15.20 7.14 29.22
C ILE A 513 13.82 7.75 29.39
N VAL A 514 13.76 8.86 30.13
CA VAL A 514 12.52 9.58 30.39
C VAL A 514 12.63 10.93 29.69
N ALA A 515 11.89 11.10 28.61
CA ALA A 515 11.98 12.26 27.74
C ALA A 515 10.90 12.14 26.69
N PRO A 516 10.63 13.19 25.92
CA PRO A 516 9.68 13.06 24.82
C PRO A 516 10.22 12.19 23.71
N LEU A 517 10.22 10.87 23.92
CA LEU A 517 10.71 9.90 22.96
C LEU A 517 9.53 9.40 22.12
N THR A 518 9.58 9.65 20.82
CA THR A 518 8.49 9.25 19.95
C THR A 518 8.49 7.73 19.75
N ILE A 519 7.31 7.17 19.59
CA ILE A 519 7.14 5.75 19.33
C ILE A 519 7.08 5.54 17.83
N ASN A 520 7.88 4.63 17.31
CA ASN A 520 7.79 4.23 15.92
C ASN A 520 8.03 2.73 15.81
N ASN A 521 8.27 2.27 14.59
CA ASN A 521 8.48 0.85 14.39
C ASN A 521 9.97 0.50 14.31
N GLU A 522 10.78 1.41 13.77
CA GLU A 522 12.21 1.12 13.63
C GLU A 522 12.85 0.89 14.99
N ARG A 523 12.52 1.71 15.98
CA ARG A 523 13.15 1.57 17.29
C ARG A 523 12.58 0.38 18.06
N ALA A 524 11.31 0.05 17.82
CA ALA A 524 10.69 -1.03 18.58
C ALA A 524 11.35 -2.37 18.32
N GLN A 525 12.30 -2.43 17.38
CA GLN A 525 13.00 -3.69 17.13
C GLN A 525 14.15 -3.90 18.10
N TYR A 526 14.61 -2.82 18.75
CA TYR A 526 15.81 -2.88 19.57
C TYR A 526 15.58 -2.43 21.00
N ILE A 527 14.35 -2.10 21.38
CA ILE A 527 14.07 -1.47 22.66
C ILE A 527 12.64 -1.76 23.06
N GLU A 528 12.34 -1.61 24.34
CA GLU A 528 11.03 -1.92 24.87
C GLU A 528 10.36 -0.66 25.40
N PHE A 529 9.33 -0.22 24.71
CA PHE A 529 8.56 0.96 25.08
C PHE A 529 7.46 0.56 26.06
N SER A 530 7.06 1.51 26.91
CA SER A 530 5.90 1.31 27.75
C SER A 530 4.64 1.60 26.95
N LYS A 531 3.51 1.68 27.64
CA LYS A 531 2.34 2.24 26.98
C LYS A 531 2.50 3.75 26.89
N PRO A 532 1.90 4.38 25.90
CA PRO A 532 2.09 5.81 25.73
C PRO A 532 1.40 6.58 26.83
N PHE A 533 1.88 7.79 27.09
CA PHE A 533 1.33 8.64 28.13
C PHE A 533 0.90 10.01 27.62
N LYS A 534 1.09 10.29 26.33
CA LYS A 534 0.50 11.47 25.71
C LYS A 534 0.55 11.29 24.20
N TYR A 535 -0.53 11.64 23.52
CA TYR A 535 -0.60 11.51 22.07
C TYR A 535 -0.34 12.86 21.41
N GLN A 536 -0.02 12.80 20.12
CA GLN A 536 0.40 13.99 19.40
C GLN A 536 0.45 13.70 17.91
N GLY A 537 0.90 14.68 17.13
CA GLY A 537 1.06 14.53 15.70
C GLY A 537 2.26 15.29 15.17
N LEU A 538 2.15 15.80 13.94
CA LEU A 538 3.20 16.60 13.31
C LEU A 538 2.60 17.83 12.66
N THR A 539 2.83 19.00 13.25
CA THR A 539 2.26 20.24 12.76
C THR A 539 3.39 21.15 12.28
N ILE A 540 3.02 22.36 11.87
CA ILE A 540 3.95 23.33 11.28
C ILE A 540 3.74 24.68 11.93
N LEU A 541 4.81 25.49 11.97
CA LEU A 541 4.78 26.78 12.64
C LEU A 541 5.40 27.86 11.75
N VAL A 542 4.71 28.99 11.63
CA VAL A 542 5.19 30.16 10.89
C VAL A 542 4.77 31.43 11.61
N LYS A 543 5.20 32.57 11.06
CA LYS A 543 5.05 33.88 11.70
C LYS A 543 3.87 34.64 11.13
N LYS A 544 3.29 35.53 11.95
CA LYS A 544 2.13 36.33 11.57
C LYS A 544 2.33 37.80 11.90
N GLU A 545 1.60 38.66 11.18
CA GLU A 545 1.68 40.11 11.31
C GLU A 545 0.61 40.75 10.45
N ILE A 546 0.52 42.07 10.49
CA ILE A 546 -0.51 42.82 9.75
C ILE A 546 0.05 44.10 9.13
N PRO A 547 0.23 44.15 7.80
CA PRO A 547 0.62 45.39 7.12
C PRO A 547 -0.56 46.17 6.52
N ARG A 548 -0.38 47.47 6.32
CA ARG A 548 -1.34 48.31 5.58
C ARG A 548 -0.54 49.28 4.73
N SER A 549 -0.20 48.87 3.51
CA SER A 549 0.82 49.55 2.71
C SER A 549 0.24 50.77 2.00
N THR A 550 -0.09 51.79 2.80
CA THR A 550 -0.57 53.04 2.23
C THR A 550 0.54 53.70 1.42
N LEU A 551 0.15 54.58 0.49
CA LEU A 551 1.12 55.29 -0.35
C LEU A 551 0.45 56.49 -1.01
N ASP A 552 0.97 57.68 -0.72
CA ASP A 552 0.72 58.87 -1.55
C ASP A 552 -0.77 59.20 -1.64
N SER A 553 -1.32 59.57 -0.49
CA SER A 553 -2.74 59.93 -0.40
C SER A 553 -3.14 60.92 -1.48
N PHE A 554 -2.55 62.11 -1.48
CA PHE A 554 -2.88 63.10 -2.48
C PHE A 554 -2.41 62.69 -3.87
N MET A 555 -1.71 61.56 -3.98
CA MET A 555 -1.07 61.22 -5.24
C MET A 555 -1.43 59.83 -5.75
N GLN A 556 -2.04 58.98 -4.95
CA GLN A 556 -2.25 57.62 -5.43
C GLN A 556 -3.23 57.58 -6.59
N PRO A 557 -4.48 58.04 -6.43
CA PRO A 557 -5.45 57.85 -7.52
C PRO A 557 -5.39 58.89 -8.64
N PHE A 558 -5.09 60.15 -8.33
CA PHE A 558 -5.09 61.23 -9.33
C PHE A 558 -3.96 62.22 -9.03
N GLN A 559 -2.78 61.99 -9.61
CA GLN A 559 -1.62 62.89 -9.51
C GLN A 559 -0.91 62.99 -10.86
N SER A 560 -1.69 63.13 -11.93
CA SER A 560 -1.17 63.10 -13.29
C SER A 560 -1.99 63.98 -14.21
N THR A 561 -1.95 63.66 -15.51
CA THR A 561 -2.62 64.45 -16.54
C THR A 561 -3.95 65.01 -16.05
N LEU A 562 -4.80 64.16 -15.48
CA LEU A 562 -6.14 64.59 -15.10
C LEU A 562 -6.15 65.30 -13.75
N TRP A 563 -5.06 65.18 -12.98
CA TRP A 563 -5.00 65.92 -11.72
C TRP A 563 -4.98 67.42 -11.98
N LEU A 564 -4.13 67.88 -12.88
CA LEU A 564 -4.07 69.28 -13.24
C LEU A 564 -5.14 69.67 -14.24
N LEU A 565 -5.88 68.70 -14.77
CA LEU A 565 -7.00 69.01 -15.65
C LEU A 565 -7.94 70.01 -15.00
N VAL A 566 -8.49 69.67 -13.83
CA VAL A 566 -9.43 70.56 -13.16
C VAL A 566 -8.71 71.81 -12.63
N GLY A 567 -7.41 71.69 -12.34
CA GLY A 567 -6.66 72.86 -11.93
C GLY A 567 -6.73 74.00 -12.94
N LEU A 568 -6.80 73.65 -14.22
CA LEU A 568 -7.08 74.62 -15.27
C LEU A 568 -8.52 74.55 -15.76
N SER A 569 -9.19 73.41 -15.59
CA SER A 569 -10.59 73.33 -15.99
C SER A 569 -11.48 74.16 -15.07
N VAL A 570 -10.95 74.59 -13.92
CA VAL A 570 -11.66 75.60 -13.15
C VAL A 570 -11.36 76.99 -13.70
N HIS A 571 -10.10 77.24 -14.08
CA HIS A 571 -9.72 78.56 -14.58
C HIS A 571 -10.38 78.85 -15.93
N VAL A 572 -10.44 77.85 -16.81
CA VAL A 572 -11.12 78.05 -18.08
C VAL A 572 -12.58 78.41 -17.83
N VAL A 573 -13.17 77.91 -16.75
CA VAL A 573 -14.52 78.34 -16.39
C VAL A 573 -14.45 79.62 -15.58
N ALA A 574 -13.34 79.84 -14.89
CA ALA A 574 -13.24 81.00 -14.00
C ALA A 574 -13.47 82.30 -14.76
N VAL A 575 -12.58 82.64 -15.70
CA VAL A 575 -12.70 83.89 -16.42
C VAL A 575 -13.88 83.91 -17.39
N MET A 576 -14.26 82.75 -17.92
CA MET A 576 -15.31 82.66 -18.93
C MET A 576 -16.68 83.05 -18.40
N LEU A 577 -16.77 83.44 -17.13
CA LEU A 577 -18.04 83.92 -16.62
C LEU A 577 -18.03 85.43 -16.41
N TYR A 578 -16.95 85.97 -15.86
CA TYR A 578 -16.84 87.41 -15.71
C TYR A 578 -16.84 88.10 -17.07
N LEU A 579 -16.77 87.30 -18.14
CA LEU A 579 -16.89 87.86 -19.47
C LEU A 579 -18.19 87.44 -20.13
N LEU A 580 -18.96 86.57 -19.46
CA LEU A 580 -20.30 86.24 -19.94
C LEU A 580 -21.34 87.15 -19.31
N ASP A 581 -21.05 87.69 -18.13
CA ASP A 581 -21.96 88.64 -17.49
C ASP A 581 -21.64 90.07 -17.89
N ARG A 582 -20.40 90.51 -17.64
CA ARG A 582 -20.03 91.90 -17.90
C ARG A 582 -20.18 92.26 -19.37
N PHE A 583 -20.01 91.29 -20.27
CA PHE A 583 -20.25 91.51 -21.69
C PHE A 583 -21.66 91.03 -22.04
N SER A 584 -22.62 91.65 -21.35
CA SER A 584 -24.05 91.39 -21.57
C SER A 584 -24.42 89.92 -21.42
N THR A 602 -15.69 91.61 -9.87
CA THR A 602 -16.49 90.51 -10.38
C THR A 602 -15.58 89.39 -10.88
N LEU A 603 -14.43 89.77 -11.45
CA LEU A 603 -13.44 88.79 -11.86
C LEU A 603 -13.06 87.87 -10.70
N SER A 604 -13.13 88.39 -9.47
CA SER A 604 -12.93 87.54 -8.29
C SER A 604 -14.14 86.67 -8.03
N SER A 605 -15.34 87.21 -8.26
CA SER A 605 -16.56 86.48 -7.91
C SER A 605 -16.59 85.11 -8.58
N ALA A 606 -16.49 85.08 -9.90
CA ALA A 606 -16.45 83.81 -10.60
C ALA A 606 -15.23 83.00 -10.19
N MET A 607 -14.13 83.69 -9.85
CA MET A 607 -12.93 82.99 -9.41
C MET A 607 -13.22 82.19 -8.14
N TRP A 608 -13.66 82.87 -7.08
CA TRP A 608 -13.92 82.17 -5.82
C TRP A 608 -15.10 81.21 -5.95
N PHE A 609 -16.10 81.55 -6.77
CA PHE A 609 -17.31 80.74 -6.81
C PHE A 609 -17.00 79.32 -7.25
N SER A 610 -16.52 79.14 -8.50
CA SER A 610 -16.29 77.80 -9.00
C SER A 610 -15.21 77.10 -8.20
N TRP A 611 -14.15 77.83 -7.84
CA TRP A 611 -13.11 77.27 -6.99
C TRP A 611 -13.69 76.82 -5.66
N GLY A 612 -14.88 77.29 -5.32
CA GLY A 612 -15.54 76.81 -4.12
C GLY A 612 -16.46 75.64 -4.39
N VAL A 613 -17.32 75.75 -5.40
CA VAL A 613 -18.38 74.77 -5.58
C VAL A 613 -17.81 73.39 -5.87
N LEU A 614 -16.63 73.33 -6.45
CA LEU A 614 -15.95 72.06 -6.60
C LEU A 614 -15.63 71.47 -5.24
N LEU A 615 -15.23 72.33 -4.31
CA LEU A 615 -14.86 71.89 -2.97
C LEU A 615 -16.05 71.80 -2.04
N ASN A 616 -17.22 72.27 -2.46
CA ASN A 616 -18.43 72.24 -1.63
C ASN A 616 -18.17 72.91 -0.29
N SER A 617 -17.70 74.15 -0.37
CA SER A 617 -17.47 74.98 0.79
C SER A 617 -18.68 75.87 1.03
N GLY A 618 -18.84 76.30 2.27
CA GLY A 618 -19.92 77.21 2.60
C GLY A 618 -19.48 78.66 2.48
N ILE A 619 -18.89 79.01 1.33
CA ILE A 619 -18.41 80.36 1.09
C ILE A 619 -19.26 80.96 0.00
N GLY A 620 -20.39 81.56 0.38
CA GLY A 620 -21.36 82.08 -0.56
C GLY A 620 -20.93 83.42 -1.14
N GLU A 621 -21.12 83.54 -2.44
CA GLU A 621 -20.75 84.74 -3.18
C GLU A 621 -21.75 84.93 -4.31
N GLY A 622 -21.38 85.74 -5.29
CA GLY A 622 -22.32 86.11 -6.35
C GLY A 622 -22.79 84.89 -7.14
N ALA A 623 -24.11 84.75 -7.24
CA ALA A 623 -24.73 83.73 -8.07
C ALA A 623 -24.58 84.12 -9.54
N PRO A 624 -24.86 83.19 -10.46
CA PRO A 624 -24.78 83.54 -11.89
C PRO A 624 -25.86 84.56 -12.26
N ARG A 625 -25.43 85.79 -12.54
CA ARG A 625 -26.36 86.86 -12.83
C ARG A 625 -27.07 86.62 -14.16
N SER A 626 -26.33 86.19 -15.17
CA SER A 626 -26.93 85.93 -16.48
C SER A 626 -27.98 84.83 -16.38
N PHE A 627 -29.20 85.15 -16.82
CA PHE A 627 -30.27 84.17 -16.83
C PHE A 627 -29.90 82.96 -17.69
N SER A 628 -28.87 83.11 -18.52
CA SER A 628 -28.41 81.99 -19.33
C SER A 628 -27.28 81.24 -18.63
N ALA A 629 -26.34 81.97 -18.03
CA ALA A 629 -25.19 81.36 -17.38
C ALA A 629 -25.59 80.30 -16.36
N ARG A 630 -26.79 80.45 -15.79
CA ARG A 630 -27.23 79.54 -14.74
C ARG A 630 -27.25 78.09 -15.21
N ILE A 631 -27.07 77.86 -16.52
CA ILE A 631 -27.07 76.49 -17.01
C ILE A 631 -25.70 75.85 -16.86
N LEU A 632 -24.63 76.62 -17.07
CA LEU A 632 -23.29 76.05 -17.03
C LEU A 632 -22.90 75.68 -15.60
N GLY A 633 -23.20 76.56 -14.64
CA GLY A 633 -22.85 76.27 -13.26
C GLY A 633 -23.66 75.12 -12.70
N MET A 634 -24.96 75.12 -12.97
CA MET A 634 -25.83 74.05 -12.47
C MET A 634 -25.44 72.71 -13.08
N VAL A 635 -24.63 72.73 -14.14
CA VAL A 635 -24.07 71.48 -14.62
C VAL A 635 -22.58 71.42 -14.30
N TRP A 636 -21.98 72.55 -13.92
CA TRP A 636 -20.60 72.51 -13.45
C TRP A 636 -20.50 71.73 -12.15
N ALA A 637 -21.47 71.91 -11.25
CA ALA A 637 -21.51 71.09 -10.05
C ALA A 637 -21.64 69.62 -10.39
N GLY A 638 -22.50 69.30 -11.38
CA GLY A 638 -22.60 67.92 -11.83
C GLY A 638 -21.27 67.34 -12.24
N PHE A 639 -20.36 68.18 -12.72
CA PHE A 639 -19.01 67.72 -13.00
C PHE A 639 -18.23 67.48 -11.71
N ALA A 640 -18.40 68.37 -10.73
CA ALA A 640 -17.75 68.15 -9.45
C ALA A 640 -18.36 66.97 -8.72
N MET A 641 -19.65 66.73 -8.94
CA MET A 641 -20.30 65.58 -8.31
C MET A 641 -19.71 64.28 -8.82
N ILE A 642 -19.23 64.26 -10.06
CA ILE A 642 -18.69 63.04 -10.64
C ILE A 642 -17.26 62.80 -10.19
N ILE A 643 -16.42 63.84 -10.27
CA ILE A 643 -14.97 63.62 -10.13
C ILE A 643 -14.65 63.01 -8.78
N VAL A 644 -15.09 63.63 -7.69
CA VAL A 644 -14.69 63.16 -6.37
C VAL A 644 -15.24 61.77 -6.11
N ALA A 645 -16.38 61.43 -6.73
CA ALA A 645 -16.91 60.09 -6.58
C ALA A 645 -15.92 59.06 -7.13
N SER A 646 -15.41 59.28 -8.34
CA SER A 646 -14.45 58.35 -8.91
C SER A 646 -13.18 58.29 -8.08
N TYR A 647 -12.85 59.39 -7.39
CA TYR A 647 -11.72 59.38 -6.48
C TYR A 647 -11.94 58.40 -5.34
N THR A 648 -13.16 58.36 -4.80
CA THR A 648 -13.48 57.37 -3.78
C THR A 648 -13.39 55.96 -4.34
N ALA A 649 -14.22 55.64 -5.34
CA ALA A 649 -14.32 54.26 -5.81
C ALA A 649 -12.97 53.70 -6.21
N ASN A 650 -12.10 54.53 -6.77
CA ASN A 650 -10.80 54.03 -7.19
C ASN A 650 -9.87 53.86 -6.00
N LEU A 651 -10.05 54.67 -4.95
CA LEU A 651 -9.23 54.46 -3.76
C LEU A 651 -9.55 53.12 -3.13
N ALA A 652 -10.84 52.78 -3.06
CA ALA A 652 -11.24 51.55 -2.39
C ALA A 652 -10.68 50.31 -3.09
N ALA A 653 -10.63 50.33 -4.41
CA ALA A 653 -10.11 49.17 -5.14
C ALA A 653 -8.65 48.93 -4.79
N PHE A 654 -7.88 49.99 -4.58
CA PHE A 654 -6.48 49.82 -4.26
C PHE A 654 -6.31 49.26 -2.84
N LEU A 655 -7.14 49.71 -1.91
CA LEU A 655 -7.01 49.26 -0.53
C LEU A 655 -7.46 47.82 -0.37
N VAL A 656 -8.32 47.34 -1.27
CA VAL A 656 -8.80 45.97 -1.18
C VAL A 656 -7.76 45.00 -1.71
N LEU A 657 -7.05 45.37 -2.77
CA LEU A 657 -6.09 44.48 -3.40
C LEU A 657 -4.68 44.60 -2.80
N ASP A 658 -4.57 45.09 -1.57
CA ASP A 658 -3.34 44.96 -0.79
C ASP A 658 -3.43 43.75 0.15
N ARG A 659 -3.63 42.58 -0.46
CA ARG A 659 -3.82 41.34 0.29
C ARG A 659 -2.52 40.94 0.98
N PRO A 660 -2.50 40.99 2.31
CA PRO A 660 -1.23 40.81 3.05
C PRO A 660 -0.60 39.43 2.92
N GLU A 661 -1.32 38.37 3.27
CA GLU A 661 -0.70 37.05 3.44
C GLU A 661 -1.71 35.92 3.27
N GLU A 662 -1.28 34.91 2.52
CA GLU A 662 -2.00 33.65 2.31
C GLU A 662 -1.11 32.46 2.64
N ARG A 663 -0.52 32.47 3.84
CA ARG A 663 0.74 31.80 4.19
C ARG A 663 0.82 30.39 3.60
N ILE A 664 0.01 29.43 4.05
CA ILE A 664 0.25 28.05 3.66
C ILE A 664 -0.95 27.17 3.95
N THR A 665 -0.99 26.00 3.31
CA THR A 665 -1.90 24.92 3.65
C THR A 665 -1.17 23.93 4.55
N GLY A 666 -1.74 22.74 4.70
CA GLY A 666 -0.98 21.63 5.25
C GLY A 666 0.16 21.26 4.32
N ILE A 667 0.74 20.09 4.53
CA ILE A 667 1.81 19.73 3.61
C ILE A 667 1.18 19.04 2.40
N ASN A 668 0.60 19.86 1.51
CA ASN A 668 0.33 19.43 0.16
C ASN A 668 0.43 20.61 -0.80
N ASP A 669 0.78 21.76 -0.28
CA ASP A 669 0.76 22.96 -1.11
C ASP A 669 1.86 22.92 -2.16
N PRO A 670 1.63 23.46 -3.35
CA PRO A 670 2.70 23.48 -4.36
C PRO A 670 3.93 24.24 -3.92
N ARG A 671 3.82 25.10 -2.92
CA ARG A 671 5.01 25.72 -2.35
C ARG A 671 5.92 24.68 -1.73
N LEU A 672 5.33 23.63 -1.15
CA LEU A 672 6.12 22.55 -0.57
C LEU A 672 6.86 21.77 -1.64
N ARG A 673 6.13 21.22 -2.62
CA ARG A 673 6.70 20.20 -3.49
C ARG A 673 7.89 20.71 -4.29
N ASN A 674 7.78 21.90 -4.86
CA ASN A 674 8.86 22.47 -5.66
C ASN A 674 9.58 23.54 -4.86
N PRO A 675 10.67 23.20 -4.18
CA PRO A 675 11.33 24.18 -3.32
C PRO A 675 12.40 24.97 -4.04
N SER A 676 12.02 25.90 -4.91
CA SER A 676 13.01 26.60 -5.72
C SER A 676 13.97 27.40 -4.84
N ASP A 677 13.49 28.49 -4.24
CA ASP A 677 14.18 29.11 -3.13
C ASP A 677 13.19 29.44 -2.03
N LYS A 678 11.98 29.82 -2.43
CA LYS A 678 10.99 30.30 -1.48
C LYS A 678 10.55 29.19 -0.54
N PHE A 679 10.34 29.55 0.72
CA PHE A 679 9.86 28.61 1.72
C PHE A 679 10.79 27.41 1.85
N ILE A 680 12.00 27.64 2.34
CA ILE A 680 12.94 26.58 2.68
C ILE A 680 12.44 25.90 3.95
N TYR A 681 12.63 24.59 4.03
CA TYR A 681 12.05 23.78 5.08
C TYR A 681 13.15 23.11 5.88
N ALA A 682 13.04 23.18 7.21
CA ALA A 682 14.12 22.76 8.09
C ALA A 682 13.55 22.01 9.29
N THR A 683 14.14 20.88 9.60
CA THR A 683 13.72 20.07 10.74
C THR A 683 14.93 19.92 11.66
N VAL A 684 14.80 19.21 12.77
CA VAL A 684 15.91 18.96 13.68
C VAL A 684 16.62 17.70 13.24
N LYS A 685 17.93 17.78 13.09
CA LYS A 685 18.70 16.68 12.55
C LYS A 685 18.55 15.42 13.40
N GLN A 686 18.69 14.26 12.75
CA GLN A 686 18.77 12.97 13.42
C GLN A 686 17.52 12.64 14.23
N SER A 687 16.47 13.45 14.11
CA SER A 687 15.25 13.24 14.89
C SER A 687 14.38 12.21 14.20
N SER A 688 13.39 11.72 14.95
CA SER A 688 12.47 10.72 14.42
C SER A 688 11.75 11.22 13.17
N VAL A 689 11.59 12.53 13.04
CA VAL A 689 10.94 13.06 11.86
C VAL A 689 11.87 12.95 10.65
N ASP A 690 13.14 13.31 10.81
CA ASP A 690 14.05 13.30 9.67
C ASP A 690 14.22 11.90 9.10
N ILE A 691 13.79 10.87 9.82
CA ILE A 691 13.80 9.53 9.27
C ILE A 691 12.48 9.23 8.57
N TYR A 692 11.38 9.72 9.14
CA TYR A 692 10.07 9.53 8.51
C TYR A 692 10.05 10.10 7.10
N PHE A 693 10.82 11.16 6.86
CA PHE A 693 10.88 11.74 5.53
C PHE A 693 11.87 11.02 4.63
N ARG A 694 12.57 10.02 5.13
CA ARG A 694 13.41 9.16 4.31
C ARG A 694 12.78 7.80 4.04
N ARG A 695 11.68 7.48 4.70
CA ARG A 695 11.00 6.20 4.52
C ARG A 695 9.79 6.30 3.61
N GLN A 696 9.17 7.47 3.51
CA GLN A 696 8.06 7.69 2.61
C GLN A 696 8.63 7.87 1.21
N VAL A 697 8.11 7.11 0.24
CA VAL A 697 8.69 7.12 -1.10
C VAL A 697 8.18 8.29 -1.91
N GLU A 698 6.92 8.68 -1.70
CA GLU A 698 6.38 9.84 -2.41
C GLU A 698 7.22 11.08 -2.15
N LEU A 699 7.40 11.42 -0.87
CA LEU A 699 8.21 12.56 -0.50
C LEU A 699 9.69 12.27 -0.67
N SER A 700 10.16 12.18 -1.90
CA SER A 700 11.59 12.02 -2.15
C SER A 700 12.25 13.38 -2.39
N THR A 701 11.65 14.20 -3.25
CA THR A 701 12.16 15.55 -3.46
C THR A 701 12.06 16.37 -2.19
N MET A 702 10.90 16.33 -1.52
CA MET A 702 10.70 17.11 -0.30
C MET A 702 11.79 16.81 0.73
N TYR A 703 12.28 15.58 0.75
CA TYR A 703 13.45 15.28 1.57
C TYR A 703 14.72 15.80 0.91
N ARG A 704 14.89 15.52 -0.38
CA ARG A 704 16.12 15.89 -1.08
C ARG A 704 16.40 17.38 -0.97
N HIS A 705 15.39 18.16 -0.57
CA HIS A 705 15.62 19.57 -0.26
C HIS A 705 15.94 19.77 1.21
N MET A 706 15.43 18.91 2.07
CA MET A 706 15.62 19.10 3.50
C MET A 706 17.00 18.62 3.94
N GLU A 707 17.55 17.62 3.25
CA GLU A 707 18.84 17.07 3.65
C GLU A 707 19.96 18.09 3.50
N LYS A 708 19.76 19.09 2.63
CA LYS A 708 20.82 20.06 2.39
C LYS A 708 21.15 20.85 3.63
N HIS A 709 20.13 21.32 4.35
CA HIS A 709 20.35 22.10 5.57
C HIS A 709 19.24 21.82 6.57
N ASN A 710 19.62 21.82 7.84
CA ASN A 710 18.69 21.64 8.95
C ASN A 710 19.23 22.39 10.15
N TYR A 711 18.63 22.12 11.30
CA TYR A 711 19.03 22.74 12.59
C TYR A 711 19.31 21.65 13.62
N GLU A 712 20.09 21.98 14.65
CA GLU A 712 20.44 20.97 15.69
C GLU A 712 19.68 21.18 17.00
N SER A 713 18.82 22.19 17.11
CA SER A 713 18.13 22.34 18.41
C SER A 713 16.68 22.79 18.23
N ALA A 714 15.72 22.21 18.94
CA ALA A 714 14.41 22.81 18.80
C ALA A 714 14.44 24.30 19.06
N ALA A 715 14.93 24.70 20.22
CA ALA A 715 14.96 26.13 20.57
C ALA A 715 15.87 26.91 19.64
N GLU A 716 16.63 26.24 18.78
CA GLU A 716 17.47 26.95 17.83
C GLU A 716 16.68 27.36 16.59
N ALA A 717 15.48 26.80 16.41
CA ALA A 717 14.64 27.11 15.27
C ALA A 717 13.61 28.18 15.61
N ILE A 718 13.05 28.14 16.81
CA ILE A 718 12.08 29.14 17.25
C ILE A 718 12.73 30.51 17.22
N GLN A 719 13.96 30.62 17.74
CA GLN A 719 14.66 31.90 17.72
C GLN A 719 15.07 32.29 16.31
N ALA A 720 14.90 31.39 15.33
CA ALA A 720 15.18 31.74 13.95
C ALA A 720 13.92 32.15 13.21
N VAL A 721 12.81 31.46 13.43
CA VAL A 721 11.54 31.89 12.85
C VAL A 721 11.16 33.26 13.36
N ARG A 722 11.27 33.48 14.67
CA ARG A 722 11.08 34.82 15.21
C ARG A 722 12.06 35.81 14.60
N ASP A 723 13.18 35.33 14.09
CA ASP A 723 14.14 36.15 13.37
C ASP A 723 13.84 36.26 11.89
N ASN A 724 12.84 35.53 11.41
CA ASN A 724 12.45 35.50 9.99
C ASN A 724 13.61 35.11 9.09
N LYS A 725 14.62 34.41 9.60
CA LYS A 725 15.67 33.90 8.73
C LYS A 725 15.26 32.57 8.11
N LEU A 726 14.45 31.79 8.82
CA LEU A 726 13.93 30.52 8.33
C LEU A 726 12.46 30.68 7.97
N HIS A 727 12.04 30.05 6.88
CA HIS A 727 10.68 30.25 6.39
C HIS A 727 9.66 29.48 7.23
N ALA A 728 9.78 28.16 7.27
CA ALA A 728 8.83 27.35 8.01
C ALA A 728 9.55 26.21 8.71
N PHE A 729 8.95 25.73 9.80
CA PHE A 729 9.57 24.77 10.69
C PHE A 729 8.62 23.61 10.95
N ILE A 730 9.02 22.41 10.53
CA ILE A 730 8.28 21.19 10.78
C ILE A 730 8.83 20.56 12.05
N TRP A 731 7.94 20.20 12.97
CA TRP A 731 8.40 19.59 14.21
C TRP A 731 7.22 18.88 14.86
N ASP A 732 7.44 18.33 16.04
CA ASP A 732 6.40 17.71 16.81
C ASP A 732 5.30 18.72 17.13
N SER A 733 4.17 18.21 17.62
CA SER A 733 3.02 19.07 17.84
C SER A 733 2.90 19.52 19.30
N ALA A 734 2.93 18.58 20.23
CA ALA A 734 2.71 18.92 21.63
C ALA A 734 3.62 20.04 22.08
N VAL A 735 4.89 20.01 21.68
CA VAL A 735 5.80 21.11 22.00
C VAL A 735 5.43 22.34 21.22
N LEU A 736 4.92 22.16 20.00
CA LEU A 736 4.69 23.32 19.14
C LEU A 736 3.45 24.09 19.55
N GLU A 737 2.39 23.40 19.94
CA GLU A 737 1.19 24.10 20.40
C GLU A 737 1.48 24.92 21.65
N PHE A 738 2.32 24.40 22.55
CA PHE A 738 2.70 25.19 23.71
C PHE A 738 3.53 26.40 23.30
N GLU A 739 4.18 26.34 22.14
CA GLU A 739 4.98 27.48 21.72
C GLU A 739 4.09 28.65 21.35
N ALA A 740 3.21 28.47 20.36
CA ALA A 740 2.39 29.58 19.87
C ALA A 740 1.53 30.16 20.97
N SER A 741 0.68 29.34 21.59
CA SER A 741 -0.31 29.85 22.54
C SER A 741 0.35 30.60 23.69
N GLN A 742 1.56 30.20 24.08
CA GLN A 742 2.15 30.79 25.27
C GLN A 742 2.79 32.14 25.00
N LYS A 743 3.86 32.18 24.20
CA LYS A 743 4.59 33.45 24.09
C LYS A 743 3.71 34.52 23.47
N CYS A 744 3.57 34.52 22.14
CA CYS A 744 2.31 34.69 21.43
C CYS A 744 2.74 34.94 19.99
N ASP A 745 1.79 35.15 19.07
CA ASP A 745 2.07 35.67 17.73
C ASP A 745 2.77 34.65 16.84
N LEU A 746 2.47 33.37 17.03
CA LEU A 746 2.86 32.33 16.09
C LEU A 746 1.65 31.47 15.82
N VAL A 747 1.65 30.81 14.67
CA VAL A 747 0.49 30.07 14.21
C VAL A 747 0.87 28.63 13.93
N THR A 748 -0.05 27.72 14.21
CA THR A 748 0.07 26.33 13.83
C THR A 748 -0.76 26.11 12.57
N THR A 749 -0.10 25.71 11.50
CA THR A 749 -0.72 25.69 10.17
C THR A 749 -1.71 24.54 10.13
N GLY A 750 -2.89 24.76 10.69
CA GLY A 750 -3.93 23.77 10.62
C GLY A 750 -3.82 22.72 11.70
N GLU A 751 -3.92 21.47 11.25
CA GLU A 751 -3.93 20.33 12.14
C GLU A 751 -2.86 19.32 11.73
N LEU A 752 -2.63 18.36 12.62
CA LEU A 752 -1.62 17.33 12.41
C LEU A 752 -1.92 16.49 11.19
N PHE A 753 -0.89 15.86 10.63
CA PHE A 753 -1.05 14.97 9.50
C PHE A 753 -0.36 13.62 9.68
N PHE A 754 0.07 13.28 10.89
CA PHE A 754 0.65 11.97 11.17
C PHE A 754 0.66 11.76 12.68
N ARG A 755 -0.05 10.73 13.10
CA ARG A 755 -0.32 10.41 14.52
C ARG A 755 0.71 9.46 15.13
N SER A 756 1.07 9.70 16.40
CA SER A 756 1.93 8.79 17.14
C SER A 756 1.86 9.21 18.60
N GLY A 757 2.68 8.58 19.43
CA GLY A 757 2.65 8.81 20.86
C GLY A 757 4.04 8.94 21.46
N PHE A 758 4.05 9.16 22.77
CA PHE A 758 5.26 9.21 23.55
C PHE A 758 5.45 7.89 24.30
N GLY A 759 6.44 7.84 25.18
CA GLY A 759 6.61 6.68 26.02
C GLY A 759 7.94 6.60 26.74
N ILE A 760 7.97 5.86 27.85
CA ILE A 760 9.23 5.56 28.50
C ILE A 760 10.03 4.60 27.62
N GLY A 761 11.32 4.48 27.93
CA GLY A 761 12.16 3.58 27.18
C GLY A 761 13.06 2.74 28.05
N MET A 762 13.03 1.42 27.85
CA MET A 762 13.80 0.51 28.68
C MET A 762 14.44 -0.54 27.81
N ARG A 763 15.67 -0.92 28.18
CA ARG A 763 16.38 -1.97 27.49
C ARG A 763 15.56 -3.26 27.50
N LYS A 764 15.56 -3.97 26.37
CA LYS A 764 14.73 -5.16 26.25
C LYS A 764 15.10 -6.19 27.29
N ASP A 765 14.08 -6.88 27.80
CA ASP A 765 14.18 -7.83 28.91
C ASP A 765 14.72 -7.20 30.19
N SER A 766 14.32 -5.97 30.49
CA SER A 766 14.56 -5.41 31.80
C SER A 766 13.45 -5.80 32.75
N PRO A 767 13.74 -5.96 34.03
CA PRO A 767 12.73 -6.46 34.96
C PRO A 767 11.51 -5.57 35.12
N TRP A 768 11.72 -4.25 35.15
CA TRP A 768 10.61 -3.35 35.42
C TRP A 768 9.66 -3.18 34.24
N LYS A 769 9.95 -3.82 33.10
CA LYS A 769 9.15 -3.58 31.89
C LYS A 769 7.68 -3.80 32.14
N GLN A 770 7.32 -4.50 33.22
CA GLN A 770 5.89 -4.80 33.49
C GLN A 770 5.26 -3.82 34.48
N ASN A 771 5.85 -3.67 35.67
CA ASN A 771 5.26 -2.79 36.71
C ASN A 771 5.17 -1.34 36.20
N VAL A 772 6.20 -0.88 35.49
CA VAL A 772 6.19 0.51 34.94
C VAL A 772 4.94 0.69 34.05
N SER A 773 4.84 -0.10 32.98
CA SER A 773 3.73 -0.04 32.04
C SER A 773 2.39 -0.03 32.77
N LEU A 774 2.34 -0.66 33.94
CA LEU A 774 1.07 -0.76 34.66
C LEU A 774 0.67 0.56 35.27
N SER A 775 1.57 1.18 36.05
CA SER A 775 1.22 2.41 36.76
C SER A 775 0.84 3.53 35.81
N ILE A 776 1.14 3.40 34.52
CA ILE A 776 0.67 4.39 33.56
C ILE A 776 -0.82 4.19 33.29
N LEU A 777 -1.22 2.96 33.02
CA LEU A 777 -2.64 2.67 32.84
C LEU A 777 -3.45 3.12 34.05
N LYS A 778 -3.01 2.72 35.24
CA LYS A 778 -3.71 3.11 36.47
C LYS A 778 -3.87 4.62 36.57
N SER A 779 -2.90 5.37 36.08
CA SER A 779 -2.92 6.82 36.26
C SER A 779 -3.94 7.48 35.33
N HIS A 780 -4.22 6.87 34.18
CA HIS A 780 -5.21 7.44 33.27
C HIS A 780 -6.62 7.34 33.84
N GLU A 781 -7.05 6.13 34.18
CA GLU A 781 -8.40 5.96 34.73
C GLU A 781 -8.52 6.65 36.09
N ASN A 782 -7.42 6.80 36.82
CA ASN A 782 -7.46 7.51 38.09
C ASN A 782 -7.85 8.97 37.88
N GLY A 783 -7.16 9.66 36.98
CA GLY A 783 -7.40 11.08 36.76
C GLY A 783 -6.26 11.97 37.17
N PHE A 784 -5.16 11.42 37.70
CA PHE A 784 -4.03 12.24 38.08
C PHE A 784 -3.32 12.80 36.86
N MET A 785 -2.87 11.92 35.95
CA MET A 785 -2.11 12.36 34.79
C MET A 785 -2.87 13.41 33.99
N GLU A 786 -4.18 13.20 33.81
CA GLU A 786 -4.97 14.16 33.06
C GLU A 786 -5.01 15.51 33.76
N ASP A 787 -5.18 15.50 35.09
CA ASP A 787 -5.22 16.76 35.83
C ASP A 787 -3.84 17.40 35.92
N LEU A 788 -2.80 16.64 35.60
CA LEU A 788 -1.45 17.19 35.64
C LEU A 788 -1.25 18.19 34.52
N ASP A 789 -1.94 18.00 33.40
CA ASP A 789 -1.69 18.77 32.20
C ASP A 789 -1.88 20.27 32.46
N LYS A 790 -3.03 20.63 33.03
CA LYS A 790 -3.36 22.05 33.22
C LYS A 790 -2.24 22.78 33.96
N THR A 791 -1.60 22.10 34.92
CA THR A 791 -0.59 22.74 35.75
C THR A 791 0.61 23.17 34.91
N TRP A 792 0.81 22.54 33.76
CA TRP A 792 1.91 22.88 32.88
C TRP A 792 1.49 23.24 31.47
N VAL A 793 0.18 23.08 31.21
CA VAL A 793 -0.42 23.34 29.87
C VAL A 793 -1.37 24.55 29.92
N ARG A 794 -1.14 25.31 31.01
CA ARG A 794 -1.93 26.37 31.67
C ARG A 794 -2.41 27.46 30.73
N TYR A 795 -3.73 27.60 30.76
CA TYR A 795 -4.55 28.55 29.97
C TYR A 795 -4.16 28.44 28.50
N GLN A 796 -4.13 29.60 27.89
CA GLN A 796 -3.63 29.82 26.52
C GLN A 796 -2.82 31.09 26.67
N GLU A 797 -3.47 32.08 27.30
CA GLU A 797 -3.05 33.47 27.62
C GLU A 797 -3.08 34.30 26.34
N CYS A 798 -3.74 33.82 25.28
CA CYS A 798 -3.82 34.48 23.95
C CYS A 798 -4.97 33.90 23.11
N ASP A 799 -5.24 34.52 21.96
CA ASP A 799 -6.34 34.09 21.07
C ASP A 799 -5.96 34.32 19.60
N SER A 800 -6.76 33.80 18.69
CA SER A 800 -6.58 33.99 17.22
C SER A 800 -7.65 34.97 16.75
N ARG A 801 -7.27 36.05 16.06
CA ARG A 801 -8.30 37.05 15.65
C ARG A 801 -8.02 37.57 14.24
N SER A 802 -6.93 38.31 14.06
CA SER A 802 -6.55 38.92 12.75
C SER A 802 -7.71 39.77 12.27
N ASN A 803 -8.34 40.50 13.19
CA ASN A 803 -9.49 41.39 12.87
C ASN A 803 -9.02 42.60 12.06
N ALA A 804 -9.78 42.94 11.02
CA ALA A 804 -9.63 44.10 10.11
C ALA A 804 -8.33 44.11 9.31
N PRO A 805 -8.36 43.82 7.99
CA PRO A 805 -7.13 43.86 7.20
C PRO A 805 -6.60 45.26 6.97
N ALA A 806 -6.70 46.13 7.96
CA ALA A 806 -6.05 47.44 7.93
C ALA A 806 -6.36 48.26 9.17
N THR A 807 -5.64 49.35 9.30
CA THR A 807 -6.12 50.58 9.92
C THR A 807 -5.31 51.70 9.32
N LEU A 808 -5.99 52.73 8.80
CA LEU A 808 -5.29 53.72 8.00
C LEU A 808 -4.13 54.33 8.76
N THR A 809 -2.96 54.22 8.17
CA THR A 809 -1.70 54.51 8.83
C THR A 809 -1.61 55.98 9.21
N PHE A 810 -0.78 56.27 10.20
CA PHE A 810 -0.45 57.66 10.48
C PHE A 810 0.68 58.06 9.54
N GLU A 811 0.58 57.68 8.27
CA GLU A 811 1.55 58.09 7.27
C GLU A 811 0.85 58.84 6.14
N ASN A 812 -0.16 58.21 5.55
CA ASN A 812 -0.89 58.85 4.47
C ASN A 812 -1.64 60.07 4.94
N MET A 813 -2.20 60.01 6.15
CA MET A 813 -2.82 61.19 6.73
C MET A 813 -1.81 62.32 6.93
N ALA A 814 -0.58 61.97 7.30
CA ALA A 814 0.47 62.97 7.31
C ALA A 814 0.62 63.60 5.94
N GLY A 815 0.62 62.76 4.89
CA GLY A 815 0.57 63.29 3.53
C GLY A 815 -0.64 64.17 3.31
N VAL A 816 -1.74 63.89 4.01
CA VAL A 816 -2.87 64.81 4.01
C VAL A 816 -2.61 65.96 4.98
N PHE A 817 -1.95 65.66 6.10
CA PHE A 817 -1.62 66.71 7.05
C PHE A 817 -0.65 67.71 6.45
N MET A 818 0.21 67.25 5.54
CA MET A 818 1.17 68.15 4.91
C MET A 818 0.47 69.21 4.06
N LEU A 819 -0.69 68.88 3.51
CA LEU A 819 -1.40 69.83 2.65
C LEU A 819 -1.87 71.03 3.46
N VAL A 820 -2.52 70.79 4.60
CA VAL A 820 -3.02 71.90 5.38
C VAL A 820 -1.88 72.69 6.01
N ALA A 821 -0.79 71.99 6.36
CA ALA A 821 0.37 72.67 6.92
C ALA A 821 0.87 73.76 5.97
N GLY A 822 1.00 73.43 4.69
CA GLY A 822 1.38 74.44 3.71
C GLY A 822 0.41 75.59 3.64
N GLY A 823 -0.85 75.35 4.00
CA GLY A 823 -1.79 76.44 4.09
C GLY A 823 -1.50 77.36 5.27
N ILE A 824 -1.07 76.78 6.38
CA ILE A 824 -0.78 77.57 7.57
C ILE A 824 0.48 78.38 7.37
N VAL A 825 1.47 77.82 6.68
CA VAL A 825 2.77 78.48 6.56
C VAL A 825 2.74 79.56 5.48
N ALA A 826 2.05 79.29 4.37
CA ALA A 826 2.19 80.14 3.19
C ALA A 826 1.47 81.46 3.37
N GLY A 827 0.16 81.42 3.62
CA GLY A 827 -0.65 82.62 3.53
C GLY A 827 -0.16 83.75 4.41
N ILE A 828 0.20 83.44 5.66
CA ILE A 828 0.62 84.49 6.59
C ILE A 828 1.76 85.30 6.00
N PHE A 829 2.80 84.62 5.51
CA PHE A 829 3.96 85.32 4.96
C PHE A 829 3.54 86.27 3.85
N LEU A 830 2.64 85.83 2.98
CA LEU A 830 2.10 86.72 1.96
C LEU A 830 1.24 87.81 2.60
N ILE A 831 0.31 87.42 3.45
CA ILE A 831 -0.65 88.37 4.01
C ILE A 831 0.06 89.39 4.89
N PHE A 832 1.25 89.05 5.38
CA PHE A 832 2.00 90.00 6.21
C PHE A 832 2.96 90.83 5.36
N ILE A 833 3.85 90.17 4.63
CA ILE A 833 4.90 90.89 3.89
C ILE A 833 4.28 91.75 2.80
N GLU A 834 3.44 91.15 1.96
CA GLU A 834 2.85 91.91 0.85
C GLU A 834 1.91 93.00 1.35
N ILE A 835 1.48 92.91 2.61
CA ILE A 835 0.57 93.90 3.16
C ILE A 835 1.23 95.29 3.15
N ALA A 836 2.55 95.33 3.33
CA ALA A 836 3.24 96.61 3.36
C ALA A 836 3.17 97.32 2.01
N TYR A 837 3.03 96.55 0.93
CA TYR A 837 3.07 97.14 -0.40
C TYR A 837 1.72 97.73 -0.78
N LYS A 838 0.69 96.89 -0.86
CA LYS A 838 -0.60 97.33 -1.39
C LYS A 838 -1.26 98.37 -0.49
N ARG A 839 -0.79 98.50 0.76
CA ARG A 839 -1.44 99.40 1.69
C ARG A 839 -0.99 100.84 1.49
N HIS A 840 0.30 101.12 1.69
CA HIS A 840 0.78 102.49 1.59
C HIS A 840 0.62 103.03 0.17
N LYS A 841 1.30 102.40 -0.80
CA LYS A 841 1.19 102.82 -2.19
C LYS A 841 1.64 101.70 -3.12
N THR B 62 70.10 -2.83 0.93
CA THR B 62 70.22 -3.72 -0.22
C THR B 62 68.94 -4.53 -0.40
N VAL B 63 68.73 -5.01 -1.63
CA VAL B 63 67.53 -5.76 -1.99
C VAL B 63 67.94 -7.09 -2.60
N ALA B 64 67.14 -8.12 -2.41
CA ALA B 64 67.39 -9.42 -3.02
C ALA B 64 66.23 -9.78 -3.92
N VAL B 65 66.45 -10.74 -4.82
CA VAL B 65 65.46 -11.19 -5.76
C VAL B 65 65.55 -12.70 -5.85
N VAL B 66 64.41 -13.38 -5.92
CA VAL B 66 64.36 -14.83 -5.96
C VAL B 66 63.51 -15.25 -7.14
N PHE B 67 64.09 -16.03 -8.04
CA PHE B 67 63.34 -16.69 -9.11
C PHE B 67 63.08 -18.13 -8.65
N SER B 68 61.81 -18.52 -8.59
CA SER B 68 61.45 -19.78 -7.99
C SER B 68 60.69 -20.65 -8.97
N SER B 69 60.63 -20.22 -10.22
CA SER B 69 59.94 -21.00 -11.24
C SER B 69 60.18 -20.43 -12.61
N SER B 70 60.24 -21.29 -13.63
CA SER B 70 60.48 -20.79 -14.97
C SER B 70 60.44 -21.85 -16.08
N GLY B 71 60.20 -21.38 -17.31
CA GLY B 71 60.80 -21.92 -18.49
C GLY B 71 61.92 -20.98 -18.85
N PRO B 72 63.07 -21.50 -19.26
CA PRO B 72 64.35 -20.79 -19.03
C PRO B 72 64.29 -19.35 -19.49
N PRO B 73 64.24 -18.41 -18.54
CA PRO B 73 64.18 -16.99 -18.86
C PRO B 73 65.54 -16.31 -18.73
N GLN B 74 66.59 -17.10 -18.52
CA GLN B 74 67.85 -16.58 -17.97
C GLN B 74 68.34 -15.34 -18.70
N ALA B 75 67.87 -15.14 -19.94
CA ALA B 75 68.10 -13.86 -20.60
C ALA B 75 67.48 -12.72 -19.79
N GLN B 76 66.33 -12.97 -19.16
CA GLN B 76 65.76 -11.98 -18.26
C GLN B 76 66.47 -12.00 -16.91
N PHE B 77 67.00 -13.16 -16.51
CA PHE B 77 67.83 -13.22 -15.31
C PHE B 77 69.13 -12.46 -15.51
N ARG B 78 69.86 -12.79 -16.59
CA ARG B 78 71.07 -12.05 -16.91
C ARG B 78 70.79 -10.57 -17.09
N ALA B 79 69.59 -10.23 -17.58
CA ALA B 79 69.21 -8.83 -17.73
C ALA B 79 69.21 -8.12 -16.38
N ARG B 80 68.80 -8.82 -15.32
CA ARG B 80 68.68 -8.18 -14.02
C ARG B 80 70.00 -8.23 -13.26
N LEU B 81 71.04 -8.80 -13.87
CA LEU B 81 72.32 -8.93 -13.18
C LEU B 81 73.01 -7.59 -13.03
N THR B 82 73.21 -6.88 -14.14
CA THR B 82 73.97 -5.63 -14.10
C THR B 82 73.20 -4.43 -13.53
N PRO B 83 71.89 -4.24 -13.75
CA PRO B 83 71.32 -2.88 -13.65
C PRO B 83 71.30 -2.35 -12.23
N GLN B 84 72.49 -2.22 -11.63
CA GLN B 84 72.61 -1.53 -10.36
C GLN B 84 72.20 -0.06 -10.50
N SER B 85 71.99 0.41 -11.73
CA SER B 85 71.48 1.73 -12.02
C SER B 85 70.15 1.69 -12.77
N PHE B 86 69.36 0.63 -12.61
CA PHE B 86 68.12 0.50 -13.36
C PHE B 86 67.09 1.55 -12.94
N LEU B 87 66.87 1.67 -11.64
CA LEU B 87 65.73 2.44 -11.15
C LEU B 87 66.06 3.92 -11.08
N ASP B 88 65.01 4.73 -10.92
CA ASP B 88 65.14 6.13 -10.58
C ASP B 88 64.84 6.39 -9.11
N LEU B 89 64.51 5.35 -8.35
CA LEU B 89 64.19 5.52 -6.94
C LEU B 89 65.43 5.95 -6.17
N PRO B 90 65.28 6.86 -5.20
CA PRO B 90 66.43 7.46 -4.48
C PRO B 90 66.97 6.60 -3.36
N LEU B 91 67.81 5.64 -3.70
CA LEU B 91 68.50 4.82 -2.72
C LEU B 91 69.53 3.94 -3.43
N GLU B 92 70.29 3.20 -2.63
CA GLU B 92 71.27 2.28 -3.18
C GLU B 92 70.60 0.99 -3.65
N ILE B 93 69.92 1.03 -4.80
CA ILE B 93 69.06 -0.06 -5.24
C ILE B 93 69.85 -1.24 -5.79
N GLN B 94 71.18 -1.18 -5.73
CA GLN B 94 72.01 -2.21 -6.33
C GLN B 94 71.62 -3.59 -5.82
N PRO B 95 70.98 -4.42 -6.65
CA PRO B 95 70.45 -5.69 -6.16
C PRO B 95 71.36 -6.87 -6.39
N LEU B 96 71.44 -7.76 -5.41
CA LEU B 96 72.00 -9.08 -5.65
C LEU B 96 70.89 -9.99 -6.17
N THR B 97 71.15 -11.28 -6.26
CA THR B 97 70.21 -12.18 -6.90
C THR B 97 70.45 -13.60 -6.39
N VAL B 98 69.47 -14.46 -6.62
CA VAL B 98 69.59 -15.89 -6.37
C VAL B 98 68.75 -16.61 -7.40
N GLY B 99 68.92 -17.92 -7.48
CA GLY B 99 68.10 -18.75 -8.34
C GLY B 99 67.60 -19.96 -7.57
N VAL B 100 66.59 -20.62 -8.11
CA VAL B 100 66.03 -21.83 -7.54
C VAL B 100 65.63 -22.76 -8.67
N ASN B 101 66.10 -23.99 -8.61
CA ASN B 101 65.54 -25.09 -9.39
C ASN B 101 64.70 -25.92 -8.44
N THR B 102 63.57 -26.44 -8.93
CA THR B 102 62.84 -27.47 -8.19
C THR B 102 62.45 -26.98 -6.80
N THR B 103 61.56 -26.00 -6.72
CA THR B 103 61.10 -25.41 -5.47
C THR B 103 60.54 -26.51 -4.56
N ASN B 104 61.04 -26.57 -3.33
CA ASN B 104 60.58 -27.51 -2.31
C ASN B 104 61.11 -27.10 -0.95
N PRO B 105 60.51 -27.56 0.16
CA PRO B 105 60.99 -27.12 1.47
C PRO B 105 62.45 -27.45 1.74
N SER B 106 63.04 -28.36 0.98
CA SER B 106 64.44 -28.69 1.20
C SER B 106 65.35 -27.55 0.75
N SER B 107 65.33 -27.23 -0.54
CA SER B 107 66.18 -26.18 -1.05
C SER B 107 65.73 -24.81 -0.56
N LEU B 108 64.41 -24.59 -0.55
CA LEU B 108 63.88 -23.26 -0.27
C LEU B 108 64.31 -22.79 1.12
N LEU B 109 64.40 -23.70 2.08
CA LEU B 109 64.99 -23.35 3.37
C LEU B 109 66.49 -23.19 3.25
N THR B 110 67.15 -24.09 2.52
CA THR B 110 68.60 -24.10 2.46
C THR B 110 69.14 -22.77 1.97
N GLN B 111 68.60 -22.30 0.84
CA GLN B 111 69.15 -21.11 0.18
C GLN B 111 69.02 -19.87 1.04
N ILE B 112 67.80 -19.56 1.48
CA ILE B 112 67.42 -18.18 1.67
C ILE B 112 67.65 -17.71 3.10
N CYS B 113 68.40 -18.45 3.90
CA CYS B 113 69.03 -17.81 5.06
C CYS B 113 70.55 -17.92 5.00
N GLY B 114 71.06 -18.97 4.35
CA GLY B 114 72.48 -18.98 4.03
C GLY B 114 72.89 -17.73 3.29
N LEU B 115 72.03 -17.26 2.38
CA LEU B 115 72.24 -15.97 1.74
C LEU B 115 72.21 -14.84 2.76
N LEU B 116 71.40 -15.00 3.81
CA LEU B 116 71.30 -13.95 4.83
C LEU B 116 72.61 -13.83 5.62
N GLY B 117 73.52 -14.79 5.46
CA GLY B 117 74.82 -14.67 6.09
C GLY B 117 75.82 -13.93 5.24
N ALA B 118 75.70 -14.04 3.92
CA ALA B 118 76.67 -13.42 3.02
C ALA B 118 76.42 -11.92 2.89
N ALA B 119 75.26 -11.44 3.32
CA ALA B 119 74.95 -10.02 3.27
C ALA B 119 73.89 -9.72 4.33
N HIS B 120 73.57 -8.43 4.46
CA HIS B 120 72.62 -7.99 5.46
C HIS B 120 71.39 -7.34 4.83
N VAL B 121 70.84 -7.96 3.79
CA VAL B 121 70.44 -7.20 2.60
C VAL B 121 69.54 -6.02 2.92
N HIS B 122 68.22 -6.19 2.99
CA HIS B 122 67.40 -5.71 4.09
C HIS B 122 66.09 -6.47 4.03
N GLY B 123 65.91 -7.24 2.96
CA GLY B 123 64.60 -7.76 2.57
C GLY B 123 64.64 -8.52 1.27
N ILE B 124 63.58 -9.27 0.96
CA ILE B 124 63.55 -10.16 -0.19
C ILE B 124 62.34 -9.81 -1.04
N VAL B 125 62.33 -10.31 -2.28
CA VAL B 125 61.22 -10.17 -3.21
C VAL B 125 61.07 -11.48 -3.96
N PHE B 126 59.86 -12.02 -3.99
CA PHE B 126 59.62 -13.38 -4.43
C PHE B 126 58.88 -13.42 -5.77
N GLU B 127 58.92 -14.57 -6.41
CA GLU B 127 58.11 -14.85 -7.61
C GLU B 127 58.19 -16.33 -7.91
N ASP B 128 57.07 -16.94 -8.27
CA ASP B 128 57.08 -18.33 -8.71
C ASP B 128 55.89 -18.61 -9.62
N ASN B 129 55.72 -19.89 -9.95
CA ASN B 129 54.60 -20.29 -10.80
C ASN B 129 53.38 -20.62 -9.95
N VAL B 130 52.23 -20.62 -10.61
CA VAL B 130 50.94 -20.86 -9.97
C VAL B 130 50.74 -22.37 -9.82
N ASP B 131 49.68 -22.76 -9.12
CA ASP B 131 49.20 -24.12 -8.86
C ASP B 131 49.95 -24.82 -7.73
N THR B 132 50.95 -24.18 -7.13
CA THR B 132 51.55 -24.66 -5.90
C THR B 132 51.08 -23.77 -4.77
N GLU B 133 50.44 -24.37 -3.76
CA GLU B 133 49.84 -23.61 -2.68
C GLU B 133 50.56 -23.76 -1.36
N ALA B 134 51.22 -24.90 -1.10
CA ALA B 134 51.85 -25.10 0.19
C ALA B 134 53.01 -24.13 0.41
N VAL B 135 53.56 -23.57 -0.68
CA VAL B 135 54.73 -22.71 -0.55
C VAL B 135 54.34 -21.37 0.06
N ALA B 136 53.05 -21.18 0.32
CA ALA B 136 52.60 -19.93 0.89
C ALA B 136 53.02 -19.79 2.34
N GLN B 137 52.90 -20.87 3.12
CA GLN B 137 53.21 -20.76 4.54
C GLN B 137 54.71 -20.67 4.80
N ILE B 138 55.50 -21.48 4.08
CA ILE B 138 56.92 -21.57 4.34
C ILE B 138 57.55 -20.19 4.41
N LEU B 139 57.32 -19.38 3.38
CA LEU B 139 57.85 -18.03 3.38
C LEU B 139 57.44 -17.25 4.62
N ASP B 140 56.20 -17.44 5.07
CA ASP B 140 55.78 -16.80 6.29
C ASP B 140 56.55 -17.33 7.48
N PHE B 141 56.85 -18.64 7.47
CA PHE B 141 57.59 -19.22 8.57
C PHE B 141 59.00 -18.64 8.65
N ILE B 142 59.69 -18.56 7.52
CA ILE B 142 61.05 -18.03 7.52
C ILE B 142 61.06 -16.59 8.03
N SER B 143 60.15 -15.76 7.52
CA SER B 143 60.16 -14.37 7.92
C SER B 143 59.81 -14.21 9.40
N SER B 144 59.33 -15.27 10.03
CA SER B 144 59.01 -15.18 11.45
C SER B 144 60.27 -15.30 12.30
N GLN B 145 61.27 -16.02 11.81
CA GLN B 145 62.50 -16.17 12.58
C GLN B 145 63.48 -15.05 12.29
N THR B 146 63.90 -14.92 11.04
CA THR B 146 65.00 -14.03 10.70
C THR B 146 64.62 -12.55 10.77
N HIS B 147 63.35 -12.23 11.00
CA HIS B 147 62.92 -10.85 11.20
C HIS B 147 63.33 -9.95 10.05
N VAL B 148 63.05 -10.38 8.82
CA VAL B 148 63.38 -9.64 7.62
C VAL B 148 62.13 -9.49 6.78
N PRO B 149 61.72 -8.27 6.40
CA PRO B 149 60.53 -8.12 5.59
C PRO B 149 60.70 -8.80 4.25
N ILE B 150 59.57 -9.14 3.64
CA ILE B 150 59.50 -9.95 2.44
C ILE B 150 58.28 -9.50 1.68
N LEU B 151 58.25 -9.76 0.37
CA LEU B 151 57.15 -9.29 -0.47
C LEU B 151 56.98 -10.24 -1.64
N SER B 152 55.77 -10.77 -1.79
CA SER B 152 55.48 -11.77 -2.80
C SER B 152 54.69 -11.16 -3.94
N ILE B 153 55.24 -11.22 -5.15
CA ILE B 153 54.50 -10.78 -6.32
C ILE B 153 54.57 -11.84 -7.42
N SER B 154 53.57 -12.71 -7.43
CA SER B 154 53.59 -13.89 -8.29
C SER B 154 52.22 -14.54 -8.26
N GLY B 155 52.12 -15.71 -8.89
CA GLY B 155 50.90 -16.47 -8.81
C GLY B 155 50.80 -17.31 -7.55
N GLY B 156 51.82 -18.12 -7.28
CA GLY B 156 51.70 -19.13 -6.25
C GLY B 156 51.31 -18.56 -4.90
N SER B 157 52.14 -17.71 -4.34
CA SER B 157 51.90 -17.15 -3.02
C SER B 157 51.04 -15.90 -3.06
N ALA B 158 50.20 -15.75 -4.08
CA ALA B 158 49.31 -14.60 -4.13
C ALA B 158 48.07 -14.82 -3.28
N VAL B 159 47.51 -16.03 -3.30
CA VAL B 159 46.35 -16.31 -2.47
C VAL B 159 46.66 -15.95 -1.02
N VAL B 160 45.74 -15.26 -0.37
CA VAL B 160 46.00 -14.61 0.89
C VAL B 160 45.76 -15.57 2.04
N LEU B 161 46.77 -15.72 2.91
CA LEU B 161 46.61 -16.47 4.14
C LEU B 161 45.90 -15.61 5.18
N THR B 162 44.85 -16.16 5.80
CA THR B 162 44.12 -15.33 6.76
C THR B 162 44.88 -15.07 8.06
N PRO B 163 45.16 -16.03 8.94
CA PRO B 163 45.91 -15.66 10.14
C PRO B 163 47.40 -15.79 9.94
N LYS B 164 48.13 -14.69 10.01
CA LYS B 164 49.57 -14.84 9.90
C LYS B 164 50.18 -14.90 11.30
N GLU B 165 51.36 -15.51 11.38
CA GLU B 165 52.05 -15.65 12.65
C GLU B 165 52.15 -14.30 13.36
N PRO B 166 52.20 -14.29 14.69
CA PRO B 166 51.98 -13.03 15.41
C PRO B 166 53.04 -11.97 15.17
N GLY B 167 54.27 -12.37 14.86
CA GLY B 167 55.36 -11.42 14.65
C GLY B 167 55.99 -11.42 13.28
N SER B 168 55.28 -11.83 12.25
CA SER B 168 55.88 -11.92 10.93
C SER B 168 55.59 -10.68 10.10
N ALA B 169 56.26 -10.60 8.95
CA ALA B 169 56.17 -9.45 8.06
C ALA B 169 56.02 -9.92 6.61
N PHE B 170 55.05 -10.79 6.34
CA PHE B 170 54.97 -11.41 5.03
C PHE B 170 54.64 -10.41 3.93
N LEU B 171 53.72 -9.49 4.17
CA LEU B 171 53.38 -8.46 3.18
C LEU B 171 53.01 -9.08 1.83
N GLN B 172 51.90 -9.78 1.82
CA GLN B 172 51.42 -10.41 0.60
C GLN B 172 50.85 -9.37 -0.35
N LEU B 173 50.67 -9.77 -1.61
CA LEU B 173 50.25 -8.85 -2.66
C LEU B 173 49.05 -9.45 -3.40
N GLY B 174 47.86 -9.20 -2.88
CA GLY B 174 46.65 -9.75 -3.46
C GLY B 174 45.45 -9.22 -2.70
N VAL B 175 44.29 -9.83 -2.99
CA VAL B 175 43.06 -9.43 -2.34
C VAL B 175 42.41 -10.61 -1.64
N SER B 176 41.53 -10.33 -0.69
CA SER B 176 40.94 -11.37 0.13
C SER B 176 39.82 -12.08 -0.63
N LEU B 177 39.05 -12.87 0.11
CA LEU B 177 37.81 -13.38 -0.47
C LEU B 177 36.72 -12.34 -0.44
N GLU B 178 36.56 -11.66 0.70
CA GLU B 178 35.50 -10.69 0.85
C GLU B 178 35.60 -9.59 -0.21
N GLN B 179 36.82 -9.13 -0.50
CA GLN B 179 36.95 -8.03 -1.44
C GLN B 179 36.81 -8.50 -2.88
N GLN B 180 36.48 -9.78 -3.08
CA GLN B 180 36.07 -10.21 -4.41
C GLN B 180 34.57 -10.39 -4.49
N LEU B 181 33.97 -10.93 -3.44
CA LEU B 181 32.51 -10.99 -3.39
C LEU B 181 31.91 -9.60 -3.38
N GLN B 182 32.67 -8.60 -2.93
CA GLN B 182 32.17 -7.24 -2.91
C GLN B 182 32.20 -6.62 -4.30
N VAL B 183 32.75 -7.33 -5.28
CA VAL B 183 32.72 -6.83 -6.64
C VAL B 183 31.73 -7.61 -7.48
N LEU B 184 31.69 -8.94 -7.31
CA LEU B 184 30.67 -9.72 -7.99
C LEU B 184 29.28 -9.21 -7.65
N PHE B 185 29.03 -8.96 -6.37
CA PHE B 185 27.70 -8.53 -5.95
C PHE B 185 27.41 -7.09 -6.38
N LYS B 186 28.27 -6.51 -7.21
CA LYS B 186 27.88 -5.29 -7.90
C LYS B 186 27.46 -5.62 -9.33
N VAL B 187 28.32 -6.33 -10.07
CA VAL B 187 27.94 -6.78 -11.41
C VAL B 187 26.63 -7.53 -11.36
N LEU B 188 26.48 -8.42 -10.39
CA LEU B 188 25.28 -9.23 -10.31
C LEU B 188 24.02 -8.38 -10.25
N GLU B 189 24.12 -7.14 -9.78
CA GLU B 189 22.90 -6.35 -9.65
C GLU B 189 22.81 -5.27 -10.71
N GLU B 190 23.92 -4.91 -11.35
CA GLU B 190 23.81 -3.96 -12.45
C GLU B 190 23.01 -4.55 -13.60
N TYR B 191 22.92 -5.87 -13.67
CA TYR B 191 21.94 -6.54 -14.52
C TYR B 191 20.86 -7.20 -13.70
N ASP B 192 20.82 -6.89 -12.40
CA ASP B 192 19.78 -7.31 -11.43
C ASP B 192 19.25 -8.72 -11.70
N TRP B 193 20.15 -9.68 -11.85
CA TRP B 193 19.71 -11.06 -11.88
C TRP B 193 19.09 -11.47 -10.55
N SER B 194 19.66 -11.01 -9.44
CA SER B 194 18.99 -10.97 -8.15
C SER B 194 18.47 -12.33 -7.70
N ALA B 195 18.92 -13.41 -8.33
CA ALA B 195 18.51 -14.75 -7.95
C ALA B 195 19.59 -15.73 -8.40
N PHE B 196 20.18 -16.44 -7.45
CA PHE B 196 21.32 -17.26 -7.79
C PHE B 196 21.35 -18.48 -6.88
N ALA B 197 22.28 -19.37 -7.16
CA ALA B 197 22.56 -20.53 -6.31
C ALA B 197 24.06 -20.63 -6.13
N VAL B 198 24.47 -21.16 -4.98
CA VAL B 198 25.88 -21.22 -4.60
C VAL B 198 26.33 -22.68 -4.59
N ILE B 199 27.50 -22.94 -5.16
CA ILE B 199 28.05 -24.28 -5.25
C ILE B 199 29.48 -24.23 -4.73
N THR B 200 29.80 -25.09 -3.77
CA THR B 200 31.15 -25.15 -3.21
C THR B 200 31.55 -26.60 -2.98
N SER B 201 32.77 -26.94 -3.35
CA SER B 201 33.30 -28.24 -2.95
C SER B 201 33.69 -28.21 -1.48
N LEU B 202 34.23 -29.33 -1.01
CA LEU B 202 34.75 -29.39 0.35
C LEU B 202 36.26 -29.14 0.29
N HIS B 203 36.63 -27.95 -0.16
CA HIS B 203 38.01 -27.52 -0.23
C HIS B 203 38.34 -26.70 1.00
N PRO B 204 39.57 -26.80 1.51
CA PRO B 204 39.90 -26.09 2.75
C PRO B 204 39.67 -24.60 2.60
N GLY B 205 38.82 -24.06 3.46
CA GLY B 205 38.53 -22.65 3.45
C GLY B 205 37.21 -22.27 2.83
N HIS B 206 36.28 -23.22 2.66
CA HIS B 206 34.99 -22.87 2.10
C HIS B 206 34.06 -22.31 3.15
N ALA B 207 34.10 -22.85 4.37
CA ALA B 207 33.28 -22.30 5.45
C ALA B 207 33.52 -20.81 5.63
N LEU B 208 34.76 -20.38 5.39
CA LEU B 208 35.04 -18.95 5.35
C LEU B 208 34.27 -18.28 4.22
N PHE B 209 34.38 -18.80 3.00
CA PHE B 209 33.68 -18.22 1.86
C PHE B 209 32.18 -18.19 2.08
N LEU B 210 31.62 -19.30 2.55
CA LEU B 210 30.17 -19.39 2.72
C LEU B 210 29.66 -18.30 3.66
N GLU B 211 30.47 -17.89 4.62
CA GLU B 211 30.07 -16.77 5.47
C GLU B 211 30.19 -15.45 4.72
N GLY B 212 30.93 -15.45 3.62
CA GLY B 212 31.04 -14.24 2.83
C GLY B 212 29.70 -13.79 2.26
N VAL B 213 29.01 -14.70 1.58
CA VAL B 213 27.79 -14.32 0.88
C VAL B 213 26.71 -13.90 1.87
N ARG B 214 26.43 -14.74 2.87
CA ARG B 214 25.32 -14.45 3.78
C ARG B 214 25.53 -13.12 4.51
N ALA B 215 26.78 -12.77 4.77
CA ALA B 215 27.05 -11.48 5.40
C ALA B 215 26.87 -10.34 4.41
N VAL B 216 27.49 -10.46 3.23
CA VAL B 216 27.39 -9.39 2.24
C VAL B 216 25.95 -9.24 1.77
N ALA B 217 25.24 -10.35 1.60
CA ALA B 217 23.85 -10.28 1.17
C ALA B 217 22.98 -9.57 2.19
N ASP B 218 23.54 -9.29 3.38
CA ASP B 218 22.75 -8.63 4.41
C ASP B 218 23.05 -7.15 4.48
N ALA B 219 24.30 -6.76 4.19
CA ALA B 219 24.67 -5.34 4.18
C ALA B 219 24.52 -4.77 2.76
N SER B 220 23.34 -5.00 2.20
CA SER B 220 23.00 -4.46 0.88
C SER B 220 21.52 -4.18 0.87
N HIS B 221 21.05 -3.54 -0.19
CA HIS B 221 19.65 -3.13 -0.30
C HIS B 221 19.08 -3.72 -1.58
N VAL B 222 18.80 -5.02 -1.54
CA VAL B 222 18.02 -5.74 -2.54
C VAL B 222 17.41 -6.90 -1.77
N SER B 223 16.49 -7.64 -2.40
CA SER B 223 15.98 -8.86 -1.78
C SER B 223 17.05 -9.96 -1.75
N TRP B 224 17.79 -10.11 -2.84
CA TRP B 224 18.78 -11.19 -2.99
C TRP B 224 18.16 -12.54 -2.70
N ARG B 225 17.17 -12.91 -3.50
CA ARG B 225 16.52 -14.19 -3.30
C ARG B 225 17.43 -15.32 -3.74
N LEU B 226 18.11 -15.93 -2.78
CA LEU B 226 19.00 -17.05 -3.06
C LEU B 226 18.20 -18.33 -2.89
N LEU B 227 18.22 -19.19 -3.93
CA LEU B 227 17.40 -20.38 -3.89
C LEU B 227 17.96 -21.42 -2.93
N ASP B 228 19.19 -21.89 -3.19
CA ASP B 228 19.69 -23.03 -2.45
C ASP B 228 21.20 -23.02 -2.45
N VAL B 229 21.78 -24.02 -1.80
CA VAL B 229 23.22 -24.21 -1.68
C VAL B 229 23.51 -25.68 -1.88
N VAL B 230 24.65 -25.99 -2.50
CA VAL B 230 25.04 -27.38 -2.73
C VAL B 230 26.41 -27.57 -2.10
N THR B 231 26.83 -28.84 -2.00
CA THR B 231 28.15 -29.22 -1.50
C THR B 231 28.40 -30.65 -1.93
N LEU B 232 29.52 -30.89 -2.59
CA LEU B 232 29.72 -32.15 -3.29
C LEU B 232 31.20 -32.41 -3.56
N GLU B 233 31.62 -33.63 -3.28
CA GLU B 233 33.02 -34.01 -3.46
C GLU B 233 33.32 -34.16 -4.95
N LEU B 234 34.34 -33.44 -5.42
CA LEU B 234 34.63 -33.34 -6.85
C LEU B 234 36.07 -33.63 -7.19
N GLY B 235 36.76 -34.41 -6.38
CA GLY B 235 38.13 -34.76 -6.66
C GLY B 235 38.25 -35.78 -7.79
N PRO B 236 39.40 -36.44 -7.89
CA PRO B 236 39.54 -37.51 -8.89
C PRO B 236 38.63 -38.71 -8.64
N GLY B 237 38.31 -38.99 -7.38
CA GLY B 237 37.44 -40.12 -7.08
C GLY B 237 36.17 -39.73 -6.36
N GLY B 238 35.03 -40.13 -6.91
CA GLY B 238 33.75 -39.84 -6.30
C GLY B 238 32.59 -40.39 -7.07
N PRO B 239 31.44 -40.55 -6.40
CA PRO B 239 30.24 -41.05 -7.09
C PRO B 239 29.61 -39.96 -7.94
N ARG B 240 29.77 -40.08 -9.26
CA ARG B 240 29.26 -39.04 -10.15
C ARG B 240 27.74 -39.01 -10.13
N ALA B 241 27.11 -40.16 -9.86
CA ALA B 241 25.65 -40.22 -9.86
C ALA B 241 25.06 -39.38 -8.74
N ARG B 242 25.60 -39.50 -7.52
CA ARG B 242 25.11 -38.68 -6.42
C ARG B 242 25.25 -37.20 -6.75
N THR B 243 26.41 -36.78 -7.25
CA THR B 243 26.56 -35.41 -7.72
C THR B 243 25.66 -35.15 -8.92
N GLN B 244 25.48 -36.15 -9.78
CA GLN B 244 24.51 -36.01 -10.86
C GLN B 244 23.12 -35.80 -10.29
N ARG B 245 22.80 -36.45 -9.17
CA ARG B 245 21.50 -36.23 -8.55
C ARG B 245 21.35 -34.79 -8.08
N LEU B 246 22.33 -34.29 -7.34
CA LEU B 246 22.21 -32.94 -6.79
C LEU B 246 22.29 -31.90 -7.89
N LEU B 247 23.04 -32.19 -8.96
CA LEU B 247 23.15 -31.24 -10.05
C LEU B 247 21.87 -31.19 -10.88
N ARG B 248 21.46 -32.32 -11.47
CA ARG B 248 20.31 -32.33 -12.36
C ARG B 248 19.07 -31.76 -11.69
N GLN B 249 19.01 -31.85 -10.37
CA GLN B 249 17.91 -31.29 -9.59
C GLN B 249 18.25 -29.84 -9.23
N LEU B 250 18.22 -28.98 -10.25
CA LEU B 250 18.55 -27.58 -10.05
C LEU B 250 17.82 -26.72 -11.07
N ASP B 251 17.53 -25.48 -10.68
CA ASP B 251 16.89 -24.52 -11.58
C ASP B 251 17.21 -23.13 -11.06
N ALA B 252 18.01 -22.37 -11.81
CA ALA B 252 18.38 -21.02 -11.41
C ALA B 252 19.04 -20.29 -12.56
N PRO B 253 18.90 -18.96 -12.64
CA PRO B 253 19.53 -18.23 -13.74
C PRO B 253 21.05 -18.19 -13.67
N VAL B 254 21.61 -17.82 -12.52
CA VAL B 254 23.04 -17.55 -12.40
C VAL B 254 23.61 -18.36 -11.25
N PHE B 255 24.81 -18.90 -11.44
CA PHE B 255 25.49 -19.72 -10.44
C PHE B 255 26.79 -19.05 -10.02
N VAL B 256 27.07 -19.08 -8.73
CA VAL B 256 28.31 -18.55 -8.17
C VAL B 256 29.08 -19.71 -7.55
N ALA B 257 30.13 -20.16 -8.23
CA ALA B 257 30.83 -21.38 -7.85
C ALA B 257 32.20 -21.04 -7.29
N TYR B 258 32.67 -21.90 -6.40
CA TYR B 258 33.96 -21.70 -5.74
C TYR B 258 34.65 -23.06 -5.65
N CYS B 259 35.69 -23.26 -6.45
CA CYS B 259 36.41 -24.52 -6.46
C CYS B 259 37.83 -24.29 -6.95
N SER B 260 38.69 -25.27 -6.73
CA SER B 260 40.05 -25.23 -7.21
C SER B 260 40.07 -25.57 -8.70
N ARG B 261 41.21 -25.37 -9.36
CA ARG B 261 41.25 -25.63 -10.79
C ARG B 261 41.17 -27.13 -11.08
N GLU B 262 41.94 -27.93 -10.36
CA GLU B 262 41.82 -29.37 -10.50
C GLU B 262 40.40 -29.82 -10.20
N GLU B 263 39.68 -29.08 -9.36
CA GLU B 263 38.27 -29.34 -9.14
C GLU B 263 37.43 -28.90 -10.32
N ALA B 264 37.81 -27.79 -10.94
CA ALA B 264 36.95 -27.15 -11.93
C ALA B 264 36.62 -28.10 -13.08
N GLU B 265 37.64 -28.57 -13.80
CA GLU B 265 37.40 -29.42 -14.96
C GLU B 265 36.54 -30.62 -14.61
N VAL B 266 36.58 -31.07 -13.35
CA VAL B 266 35.69 -32.14 -12.95
C VAL B 266 34.26 -31.63 -12.85
N LEU B 267 34.09 -30.37 -12.46
CA LEU B 267 32.74 -29.82 -12.33
C LEU B 267 32.16 -29.47 -13.69
N PHE B 268 32.81 -28.58 -14.43
CA PHE B 268 32.25 -28.09 -15.66
C PHE B 268 32.07 -29.20 -16.70
N ALA B 269 32.69 -30.36 -16.47
CA ALA B 269 32.41 -31.51 -17.33
C ALA B 269 31.12 -32.20 -16.91
N GLU B 270 30.81 -32.19 -15.62
CA GLU B 270 29.52 -32.69 -15.17
C GLU B 270 28.41 -31.68 -15.45
N ALA B 271 28.77 -30.54 -16.02
CA ALA B 271 27.79 -29.51 -16.33
C ALA B 271 27.00 -29.87 -17.57
N ALA B 272 27.69 -30.02 -18.69
CA ALA B 272 27.07 -30.24 -19.99
C ALA B 272 26.04 -31.35 -19.97
N GLN B 273 26.38 -32.49 -19.37
CA GLN B 273 25.49 -33.64 -19.44
C GLN B 273 24.21 -33.44 -18.64
N ALA B 274 24.21 -32.47 -17.72
CA ALA B 274 22.99 -32.10 -17.02
C ALA B 274 22.34 -30.85 -17.62
N GLY B 275 22.92 -30.28 -18.67
CA GLY B 275 22.30 -29.18 -19.37
C GLY B 275 22.43 -27.83 -18.73
N LEU B 276 23.55 -27.55 -18.07
CA LEU B 276 23.70 -26.31 -17.32
C LEU B 276 24.75 -25.38 -17.92
N VAL B 277 24.88 -25.34 -19.25
CA VAL B 277 25.94 -24.56 -19.87
C VAL B 277 25.45 -23.61 -20.95
N GLY B 278 24.25 -23.82 -21.46
CA GLY B 278 23.74 -23.06 -22.58
C GLY B 278 23.57 -21.59 -22.29
N PRO B 279 23.21 -20.81 -23.30
CA PRO B 279 22.98 -19.37 -23.09
C PRO B 279 21.92 -19.08 -22.04
N GLY B 280 21.22 -20.10 -21.54
CA GLY B 280 20.24 -19.87 -20.51
C GLY B 280 20.83 -19.76 -19.10
N HIS B 281 22.14 -19.62 -19.00
CA HIS B 281 22.79 -19.53 -17.69
C HIS B 281 24.08 -18.74 -17.81
N VAL B 282 24.62 -18.33 -16.66
CA VAL B 282 25.86 -17.59 -16.58
C VAL B 282 26.53 -17.91 -15.24
N TRP B 283 27.86 -17.95 -15.25
CA TRP B 283 28.64 -18.45 -14.10
C TRP B 283 29.55 -17.34 -13.57
N LEU B 284 29.86 -17.42 -12.29
CA LEU B 284 30.82 -16.52 -11.65
C LEU B 284 31.71 -17.35 -10.72
N VAL B 285 33.01 -17.23 -10.87
CA VAL B 285 33.94 -17.91 -9.99
C VAL B 285 35.02 -16.92 -9.55
N PRO B 286 35.43 -16.94 -8.29
CA PRO B 286 36.43 -15.97 -7.84
C PRO B 286 37.79 -16.20 -8.46
N ASN B 287 38.76 -15.40 -8.01
CA ASN B 287 40.08 -15.38 -8.61
C ASN B 287 40.75 -16.75 -8.67
N LEU B 288 40.34 -17.68 -7.82
CA LEU B 288 41.12 -18.89 -7.62
C LEU B 288 40.97 -19.86 -8.78
N ALA B 289 39.75 -20.09 -9.24
CA ALA B 289 39.47 -21.25 -10.09
C ALA B 289 40.16 -21.14 -11.45
N LEU B 290 40.43 -19.92 -11.90
CA LEU B 290 40.91 -19.74 -13.27
C LEU B 290 42.28 -20.38 -13.46
N GLY B 291 42.67 -20.49 -14.73
CA GLY B 291 43.90 -21.16 -15.10
C GLY B 291 45.12 -20.37 -14.71
N SER B 292 46.19 -20.53 -15.49
CA SER B 292 47.42 -19.77 -15.21
C SER B 292 47.06 -18.29 -15.34
N THR B 293 46.93 -17.75 -16.54
CA THR B 293 45.96 -16.70 -16.83
C THR B 293 45.51 -16.84 -18.27
N ASP B 294 46.37 -17.44 -19.10
CA ASP B 294 46.33 -17.15 -20.53
C ASP B 294 45.76 -18.32 -21.33
N ALA B 295 46.18 -19.54 -21.02
CA ALA B 295 45.70 -20.69 -21.76
C ALA B 295 44.61 -21.39 -20.96
N PRO B 296 43.34 -21.10 -21.22
CA PRO B 296 42.28 -21.74 -20.45
C PRO B 296 41.99 -23.12 -21.01
N PRO B 297 41.77 -24.10 -20.14
CA PRO B 297 41.58 -25.46 -20.62
C PRO B 297 40.27 -25.60 -21.38
N ALA B 298 40.02 -26.82 -21.82
CA ALA B 298 38.71 -27.14 -22.38
C ALA B 298 37.70 -27.20 -21.25
N THR B 299 36.42 -27.24 -21.58
CA THR B 299 35.32 -27.46 -20.64
C THR B 299 35.01 -26.22 -19.81
N PHE B 300 35.83 -25.18 -19.90
CA PHE B 300 35.44 -23.88 -19.37
C PHE B 300 34.43 -23.24 -20.30
N PRO B 301 33.16 -23.12 -19.92
CA PRO B 301 32.16 -22.58 -20.82
C PRO B 301 32.49 -21.17 -21.27
N VAL B 302 31.98 -20.82 -22.45
CA VAL B 302 32.10 -19.45 -22.89
C VAL B 302 31.18 -18.57 -22.05
N GLY B 303 31.66 -17.36 -21.75
CA GLY B 303 30.93 -16.48 -20.87
C GLY B 303 31.22 -16.65 -19.41
N LEU B 304 32.45 -17.01 -19.04
CA LEU B 304 32.81 -17.05 -17.64
C LEU B 304 33.09 -15.64 -17.15
N ILE B 305 32.99 -15.43 -15.85
CA ILE B 305 33.25 -14.12 -15.25
C ILE B 305 34.06 -14.34 -13.99
N SER B 306 35.12 -13.57 -13.82
CA SER B 306 35.94 -13.66 -12.61
C SER B 306 36.70 -12.37 -12.44
N VAL B 307 36.81 -11.90 -11.20
CA VAL B 307 37.48 -10.64 -10.91
C VAL B 307 38.96 -10.91 -10.67
N VAL B 308 39.81 -10.00 -11.13
CA VAL B 308 41.25 -10.17 -11.09
C VAL B 308 41.88 -8.82 -10.76
N THR B 309 42.93 -8.84 -9.94
CA THR B 309 43.65 -7.61 -9.60
C THR B 309 44.22 -6.94 -10.84
N GLU B 310 44.76 -5.73 -10.68
CA GLU B 310 45.01 -4.87 -11.83
C GLU B 310 46.20 -5.32 -12.65
N SER B 311 47.21 -5.95 -12.04
CA SER B 311 48.41 -6.33 -12.78
C SER B 311 48.16 -7.58 -13.60
N TRP B 312 46.89 -7.89 -13.84
CA TRP B 312 46.42 -9.04 -14.60
C TRP B 312 47.30 -9.40 -15.79
N ARG B 313 47.57 -8.44 -16.66
CA ARG B 313 48.42 -8.67 -17.82
C ARG B 313 49.64 -7.77 -17.73
N LEU B 314 50.82 -8.39 -17.57
CA LEU B 314 52.05 -7.63 -17.41
C LEU B 314 53.23 -8.56 -17.63
N SER B 315 54.42 -7.96 -17.74
CA SER B 315 55.64 -8.74 -17.93
C SER B 315 56.34 -8.93 -16.59
N LEU B 316 56.82 -10.16 -16.37
CA LEU B 316 57.46 -10.49 -15.10
C LEU B 316 58.57 -9.51 -14.77
N ARG B 317 59.23 -8.96 -15.79
CA ARG B 317 60.28 -7.98 -15.54
C ARG B 317 59.70 -6.64 -15.12
N GLN B 318 58.43 -6.39 -15.44
CA GLN B 318 57.79 -5.15 -14.99
C GLN B 318 57.38 -5.25 -13.54
N LYS B 319 56.75 -6.36 -13.16
CA LYS B 319 56.33 -6.55 -11.78
C LYS B 319 57.48 -6.33 -10.81
N VAL B 320 58.64 -6.93 -11.11
CA VAL B 320 59.78 -6.81 -10.20
C VAL B 320 60.17 -5.35 -10.05
N ARG B 321 60.16 -4.59 -11.14
CA ARG B 321 60.41 -3.16 -11.01
C ARG B 321 59.31 -2.49 -10.19
N ASP B 322 58.09 -2.99 -10.30
CA ASP B 322 57.03 -2.50 -9.41
C ASP B 322 57.23 -3.02 -8.00
N GLY B 323 57.95 -4.14 -7.85
CA GLY B 323 58.20 -4.67 -6.53
C GLY B 323 59.25 -3.87 -5.77
N VAL B 324 60.47 -3.82 -6.31
CA VAL B 324 61.57 -3.15 -5.62
C VAL B 324 61.20 -1.71 -5.31
N ALA B 325 60.29 -1.13 -6.11
CA ALA B 325 59.88 0.25 -5.88
C ALA B 325 59.34 0.44 -4.47
N ILE B 326 58.61 -0.54 -3.95
CA ILE B 326 57.95 -0.40 -2.66
C ILE B 326 59.00 -0.29 -1.56
N LEU B 327 59.90 -1.27 -1.50
CA LEU B 327 60.97 -1.22 -0.52
C LEU B 327 61.75 0.07 -0.64
N ALA B 328 61.99 0.51 -1.88
CA ALA B 328 62.70 1.76 -2.11
C ALA B 328 61.92 2.95 -1.58
N LEU B 329 60.70 3.16 -2.08
CA LEU B 329 59.89 4.28 -1.61
C LEU B 329 59.67 4.23 -0.11
N GLY B 330 59.65 3.03 0.46
CA GLY B 330 59.56 2.92 1.91
C GLY B 330 60.85 3.32 2.59
N ALA B 331 61.98 2.86 2.07
CA ALA B 331 63.26 3.16 2.68
C ALA B 331 63.55 4.66 2.68
N HIS B 332 63.59 5.27 1.48
CA HIS B 332 63.88 6.70 1.38
C HIS B 332 62.90 7.52 2.22
N SER B 333 61.66 7.05 2.36
CA SER B 333 60.72 7.77 3.19
C SER B 333 61.06 7.64 4.66
N TYR B 334 61.88 6.66 5.02
CA TYR B 334 62.31 6.54 6.40
C TYR B 334 63.36 7.57 6.75
N TRP B 335 64.33 7.77 5.87
CA TRP B 335 65.40 8.73 6.13
C TRP B 335 64.85 10.13 6.30
N ARG B 336 63.82 10.48 5.53
CA ARG B 336 63.26 11.82 5.60
C ARG B 336 62.64 12.10 6.97
N GLN B 337 61.97 11.10 7.55
CA GLN B 337 61.27 11.30 8.80
C GLN B 337 62.05 10.79 10.01
N HIS B 338 62.43 9.51 10.01
CA HIS B 338 63.15 8.96 11.15
C HIS B 338 64.65 9.17 11.00
N GLY B 339 65.17 8.96 9.79
CA GLY B 339 66.55 9.31 9.53
C GLY B 339 67.52 8.16 9.33
N THR B 340 68.25 8.22 8.22
CA THR B 340 69.45 7.40 8.01
C THR B 340 69.19 5.90 8.03
N LEU B 341 68.44 5.41 7.03
CA LEU B 341 68.55 4.01 6.60
C LEU B 341 68.40 2.99 7.71
N PRO B 342 67.16 2.65 8.12
CA PRO B 342 66.96 1.80 9.31
C PRO B 342 67.77 0.52 9.24
N ALA B 343 68.22 0.05 10.41
CA ALA B 343 69.29 -0.94 10.47
C ALA B 343 68.92 -2.18 9.67
N PRO B 344 69.56 -2.40 8.53
CA PRO B 344 69.27 -3.60 7.75
C PRO B 344 70.09 -4.80 8.20
N ALA B 345 69.41 -5.83 8.70
CA ALA B 345 70.10 -7.00 9.22
C ALA B 345 69.13 -8.14 9.43
N GLY B 346 69.54 -9.35 9.06
CA GLY B 346 68.76 -10.53 9.34
C GLY B 346 69.66 -11.74 9.41
N ASP B 347 69.52 -12.48 10.50
CA ASP B 347 70.41 -13.59 10.80
C ASP B 347 69.70 -14.92 10.67
N CYS B 348 70.36 -15.89 10.05
CA CYS B 348 69.83 -17.24 10.00
C CYS B 348 70.09 -17.93 11.33
N ARG B 349 70.03 -19.27 11.31
CA ARG B 349 69.84 -20.16 12.48
C ARG B 349 70.56 -19.60 13.71
N VAL B 350 71.71 -18.94 13.58
CA VAL B 350 72.46 -18.49 14.75
C VAL B 350 71.65 -17.48 15.56
N HIS B 351 71.22 -17.90 16.74
CA HIS B 351 70.56 -17.04 17.72
C HIS B 351 69.57 -16.04 17.12
N PRO B 352 68.47 -16.51 16.56
CA PRO B 352 67.57 -15.61 15.84
C PRO B 352 66.43 -15.09 16.69
N GLY B 353 66.20 -13.79 16.57
CA GLY B 353 64.92 -13.17 16.89
C GLY B 353 64.34 -13.44 18.25
N PRO B 354 64.96 -12.91 19.30
CA PRO B 354 64.25 -12.85 20.59
C PRO B 354 63.13 -11.82 20.60
N VAL B 355 63.39 -10.60 20.11
CA VAL B 355 62.40 -9.53 20.06
C VAL B 355 62.90 -8.46 19.11
N SER B 356 62.01 -7.63 18.59
CA SER B 356 62.38 -6.59 17.64
C SER B 356 61.90 -5.22 18.10
N PRO B 357 62.78 -4.37 18.65
CA PRO B 357 62.36 -3.03 19.07
C PRO B 357 62.48 -1.96 17.99
N ALA B 358 63.32 -2.18 16.99
CA ALA B 358 63.58 -1.17 15.96
C ALA B 358 63.05 -1.54 14.60
N ARG B 359 63.31 -2.75 14.10
CA ARG B 359 62.79 -3.16 12.81
C ARG B 359 61.27 -3.07 12.77
N GLU B 360 60.62 -3.41 13.89
CA GLU B 360 59.16 -3.33 13.96
C GLU B 360 58.68 -1.89 13.80
N ALA B 361 59.55 -0.92 14.02
CA ALA B 361 59.17 0.47 13.78
C ALA B 361 59.36 0.82 12.31
N PHE B 362 60.21 0.09 11.61
CA PHE B 362 60.35 0.28 10.18
C PHE B 362 59.18 -0.33 9.42
N TYR B 363 58.58 -1.39 9.98
CA TYR B 363 57.41 -2.03 9.38
C TYR B 363 56.33 -1.02 9.04
N ARG B 364 56.04 -0.08 9.96
CA ARG B 364 54.89 0.79 9.76
C ARG B 364 55.13 1.76 8.60
N HIS B 365 56.32 2.33 8.50
CA HIS B 365 56.67 3.12 7.32
C HIS B 365 56.37 2.36 6.04
N LEU B 366 56.53 1.03 6.06
CA LEU B 366 56.49 0.29 4.82
C LEU B 366 55.06 0.03 4.33
N LEU B 367 54.07 0.34 5.20
CA LEU B 367 52.64 0.11 4.89
C LEU B 367 52.18 1.05 3.77
N ASN B 368 51.89 2.32 4.10
CA ASN B 368 51.41 3.27 3.06
C ASN B 368 52.56 3.63 2.11
N VAL B 369 52.30 3.57 0.80
CA VAL B 369 53.33 3.83 -0.25
C VAL B 369 52.63 3.99 -1.62
N THR B 370 52.64 5.21 -2.17
CA THR B 370 52.06 5.45 -3.48
C THR B 370 53.16 5.63 -4.50
N TRP B 371 52.89 5.22 -5.73
CA TRP B 371 53.94 5.24 -6.73
C TRP B 371 53.33 5.18 -8.11
N GLU B 372 53.82 6.05 -8.99
CA GLU B 372 53.39 6.11 -10.39
C GLU B 372 51.87 6.22 -10.52
N GLY B 373 51.23 6.84 -9.54
CA GLY B 373 49.81 7.10 -9.62
C GLY B 373 48.91 6.00 -9.12
N ARG B 374 49.41 5.10 -8.27
CA ARG B 374 48.62 4.04 -7.69
C ARG B 374 48.72 4.10 -6.17
N ASP B 375 47.82 3.38 -5.48
CA ASP B 375 47.84 3.29 -4.04
C ASP B 375 48.07 1.84 -3.66
N PHE B 376 49.03 1.60 -2.77
CA PHE B 376 49.39 0.25 -2.36
C PHE B 376 49.24 0.03 -0.86
N SER B 377 48.37 0.77 -0.19
CA SER B 377 48.30 0.73 1.26
C SER B 377 47.84 -0.65 1.74
N PHE B 378 48.61 -1.25 2.63
CA PHE B 378 48.30 -2.57 3.16
C PHE B 378 47.54 -2.47 4.48
N SER B 379 46.94 -3.57 4.87
CA SER B 379 46.25 -3.72 6.14
C SER B 379 47.08 -4.63 7.02
N PRO B 380 46.90 -4.60 8.35
CA PRO B 380 47.68 -5.50 9.21
C PRO B 380 47.64 -6.94 8.77
N GLY B 381 46.58 -7.38 8.09
CA GLY B 381 46.55 -8.73 7.58
C GLY B 381 47.45 -8.93 6.38
N GLY B 382 48.10 -7.87 5.92
CA GLY B 382 49.06 -8.01 4.85
C GLY B 382 48.49 -8.19 3.46
N TYR B 383 47.23 -7.87 3.24
CA TYR B 383 46.65 -7.90 1.90
C TYR B 383 46.22 -6.50 1.51
N LEU B 384 46.31 -6.20 0.21
CA LEU B 384 46.04 -4.86 -0.27
C LEU B 384 44.68 -4.36 0.21
N VAL B 385 44.62 -3.11 0.57
CA VAL B 385 43.35 -2.46 0.83
C VAL B 385 43.00 -1.58 -0.36
N GLN B 386 41.86 -1.83 -0.97
CA GLN B 386 41.36 -0.94 -2.02
C GLN B 386 42.33 -0.87 -3.18
N PRO B 387 42.52 -1.94 -3.93
CA PRO B 387 43.25 -1.84 -5.20
C PRO B 387 42.29 -1.65 -6.36
N THR B 388 42.76 -1.12 -7.47
CA THR B 388 41.87 -0.91 -8.61
C THR B 388 41.70 -2.21 -9.39
N MET B 389 40.65 -2.95 -9.07
CA MET B 389 40.43 -4.27 -9.64
C MET B 389 39.79 -4.14 -11.01
N VAL B 390 39.84 -5.22 -11.78
CA VAL B 390 39.17 -5.30 -13.06
C VAL B 390 38.26 -6.51 -13.04
N VAL B 391 37.50 -6.68 -14.11
CA VAL B 391 36.70 -7.88 -14.34
C VAL B 391 37.12 -8.44 -15.69
N ILE B 392 37.02 -9.76 -15.85
CA ILE B 392 37.40 -10.37 -17.11
C ILE B 392 36.40 -11.46 -17.44
N ALA B 393 36.30 -11.77 -18.73
CA ALA B 393 35.32 -12.73 -19.23
C ALA B 393 35.93 -13.51 -20.38
N LEU B 394 35.26 -14.60 -20.74
CA LEU B 394 35.76 -15.54 -21.75
C LEU B 394 34.92 -15.40 -23.01
N ASN B 395 35.46 -14.72 -24.01
CA ASN B 395 34.68 -14.45 -25.22
C ASN B 395 34.66 -15.66 -26.14
N ARG B 396 34.22 -15.45 -27.39
CA ARG B 396 34.07 -16.54 -28.35
C ARG B 396 35.33 -16.77 -29.16
N HIS B 397 36.50 -16.48 -28.58
CA HIS B 397 37.77 -16.91 -29.12
C HIS B 397 38.58 -17.63 -28.05
N ARG B 398 37.95 -17.90 -26.91
CA ARG B 398 38.59 -18.58 -25.79
C ARG B 398 39.81 -17.81 -25.30
N LEU B 399 39.66 -16.50 -25.17
CA LEU B 399 40.66 -15.64 -24.57
C LEU B 399 40.02 -14.94 -23.38
N TRP B 400 40.74 -14.00 -22.78
CA TRP B 400 40.20 -13.16 -21.72
C TRP B 400 40.26 -11.71 -22.17
N GLU B 401 39.15 -11.00 -22.04
CA GLU B 401 39.04 -9.61 -22.48
C GLU B 401 38.53 -8.76 -21.33
N MET B 402 39.23 -7.69 -21.03
CA MET B 402 38.84 -6.81 -19.94
C MET B 402 37.46 -6.25 -20.20
N VAL B 403 36.53 -6.54 -19.29
CA VAL B 403 35.14 -6.16 -19.45
C VAL B 403 34.80 -4.90 -18.67
N GLY B 404 35.33 -4.75 -17.47
CA GLY B 404 35.02 -3.54 -16.73
C GLY B 404 35.86 -3.25 -15.52
N ARG B 405 36.38 -2.04 -15.44
CA ARG B 405 37.22 -1.62 -14.33
C ARG B 405 36.35 -1.31 -13.11
N TRP B 406 36.98 -1.39 -11.92
CA TRP B 406 36.34 -1.02 -10.67
C TRP B 406 37.26 -0.05 -9.94
N GLU B 407 37.15 1.24 -10.26
CA GLU B 407 38.06 2.24 -9.72
C GLU B 407 37.36 3.09 -8.67
N HIS B 408 37.91 3.08 -7.46
CA HIS B 408 37.54 4.04 -6.42
C HIS B 408 36.06 4.01 -6.09
N GLY B 409 35.49 2.81 -6.03
CA GLY B 409 34.21 2.60 -5.40
C GLY B 409 33.01 2.53 -6.30
N VAL B 410 33.16 2.72 -7.60
CA VAL B 410 32.02 2.71 -8.52
C VAL B 410 32.34 1.83 -9.72
N LEU B 411 31.52 0.81 -9.93
CA LEU B 411 31.77 -0.22 -10.92
C LEU B 411 31.36 0.26 -12.30
N TYR B 412 32.34 0.47 -13.18
CA TYR B 412 32.06 0.81 -14.57
C TYR B 412 31.77 -0.48 -15.33
N MET B 413 31.41 -0.37 -16.60
CA MET B 413 31.17 -1.56 -17.41
C MET B 413 31.53 -1.24 -18.86
N LYS B 414 31.31 -2.23 -19.72
CA LYS B 414 31.53 -2.08 -21.15
C LYS B 414 30.39 -2.59 -21.99
N TYR B 415 29.55 -3.46 -21.45
CA TYR B 415 28.42 -3.98 -22.21
C TYR B 415 27.12 -3.61 -21.50
N PRO B 416 26.29 -2.76 -22.09
CA PRO B 416 25.03 -2.41 -21.43
C PRO B 416 24.04 -3.57 -21.34
N VAL B 417 24.29 -4.67 -22.05
CA VAL B 417 23.57 -5.93 -21.86
C VAL B 417 24.54 -7.08 -22.09
N TRP B 418 24.51 -8.15 -21.34
CA TRP B 418 25.50 -9.26 -21.46
C TRP B 418 25.17 -10.00 -22.73
N PRO B 419 26.07 -10.04 -23.71
CA PRO B 419 25.75 -10.69 -24.94
C PRO B 419 25.68 -12.14 -24.54
N ARG B 420 24.56 -12.83 -24.77
CA ARG B 420 24.51 -14.24 -24.34
C ARG B 420 24.66 -15.12 -25.57
N TYR B 421 25.83 -15.73 -25.67
CA TYR B 421 26.18 -16.77 -26.69
C TYR B 421 25.25 -17.94 -26.72
N SER B 422 25.65 -18.85 -27.64
CA SER B 422 24.90 -20.07 -28.05
C SER B 422 25.83 -21.26 -28.39
N ALA B 423 25.20 -22.39 -28.65
CA ALA B 423 25.99 -23.61 -28.78
C ALA B 423 27.05 -23.37 -29.84
N SER B 424 26.74 -22.73 -30.95
CA SER B 424 27.85 -22.57 -31.92
C SER B 424 27.96 -21.09 -32.30
N LEU B 425 28.48 -20.31 -31.36
CA LEU B 425 28.65 -18.83 -31.53
C LEU B 425 27.29 -18.28 -31.93
N GLN B 426 27.30 -17.47 -32.99
CA GLN B 426 26.07 -16.86 -33.56
C GLN B 426 25.15 -16.31 -32.47
N PRO B 427 25.66 -15.26 -31.82
CA PRO B 427 25.07 -14.66 -30.65
C PRO B 427 23.61 -14.26 -30.85
N VAL B 428 22.80 -14.81 -29.96
CA VAL B 428 21.32 -14.75 -29.85
C VAL B 428 20.97 -13.49 -29.09
N VAL B 429 19.97 -12.78 -29.55
CA VAL B 429 19.47 -11.60 -28.81
C VAL B 429 18.04 -11.98 -28.48
N ASP B 430 17.59 -11.77 -27.26
CA ASP B 430 16.17 -12.13 -27.03
C ASP B 430 15.32 -11.16 -27.85
N SER B 431 14.26 -11.62 -28.46
CA SER B 431 13.47 -10.64 -29.24
C SER B 431 12.87 -9.55 -28.35
N ARG B 432 12.35 -9.85 -27.18
CA ARG B 432 11.67 -8.77 -26.45
C ARG B 432 12.62 -7.88 -25.66
N HIS B 433 13.38 -7.00 -26.30
CA HIS B 433 14.22 -6.04 -25.54
C HIS B 433 14.49 -4.85 -26.47
N LEU B 434 14.25 -3.57 -26.12
CA LEU B 434 14.50 -2.52 -27.16
C LEU B 434 15.30 -1.30 -26.62
N THR B 435 15.86 -0.44 -27.48
CA THR B 435 16.71 0.61 -26.94
C THR B 435 16.02 1.96 -27.10
N VAL B 436 15.90 2.71 -26.01
CA VAL B 436 15.14 3.95 -25.96
C VAL B 436 16.12 5.10 -25.92
N ALA B 437 15.87 6.14 -26.72
CA ALA B 437 16.79 7.27 -26.82
C ALA B 437 16.05 8.56 -26.47
N THR B 438 16.53 9.27 -25.46
CA THR B 438 15.84 10.46 -24.98
C THR B 438 16.77 11.67 -24.93
N LEU B 439 16.32 12.74 -24.31
CA LEU B 439 17.18 13.83 -23.86
C LEU B 439 16.40 14.63 -22.81
N GLU B 440 16.96 15.76 -22.40
CA GLU B 440 16.50 16.47 -21.23
C GLU B 440 15.70 17.72 -21.62
N GLU B 441 14.47 17.79 -21.11
CA GLU B 441 13.69 19.02 -21.08
C GLU B 441 13.04 19.10 -19.71
N ARG B 442 13.35 20.18 -18.99
CA ARG B 442 13.31 20.15 -17.52
C ARG B 442 12.06 19.56 -16.90
N PRO B 443 10.84 19.82 -17.39
CA PRO B 443 9.68 19.29 -16.67
C PRO B 443 9.35 17.87 -17.03
N PHE B 444 9.86 17.37 -18.15
CA PHE B 444 9.44 16.07 -18.66
C PHE B 444 10.45 14.98 -18.35
N VAL B 445 11.70 15.17 -18.76
CA VAL B 445 12.74 14.16 -18.57
C VAL B 445 13.93 14.82 -17.89
N ILE B 446 14.14 14.50 -16.61
CA ILE B 446 15.14 15.16 -15.79
C ILE B 446 16.34 14.24 -15.66
N VAL B 447 17.52 14.81 -15.45
CA VAL B 447 18.72 14.03 -15.16
C VAL B 447 19.29 14.47 -13.83
N GLU B 448 19.84 13.51 -13.09
CA GLU B 448 20.33 13.76 -11.74
C GLU B 448 21.39 12.74 -11.39
N SER B 449 22.45 13.21 -10.74
CA SER B 449 23.55 12.37 -10.33
C SER B 449 23.10 11.38 -9.24
N PRO B 450 23.79 10.26 -9.09
CA PRO B 450 23.33 9.23 -8.15
C PRO B 450 23.79 9.51 -6.74
N ASP B 451 23.11 8.87 -5.79
CA ASP B 451 23.41 9.06 -4.38
C ASP B 451 24.78 8.48 -4.05
N PRO B 452 25.78 9.31 -3.75
CA PRO B 452 27.13 8.77 -3.53
C PRO B 452 27.21 7.78 -2.37
N GLY B 453 26.31 7.89 -1.41
CA GLY B 453 26.33 6.96 -0.29
C GLY B 453 25.81 5.59 -0.65
N THR B 454 24.53 5.51 -1.02
CA THR B 454 23.90 4.21 -1.25
C THR B 454 24.57 3.48 -2.40
N GLY B 455 25.12 4.21 -3.37
CA GLY B 455 25.75 3.62 -4.52
C GLY B 455 24.85 3.39 -5.72
N GLY B 456 23.76 2.65 -5.56
CA GLY B 456 22.80 2.49 -6.63
C GLY B 456 21.64 3.43 -6.40
N CYS B 457 21.43 4.33 -7.37
CA CYS B 457 20.66 5.52 -7.10
C CYS B 457 19.20 5.20 -6.80
N VAL B 458 18.55 6.15 -6.13
CA VAL B 458 17.29 6.00 -5.41
C VAL B 458 16.25 5.23 -6.21
N PRO B 459 15.45 4.38 -5.58
CA PRO B 459 14.32 3.77 -6.30
C PRO B 459 13.35 4.82 -6.80
N ASN B 460 12.36 4.36 -7.58
CA ASN B 460 11.44 5.23 -8.31
C ASN B 460 12.16 6.03 -9.38
N THR B 461 13.38 5.65 -9.72
CA THR B 461 14.20 6.33 -10.72
C THR B 461 14.73 5.28 -11.67
N VAL B 462 15.09 5.70 -12.87
CA VAL B 462 15.59 4.76 -13.88
C VAL B 462 17.02 5.15 -14.25
N PRO B 463 17.96 4.20 -14.24
CA PRO B 463 19.34 4.55 -14.58
C PRO B 463 19.51 4.72 -16.07
N CYS B 464 20.32 5.68 -16.45
CA CYS B 464 20.41 6.08 -17.85
C CYS B 464 21.81 6.53 -18.20
N ARG B 465 22.54 5.67 -18.90
CA ARG B 465 23.88 5.95 -19.39
C ARG B 465 23.85 7.12 -20.35
N ARG B 466 25.02 7.58 -20.76
CA ARG B 466 25.15 8.72 -21.64
C ARG B 466 26.06 8.37 -22.80
N GLN B 467 25.50 8.32 -24.00
CA GLN B 467 26.24 8.00 -25.21
C GLN B 467 27.48 8.88 -25.34
N SER B 468 28.54 8.33 -25.92
CA SER B 468 29.74 9.10 -26.20
C SER B 468 30.48 8.49 -27.39
N ALA B 478 36.15 5.25 -22.41
CA ALA B 478 35.66 4.05 -21.72
C ALA B 478 34.80 4.38 -20.48
N PRO B 479 35.28 5.26 -19.57
CA PRO B 479 34.45 5.54 -18.38
C PRO B 479 33.19 6.36 -18.69
N TYR B 480 32.16 5.65 -19.16
CA TYR B 480 30.88 6.26 -19.50
C TYR B 480 30.17 6.60 -18.20
N THR B 481 29.99 7.91 -17.98
CA THR B 481 29.61 8.41 -16.66
C THR B 481 28.16 8.07 -16.31
N LYS B 482 27.96 7.70 -15.05
CA LYS B 482 26.67 7.20 -14.60
C LYS B 482 25.83 8.31 -13.98
N LEU B 483 24.55 8.33 -14.32
CA LEU B 483 23.59 9.31 -13.84
C LEU B 483 22.20 8.85 -14.25
N CYS B 484 21.22 9.00 -13.35
CA CYS B 484 19.93 8.38 -13.57
C CYS B 484 18.81 9.41 -13.75
N CYS B 485 17.86 9.07 -14.61
CA CYS B 485 16.84 9.96 -15.12
C CYS B 485 15.51 9.71 -14.43
N LYS B 486 14.64 10.73 -14.43
CA LYS B 486 13.28 10.62 -13.90
C LYS B 486 12.47 11.80 -14.42
N GLY B 487 11.15 11.65 -14.41
CA GLY B 487 10.28 12.73 -14.84
C GLY B 487 8.97 12.18 -15.38
N PHE B 488 8.25 13.05 -16.09
CA PHE B 488 6.93 12.66 -16.59
C PHE B 488 7.05 11.63 -17.71
N CYS B 489 7.71 11.99 -18.82
CA CYS B 489 7.82 11.08 -19.93
C CYS B 489 8.46 9.76 -19.55
N ILE B 490 9.36 9.76 -18.57
CA ILE B 490 9.92 8.51 -18.07
C ILE B 490 8.85 7.68 -17.40
N ASP B 491 8.07 8.30 -16.50
CA ASP B 491 7.05 7.56 -15.77
C ASP B 491 6.00 6.96 -16.69
N ILE B 492 5.99 7.34 -17.96
CA ILE B 492 5.11 6.68 -18.90
C ILE B 492 5.63 5.29 -19.24
N LEU B 493 6.89 5.21 -19.66
CA LEU B 493 7.35 3.92 -20.17
C LEU B 493 7.48 2.88 -19.07
N LYS B 494 7.65 3.29 -17.82
CA LYS B 494 7.55 2.30 -16.75
C LYS B 494 6.17 1.66 -16.73
N LYS B 495 5.13 2.47 -16.53
CA LYS B 495 3.78 1.93 -16.55
C LYS B 495 3.46 1.26 -17.87
N LEU B 496 4.19 1.62 -18.92
CA LEU B 496 3.97 1.00 -20.21
C LEU B 496 4.70 -0.32 -20.30
N ALA B 497 5.73 -0.52 -19.48
CA ALA B 497 6.51 -1.74 -19.56
C ALA B 497 5.77 -2.93 -18.96
N ARG B 498 4.99 -2.69 -17.91
CA ARG B 498 4.31 -3.81 -17.26
C ARG B 498 3.02 -4.19 -17.96
N VAL B 499 2.63 -3.48 -19.01
CA VAL B 499 1.38 -3.80 -19.70
C VAL B 499 1.65 -4.50 -21.01
N VAL B 500 2.82 -4.28 -21.61
CA VAL B 500 3.19 -4.98 -22.84
C VAL B 500 4.47 -5.78 -22.65
N LYS B 501 4.99 -5.83 -21.43
CA LYS B 501 6.11 -6.69 -21.08
C LYS B 501 7.38 -6.40 -21.86
N PHE B 502 7.97 -5.24 -21.62
CA PHE B 502 9.24 -4.82 -22.19
C PHE B 502 10.41 -5.29 -21.35
N SER B 503 11.59 -4.80 -21.75
CA SER B 503 12.74 -4.54 -20.92
C SER B 503 13.49 -3.46 -21.67
N TYR B 504 14.15 -2.56 -20.97
CA TYR B 504 14.57 -1.36 -21.66
C TYR B 504 15.82 -0.78 -21.03
N ASP B 505 16.67 -0.21 -21.88
CA ASP B 505 17.73 0.69 -21.42
C ASP B 505 17.43 2.09 -21.92
N LEU B 506 18.27 3.06 -21.56
CA LEU B 506 18.11 4.42 -22.06
C LEU B 506 19.48 4.90 -22.48
N TYR B 507 19.51 6.00 -23.21
CA TYR B 507 20.77 6.74 -23.34
C TYR B 507 20.49 8.11 -23.91
N LEU B 508 20.96 9.13 -23.22
CA LEU B 508 20.75 10.50 -23.67
C LEU B 508 21.57 10.77 -24.92
N VAL B 509 20.90 11.17 -25.99
CA VAL B 509 21.59 11.46 -27.24
C VAL B 509 22.36 12.76 -27.09
N THR B 510 23.39 12.96 -27.90
CA THR B 510 24.19 14.18 -27.79
C THR B 510 24.17 14.98 -29.09
N ASN B 511 24.41 14.32 -30.20
CA ASN B 511 24.66 14.99 -31.49
C ASN B 511 23.35 15.59 -31.99
N GLY B 512 23.14 16.86 -31.67
CA GLY B 512 21.90 17.52 -32.05
C GLY B 512 20.87 17.48 -30.94
N LYS B 513 19.99 18.48 -30.94
CA LYS B 513 19.07 18.62 -29.81
C LYS B 513 17.84 17.72 -29.95
N HIS B 514 16.97 18.02 -30.91
CA HIS B 514 15.78 17.20 -31.14
C HIS B 514 15.85 16.49 -32.48
N GLY B 515 16.21 17.20 -33.53
CA GLY B 515 16.40 16.57 -34.81
C GLY B 515 15.83 17.39 -35.93
N LYS B 516 16.67 17.66 -36.92
CA LYS B 516 16.27 18.36 -38.12
C LYS B 516 17.08 17.80 -39.27
N ARG B 517 16.85 18.32 -40.46
CA ARG B 517 17.56 17.86 -41.64
C ARG B 517 18.73 18.81 -41.88
N VAL B 518 19.88 18.25 -42.19
CA VAL B 518 21.08 19.02 -42.51
C VAL B 518 21.70 18.41 -43.76
N ARG B 519 21.44 19.04 -44.91
CA ARG B 519 22.04 18.65 -46.18
C ARG B 519 21.83 17.16 -46.47
N GLY B 520 20.69 16.63 -46.00
CA GLY B 520 20.31 15.29 -46.38
C GLY B 520 20.61 14.21 -45.37
N VAL B 521 20.89 14.57 -44.12
CA VAL B 521 21.04 13.61 -43.03
C VAL B 521 20.50 14.24 -41.76
N TRP B 522 19.79 13.45 -40.97
CA TRP B 522 19.15 13.92 -39.75
C TRP B 522 20.09 13.74 -38.57
N ASN B 523 19.90 14.54 -37.54
CA ASN B 523 20.60 14.42 -36.28
C ASN B 523 19.59 14.18 -35.16
N GLY B 524 20.06 14.20 -33.92
CA GLY B 524 19.16 14.15 -32.80
C GLY B 524 18.33 12.87 -32.73
N MET B 525 17.27 12.93 -31.92
CA MET B 525 16.47 11.74 -31.62
C MET B 525 15.94 11.11 -32.90
N ILE B 526 15.48 11.92 -33.85
CA ILE B 526 14.98 11.36 -35.09
C ILE B 526 16.11 10.68 -35.85
N GLY B 527 17.33 11.16 -35.68
CA GLY B 527 18.45 10.44 -36.24
C GLY B 527 18.59 9.05 -35.66
N GLU B 528 18.40 8.91 -34.36
CA GLU B 528 18.65 7.63 -33.70
C GLU B 528 17.56 6.61 -33.99
N VAL B 529 16.50 6.99 -34.69
CA VAL B 529 15.47 6.03 -35.06
C VAL B 529 15.48 5.73 -36.55
N TYR B 530 15.89 6.68 -37.37
CA TYR B 530 15.91 6.45 -38.82
C TYR B 530 17.09 5.59 -39.23
N TYR B 531 18.08 5.45 -38.35
CA TYR B 531 19.33 4.74 -38.65
C TYR B 531 19.50 3.49 -37.81
N LYS B 532 18.41 2.87 -37.35
CA LYS B 532 18.44 1.56 -36.74
C LYS B 532 19.34 1.49 -35.50
N ARG B 533 19.62 2.63 -34.88
CA ARG B 533 20.38 2.63 -33.63
C ARG B 533 19.48 2.68 -32.40
N ALA B 534 18.18 2.51 -32.58
CA ALA B 534 17.25 2.50 -31.46
C ALA B 534 15.93 1.95 -31.97
N ASP B 535 14.98 1.79 -31.05
CA ASP B 535 13.67 1.30 -31.42
C ASP B 535 12.55 2.24 -31.04
N MET B 536 12.81 3.19 -30.14
CA MET B 536 11.84 4.21 -29.79
C MET B 536 12.61 5.48 -29.52
N ALA B 537 11.88 6.55 -29.28
CA ALA B 537 12.48 7.81 -28.86
C ALA B 537 11.43 8.60 -28.11
N ILE B 538 11.50 8.58 -26.79
CA ILE B 538 10.48 9.17 -25.95
C ILE B 538 11.01 10.49 -25.40
N GLY B 539 10.13 11.24 -24.78
CA GLY B 539 10.48 12.54 -24.24
C GLY B 539 9.62 13.63 -24.85
N SER B 540 10.16 14.85 -24.82
CA SER B 540 9.45 15.98 -25.39
C SER B 540 9.71 16.02 -26.90
N LEU B 541 8.91 15.27 -27.65
CA LEU B 541 9.00 15.21 -29.09
C LEU B 541 7.65 15.58 -29.68
N THR B 542 7.64 16.41 -30.71
CA THR B 542 6.39 16.88 -31.29
C THR B 542 6.14 16.19 -32.62
N ILE B 543 4.88 16.12 -33.00
CA ILE B 543 4.45 15.52 -34.25
C ILE B 543 4.38 16.63 -35.29
N ASN B 544 4.72 16.30 -36.54
CA ASN B 544 4.45 17.19 -37.65
C ASN B 544 4.56 16.38 -38.93
N GLU B 545 4.55 17.07 -40.07
CA GLU B 545 4.50 16.37 -41.34
C GLU B 545 5.87 15.88 -41.77
N GLU B 546 6.88 16.75 -41.74
CA GLU B 546 8.21 16.36 -42.19
C GLU B 546 8.71 15.11 -41.49
N ARG B 547 8.63 15.06 -40.17
CA ARG B 547 9.04 13.87 -39.44
C ARG B 547 8.24 12.65 -39.86
N SER B 548 6.91 12.75 -39.86
CA SER B 548 6.07 11.56 -39.99
C SER B 548 6.13 10.94 -41.37
N GLU B 549 7.00 11.42 -42.26
CA GLU B 549 7.16 10.76 -43.54
C GLU B 549 8.13 9.59 -43.47
N ILE B 550 9.13 9.67 -42.59
CA ILE B 550 10.18 8.67 -42.53
C ILE B 550 10.11 7.80 -41.29
N VAL B 551 9.45 8.24 -40.23
CA VAL B 551 9.39 7.49 -38.98
C VAL B 551 7.96 7.52 -38.45
N ASP B 552 7.45 6.35 -38.09
CA ASP B 552 6.09 6.22 -37.63
C ASP B 552 5.90 6.97 -36.31
N PHE B 553 4.67 7.02 -35.81
CA PHE B 553 4.37 7.74 -34.59
C PHE B 553 3.27 7.03 -33.84
N SER B 554 3.10 7.39 -32.58
CA SER B 554 2.01 6.85 -31.78
C SER B 554 0.90 7.88 -31.67
N VAL B 555 -0.08 7.62 -30.82
CA VAL B 555 -1.19 8.58 -30.67
C VAL B 555 -0.77 9.66 -29.69
N PRO B 556 -1.11 10.92 -29.92
CA PRO B 556 -0.65 11.99 -29.02
C PRO B 556 -1.22 11.82 -27.62
N PHE B 557 -0.34 11.79 -26.62
CA PHE B 557 -0.80 11.68 -25.25
C PHE B 557 -0.67 12.96 -24.43
N VAL B 558 -0.08 14.01 -24.99
CA VAL B 558 -0.07 15.34 -24.39
C VAL B 558 -0.15 16.34 -25.53
N GLU B 559 -1.05 17.31 -25.42
CA GLU B 559 -1.27 18.21 -26.54
C GLU B 559 -0.49 19.52 -26.36
N THR B 560 -0.10 20.11 -27.47
CA THR B 560 0.78 21.27 -27.46
C THR B 560 0.51 22.10 -28.71
N GLY B 561 1.42 23.02 -29.00
CA GLY B 561 1.30 23.84 -30.20
C GLY B 561 2.37 24.90 -30.28
N ILE B 562 1.99 26.10 -30.67
CA ILE B 562 2.86 27.25 -30.65
C ILE B 562 2.20 28.32 -29.80
N SER B 563 2.98 29.03 -29.00
CA SER B 563 2.39 30.01 -28.10
C SER B 563 3.34 31.19 -27.96
N VAL B 564 2.85 32.24 -27.31
CA VAL B 564 3.54 33.50 -27.20
C VAL B 564 3.54 33.91 -25.73
N MET B 565 4.67 34.41 -25.23
CA MET B 565 4.80 34.78 -23.83
C MET B 565 5.43 36.15 -23.72
N VAL B 566 4.88 36.99 -22.83
CA VAL B 566 5.35 38.35 -22.62
C VAL B 566 5.37 38.64 -21.12
N ALA B 567 5.84 39.85 -20.78
CA ALA B 567 5.88 40.29 -19.40
C ALA B 567 4.51 40.74 -18.95
N ARG B 568 4.34 40.88 -17.64
CA ARG B 568 3.04 41.23 -17.08
C ARG B 568 2.72 42.68 -17.35
N THR B 629 -44.91 77.27 -17.44
CA THR B 629 -45.08 77.49 -16.01
C THR B 629 -44.31 76.48 -15.17
N ILE B 630 -44.79 75.25 -15.19
CA ILE B 630 -44.17 74.20 -14.42
C ILE B 630 -42.72 73.91 -14.83
N GLY B 631 -42.39 73.99 -16.12
CA GLY B 631 -41.03 73.70 -16.55
C GLY B 631 -40.05 74.67 -15.94
N LYS B 632 -40.40 75.94 -15.95
CA LYS B 632 -39.59 77.02 -15.37
C LYS B 632 -39.48 76.83 -13.87
N SER B 633 -40.60 76.41 -13.27
CA SER B 633 -40.62 76.17 -11.82
C SER B 633 -39.62 75.07 -11.52
N VAL B 634 -39.64 74.01 -12.34
CA VAL B 634 -38.75 72.90 -12.17
C VAL B 634 -37.34 73.40 -12.32
N TRP B 635 -37.05 74.24 -13.30
CA TRP B 635 -35.69 74.72 -13.45
C TRP B 635 -35.18 75.51 -12.23
N LEU B 636 -35.99 76.41 -11.69
CA LEU B 636 -35.49 77.16 -10.54
C LEU B 636 -35.21 76.25 -9.35
N LEU B 637 -36.18 75.36 -9.14
CA LEU B 637 -36.04 74.45 -8.04
C LEU B 637 -34.84 73.54 -8.24
N TRP B 638 -34.63 73.08 -9.46
CA TRP B 638 -33.54 72.21 -9.81
C TRP B 638 -32.22 72.89 -9.55
N ALA B 639 -32.05 74.17 -9.84
CA ALA B 639 -30.77 74.83 -9.55
C ALA B 639 -30.50 74.82 -8.04
N LEU B 640 -31.59 75.13 -7.31
CA LEU B 640 -31.52 75.14 -5.88
C LEU B 640 -31.08 73.79 -5.36
N VAL B 641 -31.72 72.80 -5.99
CA VAL B 641 -31.61 71.37 -5.76
C VAL B 641 -30.29 70.69 -6.01
N PHE B 642 -29.64 70.96 -7.12
CA PHE B 642 -28.42 70.23 -7.34
C PHE B 642 -27.49 70.92 -6.40
N ASN B 643 -27.18 70.21 -5.32
CA ASN B 643 -26.19 70.65 -4.37
C ASN B 643 -26.27 72.11 -3.90
N ASN B 644 -27.42 72.59 -3.46
CA ASN B 644 -27.54 73.98 -3.02
C ASN B 644 -27.14 74.90 -4.15
N THR B 654 -45.21 74.54 2.30
CA THR B 654 -46.39 74.00 1.62
C THR B 654 -46.00 72.94 0.60
N THR B 655 -46.98 72.50 -0.19
CA THR B 655 -46.74 71.46 -1.19
C THR B 655 -45.73 71.91 -2.23
N SER B 656 -45.34 73.18 -2.22
CA SER B 656 -44.33 73.66 -3.16
C SER B 656 -42.97 73.02 -2.90
N LYS B 657 -42.56 72.98 -1.62
CA LYS B 657 -41.18 72.65 -1.30
C LYS B 657 -40.97 71.13 -1.21
N ILE B 658 -42.06 70.36 -1.12
CA ILE B 658 -41.92 68.96 -0.74
C ILE B 658 -41.34 68.15 -1.89
N MET B 659 -41.51 68.61 -3.13
CA MET B 659 -41.05 67.80 -4.26
C MET B 659 -39.56 67.93 -4.50
N VAL B 660 -39.04 69.16 -4.50
CA VAL B 660 -37.62 69.36 -4.72
C VAL B 660 -36.80 68.63 -3.66
N LEU B 661 -37.38 68.47 -2.47
CA LEU B 661 -36.81 67.54 -1.50
C LEU B 661 -36.62 66.16 -2.11
N VAL B 662 -37.68 65.59 -2.68
CA VAL B 662 -37.59 64.25 -3.25
C VAL B 662 -36.48 64.18 -4.28
N TRP B 663 -36.29 65.26 -5.05
CA TRP B 663 -35.17 65.27 -5.98
C TRP B 663 -33.84 65.24 -5.24
N ALA B 664 -33.71 66.06 -4.20
CA ALA B 664 -32.50 66.08 -3.40
C ALA B 664 -32.19 64.68 -2.88
N PHE B 665 -33.24 63.98 -2.46
CA PHE B 665 -33.12 62.58 -2.06
C PHE B 665 -32.53 61.75 -3.17
N PHE B 666 -33.06 61.86 -4.39
CA PHE B 666 -32.62 61.01 -5.47
C PHE B 666 -31.17 61.29 -5.85
N ALA B 667 -30.59 62.35 -5.29
CA ALA B 667 -29.17 62.59 -5.53
C ALA B 667 -28.31 61.56 -4.80
N VAL B 668 -28.41 61.52 -3.47
CA VAL B 668 -27.53 60.66 -2.69
C VAL B 668 -27.76 59.19 -3.03
N ILE B 669 -29.00 58.83 -3.37
CA ILE B 669 -29.27 57.46 -3.78
C ILE B 669 -28.63 57.19 -5.12
N PHE B 670 -28.70 58.14 -6.04
CA PHE B 670 -28.02 57.95 -7.31
C PHE B 670 -26.51 57.94 -7.13
N LEU B 671 -25.96 59.01 -6.53
CA LEU B 671 -24.52 59.15 -6.42
C LEU B 671 -23.89 57.94 -5.75
N ALA B 672 -24.34 57.63 -4.53
CA ALA B 672 -23.79 56.48 -3.82
C ALA B 672 -23.87 55.22 -4.68
N SER B 673 -24.97 55.04 -5.39
CA SER B 673 -25.09 53.89 -6.27
C SER B 673 -24.08 53.95 -7.41
N TYR B 674 -23.79 55.15 -7.90
CA TYR B 674 -22.79 55.27 -8.94
C TYR B 674 -21.43 54.85 -8.44
N THR B 675 -20.93 55.52 -7.39
CA THR B 675 -19.58 55.22 -6.90
C THR B 675 -19.46 53.78 -6.44
N ALA B 676 -20.57 53.18 -6.04
CA ALA B 676 -20.54 51.75 -5.73
C ALA B 676 -20.34 50.94 -6.99
N ASN B 677 -21.18 51.14 -8.00
CA ASN B 677 -21.08 50.38 -9.23
C ASN B 677 -19.68 50.44 -9.82
N LEU B 678 -19.15 51.65 -9.98
CA LEU B 678 -17.84 51.78 -10.60
C LEU B 678 -16.77 51.08 -9.76
N ALA B 679 -17.00 50.92 -8.46
CA ALA B 679 -16.05 50.18 -7.65
C ALA B 679 -15.99 48.73 -8.11
N ALA B 680 -17.13 48.05 -8.17
CA ALA B 680 -17.15 46.66 -8.59
C ALA B 680 -16.57 46.50 -9.99
N PHE B 681 -16.82 47.47 -10.86
CA PHE B 681 -16.30 47.36 -12.22
C PHE B 681 -14.78 47.45 -12.27
N MET B 682 -14.18 48.30 -11.44
CA MET B 682 -12.72 48.37 -11.45
C MET B 682 -12.12 47.35 -10.51
N ILE B 683 -12.94 46.60 -9.78
CA ILE B 683 -12.38 45.59 -8.88
C ILE B 683 -12.39 44.26 -9.64
N GLN B 684 -12.70 44.32 -10.94
CA GLN B 684 -12.60 43.17 -11.82
C GLN B 684 -11.25 43.21 -12.53
N GLU B 685 -10.38 42.26 -12.18
CA GLU B 685 -8.98 42.29 -12.62
C GLU B 685 -8.78 41.50 -13.92
N GLN B 686 -9.05 42.17 -15.03
CA GLN B 686 -8.62 41.72 -16.34
C GLN B 686 -8.14 42.94 -17.12
N TYR B 687 -6.92 42.88 -17.62
CA TYR B 687 -6.28 44.01 -18.31
C TYR B 687 -5.78 43.55 -19.67
N ILE B 688 -5.86 44.45 -20.66
CA ILE B 688 -5.49 44.10 -22.02
C ILE B 688 -4.00 43.84 -22.11
N ASP B 689 -3.62 42.86 -22.90
CA ASP B 689 -2.23 42.54 -23.18
C ASP B 689 -1.94 42.82 -24.65
N THR B 690 -0.71 43.27 -24.91
CA THR B 690 -0.34 43.97 -26.15
C THR B 690 -0.89 43.36 -27.43
N VAL B 691 -0.51 42.13 -27.74
CA VAL B 691 -0.80 41.55 -29.05
C VAL B 691 -2.01 40.64 -28.91
N SER B 692 -2.62 40.27 -30.03
CA SER B 692 -3.75 39.35 -30.04
C SER B 692 -3.65 38.29 -31.13
N GLY B 693 -2.48 37.70 -31.34
CA GLY B 693 -2.35 36.60 -32.27
C GLY B 693 -1.18 36.75 -33.22
N LEU B 694 -0.92 35.68 -33.97
CA LEU B 694 0.13 35.65 -34.98
C LEU B 694 -0.24 36.53 -36.17
N SER B 695 -1.54 36.59 -36.49
CA SER B 695 -1.97 37.31 -37.68
C SER B 695 -1.78 38.82 -37.51
N ASP B 696 -1.55 39.27 -36.28
CA ASP B 696 -1.51 40.71 -35.99
C ASP B 696 -0.41 41.40 -36.80
N LYS B 697 -0.58 42.71 -36.97
CA LYS B 697 0.39 43.49 -37.74
C LYS B 697 1.74 43.55 -37.03
N LYS B 698 1.73 43.80 -35.72
CA LYS B 698 2.97 44.00 -34.99
C LYS B 698 3.91 42.82 -35.15
N PHE B 699 3.36 41.66 -35.53
CA PHE B 699 4.20 40.52 -35.86
C PHE B 699 4.51 40.48 -37.34
N GLN B 700 3.50 40.73 -38.18
CA GLN B 700 3.62 40.39 -39.59
C GLN B 700 4.57 41.33 -40.31
N ARG B 701 4.26 42.62 -40.32
CA ARG B 701 5.10 43.61 -40.99
C ARG B 701 5.81 44.46 -39.95
N PRO B 702 7.03 44.09 -39.54
CA PRO B 702 7.69 44.77 -38.42
C PRO B 702 8.33 46.10 -38.75
N GLN B 703 8.01 46.72 -39.87
CA GLN B 703 8.62 47.97 -40.28
C GLN B 703 7.98 49.19 -39.63
N ASP B 704 7.31 49.01 -38.48
CA ASP B 704 6.73 50.12 -37.76
C ASP B 704 7.81 51.09 -37.30
N GLN B 705 7.39 52.29 -36.89
CA GLN B 705 8.34 53.32 -36.49
C GLN B 705 9.14 52.90 -35.27
N TYR B 706 8.46 52.60 -34.17
CA TYR B 706 9.12 52.04 -33.00
C TYR B 706 9.74 50.70 -33.36
N PRO B 707 10.80 50.30 -32.65
CA PRO B 707 11.44 49.01 -32.96
C PRO B 707 10.44 47.87 -32.79
N PRO B 708 10.53 46.83 -33.61
CA PRO B 708 9.53 45.76 -33.54
C PRO B 708 9.61 45.02 -32.22
N PHE B 709 8.54 44.29 -31.94
CA PHE B 709 8.59 43.34 -30.85
C PHE B 709 9.75 42.39 -31.07
N ARG B 710 10.52 42.17 -30.01
CA ARG B 710 11.70 41.34 -30.13
C ARG B 710 11.31 39.86 -30.08
N PHE B 711 11.71 39.12 -31.11
CA PHE B 711 11.19 37.79 -31.39
C PHE B 711 12.25 36.75 -31.02
N GLY B 712 12.02 36.05 -29.93
CA GLY B 712 12.90 34.99 -29.48
C GLY B 712 12.29 33.61 -29.73
N THR B 713 13.02 32.80 -30.49
CA THR B 713 12.72 31.38 -30.60
C THR B 713 14.02 30.62 -30.60
N VAL B 714 14.17 29.69 -29.67
CA VAL B 714 15.39 28.88 -29.69
C VAL B 714 15.43 28.13 -31.02
N PRO B 715 16.42 28.35 -31.84
CA PRO B 715 16.38 27.89 -33.22
C PRO B 715 16.60 26.41 -33.38
N ASN B 716 16.74 25.96 -34.62
CA ASN B 716 16.98 24.58 -35.04
C ASN B 716 16.06 23.58 -34.35
N GLY B 717 14.83 24.01 -34.03
CA GLY B 717 13.88 23.14 -33.38
C GLY B 717 12.72 22.74 -34.27
N SER B 718 11.50 22.83 -33.76
CA SER B 718 10.33 22.55 -34.59
C SER B 718 9.53 23.80 -34.87
N THR B 719 9.31 24.65 -33.86
CA THR B 719 8.61 25.90 -34.09
C THR B 719 9.25 26.69 -35.22
N GLU B 720 10.56 26.61 -35.34
CA GLU B 720 11.23 27.19 -36.50
C GLU B 720 10.68 26.62 -37.79
N ARG B 721 10.74 25.30 -37.95
CA ARG B 721 10.36 24.68 -39.22
C ARG B 721 8.90 24.93 -39.58
N ASN B 722 8.13 25.54 -38.69
CA ASN B 722 6.78 25.94 -39.06
C ASN B 722 6.74 27.41 -39.47
N ILE B 723 7.56 28.23 -38.81
CA ILE B 723 7.59 29.65 -39.14
C ILE B 723 8.29 29.87 -40.49
N ARG B 724 9.48 29.30 -40.66
CA ARG B 724 10.21 29.46 -41.92
C ARG B 724 9.39 28.99 -43.10
N SER B 725 8.62 27.93 -42.92
CA SER B 725 7.87 27.36 -44.03
C SER B 725 6.86 28.31 -44.64
N ASN B 726 6.24 29.18 -43.84
CA ASN B 726 5.16 30.04 -44.34
C ASN B 726 5.56 31.52 -44.29
N TYR B 727 5.95 32.03 -43.15
CA TYR B 727 6.07 33.48 -42.94
C TYR B 727 7.49 33.91 -43.25
N ARG B 728 7.77 34.16 -44.53
CA ARG B 728 9.13 34.50 -44.94
C ARG B 728 9.62 35.75 -44.24
N ASP B 729 8.77 36.77 -44.11
CA ASP B 729 9.19 38.03 -43.51
C ASP B 729 9.45 37.88 -42.03
N MET B 730 8.60 37.14 -41.32
CA MET B 730 8.79 36.97 -39.88
C MET B 730 10.12 36.30 -39.59
N HIS B 731 10.49 35.30 -40.38
CA HIS B 731 11.72 34.58 -40.12
C HIS B 731 12.95 35.46 -40.34
N THR B 732 12.98 36.18 -41.46
CA THR B 732 14.19 36.94 -41.80
C THR B 732 14.43 38.05 -40.80
N HIS B 733 13.41 38.43 -40.03
CA HIS B 733 13.60 39.34 -38.92
C HIS B 733 14.01 38.60 -37.65
N MET B 734 13.85 37.29 -37.62
CA MET B 734 14.03 36.51 -36.40
C MET B 734 15.42 35.91 -36.26
N VAL B 735 16.45 36.53 -36.86
CA VAL B 735 17.80 36.05 -36.64
C VAL B 735 18.40 36.70 -35.40
N LYS B 736 17.74 37.74 -34.89
CA LYS B 736 18.08 38.28 -33.58
C LYS B 736 17.23 37.58 -32.53
N PHE B 737 17.84 36.68 -31.76
CA PHE B 737 17.07 35.78 -30.93
C PHE B 737 17.82 35.49 -29.64
N ASN B 738 17.25 34.56 -28.87
CA ASN B 738 17.91 34.02 -27.70
C ASN B 738 18.36 32.59 -27.99
N GLN B 739 19.46 32.17 -27.38
CA GLN B 739 20.07 30.89 -27.72
C GLN B 739 20.38 30.07 -26.49
N ARG B 740 19.80 30.44 -25.35
CA ARG B 740 20.08 29.64 -24.12
C ARG B 740 18.76 29.02 -23.65
N SER B 741 17.90 28.79 -24.63
CA SER B 741 16.58 28.13 -24.48
C SER B 741 15.71 28.84 -23.44
N VAL B 742 15.00 28.03 -22.66
CA VAL B 742 14.03 28.62 -21.70
C VAL B 742 14.78 29.49 -20.69
N GLU B 743 15.95 29.07 -20.21
CA GLU B 743 16.59 29.93 -19.19
C GLU B 743 16.93 31.30 -19.76
N ASP B 744 17.52 31.33 -20.96
CA ASP B 744 17.89 32.65 -21.54
C ASP B 744 16.63 33.49 -21.72
N ALA B 745 15.59 32.87 -22.27
CA ALA B 745 14.39 33.66 -22.57
C ALA B 745 13.84 34.25 -21.27
N LEU B 746 13.73 33.43 -20.24
CA LEU B 746 13.12 33.93 -19.00
C LEU B 746 13.95 35.05 -18.38
N THR B 747 15.27 34.92 -18.27
CA THR B 747 15.95 36.07 -17.61
C THR B 747 15.87 37.31 -18.51
N SER B 748 16.09 37.11 -19.80
CA SER B 748 16.20 38.22 -20.77
C SER B 748 14.87 38.96 -20.83
N LEU B 749 13.83 38.34 -20.30
CA LEU B 749 12.52 38.98 -20.42
C LEU B 749 12.17 39.75 -19.17
N LYS B 750 12.66 39.29 -18.01
CA LYS B 750 12.48 40.06 -16.78
C LYS B 750 13.33 41.33 -16.81
N MET B 751 14.45 41.30 -17.53
CA MET B 751 15.38 42.42 -17.58
C MET B 751 15.30 43.21 -18.88
N GLY B 752 14.17 43.18 -19.58
CA GLY B 752 13.96 44.05 -20.71
C GLY B 752 14.86 43.82 -21.91
N LYS B 753 15.56 42.69 -21.98
CA LYS B 753 16.43 42.45 -23.14
C LYS B 753 15.60 42.14 -24.39
N LEU B 754 14.38 41.65 -24.20
CA LEU B 754 13.46 41.42 -25.32
C LEU B 754 12.03 41.58 -24.81
N ASP B 755 11.07 41.40 -25.71
CA ASP B 755 9.68 41.66 -25.36
C ASP B 755 8.71 40.55 -25.74
N ALA B 756 9.11 39.55 -26.50
CA ALA B 756 8.21 38.48 -26.87
C ALA B 756 8.99 37.19 -27.05
N PHE B 757 8.34 36.08 -26.77
CA PHE B 757 8.95 34.76 -26.84
C PHE B 757 7.96 33.80 -27.47
N ILE B 758 8.48 32.78 -28.15
CA ILE B 758 7.65 31.85 -28.92
C ILE B 758 8.27 30.47 -28.84
N TYR B 759 7.52 29.48 -28.35
CA TYR B 759 8.09 28.16 -28.14
C TYR B 759 6.95 27.15 -28.01
N ASP B 760 7.32 25.89 -27.81
CA ASP B 760 6.34 24.82 -27.65
C ASP B 760 5.41 25.13 -26.49
N ALA B 761 4.12 24.87 -26.70
CA ALA B 761 3.11 25.39 -25.79
C ALA B 761 3.15 24.74 -24.41
N ALA B 762 3.42 23.44 -24.34
CA ALA B 762 3.21 22.74 -23.08
C ALA B 762 4.30 23.00 -22.07
N VAL B 763 5.43 23.58 -22.47
CA VAL B 763 6.44 23.96 -21.50
C VAL B 763 6.34 25.43 -21.12
N LEU B 764 5.76 26.27 -21.97
CA LEU B 764 5.60 27.67 -21.64
C LEU B 764 4.56 27.87 -20.55
N ASN B 765 3.36 27.35 -20.74
CA ASN B 765 2.34 27.50 -19.71
C ASN B 765 2.61 26.59 -18.52
N TYR B 766 3.74 25.90 -18.51
CA TYR B 766 4.23 25.34 -17.26
C TYR B 766 5.21 26.27 -16.58
N MET B 767 6.28 26.65 -17.29
CA MET B 767 7.28 27.54 -16.71
C MET B 767 6.65 28.81 -16.16
N ALA B 768 5.63 29.33 -16.83
CA ALA B 768 4.90 30.46 -16.27
C ALA B 768 4.05 30.06 -15.08
N GLY B 769 3.88 28.75 -14.86
CA GLY B 769 3.10 28.30 -13.72
C GLY B 769 3.82 28.53 -12.40
N LYS B 770 5.09 28.15 -12.34
CA LYS B 770 5.93 28.40 -11.18
C LYS B 770 6.94 29.49 -11.54
N ASP B 771 6.80 30.64 -10.88
CA ASP B 771 7.68 31.78 -11.15
C ASP B 771 7.47 32.78 -10.03
N GLU B 772 8.57 33.28 -9.47
CA GLU B 772 8.50 34.18 -8.33
C GLU B 772 7.62 35.38 -8.62
N GLY B 773 6.65 35.62 -7.72
CA GLY B 773 5.80 36.79 -7.80
C GLY B 773 4.64 36.68 -8.77
N CYS B 774 4.59 35.63 -9.59
CA CYS B 774 3.55 35.49 -10.61
C CYS B 774 3.57 36.68 -11.57
N LYS B 775 4.70 36.84 -12.26
CA LYS B 775 4.92 38.00 -13.11
C LYS B 775 5.14 37.65 -14.57
N LEU B 776 4.43 36.65 -15.09
CA LEU B 776 4.49 36.29 -16.50
C LEU B 776 3.17 35.69 -16.93
N VAL B 777 2.87 35.77 -18.22
CA VAL B 777 1.64 35.23 -18.77
C VAL B 777 1.85 34.88 -20.23
N THR B 778 0.88 34.20 -20.82
CA THR B 778 0.86 33.90 -22.24
C THR B 778 -0.27 34.69 -22.90
N ILE B 779 0.07 35.48 -23.91
CA ILE B 779 -0.89 36.43 -24.48
C ILE B 779 -2.12 35.77 -25.06
N GLY B 780 -2.07 34.49 -25.36
CA GLY B 780 -3.25 33.86 -25.88
C GLY B 780 -4.35 33.64 -24.89
N SER B 781 -4.14 34.02 -23.63
CA SER B 781 -5.04 33.66 -22.54
C SER B 781 -5.30 32.16 -22.56
N GLY B 782 -4.27 31.41 -22.92
CA GLY B 782 -4.39 29.99 -23.14
C GLY B 782 -4.53 29.57 -24.58
N LYS B 783 -4.62 30.50 -25.51
CA LYS B 783 -4.75 30.15 -26.92
C LYS B 783 -3.51 29.42 -27.40
N VAL B 784 -3.68 28.57 -28.42
CA VAL B 784 -2.59 27.81 -29.01
C VAL B 784 -2.78 27.80 -30.51
N PHE B 785 -1.66 27.76 -31.23
CA PHE B 785 -1.68 27.84 -32.68
C PHE B 785 -1.00 26.62 -33.28
N ALA B 786 -1.55 26.13 -34.40
CA ALA B 786 -1.04 24.94 -35.07
C ALA B 786 -0.95 23.76 -34.11
N THR B 787 -2.06 23.45 -33.47
CA THR B 787 -2.05 22.54 -32.34
C THR B 787 -1.75 21.11 -32.78
N THR B 788 -0.72 20.53 -32.17
CA THR B 788 -0.41 19.09 -32.30
C THR B 788 -0.02 18.60 -30.92
N GLY B 789 0.54 17.39 -30.85
CA GLY B 789 0.83 16.79 -29.56
C GLY B 789 2.07 15.92 -29.61
N TYR B 790 2.56 15.58 -28.42
CA TYR B 790 3.73 14.74 -28.28
C TYR B 790 3.41 13.32 -28.70
N GLY B 791 4.44 12.49 -28.84
CA GLY B 791 4.27 11.12 -29.28
C GLY B 791 5.50 10.29 -28.97
N ILE B 792 5.48 9.06 -29.47
CA ILE B 792 6.55 8.10 -29.25
C ILE B 792 7.02 7.63 -30.60
N ALA B 793 8.17 8.12 -31.06
CA ALA B 793 8.65 7.83 -32.40
C ALA B 793 9.13 6.38 -32.46
N MET B 794 8.53 5.58 -33.31
CA MET B 794 8.94 4.20 -33.49
C MET B 794 9.32 3.95 -34.95
N GLN B 795 10.17 2.95 -35.17
CA GLN B 795 10.68 2.64 -36.49
C GLN B 795 9.55 2.41 -37.48
N LYS B 796 9.79 2.70 -38.75
CA LYS B 796 8.70 2.71 -39.73
C LYS B 796 8.28 1.30 -40.09
N ASP B 797 6.97 1.05 -40.00
CA ASP B 797 6.37 -0.25 -40.19
C ASP B 797 6.93 -1.29 -39.23
N SER B 798 6.91 -1.00 -37.93
CA SER B 798 7.29 -2.00 -36.96
C SER B 798 6.10 -2.89 -36.62
N HIS B 799 6.37 -3.91 -35.80
CA HIS B 799 5.27 -4.73 -35.29
C HIS B 799 4.92 -4.33 -33.87
N TRP B 800 5.70 -3.42 -33.29
CA TRP B 800 5.43 -2.97 -31.93
C TRP B 800 4.28 -1.98 -31.89
N LYS B 801 3.99 -1.33 -33.03
CA LYS B 801 3.13 -0.16 -32.99
C LYS B 801 1.75 -0.47 -32.45
N ARG B 802 1.06 -1.45 -33.01
CA ARG B 802 -0.33 -1.67 -32.64
C ARG B 802 -0.48 -2.00 -31.16
N ALA B 803 0.56 -2.55 -30.55
CA ALA B 803 0.45 -2.88 -29.14
C ALA B 803 0.43 -1.63 -28.28
N ILE B 804 1.51 -0.84 -28.30
CA ILE B 804 1.57 0.31 -27.40
C ILE B 804 0.68 1.42 -27.90
N ASP B 805 0.08 1.25 -29.06
CA ASP B 805 -0.93 2.21 -29.50
C ASP B 805 -2.23 1.98 -28.75
N LEU B 806 -2.46 0.76 -28.29
CA LEU B 806 -3.68 0.49 -27.54
C LEU B 806 -3.46 0.62 -26.05
N ALA B 807 -2.22 0.49 -25.59
CA ALA B 807 -1.95 0.66 -24.17
C ALA B 807 -1.88 2.14 -23.80
N LEU B 808 -1.74 3.02 -24.79
CA LEU B 808 -1.87 4.44 -24.51
C LEU B 808 -3.34 4.83 -24.38
N LEU B 809 -4.14 4.52 -25.40
CA LEU B 809 -5.56 4.87 -25.35
C LEU B 809 -6.23 4.25 -24.14
N GLN B 810 -5.57 3.31 -23.48
CA GLN B 810 -6.08 2.78 -22.23
C GLN B 810 -5.87 3.76 -21.10
N PHE B 811 -4.72 4.42 -21.07
CA PHE B 811 -4.39 5.28 -19.94
C PHE B 811 -5.24 6.54 -19.93
N LEU B 812 -5.25 7.28 -21.05
CA LEU B 812 -6.08 8.48 -21.12
C LEU B 812 -7.54 8.16 -20.87
N GLY B 813 -7.98 7.00 -21.33
CA GLY B 813 -9.39 6.67 -21.23
C GLY B 813 -9.80 6.18 -19.84
N ASP B 814 -8.87 6.20 -18.90
CA ASP B 814 -9.19 5.80 -17.54
C ASP B 814 -8.72 6.80 -16.49
N GLY B 815 -8.25 7.97 -16.91
CA GLY B 815 -7.83 8.96 -15.95
C GLY B 815 -6.59 8.63 -15.17
N GLU B 816 -5.89 7.55 -15.51
CA GLU B 816 -4.63 7.27 -14.84
C GLU B 816 -3.55 8.25 -15.25
N THR B 817 -3.70 8.88 -16.42
CA THR B 817 -2.77 9.93 -16.80
C THR B 817 -3.06 11.21 -16.04
N GLN B 818 -4.22 11.30 -15.39
CA GLN B 818 -4.52 12.50 -14.63
C GLN B 818 -3.78 12.50 -13.30
N LYS B 819 -3.47 11.32 -12.76
CA LYS B 819 -2.68 11.26 -11.56
C LYS B 819 -1.28 11.80 -11.79
N LEU B 820 -0.72 11.53 -12.96
CA LEU B 820 0.62 12.05 -13.25
C LEU B 820 0.59 13.56 -13.46
N GLU B 821 -0.35 14.05 -14.25
CA GLU B 821 -0.35 15.45 -14.64
C GLU B 821 -0.44 16.36 -13.43
N THR B 822 -1.00 15.87 -12.33
CA THR B 822 -1.13 16.71 -11.15
C THR B 822 0.03 16.51 -10.19
N VAL B 823 1.04 15.74 -10.59
CA VAL B 823 2.20 15.55 -9.73
C VAL B 823 3.40 16.30 -10.29
N TRP B 824 3.56 16.32 -11.61
CA TRP B 824 4.72 16.92 -12.24
C TRP B 824 4.44 18.24 -12.94
N LEU B 825 3.18 18.54 -13.27
CA LEU B 825 2.81 19.82 -13.87
C LEU B 825 1.86 20.53 -12.91
N SER B 826 2.42 21.26 -11.95
CA SER B 826 1.64 21.92 -10.92
C SER B 826 2.30 23.24 -10.58
N GLY B 827 1.50 24.29 -10.51
CA GLY B 827 2.04 25.60 -10.18
C GLY B 827 1.29 26.30 -9.08
N ILE B 828 1.97 27.20 -8.37
CA ILE B 828 1.29 28.09 -7.44
C ILE B 828 0.46 29.11 -8.19
N CYS B 829 1.05 29.75 -9.20
CA CYS B 829 0.43 30.89 -9.86
C CYS B 829 -0.78 30.46 -10.68
N GLN B 830 -1.03 29.16 -10.75
CA GLN B 830 -2.09 28.64 -11.61
C GLN B 830 -3.44 29.27 -11.33
N ASN B 831 -3.94 29.10 -10.10
CA ASN B 831 -5.31 29.49 -9.78
C ASN B 831 -5.32 30.85 -9.10
N GLU B 832 -4.78 31.86 -9.79
CA GLU B 832 -4.70 33.20 -9.21
C GLU B 832 -4.51 34.28 -10.26
N LYS B 833 -5.14 35.43 -10.03
CA LYS B 833 -4.94 36.62 -10.85
C LYS B 833 -5.53 37.81 -10.10
N ASN B 834 -4.70 38.82 -9.89
CA ASN B 834 -5.11 40.01 -9.15
C ASN B 834 -4.26 41.19 -9.58
N GLU B 835 -4.80 42.04 -10.44
CA GLU B 835 -4.08 43.23 -10.87
C GLU B 835 -3.76 44.11 -9.67
N VAL B 836 -2.59 44.76 -9.71
CA VAL B 836 -2.20 45.63 -8.61
C VAL B 836 -3.07 46.89 -8.60
N MET B 837 -3.31 47.47 -9.77
CA MET B 837 -4.16 48.64 -9.91
C MET B 837 -4.34 48.98 -11.39
N SER B 838 -5.14 49.99 -11.67
CA SER B 838 -5.29 50.57 -12.99
C SER B 838 -5.29 52.09 -12.78
N SER B 839 -4.30 52.56 -12.01
CA SER B 839 -4.32 53.84 -11.32
C SER B 839 -5.02 54.93 -12.11
N LYS B 840 -5.98 55.61 -11.49
CA LYS B 840 -6.84 56.54 -12.22
C LYS B 840 -6.05 57.75 -12.70
N LEU B 841 -4.75 57.76 -12.45
CA LEU B 841 -3.88 58.83 -12.96
C LEU B 841 -3.63 58.60 -14.44
N ASP B 842 -4.71 58.58 -15.22
CA ASP B 842 -4.67 58.27 -16.64
C ASP B 842 -5.99 58.69 -17.26
N ILE B 843 -5.91 59.44 -18.36
CA ILE B 843 -7.07 60.05 -18.99
C ILE B 843 -7.69 59.00 -19.91
N ASP B 844 -8.58 58.18 -19.36
CA ASP B 844 -9.34 57.25 -20.19
C ASP B 844 -10.85 57.38 -20.06
N ASN B 845 -11.40 57.56 -18.86
CA ASN B 845 -12.83 57.82 -18.69
C ASN B 845 -13.08 59.22 -18.19
N MET B 846 -12.21 59.75 -17.33
CA MET B 846 -12.34 61.15 -16.93
C MET B 846 -12.21 62.08 -18.11
N ALA B 847 -11.48 61.66 -19.14
CA ALA B 847 -11.50 62.39 -20.41
C ALA B 847 -12.86 62.31 -21.06
N GLY B 848 -13.43 61.10 -21.12
CA GLY B 848 -14.77 60.95 -21.68
C GLY B 848 -15.79 61.84 -20.99
N VAL B 849 -15.51 62.22 -19.74
CA VAL B 849 -16.35 63.20 -19.06
C VAL B 849 -15.83 64.61 -19.31
N PHE B 850 -14.52 64.74 -19.54
CA PHE B 850 -13.91 66.06 -19.66
C PHE B 850 -14.51 66.85 -20.81
N TYR B 851 -14.49 66.29 -22.02
CA TYR B 851 -14.98 67.03 -23.17
C TYR B 851 -16.50 67.06 -23.24
N MET B 852 -17.19 66.24 -22.46
CA MET B 852 -18.63 66.42 -22.29
C MET B 852 -18.93 67.76 -21.65
N LEU B 853 -18.01 68.25 -20.81
CA LEU B 853 -18.17 69.55 -20.19
C LEU B 853 -18.20 70.67 -21.23
N LEU B 854 -17.28 70.62 -22.20
CA LEU B 854 -17.25 71.64 -23.25
C LEU B 854 -18.48 71.55 -24.14
N VAL B 855 -19.03 70.35 -24.31
CA VAL B 855 -20.31 70.21 -25.00
C VAL B 855 -21.38 71.04 -24.32
N ALA B 856 -21.61 70.80 -23.03
CA ALA B 856 -22.57 71.60 -22.30
C ALA B 856 -22.08 73.04 -22.13
N MET B 857 -20.76 73.24 -21.99
CA MET B 857 -20.23 74.60 -21.91
C MET B 857 -20.57 75.41 -23.15
N GLY B 858 -20.62 74.74 -24.30
CA GLY B 858 -21.06 75.42 -25.51
C GLY B 858 -22.55 75.71 -25.54
N LEU B 859 -23.32 74.99 -24.71
CA LEU B 859 -24.77 75.17 -24.73
C LEU B 859 -25.17 76.50 -24.11
N ALA B 860 -24.22 77.20 -23.48
CA ALA B 860 -24.52 78.53 -22.96
C ALA B 860 -24.20 79.61 -23.99
N LEU B 861 -23.03 79.51 -24.65
CA LEU B 861 -22.67 80.46 -25.68
C LEU B 861 -23.72 80.48 -26.79
N LEU B 862 -24.14 79.30 -27.25
CA LEU B 862 -25.20 79.22 -28.24
C LEU B 862 -26.50 79.81 -27.70
N VAL B 863 -26.73 79.72 -26.39
CA VAL B 863 -27.94 80.27 -25.82
C VAL B 863 -27.82 81.78 -25.64
N PHE B 864 -26.63 82.34 -25.81
CA PHE B 864 -26.46 83.79 -25.68
C PHE B 864 -27.13 84.52 -26.84
N ALA B 865 -27.43 83.82 -27.93
CA ALA B 865 -28.05 84.45 -29.09
C ALA B 865 -29.56 84.26 -29.08
N TRP B 866 -30.03 83.03 -28.88
CA TRP B 866 -31.46 82.77 -28.86
C TRP B 866 -32.14 83.40 -27.66
N GLU B 867 -31.35 83.84 -26.66
CA GLU B 867 -31.91 84.66 -25.59
C GLU B 867 -31.77 86.14 -25.92
N HIS B 868 -30.87 86.48 -26.83
CA HIS B 868 -30.69 87.88 -27.20
C HIS B 868 -31.45 88.24 -28.47
N LEU B 869 -31.43 87.35 -29.47
CA LEU B 869 -32.14 87.66 -30.71
C LEU B 869 -33.65 87.64 -30.51
N VAL B 870 -34.15 86.63 -29.80
CA VAL B 870 -35.58 86.60 -29.48
C VAL B 870 -35.92 87.59 -28.37
N TYR B 871 -34.92 88.32 -27.84
CA TYR B 871 -35.20 89.41 -26.92
C TYR B 871 -35.64 90.65 -27.68
N TRP B 872 -35.12 90.84 -28.89
CA TRP B 872 -35.50 91.96 -29.74
C TRP B 872 -36.00 91.47 -31.10
N LYS C 25 -5.91 -70.74 -41.55
CA LYS C 25 -7.31 -70.46 -41.82
C LYS C 25 -7.47 -69.74 -43.14
N ILE C 26 -8.64 -69.89 -43.76
CA ILE C 26 -8.94 -69.28 -45.05
C ILE C 26 -9.60 -67.93 -44.76
N VAL C 27 -8.89 -66.86 -45.09
CA VAL C 27 -9.43 -65.50 -45.00
C VAL C 27 -9.96 -65.11 -46.37
N ASN C 28 -11.20 -64.65 -46.42
CA ASN C 28 -11.87 -64.34 -47.66
C ASN C 28 -12.15 -62.85 -47.74
N ILE C 29 -11.80 -62.24 -48.88
CA ILE C 29 -12.19 -60.87 -49.17
C ILE C 29 -12.76 -60.84 -50.58
N GLY C 30 -13.62 -59.86 -50.83
CA GLY C 30 -14.30 -59.75 -52.11
C GLY C 30 -14.11 -58.37 -52.68
N ALA C 31 -14.84 -58.09 -53.76
CA ALA C 31 -14.75 -56.80 -54.43
C ALA C 31 -15.79 -56.72 -55.53
N VAL C 32 -16.09 -55.49 -55.94
CA VAL C 32 -17.00 -55.21 -57.04
C VAL C 32 -16.25 -54.35 -58.05
N LEU C 33 -16.18 -54.81 -59.29
CA LEU C 33 -15.45 -54.09 -60.33
C LEU C 33 -16.29 -54.06 -61.61
N SER C 34 -15.66 -53.68 -62.71
CA SER C 34 -16.40 -53.23 -63.89
C SER C 34 -16.19 -54.10 -65.13
N THR C 35 -14.95 -54.44 -65.48
CA THR C 35 -14.65 -54.94 -66.81
C THR C 35 -14.40 -56.44 -66.91
N ARG C 36 -14.15 -57.13 -65.80
CA ARG C 36 -13.78 -58.54 -65.70
C ARG C 36 -12.35 -58.77 -66.15
N LYS C 37 -11.67 -57.79 -66.71
CA LYS C 37 -10.22 -57.90 -66.90
C LYS C 37 -9.49 -57.35 -65.68
N HIS C 38 -10.02 -56.28 -65.10
CA HIS C 38 -9.52 -55.80 -63.83
C HIS C 38 -9.77 -56.83 -62.73
N GLU C 39 -10.79 -57.67 -62.90
CA GLU C 39 -10.99 -58.77 -61.96
C GLU C 39 -9.81 -59.71 -61.98
N GLN C 40 -9.33 -60.06 -63.18
CA GLN C 40 -8.15 -60.90 -63.28
C GLN C 40 -6.91 -60.17 -62.77
N MET C 41 -6.82 -58.86 -63.01
CA MET C 41 -5.73 -58.08 -62.41
C MET C 41 -5.76 -58.19 -60.89
N PHE C 42 -6.94 -58.10 -60.30
CA PHE C 42 -7.11 -58.22 -58.86
C PHE C 42 -6.72 -59.60 -58.37
N ARG C 43 -7.10 -60.65 -59.09
CA ARG C 43 -6.71 -62.00 -58.68
C ARG C 43 -5.21 -62.19 -58.75
N GLU C 44 -4.59 -61.74 -59.84
CA GLU C 44 -3.14 -61.83 -59.93
C GLU C 44 -2.47 -61.04 -58.82
N ALA C 45 -3.06 -59.90 -58.43
CA ALA C 45 -2.45 -59.08 -57.39
C ALA C 45 -2.58 -59.73 -56.02
N VAL C 46 -3.73 -60.32 -55.72
CA VAL C 46 -3.84 -61.02 -54.44
C VAL C 46 -2.94 -62.25 -54.43
N ASN C 47 -2.69 -62.88 -55.59
CA ASN C 47 -1.73 -63.98 -55.62
C ASN C 47 -0.32 -63.50 -55.32
N GLN C 48 0.12 -62.46 -56.02
CA GLN C 48 1.46 -61.91 -55.76
C GLN C 48 1.57 -61.39 -54.33
N ALA C 49 0.45 -61.03 -53.71
CA ALA C 49 0.48 -60.63 -52.30
C ALA C 49 0.58 -61.85 -51.39
N ASN C 50 -0.01 -62.97 -51.79
CA ASN C 50 0.20 -64.23 -51.07
C ASN C 50 1.68 -64.60 -51.10
N LYS C 51 2.26 -64.68 -52.30
CA LYS C 51 3.66 -65.09 -52.42
C LYS C 51 4.61 -64.07 -51.82
N ARG C 52 4.11 -62.92 -51.38
CA ARG C 52 4.95 -61.87 -50.83
C ARG C 52 5.35 -62.15 -49.39
N HIS C 53 4.38 -62.20 -48.49
CA HIS C 53 4.63 -62.47 -47.08
C HIS C 53 3.84 -63.65 -46.56
N GLY C 54 3.10 -64.35 -47.44
CA GLY C 54 2.26 -65.43 -46.97
C GLY C 54 3.05 -66.56 -46.33
N SER C 55 2.34 -67.40 -45.59
CA SER C 55 2.94 -68.55 -44.94
C SER C 55 1.82 -69.57 -44.69
N TRP C 56 2.11 -70.57 -43.85
CA TRP C 56 1.15 -71.61 -43.52
C TRP C 56 0.13 -71.17 -42.47
N LYS C 57 0.18 -69.92 -42.03
CA LYS C 57 -0.75 -69.46 -41.00
C LYS C 57 -2.15 -69.30 -41.57
N ILE C 58 -2.31 -68.42 -42.56
CA ILE C 58 -3.62 -68.08 -43.11
C ILE C 58 -3.48 -67.65 -44.56
N GLN C 59 -4.34 -68.20 -45.40
CA GLN C 59 -4.35 -67.91 -46.83
C GLN C 59 -5.51 -66.97 -47.16
N LEU C 60 -5.42 -66.36 -48.35
CA LEU C 60 -6.41 -65.40 -48.80
C LEU C 60 -7.11 -65.91 -50.05
N ASN C 61 -8.11 -65.17 -50.49
CA ASN C 61 -8.96 -65.58 -51.60
C ASN C 61 -9.52 -64.33 -52.29
N ALA C 62 -10.51 -64.52 -53.15
CA ALA C 62 -11.10 -63.41 -53.87
C ALA C 62 -12.46 -63.80 -54.42
N THR C 63 -13.31 -62.78 -54.62
CA THR C 63 -14.63 -62.95 -55.22
C THR C 63 -15.02 -61.62 -55.85
N SER C 64 -15.63 -61.66 -57.03
CA SER C 64 -15.90 -60.44 -57.78
C SER C 64 -17.29 -60.48 -58.38
N VAL C 65 -17.86 -59.30 -58.60
CA VAL C 65 -19.16 -59.14 -59.25
C VAL C 65 -18.99 -58.04 -60.29
N THR C 66 -20.08 -57.65 -60.95
CA THR C 66 -20.10 -56.51 -61.87
C THR C 66 -21.33 -55.66 -61.59
N HIS C 67 -21.29 -54.42 -62.06
CA HIS C 67 -22.39 -53.50 -61.84
C HIS C 67 -23.65 -53.96 -62.55
N LYS C 68 -24.71 -53.22 -62.34
CA LYS C 68 -25.98 -53.34 -63.03
C LYS C 68 -26.67 -51.99 -63.02
N PRO C 69 -27.58 -51.73 -63.95
CA PRO C 69 -28.22 -50.41 -63.98
C PRO C 69 -29.04 -50.07 -62.75
N ASN C 70 -30.00 -50.91 -62.37
CA ASN C 70 -30.90 -50.61 -61.25
C ASN C 70 -30.16 -50.92 -59.95
N ALA C 71 -29.94 -49.87 -59.14
CA ALA C 71 -29.13 -50.03 -57.94
C ALA C 71 -29.72 -51.05 -56.99
N ILE C 72 -31.04 -51.17 -56.96
CA ILE C 72 -31.68 -52.15 -56.09
C ILE C 72 -31.21 -53.56 -56.45
N GLN C 73 -31.17 -53.86 -57.75
CA GLN C 73 -30.61 -55.13 -58.20
C GLN C 73 -29.19 -55.29 -57.69
N MET C 74 -28.45 -54.19 -57.58
CA MET C 74 -27.07 -54.29 -57.09
C MET C 74 -27.02 -54.60 -55.62
N ALA C 75 -27.95 -54.04 -54.83
CA ALA C 75 -27.98 -54.36 -53.41
C ALA C 75 -28.31 -55.84 -53.20
N LEU C 76 -29.23 -56.37 -54.00
CA LEU C 76 -29.54 -57.79 -53.88
C LEU C 76 -28.37 -58.65 -54.35
N SER C 77 -27.70 -58.24 -55.42
CA SER C 77 -26.51 -58.96 -55.85
C SER C 77 -25.42 -58.90 -54.80
N VAL C 78 -25.38 -57.84 -54.01
CA VAL C 78 -24.36 -57.75 -52.96
C VAL C 78 -24.71 -58.66 -51.79
N CYS C 79 -25.99 -58.81 -51.47
CA CYS C 79 -26.32 -59.89 -50.53
C CYS C 79 -25.97 -61.26 -51.10
N GLU C 80 -26.08 -61.46 -52.41
CA GLU C 80 -25.65 -62.75 -52.97
C GLU C 80 -24.15 -62.93 -52.83
N ASP C 81 -23.38 -61.92 -53.23
CA ASP C 81 -21.95 -61.89 -52.96
C ASP C 81 -21.62 -62.22 -51.51
N LEU C 82 -22.35 -61.62 -50.58
CA LEU C 82 -22.05 -61.80 -49.16
C LEU C 82 -22.44 -63.19 -48.66
N ILE C 83 -23.60 -63.72 -49.04
CA ILE C 83 -23.93 -65.07 -48.62
C ILE C 83 -22.93 -66.06 -49.21
N SER C 84 -22.37 -65.76 -50.38
CA SER C 84 -21.42 -66.66 -51.00
C SER C 84 -20.05 -66.64 -50.34
N SER C 85 -19.84 -65.81 -49.32
CA SER C 85 -18.52 -65.75 -48.69
C SER C 85 -18.58 -65.02 -47.37
N GLN C 86 -17.87 -65.55 -46.38
CA GLN C 86 -17.71 -64.85 -45.11
C GLN C 86 -16.76 -63.69 -45.34
N VAL C 87 -17.28 -62.64 -45.98
CA VAL C 87 -16.45 -61.56 -46.47
C VAL C 87 -15.82 -60.79 -45.31
N TYR C 88 -14.58 -60.32 -45.51
CA TYR C 88 -13.88 -59.51 -44.53
C TYR C 88 -13.65 -58.08 -44.96
N ALA C 89 -13.90 -57.77 -46.23
CA ALA C 89 -13.71 -56.42 -46.77
C ALA C 89 -14.19 -56.41 -48.21
N ILE C 90 -14.49 -55.22 -48.73
CA ILE C 90 -15.00 -55.06 -50.08
C ILE C 90 -14.23 -53.95 -50.77
N LEU C 91 -14.24 -53.96 -52.10
CA LEU C 91 -13.68 -52.90 -52.92
C LEU C 91 -14.69 -52.52 -53.99
N VAL C 92 -14.69 -51.26 -54.40
CA VAL C 92 -15.72 -50.72 -55.28
C VAL C 92 -15.10 -49.69 -56.22
N SER C 93 -15.60 -49.63 -57.45
CA SER C 93 -15.11 -48.71 -58.45
C SER C 93 -16.27 -48.29 -59.37
N HIS C 94 -16.08 -47.18 -60.08
CA HIS C 94 -17.16 -46.69 -60.93
C HIS C 94 -16.72 -46.29 -62.33
N PRO C 95 -15.95 -47.11 -63.05
CA PRO C 95 -15.38 -46.68 -64.32
C PRO C 95 -16.43 -46.16 -65.30
N PRO C 96 -17.58 -46.81 -65.46
CA PRO C 96 -18.63 -46.18 -66.27
C PRO C 96 -19.48 -45.28 -65.39
N THR C 97 -19.58 -44.01 -65.79
CA THR C 97 -20.19 -43.02 -64.91
C THR C 97 -21.41 -42.32 -65.51
N PRO C 98 -22.47 -43.03 -65.88
CA PRO C 98 -23.75 -42.34 -66.09
C PRO C 98 -24.23 -41.60 -64.85
N ASN C 99 -23.85 -42.08 -63.67
CA ASN C 99 -24.10 -41.40 -62.41
C ASN C 99 -22.85 -41.53 -61.55
N ASP C 100 -21.96 -40.54 -61.63
CA ASP C 100 -20.75 -40.53 -60.83
C ASP C 100 -21.05 -40.56 -59.34
N HIS C 101 -22.30 -40.35 -58.95
CA HIS C 101 -22.67 -40.22 -57.55
C HIS C 101 -23.31 -41.48 -57.01
N PHE C 102 -24.36 -41.96 -57.67
CA PHE C 102 -25.17 -43.04 -57.13
C PHE C 102 -24.62 -44.42 -57.47
N THR C 103 -23.38 -44.52 -57.91
CA THR C 103 -22.83 -45.83 -58.18
C THR C 103 -22.32 -46.52 -56.92
N PRO C 104 -21.52 -45.87 -56.07
CA PRO C 104 -20.96 -46.58 -54.91
C PRO C 104 -21.81 -46.49 -53.67
N THR C 105 -23.05 -46.02 -53.78
CA THR C 105 -23.84 -45.95 -52.55
C THR C 105 -24.38 -47.30 -52.10
N PRO C 106 -25.12 -48.06 -52.92
CA PRO C 106 -25.85 -49.20 -52.36
C PRO C 106 -24.97 -50.23 -51.69
N VAL C 107 -23.74 -50.41 -52.15
CA VAL C 107 -22.87 -51.32 -51.43
C VAL C 107 -22.57 -50.76 -50.05
N SER C 108 -22.52 -49.44 -49.90
CA SER C 108 -22.17 -48.87 -48.60
C SER C 108 -23.29 -49.06 -47.58
N TYR C 109 -24.53 -48.80 -47.98
CA TYR C 109 -25.64 -49.09 -47.08
C TYR C 109 -25.75 -50.57 -46.78
N THR C 110 -25.58 -51.42 -47.80
CA THR C 110 -25.80 -52.83 -47.60
C THR C 110 -24.70 -53.46 -46.74
N ALA C 111 -23.48 -52.92 -46.81
CA ALA C 111 -22.42 -53.52 -46.01
C ALA C 111 -22.27 -52.85 -44.65
N GLY C 112 -22.48 -51.54 -44.56
CA GLY C 112 -22.38 -50.85 -43.28
C GLY C 112 -23.36 -51.35 -42.26
N PHE C 113 -24.46 -51.96 -42.71
CA PHE C 113 -25.39 -52.56 -41.77
C PHE C 113 -24.70 -53.56 -40.86
N TYR C 114 -23.70 -54.27 -41.37
CA TYR C 114 -22.94 -55.22 -40.57
C TYR C 114 -21.53 -54.73 -40.25
N ARG C 115 -21.25 -53.44 -40.45
CA ARG C 115 -19.94 -52.86 -40.18
C ARG C 115 -18.83 -53.48 -41.02
N ILE C 116 -19.20 -54.14 -42.12
CA ILE C 116 -18.23 -54.73 -43.03
C ILE C 116 -17.41 -53.61 -43.66
N PRO C 117 -16.14 -53.45 -43.30
CA PRO C 117 -15.38 -52.27 -43.75
C PRO C 117 -15.18 -52.31 -45.25
N VAL C 118 -15.82 -51.38 -45.95
CA VAL C 118 -15.74 -51.28 -47.40
C VAL C 118 -14.74 -50.20 -47.77
N LEU C 119 -13.83 -50.53 -48.68
CA LEU C 119 -12.90 -49.56 -49.24
C LEU C 119 -13.43 -49.10 -50.59
N GLY C 120 -13.32 -47.80 -50.85
CA GLY C 120 -13.63 -47.25 -52.14
C GLY C 120 -12.39 -46.63 -52.73
N LEU C 121 -12.07 -46.96 -53.98
CA LEU C 121 -10.76 -46.58 -54.49
C LEU C 121 -10.87 -45.45 -55.51
N THR C 122 -12.01 -45.33 -56.18
CA THR C 122 -12.21 -44.25 -57.13
C THR C 122 -13.60 -43.64 -56.98
N THR C 123 -13.69 -42.59 -56.19
CA THR C 123 -14.89 -41.76 -56.11
C THR C 123 -14.53 -40.53 -55.30
N ARG C 124 -14.96 -39.37 -55.79
CA ARG C 124 -14.49 -38.13 -55.22
C ARG C 124 -15.55 -37.27 -54.58
N MET C 125 -16.82 -37.67 -54.61
CA MET C 125 -17.85 -36.88 -53.97
C MET C 125 -17.53 -36.68 -52.49
N SER C 126 -18.03 -35.60 -51.92
CA SER C 126 -17.68 -35.25 -50.56
C SER C 126 -18.67 -35.78 -49.53
N ILE C 127 -19.80 -36.32 -49.97
CA ILE C 127 -20.80 -36.80 -49.00
C ILE C 127 -20.32 -38.05 -48.29
N TYR C 128 -19.50 -38.88 -48.93
CA TYR C 128 -19.09 -40.12 -48.28
C TYR C 128 -18.10 -39.91 -47.16
N SER C 129 -17.80 -38.66 -46.79
CA SER C 129 -16.90 -38.42 -45.69
C SER C 129 -17.61 -38.23 -44.37
N ASP C 130 -18.87 -37.80 -44.40
CA ASP C 130 -19.64 -37.56 -43.18
C ASP C 130 -19.97 -38.90 -42.55
N LYS C 131 -19.22 -39.28 -41.52
CA LYS C 131 -19.26 -40.66 -41.04
C LYS C 131 -20.56 -40.99 -40.31
N SER C 132 -21.35 -39.98 -39.97
CA SER C 132 -22.60 -40.28 -39.28
C SER C 132 -23.58 -41.02 -40.19
N ILE C 133 -23.46 -40.85 -41.50
CA ILE C 133 -24.39 -41.47 -42.43
C ILE C 133 -23.88 -42.82 -42.90
N HIS C 134 -22.64 -42.87 -43.39
CA HIS C 134 -22.01 -44.10 -43.84
C HIS C 134 -21.08 -44.58 -42.74
N LEU C 135 -21.51 -45.56 -41.97
CA LEU C 135 -20.82 -45.91 -40.73
C LEU C 135 -19.38 -46.32 -40.97
N SER C 136 -19.08 -46.92 -42.11
CA SER C 136 -17.76 -47.44 -42.39
C SER C 136 -17.46 -47.29 -43.87
N PHE C 137 -16.43 -46.50 -44.19
CA PHE C 137 -16.07 -46.23 -45.57
C PHE C 137 -14.72 -45.56 -45.57
N LEU C 138 -13.86 -46.01 -46.51
CA LEU C 138 -12.52 -45.44 -46.62
C LEU C 138 -12.25 -45.15 -48.08
N ARG C 139 -11.09 -44.54 -48.34
CA ARG C 139 -10.73 -44.15 -49.69
C ARG C 139 -9.24 -44.31 -49.90
N THR C 140 -8.84 -44.26 -51.16
CA THR C 140 -7.45 -44.12 -51.52
C THR C 140 -7.19 -42.93 -52.43
N VAL C 141 -8.06 -41.93 -52.41
CA VAL C 141 -7.88 -40.71 -53.18
C VAL C 141 -8.61 -39.58 -52.46
N PRO C 142 -7.98 -38.44 -52.21
CA PRO C 142 -8.63 -37.40 -51.44
C PRO C 142 -9.76 -36.75 -52.23
N PRO C 143 -10.76 -36.22 -51.56
CA PRO C 143 -11.94 -35.74 -52.26
C PRO C 143 -11.83 -34.30 -52.73
N TYR C 144 -12.90 -33.80 -53.36
CA TYR C 144 -12.88 -32.45 -53.90
C TYR C 144 -12.77 -31.38 -52.83
N SER C 145 -13.12 -31.70 -51.58
CA SER C 145 -13.03 -30.69 -50.54
C SER C 145 -11.58 -30.37 -50.18
N HIS C 146 -10.74 -31.39 -50.05
CA HIS C 146 -9.34 -31.19 -49.71
C HIS C 146 -8.58 -30.42 -50.77
N GLN C 147 -9.23 -30.03 -51.86
CA GLN C 147 -8.56 -29.33 -52.94
C GLN C 147 -8.09 -27.94 -52.55
N SER C 148 -8.82 -27.23 -51.70
CA SER C 148 -8.55 -25.82 -51.48
C SER C 148 -7.24 -25.58 -50.74
N SER C 149 -6.61 -26.61 -50.20
CA SER C 149 -5.31 -26.41 -49.59
C SER C 149 -4.32 -25.86 -50.59
N VAL C 150 -4.30 -26.39 -51.82
CA VAL C 150 -3.36 -25.88 -52.79
C VAL C 150 -3.74 -24.48 -53.25
N TRP C 151 -5.03 -24.14 -53.26
CA TRP C 151 -5.41 -22.77 -53.55
C TRP C 151 -4.85 -21.82 -52.52
N PHE C 152 -5.02 -22.14 -51.24
CA PHE C 152 -4.51 -21.25 -50.20
C PHE C 152 -2.99 -21.19 -50.23
N GLU C 153 -2.34 -22.30 -50.56
CA GLU C 153 -0.87 -22.28 -50.62
C GLU C 153 -0.37 -21.44 -51.77
N MET C 154 -1.03 -21.52 -52.93
CA MET C 154 -0.68 -20.64 -54.02
C MET C 154 -0.91 -19.19 -53.64
N MET C 155 -2.00 -18.91 -52.92
CA MET C 155 -2.22 -17.55 -52.43
C MET C 155 -1.08 -17.08 -51.55
N ARG C 156 -0.56 -17.97 -50.70
CA ARG C 156 0.56 -17.58 -49.84
C ARG C 156 1.82 -17.32 -50.64
N VAL C 157 2.12 -18.20 -51.61
CA VAL C 157 3.37 -18.08 -52.35
C VAL C 157 3.36 -16.82 -53.22
N TYR C 158 2.34 -16.68 -54.06
CA TYR C 158 2.30 -15.60 -55.03
C TYR C 158 1.88 -14.26 -54.42
N SER C 159 1.53 -14.25 -53.14
CA SER C 159 1.10 -13.04 -52.43
C SER C 159 -0.13 -12.39 -53.08
N TRP C 160 -1.21 -13.13 -53.21
CA TRP C 160 -2.53 -12.56 -53.51
C TRP C 160 -3.30 -12.49 -52.20
N ASN C 161 -4.02 -11.40 -51.96
CA ASN C 161 -4.60 -11.18 -50.65
C ASN C 161 -6.05 -10.69 -50.70
N HIS C 162 -6.63 -10.56 -51.89
CA HIS C 162 -8.02 -10.12 -52.02
C HIS C 162 -8.67 -10.99 -53.09
N ILE C 163 -9.45 -11.97 -52.67
CA ILE C 163 -9.97 -12.98 -53.58
C ILE C 163 -11.48 -12.99 -53.54
N ILE C 164 -12.09 -13.19 -54.71
CA ILE C 164 -13.52 -13.43 -54.82
C ILE C 164 -13.72 -14.92 -54.95
N LEU C 165 -14.66 -15.46 -54.20
CA LEU C 165 -14.97 -16.87 -54.23
C LEU C 165 -16.25 -17.03 -55.02
N LEU C 166 -16.49 -18.21 -55.58
CA LEU C 166 -17.67 -18.45 -56.38
C LEU C 166 -18.00 -19.92 -56.32
N VAL C 167 -19.10 -20.27 -55.66
CA VAL C 167 -19.43 -21.64 -55.31
C VAL C 167 -20.88 -21.91 -55.65
N SER C 168 -21.21 -23.17 -55.89
CA SER C 168 -22.56 -23.63 -56.17
C SER C 168 -23.32 -23.77 -54.86
N ASP C 169 -24.48 -24.44 -54.88
CA ASP C 169 -25.33 -24.54 -53.72
C ASP C 169 -25.54 -25.96 -53.19
N ASP C 170 -25.02 -26.98 -53.85
CA ASP C 170 -25.18 -28.33 -53.34
C ASP C 170 -24.01 -28.69 -52.42
N HIS C 171 -24.22 -29.74 -51.62
CA HIS C 171 -23.29 -30.11 -50.55
C HIS C 171 -21.85 -30.16 -51.04
N GLU C 172 -21.63 -30.77 -52.19
CA GLU C 172 -20.28 -30.88 -52.75
C GLU C 172 -19.65 -29.52 -52.97
N GLY C 173 -20.49 -28.49 -53.16
CA GLY C 173 -19.96 -27.14 -53.23
C GLY C 173 -19.81 -26.52 -51.85
N ARG C 174 -20.83 -26.67 -51.02
CA ARG C 174 -20.84 -26.02 -49.71
C ARG C 174 -19.65 -26.44 -48.86
N ALA C 175 -19.10 -27.63 -49.10
CA ALA C 175 -17.97 -28.08 -48.28
C ALA C 175 -16.76 -27.15 -48.46
N ALA C 176 -16.47 -26.76 -49.70
CA ALA C 176 -15.29 -25.95 -49.96
C ALA C 176 -15.35 -24.62 -49.22
N GLN C 177 -16.55 -24.06 -49.09
CA GLN C 177 -16.72 -22.81 -48.35
C GLN C 177 -16.15 -22.94 -46.94
N LYS C 178 -16.67 -23.89 -46.17
CA LYS C 178 -16.21 -24.07 -44.79
C LYS C 178 -14.72 -24.39 -44.76
N ARG C 179 -14.25 -25.18 -45.72
CA ARG C 179 -12.84 -25.52 -45.74
C ARG C 179 -11.97 -24.26 -45.86
N LEU C 180 -12.18 -23.48 -46.91
CA LEU C 180 -11.40 -22.25 -47.09
C LEU C 180 -11.54 -21.31 -45.90
N GLU C 181 -12.74 -21.23 -45.32
CA GLU C 181 -12.90 -20.27 -44.22
C GLU C 181 -12.09 -20.68 -43.01
N THR C 182 -12.17 -21.94 -42.60
CA THR C 182 -11.39 -22.36 -41.44
C THR C 182 -9.89 -22.29 -41.75
N LEU C 183 -9.52 -22.40 -43.02
CA LEU C 183 -8.09 -22.33 -43.34
C LEU C 183 -7.61 -20.89 -43.37
N LEU C 184 -8.50 -19.94 -43.63
CA LEU C 184 -8.09 -18.54 -43.70
C LEU C 184 -8.12 -17.87 -42.33
N GLU C 185 -9.14 -18.15 -41.53
CA GLU C 185 -9.30 -17.44 -40.26
C GLU C 185 -8.15 -17.73 -39.31
N GLU C 186 -7.37 -18.79 -39.57
CA GLU C 186 -6.20 -19.07 -38.75
C GLU C 186 -5.15 -17.97 -38.89
N ARG C 187 -5.30 -17.12 -39.90
CA ARG C 187 -4.47 -15.94 -40.06
C ARG C 187 -5.27 -14.66 -40.10
N GLU C 188 -6.60 -14.74 -39.95
CA GLU C 188 -7.49 -13.58 -39.92
C GLU C 188 -7.35 -12.73 -41.18
N SER C 189 -7.71 -13.33 -42.32
CA SER C 189 -7.71 -12.61 -43.59
C SER C 189 -9.13 -12.33 -44.08
N LYS C 190 -10.04 -13.27 -43.86
CA LYS C 190 -11.46 -13.03 -44.10
C LYS C 190 -11.75 -12.60 -45.53
N ALA C 191 -11.54 -13.51 -46.49
CA ALA C 191 -11.82 -13.25 -47.90
C ALA C 191 -13.24 -12.73 -48.08
N GLU C 192 -13.49 -12.08 -49.21
CA GLU C 192 -14.65 -11.23 -49.34
C GLU C 192 -15.59 -11.71 -50.43
N LYS C 193 -16.88 -11.47 -50.21
CA LYS C 193 -17.91 -11.61 -51.23
C LYS C 193 -17.93 -13.01 -51.83
N VAL C 194 -18.32 -13.97 -50.98
CA VAL C 194 -18.58 -15.32 -51.43
C VAL C 194 -19.97 -15.34 -52.08
N LEU C 195 -20.01 -15.60 -53.38
CA LEU C 195 -21.24 -15.58 -54.16
C LEU C 195 -21.75 -16.99 -54.37
N GLN C 196 -23.05 -17.19 -54.16
CA GLN C 196 -23.64 -18.49 -54.42
C GLN C 196 -24.53 -18.42 -55.66
N PHE C 197 -24.78 -19.56 -56.28
CA PHE C 197 -25.72 -19.66 -57.38
C PHE C 197 -26.25 -21.08 -57.48
N ASP C 198 -27.54 -21.20 -57.71
CA ASP C 198 -28.24 -22.48 -57.73
C ASP C 198 -27.71 -23.35 -58.87
N PRO C 199 -27.75 -24.68 -58.72
CA PRO C 199 -27.16 -25.55 -59.75
C PRO C 199 -28.06 -25.75 -60.96
N GLY C 200 -27.44 -26.20 -62.05
CA GLY C 200 -28.13 -26.39 -63.31
C GLY C 200 -28.75 -25.12 -63.86
N THR C 201 -28.39 -23.98 -63.31
CA THR C 201 -29.05 -22.72 -63.57
C THR C 201 -28.32 -21.96 -64.66
N LYS C 202 -29.08 -21.51 -65.67
CA LYS C 202 -28.56 -20.63 -66.71
C LYS C 202 -28.83 -19.18 -66.35
N ASN C 203 -28.26 -18.29 -67.15
CA ASN C 203 -28.40 -16.84 -66.96
C ASN C 203 -27.90 -16.42 -65.58
N VAL C 204 -26.60 -16.63 -65.38
CA VAL C 204 -25.94 -16.18 -64.16
C VAL C 204 -25.40 -14.77 -64.27
N THR C 205 -25.53 -14.11 -65.43
CA THR C 205 -25.05 -12.75 -65.56
C THR C 205 -25.75 -11.82 -64.58
N ALA C 206 -26.94 -12.20 -64.11
CA ALA C 206 -27.56 -11.46 -63.03
C ALA C 206 -26.70 -11.47 -61.78
N LEU C 207 -25.79 -12.44 -61.68
CA LEU C 207 -24.94 -12.53 -60.50
C LEU C 207 -23.58 -11.89 -60.76
N LEU C 208 -22.93 -12.24 -61.87
CA LEU C 208 -21.61 -11.71 -62.17
C LEU C 208 -21.56 -10.20 -62.08
N MET C 209 -22.59 -9.52 -62.58
CA MET C 209 -22.61 -8.06 -62.53
C MET C 209 -22.41 -7.52 -61.12
N GLU C 210 -22.90 -8.24 -60.09
CA GLU C 210 -22.62 -7.83 -58.73
C GLU C 210 -21.14 -7.97 -58.41
N ALA C 211 -20.48 -8.94 -59.00
CA ALA C 211 -19.04 -9.09 -58.87
C ALA C 211 -18.28 -8.31 -59.92
N LYS C 212 -18.87 -7.28 -60.50
CA LYS C 212 -18.20 -6.45 -61.49
C LYS C 212 -17.66 -5.16 -60.89
N GLU C 213 -18.27 -4.65 -59.83
CA GLU C 213 -17.84 -3.41 -59.20
C GLU C 213 -16.97 -3.67 -57.98
N LEU C 214 -16.47 -4.88 -57.81
CA LEU C 214 -15.70 -5.23 -56.63
C LEU C 214 -14.21 -5.02 -56.87
N GLU C 215 -13.48 -4.78 -55.78
CA GLU C 215 -12.08 -4.44 -55.90
C GLU C 215 -11.24 -5.65 -56.30
N ALA C 216 -11.55 -6.82 -55.76
CA ALA C 216 -10.72 -7.98 -55.98
C ALA C 216 -10.80 -8.46 -57.43
N ARG C 217 -9.64 -8.82 -57.98
CA ARG C 217 -9.52 -9.14 -59.39
C ARG C 217 -9.17 -10.59 -59.64
N VAL C 218 -9.28 -11.47 -58.65
CA VAL C 218 -8.94 -12.87 -58.80
C VAL C 218 -10.09 -13.73 -58.29
N ILE C 219 -10.76 -14.44 -59.20
CA ILE C 219 -11.92 -15.23 -58.86
C ILE C 219 -11.45 -16.67 -58.65
N ILE C 220 -12.25 -17.44 -57.92
CA ILE C 220 -11.98 -18.84 -57.65
C ILE C 220 -13.26 -19.63 -57.83
N LEU C 221 -13.29 -20.49 -58.83
CA LEU C 221 -14.53 -21.15 -59.19
C LEU C 221 -14.53 -22.56 -58.60
N SER C 222 -15.72 -23.08 -58.35
CA SER C 222 -15.87 -24.48 -57.93
C SER C 222 -17.30 -24.89 -58.23
N ALA C 223 -17.48 -25.75 -59.23
CA ALA C 223 -18.82 -26.06 -59.71
C ALA C 223 -18.80 -27.40 -60.43
N SER C 224 -19.85 -27.66 -61.20
CA SER C 224 -19.94 -28.88 -61.98
C SER C 224 -19.59 -28.61 -63.43
N GLU C 225 -19.30 -29.69 -64.17
CA GLU C 225 -18.89 -29.55 -65.56
C GLU C 225 -20.00 -28.98 -66.44
N ASP C 226 -21.25 -29.03 -65.98
CA ASP C 226 -22.32 -28.41 -66.74
C ASP C 226 -22.46 -26.94 -66.41
N ASP C 227 -22.20 -26.57 -65.16
CA ASP C 227 -22.34 -25.18 -64.76
C ASP C 227 -21.15 -24.35 -65.21
N ALA C 228 -19.94 -24.89 -65.05
CA ALA C 228 -18.75 -24.16 -65.43
C ALA C 228 -18.76 -23.78 -66.90
N ALA C 229 -19.35 -24.64 -67.74
CA ALA C 229 -19.53 -24.28 -69.13
C ALA C 229 -20.32 -22.98 -69.26
N THR C 230 -21.40 -22.85 -68.47
CA THR C 230 -22.23 -21.66 -68.56
C THR C 230 -21.44 -20.41 -68.18
N VAL C 231 -20.93 -20.34 -66.95
CA VAL C 231 -20.27 -19.13 -66.49
C VAL C 231 -19.07 -18.76 -67.34
N TYR C 232 -18.41 -19.73 -67.98
CA TYR C 232 -17.37 -19.37 -68.95
C TYR C 232 -17.97 -18.60 -70.11
N ARG C 233 -19.13 -19.04 -70.60
CA ARG C 233 -19.81 -18.30 -71.65
C ARG C 233 -20.36 -16.98 -71.13
N ALA C 234 -21.05 -17.01 -69.99
CA ALA C 234 -21.67 -15.81 -69.47
C ALA C 234 -20.63 -14.73 -69.20
N ALA C 235 -19.39 -15.13 -68.95
CA ALA C 235 -18.33 -14.14 -68.81
C ALA C 235 -17.99 -13.51 -70.16
N ALA C 236 -18.11 -14.30 -71.23
CA ALA C 236 -17.68 -13.82 -72.55
C ALA C 236 -18.45 -12.56 -72.96
N MET C 237 -19.64 -12.36 -72.39
CA MET C 237 -20.38 -11.14 -72.67
C MET C 237 -19.92 -10.00 -71.77
N LEU C 238 -19.75 -10.28 -70.48
CA LEU C 238 -19.34 -9.23 -69.55
C LEU C 238 -17.90 -8.78 -69.76
N ASN C 239 -17.10 -9.58 -70.46
CA ASN C 239 -15.73 -9.21 -70.79
C ASN C 239 -14.89 -8.98 -69.53
N MET C 240 -14.96 -9.95 -68.61
CA MET C 240 -14.04 -10.02 -67.48
C MET C 240 -12.91 -11.02 -67.74
N THR C 241 -12.97 -11.74 -68.86
CA THR C 241 -11.92 -12.68 -69.21
C THR C 241 -10.69 -11.95 -69.73
N GLY C 242 -10.78 -10.64 -69.86
CA GLY C 242 -9.75 -9.84 -70.46
C GLY C 242 -8.49 -9.78 -69.62
N SER C 243 -7.61 -8.86 -70.00
CA SER C 243 -6.35 -8.70 -69.30
C SER C 243 -6.59 -8.20 -67.87
N GLY C 244 -5.56 -8.33 -67.04
CA GLY C 244 -5.61 -7.89 -65.67
C GLY C 244 -6.29 -8.86 -64.72
N TYR C 245 -7.29 -9.59 -65.18
CA TYR C 245 -7.96 -10.55 -64.32
C TYR C 245 -7.27 -11.91 -64.41
N VAL C 246 -7.13 -12.57 -63.27
CA VAL C 246 -6.50 -13.89 -63.19
C VAL C 246 -7.40 -14.79 -62.37
N TRP C 247 -7.61 -16.01 -62.84
CA TRP C 247 -8.37 -16.89 -61.98
C TRP C 247 -8.07 -18.34 -62.23
N LEU C 248 -8.36 -19.15 -61.21
CA LEU C 248 -7.97 -20.54 -61.11
C LEU C 248 -9.18 -21.38 -60.74
N VAL C 249 -9.14 -22.66 -61.10
CA VAL C 249 -10.31 -23.52 -60.99
C VAL C 249 -9.92 -24.86 -60.38
N GLY C 250 -10.89 -25.78 -60.31
CA GLY C 250 -10.67 -27.11 -59.78
C GLY C 250 -10.74 -28.16 -60.88
N GLU C 251 -10.45 -29.41 -60.50
CA GLU C 251 -10.31 -30.48 -61.49
C GLU C 251 -11.56 -30.64 -62.35
N ARG C 252 -12.72 -30.81 -61.73
CA ARG C 252 -13.94 -30.98 -62.51
C ARG C 252 -14.28 -29.73 -63.28
N GLU C 253 -13.72 -28.58 -62.90
CA GLU C 253 -14.07 -27.33 -63.55
C GLU C 253 -13.56 -27.28 -64.98
N ILE C 254 -12.52 -28.06 -65.28
CA ILE C 254 -12.05 -28.23 -66.64
C ILE C 254 -12.17 -29.70 -66.99
N SER C 255 -11.75 -30.07 -68.21
CA SER C 255 -11.80 -31.44 -68.69
C SER C 255 -13.25 -31.96 -68.70
N GLY C 256 -14.05 -31.30 -69.52
CA GLY C 256 -15.41 -31.74 -69.74
C GLY C 256 -15.98 -31.18 -71.01
N ASN C 257 -17.30 -31.03 -71.08
CA ASN C 257 -17.90 -30.29 -72.18
C ASN C 257 -17.61 -28.79 -72.02
N ALA C 258 -16.98 -28.41 -70.91
CA ALA C 258 -16.71 -27.00 -70.67
C ALA C 258 -15.36 -26.57 -71.24
N LEU C 259 -14.36 -27.47 -71.22
CA LEU C 259 -13.00 -27.08 -71.59
C LEU C 259 -12.95 -26.48 -72.99
N ARG C 260 -13.92 -26.80 -73.84
CA ARG C 260 -13.96 -26.16 -75.15
C ARG C 260 -14.16 -24.66 -75.02
N TYR C 261 -14.87 -24.23 -73.98
CA TYR C 261 -15.26 -22.83 -73.83
C TYR C 261 -14.35 -22.05 -72.89
N ALA C 262 -13.32 -22.67 -72.35
CA ALA C 262 -12.53 -22.01 -71.32
C ALA C 262 -11.72 -20.87 -71.92
N PRO C 263 -11.49 -19.79 -71.18
CA PRO C 263 -10.53 -18.79 -71.60
C PRO C 263 -9.12 -19.22 -71.24
N ASP C 264 -8.19 -18.95 -72.16
CA ASP C 264 -6.82 -19.42 -71.98
C ASP C 264 -6.19 -18.78 -70.75
N GLY C 265 -5.28 -19.53 -70.13
CA GLY C 265 -4.54 -19.04 -68.98
C GLY C 265 -5.09 -19.42 -67.63
N ILE C 266 -6.21 -20.10 -67.55
CA ILE C 266 -6.83 -20.43 -66.27
C ILE C 266 -5.98 -21.48 -65.58
N LEU C 267 -5.28 -21.08 -64.53
CA LEU C 267 -4.37 -21.99 -63.87
C LEU C 267 -5.14 -23.01 -63.04
N GLY C 268 -5.59 -24.09 -63.68
CA GLY C 268 -6.29 -25.15 -63.00
C GLY C 268 -5.30 -26.22 -62.58
N LEU C 269 -5.84 -27.33 -62.05
CA LEU C 269 -4.97 -28.38 -61.53
C LEU C 269 -5.59 -29.74 -61.74
N GLN C 270 -4.84 -30.79 -61.40
CA GLN C 270 -5.22 -32.17 -61.66
C GLN C 270 -4.59 -33.11 -60.63
N LEU C 271 -4.91 -34.39 -60.77
CA LEU C 271 -4.35 -35.43 -59.91
C LEU C 271 -3.06 -35.99 -60.51
N ILE C 272 -2.28 -36.63 -59.63
CA ILE C 272 -1.05 -37.28 -60.07
C ILE C 272 -1.37 -38.45 -60.99
N ASN C 273 -2.10 -39.45 -60.46
CA ASN C 273 -2.39 -40.62 -61.27
C ASN C 273 -3.81 -41.16 -61.08
N GLY C 274 -4.74 -40.36 -60.57
CA GLY C 274 -6.13 -40.80 -60.47
C GLY C 274 -6.70 -41.16 -61.82
N LYS C 275 -7.84 -41.86 -61.81
CA LYS C 275 -8.53 -42.42 -62.98
C LYS C 275 -7.75 -43.59 -63.55
N ASN C 276 -6.66 -44.01 -62.90
CA ASN C 276 -5.89 -45.14 -63.40
C ASN C 276 -6.67 -46.44 -63.22
N GLU C 277 -7.30 -46.62 -62.07
CA GLU C 277 -8.20 -47.74 -61.79
C GLU C 277 -7.47 -49.07 -61.74
N SER C 278 -6.17 -49.06 -61.99
CA SER C 278 -5.40 -50.30 -61.93
C SER C 278 -4.29 -50.20 -60.90
N ALA C 279 -3.65 -49.04 -60.83
CA ALA C 279 -2.60 -48.85 -59.82
C ALA C 279 -3.16 -48.98 -58.42
N HIS C 280 -4.41 -48.55 -58.23
CA HIS C 280 -4.99 -48.55 -56.89
C HIS C 280 -5.14 -49.97 -56.36
N ILE C 281 -5.63 -50.88 -57.19
CA ILE C 281 -5.91 -52.25 -56.74
C ILE C 281 -4.63 -52.85 -56.19
N SER C 282 -3.50 -52.53 -56.80
CA SER C 282 -2.21 -52.98 -56.27
C SER C 282 -1.93 -52.32 -54.92
N ASP C 283 -2.55 -51.18 -54.65
CA ASP C 283 -2.31 -50.51 -53.38
C ASP C 283 -3.24 -51.01 -52.29
N ALA C 284 -4.51 -51.26 -52.64
CA ALA C 284 -5.49 -51.63 -51.63
C ALA C 284 -5.15 -52.98 -50.98
N VAL C 285 -4.97 -54.01 -51.80
CA VAL C 285 -4.67 -55.33 -51.24
C VAL C 285 -3.39 -55.28 -50.43
N GLY C 286 -2.51 -54.32 -50.72
CA GLY C 286 -1.30 -54.17 -49.93
C GLY C 286 -1.58 -53.60 -48.55
N VAL C 287 -2.56 -52.70 -48.46
CA VAL C 287 -2.88 -52.10 -47.17
C VAL C 287 -3.96 -52.91 -46.46
N VAL C 288 -4.68 -53.76 -47.19
CA VAL C 288 -5.62 -54.67 -46.55
C VAL C 288 -4.88 -55.84 -45.91
N ALA C 289 -4.01 -56.50 -46.67
CA ALA C 289 -3.32 -57.67 -46.15
C ALA C 289 -2.41 -57.31 -44.99
N GLN C 290 -1.67 -56.21 -45.10
CA GLN C 290 -0.79 -55.79 -44.02
C GLN C 290 -1.57 -55.52 -42.74
N ALA C 291 -2.91 -55.53 -42.82
CA ALA C 291 -3.72 -55.32 -41.63
C ALA C 291 -4.24 -56.64 -41.08
N VAL C 292 -4.70 -57.53 -41.96
CA VAL C 292 -5.30 -58.78 -41.49
C VAL C 292 -4.31 -59.59 -40.67
N HIS C 293 -3.03 -59.52 -41.01
CA HIS C 293 -2.02 -60.15 -40.19
C HIS C 293 -1.83 -59.40 -38.87
N GLU C 294 -1.73 -58.07 -38.94
CA GLU C 294 -1.56 -57.28 -37.72
C GLU C 294 -2.77 -57.43 -36.80
N LEU C 295 -3.88 -57.97 -37.32
CA LEU C 295 -5.05 -58.15 -36.48
C LEU C 295 -5.10 -59.54 -35.85
N LEU C 296 -4.97 -60.59 -36.67
CA LEU C 296 -5.24 -61.93 -36.18
C LEU C 296 -4.23 -62.38 -35.12
N GLU C 297 -3.15 -61.64 -34.93
CA GLU C 297 -2.23 -61.92 -33.83
C GLU C 297 -2.78 -61.29 -32.55
N LYS C 298 -4.02 -61.68 -32.23
CA LYS C 298 -4.73 -61.07 -31.12
C LYS C 298 -5.92 -61.91 -30.65
N GLU C 299 -6.81 -61.28 -29.90
CA GLU C 299 -7.91 -61.98 -29.23
C GLU C 299 -9.02 -62.33 -30.21
N ASN C 300 -10.17 -62.73 -29.65
CA ASN C 300 -11.28 -63.30 -30.40
C ASN C 300 -11.60 -62.49 -31.65
N ILE C 301 -11.50 -63.15 -32.80
CA ILE C 301 -11.76 -62.54 -34.10
C ILE C 301 -12.89 -63.25 -34.85
N THR C 302 -13.92 -63.70 -34.14
CA THR C 302 -14.70 -64.90 -34.47
C THR C 302 -15.00 -64.98 -35.97
N ASP C 303 -15.90 -64.15 -36.51
CA ASP C 303 -16.33 -64.36 -37.89
C ASP C 303 -17.32 -63.27 -38.26
N PRO C 304 -17.46 -62.95 -39.55
CA PRO C 304 -18.58 -62.14 -39.97
C PRO C 304 -19.76 -63.03 -40.32
N PRO C 305 -20.98 -62.49 -40.31
CA PRO C 305 -22.15 -63.34 -40.49
C PRO C 305 -22.30 -63.79 -41.94
N ARG C 306 -22.46 -65.10 -42.11
CA ARG C 306 -22.64 -65.70 -43.42
C ARG C 306 -24.12 -65.71 -43.78
N GLY C 307 -24.55 -64.72 -44.53
CA GLY C 307 -25.92 -64.67 -45.01
C GLY C 307 -26.68 -63.40 -44.67
N CYS C 308 -27.13 -62.67 -45.69
CA CYS C 308 -28.02 -61.54 -45.44
C CYS C 308 -29.28 -62.00 -44.74
N VAL C 309 -30.00 -62.95 -45.32
CA VAL C 309 -31.18 -63.48 -44.65
C VAL C 309 -30.76 -64.32 -43.45
N GLY C 310 -31.59 -64.30 -42.41
CA GLY C 310 -31.39 -65.15 -41.26
C GLY C 310 -30.53 -64.59 -40.15
N ASN C 311 -30.20 -63.31 -40.18
CA ASN C 311 -29.41 -62.70 -39.12
C ASN C 311 -29.76 -61.22 -39.00
N THR C 312 -29.64 -60.70 -37.77
CA THR C 312 -29.95 -59.31 -37.47
C THR C 312 -28.91 -58.73 -36.52
N ASN C 313 -27.77 -59.39 -36.41
CA ASN C 313 -26.76 -58.94 -35.48
C ASN C 313 -25.47 -58.60 -36.19
N ILE C 314 -24.83 -57.54 -35.72
CA ILE C 314 -23.65 -56.97 -36.34
C ILE C 314 -22.44 -57.81 -35.95
N TRP C 315 -21.49 -57.92 -36.86
CA TRP C 315 -20.22 -58.55 -36.58
C TRP C 315 -19.56 -57.88 -35.38
N LYS C 316 -19.43 -58.63 -34.29
CA LYS C 316 -19.10 -58.04 -33.00
C LYS C 316 -17.70 -57.43 -32.95
N THR C 317 -16.89 -57.57 -33.99
CA THR C 317 -15.56 -56.99 -33.99
C THR C 317 -15.27 -56.12 -35.21
N GLY C 318 -16.29 -55.77 -35.99
CA GLY C 318 -16.14 -54.83 -37.08
C GLY C 318 -15.36 -53.58 -36.72
N PRO C 319 -15.83 -52.84 -35.70
CA PRO C 319 -15.15 -51.58 -35.34
C PRO C 319 -13.67 -51.75 -35.05
N LEU C 320 -13.27 -52.82 -34.34
CA LEU C 320 -11.85 -53.07 -34.15
C LEU C 320 -11.12 -53.14 -35.47
N PHE C 321 -11.64 -53.93 -36.41
CA PHE C 321 -10.95 -54.09 -37.68
C PHE C 321 -10.80 -52.77 -38.40
N LYS C 322 -11.80 -51.89 -38.30
CA LYS C 322 -11.65 -50.55 -38.83
C LYS C 322 -10.74 -49.71 -37.95
N ARG C 323 -10.76 -49.97 -36.64
CA ARG C 323 -9.89 -49.22 -35.74
C ARG C 323 -8.42 -49.42 -36.09
N VAL C 324 -8.04 -50.67 -36.36
CA VAL C 324 -6.64 -50.95 -36.70
C VAL C 324 -6.33 -50.48 -38.12
N LEU C 325 -7.25 -50.76 -39.05
CA LEU C 325 -6.99 -50.46 -40.45
C LEU C 325 -6.75 -48.97 -40.68
N MET C 326 -7.03 -48.15 -39.68
CA MET C 326 -6.95 -46.71 -39.88
C MET C 326 -5.50 -46.24 -40.00
N SER C 327 -4.61 -46.77 -39.17
CA SER C 327 -3.26 -46.24 -39.06
C SER C 327 -2.20 -47.09 -39.76
N SER C 328 -2.61 -47.99 -40.64
CA SER C 328 -1.68 -48.96 -41.23
C SER C 328 -0.82 -48.27 -42.29
N LYS C 329 0.41 -47.92 -41.93
CA LYS C 329 1.32 -47.30 -42.89
C LYS C 329 1.78 -48.32 -43.93
N TYR C 330 1.95 -47.87 -45.16
CA TYR C 330 2.33 -48.73 -46.28
C TYR C 330 3.47 -48.05 -47.05
N ALA C 331 4.52 -48.82 -47.34
CA ALA C 331 5.76 -48.19 -47.82
C ALA C 331 5.85 -48.20 -49.35
N ASP C 332 5.83 -49.37 -49.96
CA ASP C 332 6.04 -49.51 -51.40
C ASP C 332 4.70 -49.31 -52.10
N GLY C 333 4.29 -48.07 -52.23
CA GLY C 333 3.02 -47.75 -52.86
C GLY C 333 3.25 -47.29 -54.28
N VAL C 334 2.70 -48.05 -55.22
CA VAL C 334 2.80 -47.68 -56.63
C VAL C 334 2.31 -46.25 -56.83
N THR C 335 1.31 -45.83 -56.04
CA THR C 335 0.91 -44.43 -56.05
C THR C 335 1.84 -43.60 -55.19
N GLY C 336 2.39 -44.18 -54.14
CA GLY C 336 3.25 -43.47 -53.21
C GLY C 336 2.92 -43.86 -51.79
N ARG C 337 3.46 -43.10 -50.84
CA ARG C 337 3.18 -43.32 -49.43
C ARG C 337 1.69 -43.17 -49.17
N VAL C 338 1.05 -44.21 -48.63
CA VAL C 338 -0.38 -44.23 -48.37
C VAL C 338 -0.62 -44.28 -46.88
N GLU C 339 -1.46 -43.36 -46.39
CA GLU C 339 -1.82 -43.32 -44.98
C GLU C 339 -3.14 -42.58 -44.87
N PHE C 340 -3.77 -42.67 -43.70
CA PHE C 340 -5.13 -42.17 -43.53
C PHE C 340 -5.20 -41.07 -42.48
N ASN C 341 -6.21 -40.21 -42.62
CA ASN C 341 -6.46 -39.17 -41.63
C ASN C 341 -7.53 -39.60 -40.63
N GLU C 342 -7.98 -38.66 -39.80
CA GLU C 342 -8.90 -39.01 -38.72
C GLU C 342 -10.28 -39.37 -39.27
N ASP C 343 -10.65 -38.81 -40.41
CA ASP C 343 -11.94 -39.11 -41.02
C ASP C 343 -11.89 -40.31 -41.95
N GLY C 344 -10.74 -40.57 -42.56
CA GLY C 344 -10.59 -41.63 -43.54
C GLY C 344 -10.53 -41.06 -44.94
N ASP C 345 -9.31 -40.83 -45.40
CA ASP C 345 -9.03 -40.33 -46.74
C ASP C 345 -7.52 -40.31 -46.89
N ARG C 346 -7.02 -40.62 -48.08
CA ARG C 346 -5.58 -40.58 -48.29
C ARG C 346 -5.05 -39.19 -48.06
N LYS C 347 -4.26 -39.03 -47.00
CA LYS C 347 -3.58 -37.77 -46.77
C LYS C 347 -2.30 -37.70 -47.62
N PHE C 348 -1.81 -36.48 -47.82
CA PHE C 348 -0.53 -36.27 -48.49
C PHE C 348 -0.50 -36.87 -49.89
N ALA C 349 -1.35 -36.34 -50.78
CA ALA C 349 -1.31 -36.79 -52.16
C ALA C 349 -0.55 -35.77 -53.02
N ASN C 350 -0.49 -36.06 -54.31
CA ASN C 350 0.17 -35.20 -55.29
C ASN C 350 -0.85 -34.53 -56.19
N TYR C 351 -0.63 -33.25 -56.43
CA TYR C 351 -1.39 -32.52 -57.43
C TYR C 351 -0.43 -31.87 -58.41
N SER C 352 -0.79 -31.89 -59.68
CA SER C 352 0.02 -31.34 -60.74
C SER C 352 -0.71 -30.17 -61.39
N ILE C 353 -0.22 -28.97 -61.16
CA ILE C 353 -0.86 -27.75 -61.66
C ILE C 353 -0.89 -27.81 -63.18
N MET C 354 -1.73 -27.00 -63.79
CA MET C 354 -1.78 -26.89 -65.23
C MET C 354 -1.87 -25.43 -65.65
N ASN C 355 -2.01 -25.22 -66.95
CA ASN C 355 -2.18 -23.89 -67.52
C ASN C 355 -2.58 -24.05 -68.98
N LEU C 356 -3.54 -23.26 -69.42
CA LEU C 356 -4.19 -23.47 -70.72
C LEU C 356 -3.61 -22.51 -71.74
N GLN C 357 -2.74 -23.01 -72.61
CA GLN C 357 -2.12 -22.24 -73.67
C GLN C 357 -2.51 -22.82 -75.02
N ASN C 358 -3.18 -22.01 -75.84
CA ASN C 358 -3.53 -22.38 -77.21
C ASN C 358 -4.34 -23.67 -77.25
N ARG C 359 -5.24 -23.82 -76.29
CA ARG C 359 -6.20 -24.93 -76.25
C ARG C 359 -5.47 -26.27 -76.08
N LYS C 360 -4.63 -26.33 -75.07
CA LYS C 360 -3.93 -27.54 -74.69
C LYS C 360 -3.30 -27.34 -73.32
N LEU C 361 -3.51 -28.29 -72.42
CA LEU C 361 -3.05 -28.18 -71.05
C LEU C 361 -1.57 -28.51 -71.00
N VAL C 362 -0.80 -27.64 -70.36
CA VAL C 362 0.64 -27.81 -70.24
C VAL C 362 1.04 -27.59 -68.78
N GLN C 363 1.68 -28.59 -68.20
CA GLN C 363 2.03 -28.51 -66.78
C GLN C 363 2.95 -27.33 -66.53
N VAL C 364 2.80 -26.72 -65.35
CA VAL C 364 3.65 -25.61 -64.93
C VAL C 364 4.19 -25.80 -63.52
N GLY C 365 3.96 -26.95 -62.90
CA GLY C 365 4.45 -27.16 -61.54
C GLY C 365 3.98 -28.49 -61.01
N ILE C 366 4.27 -28.70 -59.73
CA ILE C 366 3.89 -29.91 -59.00
C ILE C 366 3.64 -29.53 -57.55
N TYR C 367 2.56 -30.04 -56.97
CA TYR C 367 2.29 -29.87 -55.54
C TYR C 367 2.65 -31.18 -54.86
N ASN C 368 3.46 -31.11 -53.81
CA ASN C 368 3.91 -32.31 -53.10
C ASN C 368 3.60 -32.18 -51.61
N GLY C 369 2.43 -32.67 -51.21
CA GLY C 369 2.13 -32.81 -49.80
C GLY C 369 1.81 -31.50 -49.08
N THR C 370 2.82 -30.66 -48.88
CA THR C 370 2.64 -29.50 -48.02
C THR C 370 3.02 -28.19 -48.71
N HIS C 371 3.93 -28.25 -49.67
CA HIS C 371 4.35 -27.04 -50.35
C HIS C 371 4.29 -27.22 -51.86
N VAL C 372 4.50 -26.14 -52.60
CA VAL C 372 4.42 -26.13 -54.05
C VAL C 372 5.80 -25.84 -54.60
N ILE C 373 6.14 -26.47 -55.73
CA ILE C 373 7.46 -26.30 -56.33
C ILE C 373 7.32 -26.21 -57.85
N PRO C 374 7.45 -25.02 -58.43
CA PRO C 374 7.36 -24.91 -59.89
C PRO C 374 8.72 -25.02 -60.56
N ASN C 375 8.76 -25.08 -61.89
CA ASN C 375 10.04 -25.16 -62.60
C ASN C 375 9.88 -25.04 -64.11
N ASP C 376 10.97 -24.59 -64.76
CA ASP C 376 11.23 -24.69 -66.20
C ASP C 376 10.09 -24.25 -67.10
N ARG C 377 9.28 -23.28 -66.69
CA ARG C 377 8.22 -22.79 -67.55
C ARG C 377 7.88 -21.36 -67.16
N LYS C 378 7.38 -20.60 -68.14
CA LYS C 378 6.89 -19.26 -67.91
C LYS C 378 5.37 -19.28 -68.01
N ILE C 379 4.71 -18.80 -66.97
CA ILE C 379 3.26 -18.86 -66.91
C ILE C 379 2.66 -17.83 -67.84
N ILE C 380 1.59 -18.21 -68.53
CA ILE C 380 0.90 -17.33 -69.47
C ILE C 380 -0.41 -16.91 -68.82
N TRP C 381 -0.47 -15.66 -68.37
CA TRP C 381 -1.67 -15.14 -67.75
C TRP C 381 -2.70 -14.78 -68.81
N PRO C 382 -3.98 -14.69 -68.43
CA PRO C 382 -5.05 -14.73 -69.45
C PRO C 382 -4.93 -13.68 -70.53
N GLY C 383 -4.65 -12.43 -70.17
CA GLY C 383 -4.64 -11.38 -71.17
C GLY C 383 -3.50 -11.51 -72.17
N GLY C 384 -2.55 -12.40 -71.89
CA GLY C 384 -1.38 -12.54 -72.72
C GLY C 384 -0.15 -11.87 -72.16
N GLU C 385 -0.26 -11.18 -71.02
CA GLU C 385 0.87 -10.52 -70.41
C GLU C 385 1.92 -11.53 -69.96
N THR C 386 3.03 -11.04 -69.46
CA THR C 386 4.11 -11.90 -68.99
C THR C 386 4.66 -11.46 -67.65
N GLU C 387 3.91 -10.65 -66.90
CA GLU C 387 4.29 -10.28 -65.55
C GLU C 387 3.13 -10.54 -64.61
N LYS C 388 3.45 -10.93 -63.38
CA LYS C 388 2.43 -11.34 -62.43
C LYS C 388 1.47 -10.19 -62.16
N PRO C 389 0.25 -10.27 -62.65
CA PRO C 389 -0.70 -9.17 -62.41
C PRO C 389 -1.36 -9.27 -61.06
N ARG C 390 -0.98 -8.42 -60.12
CA ARG C 390 -1.62 -8.45 -58.82
C ARG C 390 -3.03 -7.88 -58.92
N GLY C 391 -3.93 -8.37 -58.07
CA GLY C 391 -5.28 -7.88 -58.09
C GLY C 391 -5.38 -6.50 -57.49
N TYR C 392 -6.59 -6.17 -57.02
CA TYR C 392 -6.78 -4.98 -56.18
C TYR C 392 -6.38 -3.71 -56.90
N GLN C 393 -7.41 -3.22 -57.61
CA GLN C 393 -7.50 -1.88 -58.21
C GLN C 393 -8.19 -1.13 -57.06
N MET C 394 -7.47 -0.20 -56.42
CA MET C 394 -7.93 0.48 -55.18
C MET C 394 -9.01 1.47 -55.60
N SER C 395 -10.17 0.88 -55.84
CA SER C 395 -11.39 1.54 -56.27
C SER C 395 -11.19 3.05 -56.25
N THR C 396 -11.96 3.76 -57.07
CA THR C 396 -11.84 5.22 -57.10
C THR C 396 -13.06 5.90 -56.52
N ARG C 397 -14.17 5.17 -56.38
CA ARG C 397 -15.37 5.75 -55.79
C ARG C 397 -15.52 5.29 -54.36
N LEU C 398 -15.79 6.22 -53.46
CA LEU C 398 -15.86 5.94 -52.04
C LEU C 398 -17.32 5.86 -51.59
N LYS C 399 -17.50 5.61 -50.31
CA LYS C 399 -18.82 5.62 -49.68
C LYS C 399 -18.66 6.18 -48.28
N ILE C 400 -19.43 7.21 -47.97
CA ILE C 400 -19.22 8.01 -46.76
C ILE C 400 -20.46 7.90 -45.88
N VAL C 401 -20.27 7.98 -44.57
CA VAL C 401 -21.38 8.13 -43.64
C VAL C 401 -21.29 9.53 -43.05
N THR C 402 -22.35 9.93 -42.34
CA THR C 402 -22.38 11.24 -41.68
C THR C 402 -23.44 11.18 -40.60
N ILE C 403 -23.74 12.33 -40.00
CA ILE C 403 -24.77 12.46 -38.99
C ILE C 403 -25.08 13.94 -38.86
N HIS C 404 -26.27 14.24 -38.34
CA HIS C 404 -26.68 15.63 -38.20
C HIS C 404 -26.26 16.14 -36.83
N GLN C 405 -25.33 17.09 -36.80
CA GLN C 405 -24.79 17.62 -35.56
C GLN C 405 -24.51 19.10 -35.78
N GLU C 406 -25.04 19.94 -34.89
CA GLU C 406 -25.37 21.32 -35.23
C GLU C 406 -24.27 22.07 -35.98
N PRO C 407 -23.07 22.31 -35.44
CA PRO C 407 -22.12 23.15 -36.14
C PRO C 407 -21.26 22.44 -37.16
N PHE C 408 -21.27 21.11 -37.18
CA PHE C 408 -20.39 20.37 -38.06
C PHE C 408 -21.03 19.96 -39.36
N VAL C 409 -22.23 19.39 -39.34
CA VAL C 409 -22.92 18.96 -40.55
C VAL C 409 -24.37 19.43 -40.48
N TYR C 410 -24.73 20.38 -41.33
CA TYR C 410 -26.09 20.89 -41.42
C TYR C 410 -26.86 20.07 -42.45
N VAL C 411 -28.18 20.05 -42.31
CA VAL C 411 -29.05 19.33 -43.23
C VAL C 411 -30.25 20.20 -43.53
N LYS C 412 -30.39 20.58 -44.81
CA LYS C 412 -31.48 21.42 -45.25
C LYS C 412 -32.23 20.75 -46.39
N PRO C 413 -33.55 20.92 -46.46
CA PRO C 413 -34.30 20.34 -47.58
C PRO C 413 -34.06 21.11 -48.87
N THR C 414 -33.97 20.36 -49.96
CA THR C 414 -33.61 20.93 -51.25
C THR C 414 -34.74 21.78 -51.81
N LEU C 415 -34.41 22.53 -52.86
CA LEU C 415 -35.41 23.28 -53.61
C LEU C 415 -36.15 22.31 -54.53
N SER C 416 -37.21 22.79 -55.16
CA SER C 416 -38.02 21.92 -56.01
C SER C 416 -37.28 21.44 -57.24
N ASP C 417 -36.35 22.24 -57.76
CA ASP C 417 -35.61 21.86 -58.96
C ASP C 417 -34.55 20.79 -58.69
N GLY C 418 -34.36 20.39 -57.43
CA GLY C 418 -33.41 19.35 -57.11
C GLY C 418 -32.17 19.88 -56.45
N THR C 419 -31.65 20.99 -56.95
CA THR C 419 -30.52 21.66 -56.32
C THR C 419 -31.03 22.41 -55.10
N CYS C 420 -30.14 22.65 -54.13
CA CYS C 420 -30.48 23.46 -52.97
C CYS C 420 -29.95 24.88 -53.19
N LYS C 421 -30.73 25.85 -52.72
CA LYS C 421 -30.52 27.25 -53.07
C LYS C 421 -29.17 27.74 -52.59
N GLU C 422 -28.50 28.49 -53.46
CA GLU C 422 -27.22 29.08 -53.09
C GLU C 422 -27.42 30.10 -51.98
N GLU C 423 -26.30 30.51 -51.39
CA GLU C 423 -26.28 31.57 -50.39
C GLU C 423 -24.85 32.02 -50.21
N PHE C 424 -24.69 33.19 -49.60
CA PHE C 424 -23.39 33.82 -49.49
C PHE C 424 -23.09 34.16 -48.04
N THR C 425 -21.80 34.09 -47.71
CA THR C 425 -21.35 34.34 -46.34
C THR C 425 -21.26 35.85 -46.11
N VAL C 426 -20.73 36.24 -44.95
CA VAL C 426 -20.61 37.65 -44.61
C VAL C 426 -19.64 38.35 -45.54
N ASN C 427 -18.73 37.59 -46.15
CA ASN C 427 -17.82 38.14 -47.15
C ASN C 427 -18.22 37.77 -48.57
N GLY C 428 -19.48 37.40 -48.79
CA GLY C 428 -19.98 37.18 -50.13
C GLY C 428 -19.31 36.08 -50.90
N ASP C 429 -18.68 35.14 -50.22
CA ASP C 429 -18.00 34.08 -50.94
C ASP C 429 -18.91 32.85 -51.06
N PRO C 430 -18.80 32.11 -52.17
CA PRO C 430 -19.69 30.98 -52.40
C PRO C 430 -19.46 29.88 -51.37
N VAL C 431 -20.47 29.61 -50.56
CA VAL C 431 -20.37 28.52 -49.60
C VAL C 431 -20.69 27.21 -50.31
N LYS C 432 -19.81 26.23 -50.15
CA LYS C 432 -19.97 24.97 -50.85
C LYS C 432 -21.09 24.14 -50.22
N LYS C 433 -21.72 23.32 -51.04
CA LYS C 433 -22.73 22.38 -50.58
C LYS C 433 -22.65 21.12 -51.43
N VAL C 434 -23.01 19.99 -50.84
CA VAL C 434 -23.06 18.73 -51.57
C VAL C 434 -24.38 18.04 -51.24
N ILE C 435 -24.86 17.27 -52.19
CA ILE C 435 -26.20 16.69 -52.13
C ILE C 435 -26.13 15.39 -51.35
N CYS C 436 -26.92 15.31 -50.29
CA CYS C 436 -26.97 14.11 -49.45
C CYS C 436 -28.21 13.30 -49.78
N THR C 437 -28.02 12.01 -49.97
CA THR C 437 -29.12 11.06 -49.94
C THR C 437 -29.43 10.76 -48.47
N GLY C 438 -30.18 9.71 -48.19
CA GLY C 438 -30.24 9.23 -46.84
C GLY C 438 -31.59 9.28 -46.16
N PRO C 439 -31.76 10.22 -45.24
CA PRO C 439 -32.69 10.02 -44.12
C PRO C 439 -34.13 9.87 -44.56
N ASN C 440 -34.96 9.51 -43.59
CA ASN C 440 -36.38 9.35 -43.82
C ASN C 440 -37.11 10.66 -44.07
N ASP C 441 -36.51 11.79 -43.66
CA ASP C 441 -37.15 13.09 -43.60
C ASP C 441 -38.20 13.06 -42.49
N THR C 442 -38.39 11.86 -41.92
CA THR C 442 -39.37 11.59 -40.87
C THR C 442 -38.73 10.60 -39.89
N SER C 443 -38.14 11.12 -38.82
CA SER C 443 -37.50 10.23 -37.85
C SER C 443 -38.47 9.60 -36.87
N PRO C 444 -39.37 10.34 -36.20
CA PRO C 444 -40.20 9.68 -35.18
C PRO C 444 -41.53 9.14 -35.69
N GLY C 445 -42.00 9.58 -36.86
CA GLY C 445 -43.36 9.27 -37.25
C GLY C 445 -43.58 8.58 -38.58
N SER C 446 -42.67 7.70 -38.98
CA SER C 446 -42.84 6.87 -40.15
C SER C 446 -41.76 5.80 -40.13
N PRO C 447 -42.01 4.63 -40.74
CA PRO C 447 -40.95 3.61 -40.79
C PRO C 447 -39.69 4.10 -41.47
N ARG C 448 -39.74 4.38 -42.78
CA ARG C 448 -38.65 5.04 -43.49
C ARG C 448 -38.99 5.29 -44.95
N HIS C 449 -38.29 6.24 -45.57
CA HIS C 449 -38.15 6.36 -47.01
C HIS C 449 -37.17 7.49 -47.33
N THR C 450 -36.33 7.30 -48.34
CA THR C 450 -35.18 8.17 -48.56
C THR C 450 -35.56 9.29 -49.51
N VAL C 451 -34.70 10.30 -49.58
CA VAL C 451 -34.96 11.49 -50.36
C VAL C 451 -33.68 12.32 -50.49
N PRO C 452 -33.36 12.84 -51.66
CA PRO C 452 -32.20 13.73 -51.78
C PRO C 452 -32.39 14.99 -50.95
N GLN C 453 -31.32 15.40 -50.28
CA GLN C 453 -31.33 16.53 -49.38
C GLN C 453 -30.04 17.34 -49.58
N CYS C 454 -29.86 18.37 -48.78
CA CYS C 454 -28.71 19.26 -48.94
C CYS C 454 -27.92 19.33 -47.64
N CYS C 455 -26.58 19.24 -47.76
CA CYS C 455 -25.66 19.27 -46.64
C CYS C 455 -24.55 20.27 -46.87
N TYR C 456 -24.06 20.84 -45.77
CA TYR C 456 -22.93 21.77 -45.80
C TYR C 456 -22.50 22.03 -44.37
N GLY C 457 -21.20 22.06 -44.13
CA GLY C 457 -20.72 22.33 -42.79
C GLY C 457 -19.24 22.05 -42.66
N PHE C 458 -18.80 21.99 -41.40
CA PHE C 458 -17.38 21.84 -41.10
C PHE C 458 -16.80 20.61 -41.80
N CYS C 459 -17.30 19.42 -41.47
CA CYS C 459 -16.79 18.22 -42.11
C CYS C 459 -16.92 18.29 -43.61
N ILE C 460 -18.12 18.61 -44.12
CA ILE C 460 -18.33 18.62 -45.56
C ILE C 460 -17.45 19.67 -46.22
N ASP C 461 -16.94 20.63 -45.46
CA ASP C 461 -15.94 21.51 -46.01
C ASP C 461 -14.58 20.85 -46.06
N LEU C 462 -14.25 20.04 -45.04
CA LEU C 462 -12.96 19.37 -45.04
C LEU C 462 -12.93 18.25 -46.05
N LEU C 463 -14.01 17.47 -46.16
CA LEU C 463 -14.06 16.41 -47.16
C LEU C 463 -13.76 16.94 -48.55
N ILE C 464 -14.12 18.19 -48.81
CA ILE C 464 -13.77 18.80 -50.10
C ILE C 464 -12.26 18.93 -50.23
N LYS C 465 -11.64 19.69 -49.33
CA LYS C 465 -10.20 19.88 -49.40
C LYS C 465 -9.47 18.56 -49.33
N LEU C 466 -10.03 17.59 -48.61
CA LEU C 466 -9.38 16.30 -48.47
C LEU C 466 -9.33 15.56 -49.79
N ALA C 467 -10.48 15.34 -50.43
CA ALA C 467 -10.50 14.57 -51.65
C ALA C 467 -9.89 15.33 -52.82
N ARG C 468 -9.81 16.66 -52.73
CA ARG C 468 -9.17 17.43 -53.78
C ARG C 468 -7.71 17.03 -53.91
N THR C 469 -7.05 16.76 -52.80
CA THR C 469 -5.67 16.29 -52.84
C THR C 469 -5.61 14.81 -53.20
N MET C 470 -6.48 14.02 -52.59
CA MET C 470 -6.41 12.58 -52.77
C MET C 470 -6.92 12.12 -54.14
N ASN C 471 -7.56 13.00 -54.91
CA ASN C 471 -8.09 12.66 -56.22
C ASN C 471 -9.11 11.52 -56.13
N PHE C 472 -10.20 11.79 -55.42
CA PHE C 472 -11.25 10.82 -55.17
C PHE C 472 -12.41 10.96 -56.14
N THR C 473 -13.46 10.22 -55.83
CA THR C 473 -14.80 10.43 -56.32
C THR C 473 -15.76 9.93 -55.25
N TYR C 474 -16.61 10.82 -54.75
CA TYR C 474 -17.24 10.58 -53.46
C TYR C 474 -18.74 10.79 -53.55
N GLU C 475 -19.48 9.98 -52.81
CA GLU C 475 -20.89 10.18 -52.59
C GLU C 475 -21.15 10.15 -51.09
N VAL C 476 -22.17 10.85 -50.65
CA VAL C 476 -22.49 10.98 -49.24
C VAL C 476 -23.85 10.38 -49.00
N HIS C 477 -24.04 9.75 -47.84
CA HIS C 477 -25.35 9.25 -47.44
C HIS C 477 -25.44 9.19 -45.93
N LEU C 478 -26.53 9.74 -45.40
CA LEU C 478 -26.67 9.87 -43.96
C LEU C 478 -26.81 8.52 -43.29
N VAL C 479 -26.90 8.54 -41.97
CA VAL C 479 -26.93 7.31 -41.20
C VAL C 479 -28.34 6.75 -41.20
N ALA C 480 -28.47 5.50 -40.75
CA ALA C 480 -29.76 4.83 -40.79
C ALA C 480 -30.63 5.18 -39.59
N ASP C 481 -30.09 5.20 -38.38
CA ASP C 481 -30.91 5.45 -37.19
C ASP C 481 -30.28 6.40 -36.19
N GLY C 482 -29.59 7.44 -36.65
CA GLY C 482 -29.19 8.53 -35.80
C GLY C 482 -28.08 8.25 -34.82
N LYS C 483 -28.19 7.19 -34.03
CA LYS C 483 -27.22 6.96 -32.96
C LYS C 483 -25.81 6.77 -33.53
N PHE C 484 -24.81 7.10 -32.72
CA PHE C 484 -23.43 7.00 -33.18
C PHE C 484 -22.99 5.55 -33.27
N GLY C 485 -22.96 4.86 -32.15
CA GLY C 485 -22.55 3.47 -32.16
C GLY C 485 -22.09 2.97 -30.81
N THR C 486 -22.36 1.69 -30.52
CA THR C 486 -21.97 1.10 -29.24
C THR C 486 -22.06 -0.40 -29.35
N GLN C 487 -21.49 -1.08 -28.35
CA GLN C 487 -21.54 -2.53 -28.28
C GLN C 487 -22.66 -2.97 -27.35
N GLU C 488 -23.54 -3.83 -27.86
CA GLU C 488 -24.66 -4.31 -27.08
C GLU C 488 -25.07 -5.67 -27.60
N ARG C 489 -25.34 -6.60 -26.68
CA ARG C 489 -25.83 -7.92 -27.06
C ARG C 489 -27.21 -7.78 -27.69
N VAL C 490 -27.31 -8.18 -28.96
CA VAL C 490 -28.59 -8.13 -29.66
C VAL C 490 -29.55 -9.12 -29.01
N ASN C 491 -30.85 -8.93 -29.25
CA ASN C 491 -31.87 -9.62 -28.48
C ASN C 491 -31.70 -11.14 -28.52
N ASN C 492 -31.44 -11.72 -27.35
CA ASN C 492 -31.40 -13.17 -27.17
C ASN C 492 -30.44 -13.83 -28.15
N SER C 493 -29.17 -13.50 -28.03
CA SER C 493 -28.15 -14.01 -28.93
C SER C 493 -26.92 -14.44 -28.14
N ASN C 494 -25.82 -14.65 -28.85
CA ASN C 494 -24.61 -15.16 -28.21
C ASN C 494 -23.66 -14.05 -27.80
N LYS C 495 -23.25 -13.21 -28.75
CA LYS C 495 -22.27 -12.17 -28.49
C LYS C 495 -22.82 -10.81 -28.92
N LYS C 496 -22.14 -9.76 -28.49
CA LYS C 496 -22.57 -8.40 -28.73
C LYS C 496 -22.02 -7.88 -30.06
N GLU C 497 -22.79 -7.02 -30.72
CA GLU C 497 -22.42 -6.48 -32.02
C GLU C 497 -22.61 -4.98 -32.02
N TRP C 498 -22.01 -4.32 -33.01
CA TRP C 498 -21.87 -2.87 -33.06
C TRP C 498 -23.18 -2.23 -33.51
N ASN C 499 -23.46 -1.05 -32.98
CA ASN C 499 -24.68 -0.31 -33.24
C ASN C 499 -24.42 0.81 -34.24
N GLY C 500 -25.50 1.24 -34.89
CA GLY C 500 -25.55 2.56 -35.52
C GLY C 500 -24.42 2.86 -36.50
N MET C 501 -24.04 4.15 -36.51
CA MET C 501 -23.15 4.67 -37.54
C MET C 501 -21.85 3.88 -37.63
N MET C 502 -21.30 3.48 -36.49
CA MET C 502 -20.10 2.66 -36.54
C MET C 502 -20.40 1.31 -37.18
N GLY C 503 -21.64 0.84 -37.06
CA GLY C 503 -21.99 -0.42 -37.70
C GLY C 503 -21.88 -0.37 -39.20
N GLU C 504 -22.54 0.58 -39.85
CA GLU C 504 -22.59 0.59 -41.30
C GLU C 504 -21.22 0.75 -41.92
N LEU C 505 -20.19 0.98 -41.12
CA LEU C 505 -18.83 0.95 -41.62
C LEU C 505 -18.23 -0.43 -41.48
N LEU C 506 -18.42 -1.06 -40.33
CA LEU C 506 -17.89 -2.39 -40.11
C LEU C 506 -18.67 -3.45 -40.87
N SER C 507 -19.93 -3.20 -41.20
CA SER C 507 -20.70 -4.17 -41.96
C SER C 507 -20.29 -4.18 -43.42
N GLY C 508 -20.02 -3.00 -43.99
CA GLY C 508 -19.56 -2.93 -45.36
C GLY C 508 -20.36 -1.96 -46.21
N GLN C 509 -21.18 -1.12 -45.58
CA GLN C 509 -22.05 -0.23 -46.33
C GLN C 509 -21.36 1.06 -46.74
N ALA C 510 -20.27 1.44 -46.10
CA ALA C 510 -19.52 2.61 -46.51
C ALA C 510 -18.07 2.45 -46.10
N ASP C 511 -17.21 3.24 -46.74
CA ASP C 511 -15.77 3.06 -46.62
C ASP C 511 -15.10 4.11 -45.77
N MET C 512 -15.86 5.02 -45.16
CA MET C 512 -15.26 6.16 -44.49
C MET C 512 -16.36 6.86 -43.72
N ILE C 513 -16.00 7.46 -42.60
CA ILE C 513 -16.94 8.05 -41.68
C ILE C 513 -16.43 9.42 -41.26
N VAL C 514 -16.95 10.47 -41.87
CA VAL C 514 -16.50 11.82 -41.64
C VAL C 514 -17.53 12.54 -40.79
N ALA C 515 -17.34 12.50 -39.49
CA ALA C 515 -18.27 13.11 -38.55
C ALA C 515 -17.55 13.28 -37.22
N PRO C 516 -18.14 13.98 -36.28
CA PRO C 516 -17.49 14.10 -34.97
C PRO C 516 -17.46 12.80 -34.19
N LEU C 517 -16.57 11.90 -34.58
CA LEU C 517 -16.38 10.61 -33.91
C LEU C 517 -15.25 10.75 -32.92
N THR C 518 -15.44 10.22 -31.71
CA THR C 518 -14.39 10.38 -30.71
C THR C 518 -13.34 9.27 -30.85
N ILE C 519 -12.38 9.29 -29.94
CA ILE C 519 -11.26 8.35 -29.93
C ILE C 519 -11.22 7.69 -28.57
N ASN C 520 -11.41 6.38 -28.52
CA ASN C 520 -11.32 5.69 -27.24
C ASN C 520 -11.03 4.22 -27.51
N ASN C 521 -10.73 3.50 -26.42
CA ASN C 521 -10.19 2.15 -26.54
C ASN C 521 -11.14 1.23 -27.28
N GLU C 522 -12.41 1.19 -26.86
CA GLU C 522 -13.34 0.21 -27.40
C GLU C 522 -13.40 0.27 -28.92
N ARG C 523 -13.59 1.46 -29.48
CA ARG C 523 -13.68 1.55 -30.93
C ARG C 523 -12.32 1.36 -31.57
N ALA C 524 -11.25 1.51 -30.79
CA ALA C 524 -9.91 1.37 -31.36
C ALA C 524 -9.54 -0.08 -31.63
N GLN C 525 -10.35 -1.04 -31.17
CA GLN C 525 -10.10 -2.42 -31.51
C GLN C 525 -10.39 -2.70 -32.98
N TYR C 526 -11.51 -2.18 -33.47
CA TYR C 526 -12.08 -2.64 -34.72
C TYR C 526 -11.99 -1.65 -35.86
N ILE C 527 -11.68 -0.39 -35.59
CA ILE C 527 -11.59 0.64 -36.62
C ILE C 527 -10.18 1.23 -36.55
N GLU C 528 -9.71 1.74 -37.67
CA GLU C 528 -8.39 2.34 -37.71
C GLU C 528 -8.51 3.85 -37.90
N PHE C 529 -8.29 4.59 -36.82
CA PHE C 529 -8.53 6.02 -36.76
C PHE C 529 -7.48 6.79 -37.54
N SER C 530 -7.50 8.10 -37.39
CA SER C 530 -6.45 8.94 -37.94
C SER C 530 -5.92 9.88 -36.86
N LYS C 531 -5.00 10.75 -37.24
CA LYS C 531 -4.47 11.74 -36.27
C LYS C 531 -5.62 12.71 -35.98
N PRO C 532 -5.85 13.14 -34.74
CA PRO C 532 -6.99 13.98 -34.40
C PRO C 532 -6.98 15.27 -35.18
N PHE C 533 -8.17 15.77 -35.50
CA PHE C 533 -8.29 17.04 -36.17
C PHE C 533 -9.10 18.06 -35.40
N LYS C 534 -9.31 17.84 -34.10
CA LYS C 534 -9.86 18.84 -33.21
C LYS C 534 -9.78 18.30 -31.79
N TYR C 535 -9.47 19.16 -30.84
CA TYR C 535 -9.43 18.75 -29.44
C TYR C 535 -10.59 19.40 -28.69
N GLN C 536 -11.03 18.73 -27.62
CA GLN C 536 -12.24 19.16 -26.94
C GLN C 536 -12.32 18.46 -25.60
N GLY C 537 -13.45 18.61 -24.93
CA GLY C 537 -13.67 17.97 -23.65
C GLY C 537 -15.12 17.56 -23.42
N LEU C 538 -15.55 17.53 -22.15
CA LEU C 538 -16.93 17.34 -21.79
C LEU C 538 -17.33 18.39 -20.77
N THR C 539 -18.51 18.98 -20.95
CA THR C 539 -18.95 20.05 -20.09
C THR C 539 -20.47 20.06 -20.02
N ILE C 540 -20.99 20.68 -18.98
CA ILE C 540 -22.41 20.65 -18.66
C ILE C 540 -23.05 21.92 -19.23
N LEU C 541 -24.29 21.80 -19.70
CA LEU C 541 -25.09 22.93 -20.13
C LEU C 541 -26.26 23.13 -19.20
N VAL C 542 -26.50 24.36 -18.80
CA VAL C 542 -27.56 24.69 -17.84
C VAL C 542 -28.25 25.97 -18.28
N LYS C 543 -29.45 26.19 -17.75
CA LYS C 543 -30.22 27.37 -18.10
C LYS C 543 -29.84 28.55 -17.19
N LYS C 544 -29.83 29.75 -17.77
CA LYS C 544 -29.35 30.92 -17.06
C LYS C 544 -30.20 31.23 -15.84
N GLU C 545 -29.61 31.94 -14.89
CA GLU C 545 -30.31 32.44 -13.70
C GLU C 545 -30.45 33.95 -13.81
N ILE C 546 -31.63 34.46 -13.50
CA ILE C 546 -31.97 35.84 -13.88
C ILE C 546 -31.26 36.83 -12.96
N PRO C 547 -30.68 37.91 -13.50
CA PRO C 547 -30.13 38.99 -12.65
C PRO C 547 -31.24 39.93 -12.18
N ARG C 548 -31.80 39.65 -11.00
CA ARG C 548 -33.18 39.95 -10.61
C ARG C 548 -33.60 41.34 -11.13
N SER C 549 -33.03 42.43 -10.63
CA SER C 549 -33.45 43.76 -11.07
C SER C 549 -32.61 44.80 -10.34
N THR C 550 -32.79 46.06 -10.75
CA THR C 550 -32.21 47.20 -10.04
C THR C 550 -33.05 47.52 -8.82
N LEU C 551 -34.36 47.70 -9.03
CA LEU C 551 -35.28 48.11 -7.98
C LEU C 551 -35.16 47.22 -6.75
N ASP C 552 -34.89 45.93 -6.97
CA ASP C 552 -34.70 45.02 -5.83
C ASP C 552 -33.35 45.26 -5.17
N SER C 553 -32.31 45.54 -5.96
CA SER C 553 -30.97 45.69 -5.41
C SER C 553 -30.83 47.04 -4.70
N PHE C 554 -31.61 48.03 -5.12
CA PHE C 554 -31.49 49.36 -4.54
C PHE C 554 -31.85 49.35 -3.06
N MET C 555 -32.51 48.30 -2.59
CA MET C 555 -32.87 48.22 -1.18
C MET C 555 -32.12 47.09 -0.47
N GLN C 556 -31.11 46.54 -1.12
CA GLN C 556 -30.44 45.35 -0.58
C GLN C 556 -29.91 45.57 0.83
N PRO C 557 -29.02 46.53 1.11
CA PRO C 557 -28.61 46.73 2.51
C PRO C 557 -29.68 47.39 3.35
N PHE C 558 -30.76 47.84 2.71
CA PHE C 558 -31.93 48.33 3.43
C PHE C 558 -32.69 47.12 3.99
N GLN C 559 -32.19 46.57 5.09
CA GLN C 559 -32.70 45.31 5.63
C GLN C 559 -34.01 45.50 6.38
N SER C 560 -34.67 46.64 6.21
CA SER C 560 -36.02 46.89 6.68
C SER C 560 -36.12 46.92 8.20
N THR C 561 -35.01 46.76 8.90
CA THR C 561 -35.03 46.89 10.35
C THR C 561 -34.56 48.26 10.82
N LEU C 562 -33.34 48.65 10.46
CA LEU C 562 -32.94 50.04 10.67
C LEU C 562 -33.52 50.96 9.62
N TRP C 563 -33.93 50.41 8.48
CA TRP C 563 -34.44 51.23 7.39
C TRP C 563 -35.61 52.09 7.85
N LEU C 564 -36.40 51.60 8.81
CA LEU C 564 -37.48 52.36 9.40
C LEU C 564 -37.18 52.82 10.81
N LEU C 565 -36.29 52.15 11.52
CA LEU C 565 -35.87 52.63 12.83
C LEU C 565 -35.26 54.02 12.70
N VAL C 566 -34.61 54.29 11.58
CA VAL C 566 -34.14 55.64 11.31
C VAL C 566 -35.24 56.48 10.67
N GLY C 567 -36.08 55.86 9.83
CA GLY C 567 -37.16 56.59 9.18
C GLY C 567 -38.08 57.29 10.15
N LEU C 568 -38.19 56.78 11.38
CA LEU C 568 -38.98 57.42 12.42
C LEU C 568 -38.15 58.33 13.32
N SER C 569 -36.90 57.99 13.58
CA SER C 569 -36.11 58.76 14.54
C SER C 569 -35.67 60.09 13.95
N VAL C 570 -35.89 60.30 12.66
CA VAL C 570 -35.66 61.63 12.11
C VAL C 570 -36.68 62.61 12.67
N HIS C 571 -37.89 62.14 12.95
CA HIS C 571 -38.96 63.03 13.40
C HIS C 571 -38.72 63.54 14.81
N VAL C 572 -38.11 62.71 15.67
CA VAL C 572 -38.06 63.06 17.08
C VAL C 572 -37.18 64.28 17.33
N VAL C 573 -36.07 64.42 16.62
CA VAL C 573 -35.21 65.58 16.83
C VAL C 573 -35.92 66.86 16.44
N ALA C 574 -36.71 66.79 15.37
CA ALA C 574 -37.55 67.93 15.00
C ALA C 574 -38.41 68.38 16.18
N VAL C 575 -39.17 67.45 16.76
CA VAL C 575 -39.96 67.80 17.95
C VAL C 575 -39.08 67.86 19.19
N MET C 576 -37.78 67.63 19.07
CA MET C 576 -36.91 67.75 20.24
C MET C 576 -36.27 69.13 20.33
N LEU C 577 -36.26 69.87 19.21
CA LEU C 577 -35.66 71.20 19.24
C LEU C 577 -36.71 72.27 19.52
N TYR C 578 -37.82 72.27 18.77
CA TYR C 578 -38.85 73.29 18.99
C TYR C 578 -39.46 73.16 20.37
N LEU C 579 -39.69 71.91 20.83
CA LEU C 579 -40.11 71.70 22.21
C LEU C 579 -39.03 72.15 23.18
N LEU C 580 -37.78 72.24 22.72
CA LEU C 580 -36.75 72.87 23.53
C LEU C 580 -36.61 74.35 23.14
N ASP C 581 -37.01 74.70 21.92
CA ASP C 581 -36.97 76.11 21.51
C ASP C 581 -38.17 76.89 22.05
N ARG C 582 -39.35 76.29 22.05
CA ARG C 582 -40.51 76.96 22.65
C ARG C 582 -40.28 77.25 24.12
N PHE C 583 -39.46 76.45 24.79
CA PHE C 583 -39.06 76.75 26.16
C PHE C 583 -37.87 77.70 26.21
N SER C 584 -37.18 77.88 25.09
CA SER C 584 -36.02 78.77 25.00
C SER C 584 -34.93 78.42 26.00
N THR C 602 -42.10 78.20 12.98
CA THR C 602 -40.91 77.69 13.63
C THR C 602 -40.95 76.17 13.72
N LEU C 603 -41.87 75.63 14.52
CA LEU C 603 -41.94 74.18 14.70
C LEU C 603 -42.23 73.49 13.38
N SER C 604 -43.15 74.03 12.58
CA SER C 604 -43.49 73.39 11.32
C SER C 604 -42.30 73.37 10.37
N SER C 605 -41.48 74.43 10.39
CA SER C 605 -40.32 74.48 9.51
C SER C 605 -39.20 73.59 10.04
N ALA C 606 -39.10 73.43 11.36
CA ALA C 606 -38.10 72.54 11.92
C ALA C 606 -38.24 71.14 11.36
N MET C 607 -39.47 70.71 11.09
CA MET C 607 -39.72 69.45 10.41
C MET C 607 -39.22 69.44 8.98
N TRP C 608 -38.98 70.62 8.39
CA TRP C 608 -38.31 70.72 7.11
C TRP C 608 -36.82 70.99 7.26
N PHE C 609 -36.32 71.06 8.50
CA PHE C 609 -34.90 71.26 8.74
C PHE C 609 -34.13 69.96 8.87
N SER C 610 -34.76 68.91 9.40
CA SER C 610 -34.08 67.62 9.46
C SER C 610 -33.90 67.02 8.07
N TRP C 611 -35.00 66.83 7.35
CA TRP C 611 -34.96 66.12 6.08
C TRP C 611 -34.13 66.86 5.03
N GLY C 612 -33.65 68.06 5.36
CA GLY C 612 -32.71 68.71 4.48
C GLY C 612 -31.27 68.38 4.82
N VAL C 613 -30.88 68.64 6.07
CA VAL C 613 -29.49 68.44 6.47
C VAL C 613 -29.14 66.96 6.46
N LEU C 614 -30.12 66.10 6.68
CA LEU C 614 -29.90 64.67 6.52
C LEU C 614 -29.47 64.33 5.10
N LEU C 615 -30.15 64.93 4.12
CA LEU C 615 -29.86 64.64 2.73
C LEU C 615 -28.83 65.60 2.16
N ASN C 616 -28.36 66.48 3.06
CA ASN C 616 -27.22 67.43 2.92
C ASN C 616 -27.50 68.52 1.90
N SER C 617 -28.67 68.49 1.27
CA SER C 617 -29.02 69.54 0.34
C SER C 617 -29.07 70.88 1.05
N GLY C 618 -29.16 71.94 0.27
CA GLY C 618 -29.30 73.27 0.84
C GLY C 618 -30.75 73.70 0.90
N ILE C 619 -31.65 72.76 1.18
CA ILE C 619 -33.08 73.05 1.23
C ILE C 619 -33.47 73.18 2.70
N GLY C 620 -33.30 74.38 3.25
CA GLY C 620 -33.54 74.63 4.65
C GLY C 620 -34.17 75.99 4.90
N GLU C 621 -33.89 76.53 6.08
CA GLU C 621 -34.41 77.81 6.53
C GLU C 621 -33.50 78.33 7.63
N GLY C 622 -33.97 79.34 8.36
CA GLY C 622 -33.21 79.88 9.46
C GLY C 622 -32.76 78.82 10.45
N ALA C 623 -31.59 79.05 11.03
CA ALA C 623 -30.95 78.06 11.88
C ALA C 623 -31.41 78.19 13.33
N PRO C 624 -31.26 77.12 14.11
CA PRO C 624 -31.56 77.22 15.55
C PRO C 624 -30.73 78.30 16.21
N ARG C 625 -31.34 78.95 17.20
CA ARG C 625 -30.69 80.09 17.84
C ARG C 625 -29.94 79.69 19.10
N SER C 626 -30.59 79.01 20.03
CA SER C 626 -29.91 78.89 21.34
C SER C 626 -28.53 78.27 21.16
N PHE C 627 -27.60 78.52 22.10
CA PHE C 627 -26.24 77.90 22.09
C PHE C 627 -26.42 76.39 22.23
N SER C 628 -27.36 76.00 23.09
CA SER C 628 -27.76 74.59 23.27
C SER C 628 -28.31 74.09 21.92
N ALA C 629 -29.12 74.90 21.24
CA ALA C 629 -29.73 74.55 19.95
C ALA C 629 -28.63 74.34 18.90
N ARG C 630 -27.60 75.17 18.95
CA ARG C 630 -26.46 75.04 18.01
C ARG C 630 -25.81 73.70 18.28
N ILE C 631 -25.62 73.36 19.56
CA ILE C 631 -25.02 72.05 19.90
C ILE C 631 -25.93 70.93 19.37
N LEU C 632 -27.24 71.07 19.53
CA LEU C 632 -28.17 70.01 19.07
C LEU C 632 -28.10 69.82 17.56
N GLY C 633 -28.09 70.92 16.80
CA GLY C 633 -28.14 70.78 15.32
C GLY C 633 -26.91 70.09 14.80
N MET C 634 -25.76 70.48 15.33
CA MET C 634 -24.43 70.05 14.94
C MET C 634 -24.27 68.54 15.03
N VAL C 635 -24.75 67.95 16.12
CA VAL C 635 -24.63 66.53 16.16
C VAL C 635 -25.50 65.82 15.22
N TRP C 636 -26.65 66.39 14.87
CA TRP C 636 -27.43 65.75 13.90
C TRP C 636 -26.71 65.67 12.61
N ALA C 637 -26.00 66.71 12.18
CA ALA C 637 -25.24 66.59 10.96
C ALA C 637 -24.21 65.52 11.07
N GLY C 638 -23.54 65.46 12.21
CA GLY C 638 -22.57 64.40 12.38
C GLY C 638 -23.20 63.02 12.24
N PHE C 639 -24.38 62.77 12.79
CA PHE C 639 -25.01 61.47 12.64
C PHE C 639 -25.29 61.21 11.22
N ALA C 640 -25.78 62.20 10.52
CA ALA C 640 -26.09 62.02 9.13
C ALA C 640 -24.94 61.59 8.32
N MET C 641 -23.78 62.14 8.55
CA MET C 641 -22.68 61.74 7.71
C MET C 641 -22.32 60.28 7.74
N ILE C 642 -22.40 59.71 8.90
CA ILE C 642 -22.02 58.31 9.07
C ILE C 642 -23.01 57.39 8.37
N ILE C 643 -24.27 57.78 8.29
CA ILE C 643 -25.27 56.92 7.66
C ILE C 643 -24.93 56.70 6.20
N VAL C 644 -24.91 57.78 5.41
CA VAL C 644 -24.65 57.63 3.99
C VAL C 644 -23.29 57.02 3.76
N ALA C 645 -22.32 57.30 4.63
CA ALA C 645 -21.03 56.64 4.54
C ALA C 645 -21.17 55.14 4.72
N SER C 646 -21.96 54.71 5.70
CA SER C 646 -22.21 53.29 5.85
C SER C 646 -22.94 52.71 4.66
N TYR C 647 -23.89 53.45 4.10
CA TYR C 647 -24.69 52.92 3.01
C TYR C 647 -23.82 52.66 1.79
N THR C 648 -23.03 53.65 1.36
CA THR C 648 -22.27 53.49 0.13
C THR C 648 -21.24 52.38 0.23
N ALA C 649 -20.80 52.07 1.44
CA ALA C 649 -19.84 50.98 1.60
C ALA C 649 -20.54 49.64 1.52
N ASN C 650 -21.60 49.45 2.30
CA ASN C 650 -22.25 48.16 2.37
C ASN C 650 -22.81 47.75 1.00
N LEU C 651 -23.23 48.72 0.20
CA LEU C 651 -23.70 48.38 -1.14
C LEU C 651 -22.57 47.86 -2.01
N ALA C 652 -21.39 48.48 -1.89
CA ALA C 652 -20.26 48.08 -2.73
C ALA C 652 -19.89 46.62 -2.48
N ALA C 653 -19.61 46.29 -1.22
CA ALA C 653 -19.28 44.91 -0.88
C ALA C 653 -20.43 43.97 -1.22
N PHE C 654 -21.66 44.48 -1.24
CA PHE C 654 -22.78 43.66 -1.67
C PHE C 654 -22.70 43.38 -3.16
N LEU C 655 -21.85 44.11 -3.88
CA LEU C 655 -21.82 43.93 -5.33
C LEU C 655 -20.65 43.05 -5.75
N VAL C 656 -19.56 43.08 -4.98
CA VAL C 656 -18.41 42.24 -5.31
C VAL C 656 -18.67 40.80 -4.88
N LEU C 657 -19.08 40.60 -3.62
CA LEU C 657 -19.12 39.26 -3.06
C LEU C 657 -20.31 38.45 -3.60
N ASP C 658 -21.41 39.12 -3.91
CA ASP C 658 -22.57 38.44 -4.48
C ASP C 658 -22.44 38.40 -5.99
N ARG C 659 -21.28 37.95 -6.44
CA ARG C 659 -20.98 37.86 -7.86
C ARG C 659 -21.55 36.59 -8.49
N PRO C 660 -21.24 35.39 -7.97
CA PRO C 660 -21.57 34.18 -8.75
C PRO C 660 -23.06 33.96 -8.96
N GLU C 661 -23.83 33.79 -7.88
CA GLU C 661 -25.25 33.47 -7.94
C GLU C 661 -25.54 32.48 -9.06
N GLU C 662 -24.73 31.43 -9.12
CA GLU C 662 -24.72 30.52 -10.26
C GLU C 662 -25.32 29.18 -9.90
N ARG C 663 -25.59 28.38 -10.94
CA ARG C 663 -26.12 27.04 -10.78
C ARG C 663 -25.01 26.09 -10.35
N ILE C 664 -25.29 24.78 -10.37
CA ILE C 664 -24.28 23.79 -9.98
C ILE C 664 -23.02 23.98 -10.80
N THR C 665 -21.88 23.73 -10.17
CA THR C 665 -20.59 23.80 -10.84
C THR C 665 -20.25 22.46 -11.44
N GLY C 666 -18.98 22.25 -11.79
CA GLY C 666 -18.56 20.94 -12.25
C GLY C 666 -18.85 19.88 -11.22
N ILE C 667 -18.64 18.63 -11.62
CA ILE C 667 -19.10 17.53 -10.78
C ILE C 667 -18.10 17.29 -9.66
N ASN C 668 -18.26 18.04 -8.57
CA ASN C 668 -17.55 17.81 -7.32
C ASN C 668 -18.58 17.87 -6.18
N ASP C 669 -19.24 16.72 -5.93
CA ASP C 669 -20.30 16.55 -4.95
C ASP C 669 -21.38 17.64 -4.99
N PRO C 670 -21.92 18.01 -6.16
CA PRO C 670 -23.14 18.84 -6.16
C PRO C 670 -24.39 17.98 -6.07
N ARG C 671 -25.54 18.56 -6.39
CA ARG C 671 -26.78 17.80 -6.48
C ARG C 671 -26.65 16.56 -7.36
N LEU C 672 -25.57 16.47 -8.15
CA LEU C 672 -25.31 15.24 -8.89
C LEU C 672 -25.24 14.04 -7.97
N ARG C 673 -24.87 14.23 -6.70
CA ARG C 673 -24.66 13.11 -5.81
C ARG C 673 -25.97 12.40 -5.45
N ASN C 674 -27.05 13.15 -5.32
CA ASN C 674 -28.31 12.52 -4.95
C ASN C 674 -29.28 12.58 -6.11
N PRO C 675 -29.74 11.43 -6.59
CA PRO C 675 -30.67 11.39 -7.73
C PRO C 675 -32.09 11.74 -7.33
N SER C 676 -32.26 12.95 -6.79
CA SER C 676 -33.59 13.42 -6.48
C SER C 676 -34.29 13.88 -7.74
N ASP C 677 -35.61 14.00 -7.66
CA ASP C 677 -36.36 14.52 -8.78
C ASP C 677 -36.22 16.03 -8.95
N LYS C 678 -35.32 16.66 -8.20
CA LYS C 678 -35.09 18.09 -8.38
C LYS C 678 -34.23 18.36 -9.61
N PHE C 679 -33.28 17.47 -9.90
CA PHE C 679 -32.41 17.59 -11.05
C PHE C 679 -32.61 16.39 -11.97
N ILE C 680 -32.39 16.59 -13.26
CA ILE C 680 -32.48 15.55 -14.26
C ILE C 680 -31.25 15.62 -15.14
N TYR C 681 -30.51 14.52 -15.24
CA TYR C 681 -29.29 14.46 -16.03
C TYR C 681 -29.56 13.63 -17.27
N ALA C 682 -29.11 14.12 -18.43
CA ALA C 682 -29.43 13.46 -19.68
C ALA C 682 -28.18 13.34 -20.54
N THR C 683 -28.26 12.46 -21.52
CA THR C 683 -27.24 12.22 -22.53
C THR C 683 -27.96 11.81 -23.80
N VAL C 684 -27.21 11.25 -24.74
CA VAL C 684 -27.80 10.65 -25.93
C VAL C 684 -27.43 9.18 -25.96
N LYS C 685 -28.43 8.32 -26.21
CA LYS C 685 -28.20 6.89 -26.22
C LYS C 685 -27.15 6.50 -27.25
N GLN C 686 -26.42 5.43 -26.95
CA GLN C 686 -25.41 4.88 -27.85
C GLN C 686 -24.28 5.87 -28.14
N SER C 687 -23.73 6.48 -27.12
CA SER C 687 -22.62 7.41 -27.29
C SER C 687 -21.44 6.98 -26.43
N SER C 688 -20.31 7.65 -26.65
CA SER C 688 -19.18 7.48 -25.75
C SER C 688 -19.53 7.99 -24.36
N VAL C 689 -20.17 9.15 -24.28
CA VAL C 689 -20.54 9.71 -22.99
C VAL C 689 -21.40 8.73 -22.21
N ASP C 690 -22.37 8.11 -22.88
CA ASP C 690 -23.17 7.09 -22.22
C ASP C 690 -22.32 5.97 -21.67
N ILE C 691 -21.52 5.32 -22.51
CA ILE C 691 -20.66 4.25 -22.04
C ILE C 691 -19.75 4.72 -20.92
N TYR C 692 -19.26 5.97 -21.03
CA TYR C 692 -18.23 6.40 -20.11
C TYR C 692 -18.70 6.36 -18.66
N PHE C 693 -20.01 6.48 -18.43
CA PHE C 693 -20.48 6.44 -17.06
C PHE C 693 -20.74 5.01 -16.61
N ARG C 694 -20.98 4.11 -17.56
CA ARG C 694 -21.31 2.74 -17.19
C ARG C 694 -20.10 2.00 -16.64
N ARG C 695 -18.97 2.07 -17.35
CA ARG C 695 -17.77 1.37 -16.89
C ARG C 695 -17.28 1.95 -15.56
N GLN C 696 -17.58 3.20 -15.31
CA GLN C 696 -17.14 3.83 -14.07
C GLN C 696 -17.99 3.34 -12.90
N VAL C 697 -17.43 2.47 -12.07
CA VAL C 697 -18.20 1.93 -10.95
C VAL C 697 -18.20 2.93 -9.79
N GLU C 698 -17.21 3.83 -9.75
CA GLU C 698 -17.19 4.84 -8.71
C GLU C 698 -18.37 5.80 -8.85
N LEU C 699 -18.98 5.84 -10.03
CA LEU C 699 -20.15 6.66 -10.28
C LEU C 699 -21.41 5.84 -10.53
N SER C 700 -21.56 4.72 -9.82
CA SER C 700 -22.74 3.88 -10.02
C SER C 700 -24.03 4.65 -9.80
N THR C 701 -24.06 5.48 -8.77
CA THR C 701 -25.25 6.29 -8.50
C THR C 701 -25.56 7.20 -9.68
N MET C 702 -24.52 7.77 -10.29
CA MET C 702 -24.72 8.74 -11.34
C MET C 702 -25.41 8.13 -12.55
N TYR C 703 -25.22 6.83 -12.75
CA TYR C 703 -25.77 6.22 -13.96
C TYR C 703 -27.18 5.70 -13.74
N ARG C 704 -27.44 5.06 -12.60
CA ARG C 704 -28.75 4.45 -12.35
C ARG C 704 -29.87 5.47 -12.58
N HIS C 705 -29.59 6.74 -12.30
CA HIS C 705 -30.55 7.78 -12.62
C HIS C 705 -30.57 8.09 -14.10
N MET C 706 -29.39 8.13 -14.72
CA MET C 706 -29.27 8.64 -16.08
C MET C 706 -30.03 7.78 -17.07
N GLU C 707 -30.22 6.50 -16.74
CA GLU C 707 -30.98 5.61 -17.61
C GLU C 707 -32.40 6.11 -17.84
N LYS C 708 -33.00 6.74 -16.83
CA LYS C 708 -34.44 6.97 -16.85
C LYS C 708 -34.81 8.17 -17.69
N HIS C 709 -33.83 9.00 -18.08
CA HIS C 709 -34.13 10.27 -18.72
C HIS C 709 -33.30 10.52 -19.97
N ASN C 710 -32.60 9.51 -20.46
CA ASN C 710 -31.80 9.71 -21.66
C ASN C 710 -32.70 10.12 -22.81
N TYR C 711 -32.12 10.85 -23.75
CA TYR C 711 -32.85 11.30 -24.93
C TYR C 711 -32.38 10.53 -26.14
N GLU C 712 -32.91 10.92 -27.31
CA GLU C 712 -32.65 10.16 -28.52
C GLU C 712 -31.88 10.92 -29.57
N SER C 713 -31.89 12.25 -29.52
CA SER C 713 -31.16 13.04 -30.51
C SER C 713 -30.65 14.31 -29.82
N ALA C 714 -29.38 14.61 -30.07
CA ALA C 714 -28.73 15.69 -29.34
C ALA C 714 -29.42 17.03 -29.58
N ALA C 715 -30.18 17.15 -30.67
CA ALA C 715 -30.80 18.42 -30.97
C ALA C 715 -32.10 18.61 -30.21
N GLU C 716 -32.89 17.54 -30.08
CA GLU C 716 -34.17 17.67 -29.39
C GLU C 716 -33.97 17.88 -27.89
N ALA C 717 -32.88 17.36 -27.34
CA ALA C 717 -32.65 17.48 -25.90
C ALA C 717 -32.20 18.89 -25.52
N ILE C 718 -31.52 19.59 -26.44
CA ILE C 718 -31.23 20.99 -26.20
C ILE C 718 -32.53 21.76 -25.99
N GLN C 719 -33.54 21.47 -26.81
CA GLN C 719 -34.83 22.13 -26.65
C GLN C 719 -35.40 21.94 -25.26
N ALA C 720 -35.19 20.77 -24.66
CA ALA C 720 -35.75 20.51 -23.35
C ALA C 720 -35.18 21.45 -22.29
N VAL C 721 -33.93 21.90 -22.45
CA VAL C 721 -33.37 22.81 -21.46
C VAL C 721 -33.97 24.20 -21.60
N ARG C 722 -34.35 24.57 -22.83
CA ARG C 722 -35.03 25.85 -23.01
C ARG C 722 -36.51 25.76 -22.66
N ASP C 723 -36.94 24.66 -22.06
CA ASP C 723 -38.34 24.43 -21.74
C ASP C 723 -38.57 24.11 -20.27
N ASN C 724 -37.56 24.34 -19.42
CA ASN C 724 -37.70 24.11 -17.97
C ASN C 724 -38.15 22.69 -17.65
N LYS C 725 -37.94 21.77 -18.59
CA LYS C 725 -38.22 20.37 -18.36
C LYS C 725 -36.97 19.59 -17.95
N LEU C 726 -35.81 20.02 -18.43
CA LEU C 726 -34.56 19.32 -18.19
C LEU C 726 -33.55 20.28 -17.58
N HIS C 727 -32.93 19.89 -16.47
CA HIS C 727 -32.09 20.82 -15.73
C HIS C 727 -30.64 20.82 -16.22
N ALA C 728 -30.11 19.65 -16.55
CA ALA C 728 -28.69 19.55 -16.87
C ALA C 728 -28.48 18.60 -18.04
N PHE C 729 -27.54 18.96 -18.92
CA PHE C 729 -27.20 18.19 -20.10
C PHE C 729 -25.69 17.99 -20.13
N ILE C 730 -25.25 16.76 -20.31
CA ILE C 730 -23.84 16.40 -20.24
C ILE C 730 -23.43 15.82 -21.58
N TRP C 731 -22.78 16.61 -22.40
CA TRP C 731 -22.50 16.24 -23.78
C TRP C 731 -21.16 16.83 -24.17
N ASP C 732 -20.85 16.84 -25.46
CA ASP C 732 -19.58 17.29 -25.98
C ASP C 732 -19.34 18.76 -25.65
N SER C 733 -18.14 19.24 -25.95
CA SER C 733 -17.83 20.63 -25.68
C SER C 733 -17.73 21.44 -26.95
N ALA C 734 -17.36 20.82 -28.07
CA ALA C 734 -17.32 21.57 -29.31
C ALA C 734 -18.70 22.01 -29.73
N VAL C 735 -19.60 21.05 -29.95
CA VAL C 735 -20.96 21.37 -30.38
C VAL C 735 -21.67 22.19 -29.32
N LEU C 736 -21.35 21.97 -28.05
CA LEU C 736 -22.14 22.59 -27.01
C LEU C 736 -21.56 23.93 -26.59
N GLU C 737 -20.53 24.41 -27.27
CA GLU C 737 -20.07 25.77 -27.00
C GLU C 737 -20.61 26.74 -28.04
N PHE C 738 -20.48 26.40 -29.32
CA PHE C 738 -21.22 27.13 -30.33
C PHE C 738 -22.68 27.25 -29.95
N GLU C 739 -23.29 26.13 -29.54
CA GLU C 739 -24.71 26.11 -29.22
C GLU C 739 -25.08 27.12 -28.16
N ALA C 740 -24.14 27.45 -27.27
CA ALA C 740 -24.45 28.45 -26.26
C ALA C 740 -24.06 29.84 -26.74
N SER C 741 -22.85 29.99 -27.25
CA SER C 741 -22.37 31.29 -27.69
C SER C 741 -23.13 31.84 -28.88
N GLN C 742 -23.99 31.04 -29.50
CA GLN C 742 -24.68 31.53 -30.69
C GLN C 742 -26.17 31.66 -30.48
N LYS C 743 -26.82 30.67 -29.87
CA LYS C 743 -28.27 30.76 -29.81
C LYS C 743 -28.69 31.96 -28.98
N CYS C 744 -28.63 31.85 -27.65
CA CYS C 744 -28.47 32.91 -26.66
C CYS C 744 -28.83 32.32 -25.30
N ASP C 745 -28.70 33.12 -24.24
CA ASP C 745 -29.44 32.87 -22.98
C ASP C 745 -29.08 31.52 -22.34
N LEU C 746 -28.01 30.91 -22.78
CA LEU C 746 -27.54 29.65 -22.23
C LEU C 746 -26.05 29.71 -21.95
N VAL C 747 -25.64 29.11 -20.84
CA VAL C 747 -24.27 29.20 -20.37
C VAL C 747 -23.82 27.82 -19.91
N THR C 748 -22.53 27.58 -20.01
CA THR C 748 -21.92 26.29 -19.68
C THR C 748 -21.15 26.42 -18.38
N THR C 749 -21.40 25.51 -17.44
CA THR C 749 -20.89 25.63 -16.09
C THR C 749 -19.47 25.12 -15.99
N GLY C 750 -18.52 26.05 -16.02
CA GLY C 750 -17.16 25.76 -15.59
C GLY C 750 -16.28 25.11 -16.63
N GLU C 751 -15.24 24.46 -16.11
CA GLU C 751 -14.23 23.81 -16.93
C GLU C 751 -14.75 22.47 -17.45
N LEU C 752 -13.86 21.76 -18.14
CA LEU C 752 -14.17 20.46 -18.70
C LEU C 752 -13.44 19.37 -17.93
N PHE C 753 -14.07 18.21 -17.79
CA PHE C 753 -13.58 17.21 -16.84
C PHE C 753 -13.08 15.95 -17.53
N PHE C 754 -12.85 16.03 -18.83
CA PHE C 754 -12.34 14.93 -19.62
C PHE C 754 -11.74 15.50 -20.90
N ARG C 755 -10.80 14.78 -21.51
CA ARG C 755 -10.12 15.36 -22.68
C ARG C 755 -9.96 14.28 -23.73
N SER C 756 -10.42 14.56 -24.94
CA SER C 756 -10.36 13.60 -26.02
C SER C 756 -10.20 14.37 -27.33
N GLY C 757 -10.31 13.66 -28.45
CA GLY C 757 -10.20 14.28 -29.75
C GLY C 757 -11.20 13.67 -30.71
N PHE C 758 -11.19 14.19 -31.94
CA PHE C 758 -12.03 13.67 -33.00
C PHE C 758 -11.16 12.93 -34.00
N GLY C 759 -11.76 12.48 -35.10
CA GLY C 759 -10.97 11.84 -36.12
C GLY C 759 -11.73 11.13 -37.20
N ILE C 760 -11.16 11.10 -38.40
CA ILE C 760 -11.70 10.26 -39.46
C ILE C 760 -11.63 8.81 -39.04
N GLY C 761 -12.49 7.99 -39.61
CA GLY C 761 -12.44 6.55 -39.40
C GLY C 761 -12.28 5.83 -40.72
N MET C 762 -11.86 4.57 -40.64
CA MET C 762 -11.64 3.73 -41.81
C MET C 762 -11.47 2.30 -41.32
N ARG C 763 -11.80 1.36 -42.19
CA ARG C 763 -11.68 -0.04 -41.82
C ARG C 763 -10.22 -0.42 -41.62
N LYS C 764 -9.99 -1.51 -40.91
CA LYS C 764 -8.67 -2.10 -40.89
C LYS C 764 -8.21 -2.39 -42.32
N ASP C 765 -6.89 -2.40 -42.50
CA ASP C 765 -6.30 -2.70 -43.79
C ASP C 765 -6.83 -1.77 -44.87
N SER C 766 -6.63 -0.47 -44.68
CA SER C 766 -6.96 0.48 -45.72
C SER C 766 -5.69 1.07 -46.31
N PRO C 767 -5.64 1.30 -47.61
CA PRO C 767 -4.49 2.01 -48.17
C PRO C 767 -4.47 3.47 -47.82
N TRP C 768 -5.64 4.12 -47.72
CA TRP C 768 -5.68 5.56 -47.52
C TRP C 768 -5.21 5.97 -46.14
N LYS C 769 -5.22 5.05 -45.18
CA LYS C 769 -4.88 5.38 -43.80
C LYS C 769 -3.62 6.23 -43.71
N GLN C 770 -2.56 5.82 -44.39
CA GLN C 770 -1.29 6.53 -44.26
C GLN C 770 -1.36 7.90 -44.93
N ASN C 771 -2.21 8.03 -45.96
CA ASN C 771 -2.18 9.25 -46.74
C ASN C 771 -3.07 10.34 -46.16
N VAL C 772 -4.32 10.00 -45.83
CA VAL C 772 -5.23 10.98 -45.26
C VAL C 772 -4.66 11.53 -43.96
N SER C 773 -3.98 10.69 -43.20
CA SER C 773 -3.45 11.13 -41.91
C SER C 773 -2.28 12.09 -42.08
N LEU C 774 -1.83 12.28 -43.33
CA LEU C 774 -0.89 13.36 -43.59
C LEU C 774 -1.62 14.67 -43.85
N SER C 775 -2.64 14.64 -44.71
CA SER C 775 -3.37 15.86 -45.00
C SER C 775 -3.90 16.50 -43.73
N ILE C 776 -4.45 15.70 -42.81
CA ILE C 776 -4.91 16.25 -41.55
C ILE C 776 -3.78 16.97 -40.84
N LEU C 777 -2.57 16.43 -40.92
CA LEU C 777 -1.43 17.14 -40.35
C LEU C 777 -0.99 18.28 -41.24
N LYS C 778 -0.93 18.04 -42.55
CA LYS C 778 -0.41 19.05 -43.46
C LYS C 778 -1.26 20.31 -43.42
N SER C 779 -2.53 20.18 -43.04
CA SER C 779 -3.41 21.34 -42.97
C SER C 779 -3.32 22.05 -41.64
N HIS C 780 -2.95 21.36 -40.56
CA HIS C 780 -2.74 22.07 -39.31
C HIS C 780 -1.59 23.06 -39.42
N GLU C 781 -0.67 22.83 -40.35
CA GLU C 781 0.48 23.72 -40.48
C GLU C 781 0.12 24.96 -41.28
N ASN C 782 -0.74 24.81 -42.29
CA ASN C 782 -1.05 25.91 -43.21
C ASN C 782 -2.15 26.82 -42.71
N GLY C 783 -2.41 26.85 -41.40
CA GLY C 783 -3.49 27.66 -40.88
C GLY C 783 -4.86 27.32 -41.40
N PHE C 784 -4.99 26.29 -42.24
CA PHE C 784 -6.29 25.92 -42.77
C PHE C 784 -7.26 25.61 -41.66
N MET C 785 -6.92 24.65 -40.79
CA MET C 785 -7.80 24.27 -39.71
C MET C 785 -8.10 25.45 -38.79
N GLU C 786 -7.30 26.50 -38.87
CA GLU C 786 -7.56 27.67 -38.03
C GLU C 786 -8.71 28.49 -38.58
N ASP C 787 -8.74 28.72 -39.90
CA ASP C 787 -9.77 29.58 -40.46
C ASP C 787 -11.11 28.88 -40.52
N LEU C 788 -11.13 27.58 -40.82
CA LEU C 788 -12.37 26.82 -40.71
C LEU C 788 -12.98 26.98 -39.33
N ASP C 789 -12.15 27.14 -38.30
CA ASP C 789 -12.65 27.57 -37.01
C ASP C 789 -13.23 28.97 -37.10
N LYS C 790 -12.51 29.89 -37.75
CA LYS C 790 -12.97 31.26 -37.78
C LYS C 790 -14.14 31.44 -38.74
N THR C 791 -14.44 30.42 -39.55
CA THR C 791 -15.56 30.55 -40.49
C THR C 791 -16.90 30.35 -39.81
N TRP C 792 -17.17 29.17 -39.26
CA TRP C 792 -18.49 28.89 -38.70
C TRP C 792 -18.42 28.09 -37.41
N VAL C 793 -17.55 28.46 -36.47
CA VAL C 793 -17.73 27.99 -35.10
C VAL C 793 -17.46 29.18 -34.18
N ARG C 794 -16.95 30.26 -34.75
CA ARG C 794 -16.73 31.49 -33.99
C ARG C 794 -17.34 32.64 -34.77
N TYR C 795 -17.09 33.86 -34.29
CA TYR C 795 -17.62 35.07 -34.91
C TYR C 795 -19.13 35.00 -35.10
N GLN C 796 -19.80 34.31 -34.17
CA GLN C 796 -21.24 34.18 -34.16
C GLN C 796 -21.76 34.34 -32.74
N GLU C 797 -21.30 35.38 -32.04
CA GLU C 797 -21.54 35.52 -30.62
C GLU C 797 -22.81 36.31 -30.32
N CYS C 798 -23.41 36.03 -29.17
CA CYS C 798 -24.62 36.71 -28.71
C CYS C 798 -24.25 38.06 -28.08
N THR D 62 -6.96 -54.73 59.26
CA THR D 62 -7.74 -55.69 58.51
C THR D 62 -9.12 -55.12 58.16
N VAL D 63 -9.73 -55.67 57.12
CA VAL D 63 -11.03 -55.19 56.63
C VAL D 63 -11.98 -56.37 56.58
N ALA D 64 -13.28 -56.12 56.79
CA ALA D 64 -14.29 -57.15 56.67
C ALA D 64 -15.27 -56.75 55.61
N VAL D 65 -16.04 -57.73 55.12
CA VAL D 65 -17.04 -57.53 54.07
C VAL D 65 -18.27 -58.33 54.44
N VAL D 66 -19.44 -57.75 54.23
CA VAL D 66 -20.71 -58.38 54.57
C VAL D 66 -21.62 -58.37 53.35
N PHE D 67 -22.05 -59.55 52.94
CA PHE D 67 -23.08 -59.68 51.92
C PHE D 67 -24.39 -59.93 52.66
N SER D 68 -25.39 -59.09 52.43
CA SER D 68 -26.61 -59.12 53.22
C SER D 68 -27.82 -59.31 52.33
N SER D 69 -27.58 -59.57 51.04
CA SER D 69 -28.70 -59.80 50.14
C SER D 69 -28.20 -60.28 48.79
N SER D 70 -28.98 -61.13 48.12
CA SER D 70 -28.55 -61.65 46.84
C SER D 70 -29.55 -62.53 46.12
N GLY D 71 -29.38 -62.62 44.81
CA GLY D 71 -29.63 -63.84 44.06
C GLY D 71 -28.27 -64.45 43.81
N PRO D 72 -28.15 -65.77 43.93
CA PRO D 72 -26.85 -66.36 44.33
C PRO D 72 -25.69 -65.85 43.50
N PRO D 73 -24.85 -65.00 44.09
CA PRO D 73 -23.70 -64.45 43.37
C PRO D 73 -22.40 -65.16 43.72
N GLN D 74 -22.51 -66.27 44.46
CA GLN D 74 -21.36 -66.81 45.20
C GLN D 74 -20.12 -66.94 44.33
N ALA D 75 -20.29 -66.99 43.02
CA ALA D 75 -19.15 -66.85 42.12
C ALA D 75 -18.43 -65.53 42.35
N GLN D 76 -19.19 -64.46 42.64
CA GLN D 76 -18.58 -63.19 43.02
C GLN D 76 -18.11 -63.23 44.47
N PHE D 77 -18.78 -64.01 45.31
CA PHE D 77 -18.30 -64.21 46.67
C PHE D 77 -16.99 -64.99 46.68
N ARG D 78 -16.98 -66.14 46.01
CA ARG D 78 -15.75 -66.91 45.89
C ARG D 78 -14.65 -66.08 45.24
N ALA D 79 -15.04 -65.18 44.33
CA ALA D 79 -14.06 -64.31 43.69
C ALA D 79 -13.35 -63.43 44.70
N ARG D 80 -14.06 -62.99 45.74
CA ARG D 80 -13.47 -62.08 46.71
C ARG D 80 -12.77 -62.84 47.82
N LEU D 81 -12.76 -64.17 47.74
CA LEU D 81 -12.14 -64.97 48.80
C LEU D 81 -10.62 -64.86 48.77
N THR D 82 -10.01 -65.14 47.63
CA THR D 82 -8.55 -65.16 47.55
C THR D 82 -7.88 -63.78 47.50
N PRO D 83 -8.43 -62.75 46.84
CA PRO D 83 -7.58 -61.65 46.38
C PRO D 83 -7.02 -60.81 47.52
N GLN D 84 -6.23 -61.45 48.39
CA GLN D 84 -5.47 -60.71 49.39
C GLN D 84 -4.46 -59.79 48.73
N SER D 85 -4.27 -59.91 47.42
CA SER D 85 -3.44 -59.01 46.63
C SER D 85 -4.23 -58.28 45.55
N PHE D 86 -5.54 -58.07 45.75
CA PHE D 86 -6.36 -57.45 44.72
C PHE D 86 -5.98 -56.00 44.50
N LEU D 87 -5.88 -55.22 45.58
CA LEU D 87 -5.78 -53.79 45.46
C LEU D 87 -4.35 -53.34 45.22
N ASP D 88 -4.20 -52.09 44.81
CA ASP D 88 -2.91 -51.41 44.77
C ASP D 88 -2.72 -50.46 45.95
N LEU D 89 -3.71 -50.36 46.82
CA LEU D 89 -3.62 -49.46 47.97
C LEU D 89 -2.54 -49.93 48.93
N PRO D 90 -1.77 -49.01 49.51
CA PRO D 90 -0.61 -49.37 50.33
C PRO D 90 -0.96 -49.72 51.77
N LEU D 91 -1.37 -50.97 51.99
CA LEU D 91 -1.61 -51.49 53.32
C LEU D 91 -1.87 -52.99 53.23
N GLU D 92 -2.04 -53.61 54.40
CA GLU D 92 -2.35 -55.03 54.45
C GLU D 92 -3.84 -55.27 54.18
N ILE D 93 -4.26 -55.17 52.92
CA ILE D 93 -5.67 -55.16 52.56
C ILE D 93 -6.31 -56.54 52.62
N GLN D 94 -5.55 -57.54 53.07
CA GLN D 94 -6.03 -58.92 53.06
C GLN D 94 -7.37 -59.02 53.79
N PRO D 95 -8.47 -59.23 53.07
CA PRO D 95 -9.78 -59.18 53.71
C PRO D 95 -10.33 -60.53 54.11
N LEU D 96 -10.96 -60.60 55.27
CA LEU D 96 -11.81 -61.73 55.60
C LEU D 96 -13.20 -61.47 55.03
N THR D 97 -14.17 -62.30 55.39
CA THR D 97 -15.47 -62.22 54.77
C THR D 97 -16.51 -62.84 55.71
N VAL D 98 -17.78 -62.54 55.43
CA VAL D 98 -18.89 -63.18 56.10
C VAL D 98 -20.03 -63.25 55.10
N GLY D 99 -21.07 -64.02 55.44
CA GLY D 99 -22.27 -64.09 54.65
C GLY D 99 -23.50 -63.93 55.53
N VAL D 100 -24.62 -63.63 54.91
CA VAL D 100 -25.90 -63.51 55.61
C VAL D 100 -26.99 -64.06 54.71
N ASN D 101 -27.79 -64.97 55.25
CA ASN D 101 -29.07 -65.34 54.67
C ASN D 101 -30.14 -64.66 55.51
N THR D 102 -31.21 -64.20 54.87
CA THR D 102 -32.40 -63.78 55.60
C THR D 102 -32.07 -62.69 56.62
N THR D 103 -31.70 -61.51 56.14
CA THR D 103 -31.35 -60.36 56.97
C THR D 103 -32.50 -60.04 57.93
N ASN D 104 -32.18 -59.97 59.22
CA ASN D 104 -33.13 -59.62 60.26
C ASN D 104 -32.39 -59.30 61.56
N PRO D 105 -33.00 -58.59 62.51
CA PRO D 105 -32.27 -58.23 63.74
C PRO D 105 -31.76 -59.43 64.52
N SER D 106 -32.29 -60.63 64.26
CA SER D 106 -31.82 -61.81 64.97
C SER D 106 -30.42 -62.18 64.53
N SER D 107 -30.26 -62.55 63.26
CA SER D 107 -28.96 -62.96 62.77
C SER D 107 -28.00 -61.78 62.70
N LEU D 108 -28.50 -60.64 62.24
CA LEU D 108 -27.64 -59.49 61.96
C LEU D 108 -26.89 -59.05 63.22
N LEU D 109 -27.53 -59.15 64.38
CA LEU D 109 -26.83 -58.94 65.63
C LEU D 109 -25.91 -60.11 65.94
N THR D 110 -26.39 -61.33 65.72
CA THR D 110 -25.64 -62.52 66.13
C THR D 110 -24.27 -62.54 65.47
N GLN D 111 -24.24 -62.37 64.15
CA GLN D 111 -23.01 -62.53 63.38
C GLN D 111 -21.95 -61.52 63.78
N ILE D 112 -22.30 -60.23 63.72
CA ILE D 112 -21.30 -59.23 63.39
C ILE D 112 -20.66 -58.62 64.63
N CYS D 113 -20.84 -59.23 65.80
CA CYS D 113 -19.87 -58.96 66.87
C CYS D 113 -19.18 -60.24 67.31
N GLY D 114 -19.85 -61.40 67.16
CA GLY D 114 -19.14 -62.65 67.31
C GLY D 114 -17.92 -62.71 66.41
N LEU D 115 -18.05 -62.19 65.19
CA LEU D 115 -16.90 -62.03 64.32
C LEU D 115 -15.88 -61.08 64.92
N LEU D 116 -16.35 -60.08 65.68
CA LEU D 116 -15.43 -59.13 66.28
C LEU D 116 -14.57 -59.79 67.36
N GLY D 117 -14.92 -61.01 67.76
CA GLY D 117 -14.09 -61.73 68.71
C GLY D 117 -13.01 -62.54 68.04
N ALA D 118 -13.28 -63.03 66.82
CA ALA D 118 -12.31 -63.88 66.13
C ALA D 118 -11.18 -63.07 65.51
N ALA D 119 -11.35 -61.75 65.42
CA ALA D 119 -10.32 -60.88 64.88
C ALA D 119 -10.53 -59.47 65.43
N HIS D 120 -9.59 -58.58 65.09
CA HIS D 120 -9.64 -57.22 65.60
C HIS D 120 -9.78 -56.21 64.46
N VAL D 121 -10.68 -56.48 63.52
CA VAL D 121 -10.34 -56.29 62.11
C VAL D 121 -9.78 -54.91 61.79
N HIS D 122 -10.62 -53.92 61.50
CA HIS D 122 -10.54 -52.60 62.12
C HIS D 122 -11.89 -51.92 61.87
N GLY D 123 -12.72 -52.57 61.05
CA GLY D 123 -13.87 -51.92 60.45
C GLY D 123 -14.61 -52.82 59.48
N ILE D 124 -15.83 -52.44 59.08
CA ILE D 124 -16.69 -53.28 58.27
C ILE D 124 -17.10 -52.51 57.03
N VAL D 125 -17.63 -53.24 56.04
CA VAL D 125 -18.17 -52.66 54.82
C VAL D 125 -19.42 -53.44 54.46
N PHE D 126 -20.52 -52.73 54.20
CA PHE D 126 -21.84 -53.34 54.11
C PHE D 126 -22.37 -53.31 52.68
N GLU D 127 -23.39 -54.12 52.42
CA GLU D 127 -24.13 -54.09 51.17
C GLU D 127 -25.38 -54.95 51.33
N ASP D 128 -26.52 -54.48 50.83
CA ASP D 128 -27.72 -55.29 50.82
C ASP D 128 -28.65 -54.84 49.71
N ASN D 129 -29.85 -55.41 49.70
CA ASN D 129 -30.85 -55.05 48.71
C ASN D 129 -31.70 -53.89 49.19
N VAL D 130 -32.36 -53.24 48.25
CA VAL D 130 -33.18 -52.06 48.49
C VAL D 130 -34.55 -52.52 49.00
N ASP D 131 -35.38 -51.57 49.42
CA ASP D 131 -36.76 -51.70 49.88
C ASP D 131 -36.87 -52.15 51.33
N THR D 132 -35.75 -52.41 52.01
CA THR D 132 -35.74 -52.61 53.45
C THR D 132 -35.14 -51.37 54.09
N GLU D 133 -35.90 -50.74 54.97
CA GLU D 133 -35.49 -49.47 55.56
C GLU D 133 -35.12 -49.58 57.03
N ALA D 134 -35.72 -50.50 57.77
CA ALA D 134 -35.45 -50.58 59.21
C ALA D 134 -34.02 -50.98 59.49
N VAL D 135 -33.34 -51.59 58.52
CA VAL D 135 -31.98 -52.09 58.76
C VAL D 135 -30.99 -50.92 58.80
N ALA D 136 -31.49 -49.72 58.59
CA ALA D 136 -30.62 -48.56 58.63
C ALA D 136 -30.17 -48.24 60.04
N GLN D 137 -31.07 -48.31 61.02
CA GLN D 137 -30.70 -47.94 62.37
C GLN D 137 -29.83 -48.99 63.04
N ILE D 138 -30.15 -50.26 62.85
CA ILE D 138 -29.46 -51.34 63.56
C ILE D 138 -27.96 -51.19 63.42
N LEU D 139 -27.47 -51.04 62.19
CA LEU D 139 -26.05 -50.86 61.97
C LEU D 139 -25.51 -49.68 62.76
N ASP D 140 -26.28 -48.59 62.84
CA ASP D 140 -25.85 -47.47 63.65
C ASP D 140 -25.80 -47.85 65.12
N PHE D 141 -26.76 -48.67 65.56
CA PHE D 141 -26.76 -49.09 66.95
C PHE D 141 -25.53 -49.91 67.30
N ILE D 142 -25.19 -50.88 66.46
CA ILE D 142 -24.03 -51.72 66.72
C ILE D 142 -22.77 -50.88 66.79
N SER D 143 -22.58 -49.99 65.82
CA SER D 143 -21.36 -49.20 65.80
C SER D 143 -21.28 -48.26 66.99
N SER D 144 -22.38 -48.10 67.71
CA SER D 144 -22.35 -47.22 68.88
C SER D 144 -21.73 -47.93 70.08
N GLN D 145 -21.86 -49.26 70.14
CA GLN D 145 -21.27 -49.98 71.26
C GLN D 145 -19.84 -50.37 70.97
N THR D 146 -19.61 -51.16 69.94
CA THR D 146 -18.31 -51.77 69.72
C THR D 146 -17.25 -50.77 69.25
N HIS D 147 -17.62 -49.53 68.98
CA HIS D 147 -16.66 -48.48 68.65
C HIS D 147 -15.78 -48.87 67.46
N VAL D 148 -16.40 -49.33 66.39
CA VAL D 148 -15.68 -49.74 65.19
C VAL D 148 -16.29 -49.02 64.00
N PRO D 149 -15.50 -48.31 63.20
CA PRO D 149 -16.07 -47.62 62.05
C PRO D 149 -16.67 -48.61 61.07
N ILE D 150 -17.59 -48.11 60.26
CA ILE D 150 -18.42 -48.91 59.38
C ILE D 150 -18.74 -48.05 58.18
N LEU D 151 -19.08 -48.66 57.06
CA LEU D 151 -19.33 -47.92 55.82
C LEU D 151 -20.32 -48.69 54.96
N SER D 152 -21.41 -48.03 54.61
CA SER D 152 -22.50 -48.66 53.88
C SER D 152 -22.49 -48.22 52.43
N ILE D 153 -22.36 -49.18 51.52
CA ILE D 153 -22.48 -48.86 50.10
C ILE D 153 -23.42 -49.84 49.42
N SER D 154 -24.69 -49.45 49.34
CA SER D 154 -25.75 -50.34 48.89
C SER D 154 -27.01 -49.53 48.67
N GLY D 155 -28.10 -50.24 48.41
CA GLY D 155 -29.38 -49.58 48.31
C GLY D 155 -30.04 -49.36 49.66
N GLY D 156 -30.17 -50.43 50.46
CA GLY D 156 -31.01 -50.38 51.64
C GLY D 156 -30.63 -49.26 52.59
N SER D 157 -29.41 -49.30 53.11
CA SER D 157 -28.96 -48.33 54.08
C SER D 157 -28.35 -47.09 53.44
N ALA D 158 -28.74 -46.78 52.21
CA ALA D 158 -28.25 -45.57 51.56
C ALA D 158 -29.01 -44.34 52.03
N VAL D 159 -30.33 -44.44 52.17
CA VAL D 159 -31.11 -43.31 52.65
C VAL D 159 -30.52 -42.83 53.96
N VAL D 160 -30.37 -41.51 54.08
CA VAL D 160 -29.55 -40.91 55.13
C VAL D 160 -30.41 -40.68 56.37
N LEU D 161 -29.93 -41.20 57.50
CA LEU D 161 -30.55 -40.91 58.79
C LEU D 161 -30.11 -39.54 59.27
N THR D 162 -31.07 -38.70 59.68
CA THR D 162 -30.68 -37.36 60.09
C THR D 162 -29.94 -37.32 61.43
N PRO D 163 -30.55 -37.62 62.59
CA PRO D 163 -29.73 -37.56 63.82
C PRO D 163 -29.08 -38.89 64.12
N LYS D 164 -27.76 -38.95 64.10
CA LYS D 164 -27.14 -40.19 64.50
C LYS D 164 -26.76 -40.14 65.96
N GLU D 165 -26.65 -41.31 66.57
CA GLU D 165 -26.30 -41.42 67.98
C GLU D 165 -25.04 -40.60 68.27
N PRO D 166 -24.90 -40.09 69.50
CA PRO D 166 -23.88 -39.06 69.74
C PRO D 166 -22.45 -39.53 69.54
N GLY D 167 -22.17 -40.80 69.75
CA GLY D 167 -20.82 -41.32 69.64
C GLY D 167 -20.59 -42.38 68.57
N SER D 168 -21.41 -42.42 67.53
CA SER D 168 -21.28 -43.48 66.54
C SER D 168 -20.45 -43.02 65.35
N ALA D 169 -20.13 -43.98 64.49
CA ALA D 169 -19.26 -43.76 63.33
C ALA D 169 -19.86 -44.44 62.09
N PHE D 170 -21.13 -44.17 61.81
CA PHE D 170 -21.82 -44.92 60.76
C PHE D 170 -21.23 -44.65 59.37
N LEU D 171 -20.91 -43.40 59.05
CA LEU D 171 -20.30 -43.07 57.76
C LEU D 171 -21.12 -43.61 56.59
N GLN D 172 -22.32 -43.05 56.43
CA GLN D 172 -23.20 -43.45 55.35
C GLN D 172 -22.69 -42.91 54.03
N LEU D 173 -23.23 -43.45 52.93
CA LEU D 173 -22.75 -43.12 51.59
C LEU D 173 -23.95 -42.75 50.72
N GLY D 174 -24.32 -41.47 50.75
CA GLY D 174 -25.47 -40.99 50.02
C GLY D 174 -25.59 -39.50 50.18
N VAL D 175 -26.74 -38.97 49.74
CA VAL D 175 -26.99 -37.54 49.84
C VAL D 175 -28.26 -37.29 50.61
N SER D 176 -28.42 -36.08 51.13
CA SER D 176 -29.54 -35.73 51.98
C SER D 176 -30.78 -35.48 51.15
N LEU D 177 -31.80 -34.91 51.79
CA LEU D 177 -32.93 -34.39 51.04
C LEU D 177 -32.61 -33.04 50.44
N GLU D 178 -32.03 -32.15 51.23
CA GLU D 178 -31.74 -30.81 50.78
C GLU D 178 -30.85 -30.82 49.55
N GLN D 179 -29.85 -31.70 49.52
CA GLN D 179 -28.92 -31.69 48.40
C GLN D 179 -29.51 -32.38 47.18
N GLN D 180 -30.79 -32.77 47.25
CA GLN D 180 -31.47 -33.19 46.04
C GLN D 180 -32.42 -32.10 45.55
N LEU D 181 -33.11 -31.43 46.48
CA LEU D 181 -33.92 -30.29 46.09
C LEU D 181 -33.06 -29.18 45.52
N GLN D 182 -31.78 -29.15 45.89
CA GLN D 182 -30.89 -28.13 45.38
C GLN D 182 -30.46 -28.43 43.96
N VAL D 183 -30.85 -29.60 43.43
CA VAL D 183 -30.55 -29.89 42.03
C VAL D 183 -31.80 -29.81 41.19
N LEU D 184 -32.93 -30.30 41.70
CA LEU D 184 -34.19 -30.12 40.99
C LEU D 184 -34.46 -28.65 40.73
N PHE D 185 -34.27 -27.81 41.75
CA PHE D 185 -34.56 -26.38 41.59
C PHE D 185 -33.54 -25.69 40.71
N LYS D 186 -32.66 -26.44 40.07
CA LYS D 186 -31.90 -25.87 38.97
C LYS D 186 -32.51 -26.26 37.64
N VAL D 187 -32.72 -27.56 37.43
CA VAL D 187 -33.41 -28.01 36.22
C VAL D 187 -34.73 -27.29 36.07
N LEU D 188 -35.48 -27.18 37.16
CA LEU D 188 -36.79 -26.56 37.09
C LEU D 188 -36.73 -25.15 36.52
N GLU D 189 -35.58 -24.47 36.63
CA GLU D 189 -35.54 -23.09 36.16
C GLU D 189 -34.76 -22.96 34.86
N GLU D 190 -33.94 -23.94 34.52
CA GLU D 190 -33.28 -23.87 33.22
C GLU D 190 -34.29 -23.98 32.08
N TYR D 191 -35.46 -24.53 32.36
CA TYR D 191 -36.61 -24.40 31.48
C TYR D 191 -37.67 -23.50 32.08
N ASP D 192 -37.33 -22.79 33.16
CA ASP D 192 -38.14 -21.78 33.84
C ASP D 192 -39.63 -22.08 33.83
N TRP D 193 -40.00 -23.30 34.24
CA TRP D 193 -41.40 -23.60 34.46
C TRP D 193 -41.95 -22.74 35.59
N SER D 194 -41.17 -22.54 36.65
CA SER D 194 -41.38 -21.46 37.61
C SER D 194 -42.78 -21.48 38.24
N ALA D 195 -43.50 -22.59 38.10
CA ALA D 195 -44.81 -22.71 38.70
C ALA D 195 -45.13 -24.18 38.89
N PHE D 196 -45.34 -24.60 40.12
CA PHE D 196 -45.46 -26.01 40.42
C PHE D 196 -46.40 -26.21 41.59
N ALA D 197 -46.71 -27.47 41.86
CA ALA D 197 -47.46 -27.87 43.04
C ALA D 197 -46.76 -29.04 43.70
N VAL D 198 -46.89 -29.14 45.01
CA VAL D 198 -46.17 -30.13 45.81
C VAL D 198 -47.17 -31.14 46.35
N ILE D 199 -46.83 -32.41 46.27
CA ILE D 199 -47.69 -33.50 46.74
C ILE D 199 -46.85 -34.41 47.62
N THR D 200 -47.32 -34.66 48.84
CA THR D 200 -46.62 -35.53 49.78
C THR D 200 -47.63 -36.40 50.51
N SER D 201 -47.30 -37.68 50.65
CA SER D 201 -48.09 -38.53 51.53
C SER D 201 -47.75 -38.22 52.98
N LEU D 202 -48.37 -38.96 53.89
CA LEU D 202 -48.03 -38.86 55.31
C LEU D 202 -47.04 -39.97 55.65
N HIS D 203 -45.88 -39.90 55.02
CA HIS D 203 -44.80 -40.84 55.25
C HIS D 203 -43.81 -40.24 56.25
N PRO D 204 -43.22 -41.04 57.12
CA PRO D 204 -42.35 -40.49 58.15
C PRO D 204 -41.20 -39.70 57.53
N GLY D 205 -41.14 -38.42 57.90
CA GLY D 205 -40.09 -37.56 57.40
C GLY D 205 -40.52 -36.59 56.33
N HIS D 206 -41.81 -36.35 56.16
CA HIS D 206 -42.25 -35.41 55.16
C HIS D 206 -42.16 -33.97 55.67
N ALA D 207 -42.49 -33.75 56.94
CA ALA D 207 -42.38 -32.42 57.52
C ALA D 207 -40.97 -31.88 57.35
N LEU D 208 -39.98 -32.76 57.39
CA LEU D 208 -38.61 -32.35 57.03
C LEU D 208 -38.54 -31.89 55.59
N PHE D 209 -39.04 -32.71 54.66
CA PHE D 209 -39.00 -32.35 53.24
C PHE D 209 -39.74 -31.06 52.97
N LEU D 210 -40.94 -30.92 53.54
CA LEU D 210 -41.75 -29.74 53.28
C LEU D 210 -41.03 -28.46 53.67
N GLU D 211 -40.17 -28.53 54.68
CA GLU D 211 -39.37 -27.37 55.01
C GLU D 211 -38.25 -27.17 54.00
N GLY D 212 -37.94 -28.20 53.22
CA GLY D 212 -36.92 -28.06 52.20
C GLY D 212 -37.30 -27.03 51.15
N VAL D 213 -38.49 -27.17 50.57
CA VAL D 213 -38.87 -26.31 49.45
C VAL D 213 -38.99 -24.85 49.90
N ARG D 214 -39.76 -24.61 50.97
CA ARG D 214 -40.02 -23.23 51.37
C ARG D 214 -38.73 -22.50 51.74
N ALA D 215 -37.75 -23.23 52.27
CA ALA D 215 -36.47 -22.60 52.55
C ALA D 215 -35.68 -22.35 51.28
N VAL D 216 -35.55 -23.37 50.43
CA VAL D 216 -34.78 -23.21 49.20
C VAL D 216 -35.44 -22.19 48.29
N ALA D 217 -36.77 -22.20 48.23
CA ALA D 217 -37.48 -21.24 47.39
C ALA D 217 -37.24 -19.81 47.86
N ASP D 218 -36.63 -19.64 49.03
CA ASP D 218 -36.39 -18.30 49.55
C ASP D 218 -34.96 -17.85 49.29
N ALA D 219 -34.00 -18.78 49.30
CA ALA D 219 -32.61 -18.44 49.00
C ALA D 219 -32.32 -18.63 47.52
N SER D 220 -33.18 -18.03 46.69
CA SER D 220 -33.01 -18.05 45.25
C SER D 220 -33.56 -16.74 44.71
N HIS D 221 -33.34 -16.51 43.42
CA HIS D 221 -33.74 -15.27 42.78
C HIS D 221 -34.64 -15.60 41.59
N VAL D 222 -35.88 -15.95 41.90
CA VAL D 222 -36.99 -16.06 40.96
C VAL D 222 -38.23 -15.78 41.79
N SER D 223 -39.40 -15.65 41.16
CA SER D 223 -40.64 -15.54 41.90
C SER D 223 -41.00 -16.87 42.56
N TRP D 224 -40.85 -17.98 41.83
CA TRP D 224 -41.24 -19.31 42.30
C TRP D 224 -42.70 -19.30 42.75
N ARG D 225 -43.59 -19.01 41.82
CA ARG D 225 -45.00 -18.98 42.16
C ARG D 225 -45.51 -20.41 42.35
N LEU D 226 -45.61 -20.83 43.61
CA LEU D 226 -46.12 -22.15 43.94
C LEU D 226 -47.60 -22.04 44.20
N LEU D 227 -48.39 -22.85 43.51
CA LEU D 227 -49.85 -22.72 43.63
C LEU D 227 -50.34 -23.25 44.96
N ASP D 228 -50.13 -24.53 45.23
CA ASP D 228 -50.78 -25.15 46.38
C ASP D 228 -49.96 -26.36 46.83
N VAL D 229 -50.46 -27.00 47.89
CA VAL D 229 -49.85 -28.18 48.47
C VAL D 229 -50.97 -29.15 48.81
N VAL D 230 -50.69 -30.44 48.67
CA VAL D 230 -51.67 -31.48 48.97
C VAL D 230 -51.07 -32.40 50.02
N THR D 231 -51.91 -33.27 50.59
CA THR D 231 -51.51 -34.27 51.56
C THR D 231 -52.62 -35.30 51.63
N LEU D 232 -52.28 -36.56 51.46
CA LEU D 232 -53.31 -37.58 51.23
C LEU D 232 -52.78 -38.97 51.51
N GLU D 233 -53.57 -39.77 52.23
CA GLU D 233 -53.18 -41.12 52.59
C GLU D 233 -53.27 -42.03 51.37
N LEU D 234 -52.17 -42.70 51.06
CA LEU D 234 -52.05 -43.45 49.81
C LEU D 234 -51.56 -44.88 50.03
N GLY D 235 -51.80 -45.46 51.20
CA GLY D 235 -51.40 -46.82 51.46
C GLY D 235 -52.29 -47.82 50.75
N PRO D 236 -52.25 -49.08 51.19
CA PRO D 236 -53.18 -50.08 50.63
C PRO D 236 -54.65 -49.79 50.91
N GLY D 237 -54.96 -49.16 52.03
CA GLY D 237 -56.34 -48.86 52.36
C GLY D 237 -56.62 -47.38 52.51
N GLY D 238 -57.60 -46.88 51.78
CA GLY D 238 -57.97 -45.48 51.87
C GLY D 238 -59.12 -45.11 50.96
N PRO D 239 -59.80 -44.00 51.26
CA PRO D 239 -60.90 -43.56 50.40
C PRO D 239 -60.39 -42.91 49.13
N ARG D 240 -60.50 -43.62 48.02
CA ARG D 240 -59.97 -43.10 46.76
C ARG D 240 -60.73 -41.87 46.31
N ALA D 241 -62.02 -41.79 46.67
CA ALA D 241 -62.84 -40.65 46.24
C ALA D 241 -62.34 -39.35 46.84
N ARG D 242 -62.05 -39.35 48.15
CA ARG D 242 -61.52 -38.14 48.78
C ARG D 242 -60.22 -37.71 48.11
N THR D 243 -59.30 -38.66 47.90
CA THR D 243 -58.10 -38.34 47.13
C THR D 243 -58.45 -37.99 45.70
N GLN D 244 -59.47 -38.65 45.12
CA GLN D 244 -59.95 -38.25 43.82
C GLN D 244 -60.45 -36.82 43.84
N ARG D 245 -61.07 -36.41 44.95
CA ARG D 245 -61.52 -35.02 45.06
C ARG D 245 -60.34 -34.06 45.03
N LEU D 246 -59.34 -34.31 45.88
CA LEU D 246 -58.20 -33.39 45.96
C LEU D 246 -57.37 -33.43 44.69
N LEU D 247 -57.31 -34.59 44.02
CA LEU D 247 -56.55 -34.69 42.79
C LEU D 247 -57.24 -33.99 41.63
N ARG D 248 -58.47 -34.41 41.30
CA ARG D 248 -59.15 -33.87 40.13
C ARG D 248 -59.26 -32.35 40.21
N GLN D 249 -59.25 -31.80 41.42
CA GLN D 249 -59.28 -30.36 41.62
C GLN D 249 -57.85 -29.83 41.65
N LEU D 250 -57.23 -29.84 40.48
CA LEU D 250 -55.84 -29.39 40.38
C LEU D 250 -55.59 -28.83 38.99
N ASP D 251 -54.66 -27.89 38.91
CA ASP D 251 -54.25 -27.31 37.63
C ASP D 251 -52.87 -26.72 37.79
N ALA D 252 -51.87 -27.31 37.15
CA ALA D 252 -50.50 -26.85 37.25
C ALA D 252 -49.62 -27.51 36.21
N PRO D 253 -48.59 -26.82 35.72
CA PRO D 253 -47.72 -27.44 34.71
C PRO D 253 -46.89 -28.59 35.22
N VAL D 254 -46.19 -28.42 36.34
CA VAL D 254 -45.20 -29.38 36.82
C VAL D 254 -45.48 -29.73 38.27
N PHE D 255 -45.33 -31.00 38.61
CA PHE D 255 -45.58 -31.50 39.95
C PHE D 255 -44.31 -32.06 40.54
N VAL D 256 -44.07 -31.78 41.83
CA VAL D 256 -42.93 -32.29 42.56
C VAL D 256 -43.46 -33.19 43.68
N ALA D 257 -43.35 -34.49 43.51
CA ALA D 257 -43.99 -35.45 44.40
C ALA D 257 -42.93 -36.15 45.23
N TYR D 258 -43.34 -36.56 46.44
CA TYR D 258 -42.44 -37.23 47.38
C TYR D 258 -43.21 -38.36 48.05
N CYS D 259 -42.91 -39.59 47.70
CA CYS D 259 -43.61 -40.74 48.26
C CYS D 259 -42.70 -41.96 48.18
N SER D 260 -43.07 -43.00 48.93
CA SER D 260 -42.36 -44.26 48.88
C SER D 260 -42.77 -45.03 47.64
N ARG D 261 -42.05 -46.12 47.33
CA ARG D 261 -42.37 -46.85 46.11
C ARG D 261 -43.71 -47.57 46.24
N GLU D 262 -43.93 -48.26 47.35
CA GLU D 262 -45.22 -48.87 47.59
C GLU D 262 -46.32 -47.82 47.55
N GLU D 263 -46.00 -46.58 47.89
CA GLU D 263 -46.94 -45.48 47.74
C GLU D 263 -47.10 -45.09 46.28
N ALA D 264 -46.01 -45.15 45.52
CA ALA D 264 -46.01 -44.57 44.17
C ALA D 264 -47.08 -45.20 43.29
N GLU D 265 -47.00 -46.52 43.08
CA GLU D 265 -47.95 -47.19 42.19
C GLU D 265 -49.38 -46.91 42.59
N VAL D 266 -49.63 -46.62 43.86
CA VAL D 266 -50.99 -46.24 44.26
C VAL D 266 -51.29 -44.84 43.77
N LEU D 267 -50.28 -43.97 43.72
CA LEU D 267 -50.51 -42.59 43.26
C LEU D 267 -50.63 -42.53 41.76
N PHE D 268 -49.59 -42.94 41.05
CA PHE D 268 -49.58 -42.78 39.59
C PHE D 268 -50.70 -43.56 38.91
N ALA D 269 -51.34 -44.48 39.63
CA ALA D 269 -52.53 -45.12 39.09
C ALA D 269 -53.75 -44.25 39.27
N GLU D 270 -53.80 -43.46 40.35
CA GLU D 270 -54.86 -42.49 40.51
C GLU D 270 -54.61 -41.27 39.62
N ALA D 271 -53.50 -41.26 38.90
CA ALA D 271 -53.17 -40.14 38.03
C ALA D 271 -53.99 -40.18 36.75
N ALA D 272 -53.86 -41.26 35.99
CA ALA D 272 -54.47 -41.39 34.67
C ALA D 272 -55.96 -41.05 34.69
N GLN D 273 -56.70 -41.60 35.66
CA GLN D 273 -58.14 -41.44 35.64
C GLN D 273 -58.56 -40.01 35.93
N ALA D 274 -57.67 -39.20 36.49
CA ALA D 274 -57.93 -37.78 36.65
C ALA D 274 -57.27 -36.95 35.56
N GLY D 275 -56.57 -37.58 34.62
CA GLY D 275 -56.02 -36.87 33.48
C GLY D 275 -54.75 -36.10 33.74
N LEU D 276 -53.87 -36.59 34.60
CA LEU D 276 -52.68 -35.86 34.98
C LEU D 276 -51.40 -36.50 34.49
N VAL D 277 -51.40 -37.13 33.32
CA VAL D 277 -50.23 -37.87 32.86
C VAL D 277 -49.79 -37.49 31.47
N GLY D 278 -50.64 -36.84 30.69
CA GLY D 278 -50.34 -36.56 29.31
C GLY D 278 -49.16 -35.63 29.11
N PRO D 279 -48.78 -35.40 27.85
CA PRO D 279 -47.67 -34.48 27.58
C PRO D 279 -47.88 -33.08 28.11
N GLY D 280 -49.06 -32.79 28.66
CA GLY D 280 -49.30 -31.49 29.23
C GLY D 280 -48.79 -31.33 30.65
N HIS D 281 -47.97 -32.27 31.12
CA HIS D 281 -47.44 -32.22 32.47
C HIS D 281 -46.11 -32.94 32.54
N VAL D 282 -45.39 -32.71 33.64
CA VAL D 282 -44.10 -33.33 33.89
C VAL D 282 -43.91 -33.47 35.40
N TRP D 283 -43.25 -34.55 35.82
CA TRP D 283 -43.16 -34.92 37.22
C TRP D 283 -41.71 -34.93 37.68
N LEU D 284 -41.50 -34.69 38.97
CA LEU D 284 -40.19 -34.79 39.60
C LEU D 284 -40.34 -35.49 40.94
N VAL D 285 -39.57 -36.54 41.16
CA VAL D 285 -39.58 -37.23 42.46
C VAL D 285 -38.15 -37.46 42.91
N PRO D 286 -37.84 -37.29 44.19
CA PRO D 286 -36.45 -37.44 44.63
C PRO D 286 -36.00 -38.89 44.55
N ASN D 287 -34.78 -39.12 45.03
CA ASN D 287 -34.11 -40.41 44.88
C ASN D 287 -34.92 -41.58 45.41
N LEU D 288 -35.86 -41.32 46.32
CA LEU D 288 -36.48 -42.41 47.08
C LEU D 288 -37.46 -43.20 46.24
N ALA D 289 -38.35 -42.51 45.52
CA ALA D 289 -39.53 -43.18 44.99
C ALA D 289 -39.19 -44.21 43.92
N LEU D 290 -38.05 -44.07 43.25
CA LEU D 290 -37.76 -44.91 42.11
C LEU D 290 -37.60 -46.37 42.53
N GLY D 291 -37.59 -47.26 41.53
CA GLY D 291 -37.56 -48.68 41.75
C GLY D 291 -36.21 -49.15 42.26
N SER D 292 -35.84 -50.38 41.93
CA SER D 292 -34.54 -50.90 42.35
C SER D 292 -33.49 -50.00 41.70
N THR D 293 -33.19 -50.14 40.42
CA THR D 293 -32.84 -49.01 39.57
C THR D 293 -33.32 -49.30 38.15
N ASP D 294 -33.43 -50.58 37.83
CA ASP D 294 -33.33 -51.01 36.44
C ASP D 294 -34.68 -51.41 35.86
N ALA D 295 -35.48 -52.16 36.61
CA ALA D 295 -36.77 -52.60 36.11
C ALA D 295 -37.87 -51.72 36.70
N PRO D 296 -38.31 -50.68 36.00
CA PRO D 296 -39.34 -49.82 36.54
C PRO D 296 -40.70 -50.45 36.33
N PRO D 297 -41.58 -50.36 37.33
CA PRO D 297 -42.88 -51.02 37.22
C PRO D 297 -43.74 -50.35 36.16
N ALA D 298 -44.95 -50.88 36.02
CA ALA D 298 -45.94 -50.21 35.21
C ALA D 298 -46.42 -48.98 35.95
N THR D 299 -47.16 -48.11 35.26
CA THR D 299 -47.84 -46.96 35.83
C THR D 299 -46.89 -45.82 36.16
N PHE D 300 -45.58 -46.04 36.04
CA PHE D 300 -44.65 -44.92 36.04
C PHE D 300 -44.71 -44.20 34.69
N PRO D 301 -45.24 -42.98 34.63
CA PRO D 301 -45.39 -42.30 33.35
C PRO D 301 -44.05 -42.12 32.64
N VAL D 302 -44.12 -42.04 31.31
CA VAL D 302 -42.93 -41.69 30.57
C VAL D 302 -42.60 -40.22 30.81
N GLY D 303 -41.30 -39.94 30.89
CA GLY D 303 -40.86 -38.60 31.22
C GLY D 303 -40.73 -38.31 32.69
N LEU D 304 -40.36 -39.30 33.50
CA LEU D 304 -40.08 -39.04 34.90
C LEU D 304 -38.70 -38.43 35.04
N ILE D 305 -38.47 -37.73 36.13
CA ILE D 305 -37.18 -37.10 36.40
C ILE D 305 -36.83 -37.33 37.85
N SER D 306 -35.61 -37.77 38.12
CA SER D 306 -35.16 -37.96 39.49
C SER D 306 -33.65 -37.91 39.53
N VAL D 307 -33.09 -37.28 40.55
CA VAL D 307 -31.65 -37.13 40.67
C VAL D 307 -31.09 -38.34 41.41
N VAL D 308 -29.90 -38.78 41.00
CA VAL D 308 -29.29 -39.99 41.53
C VAL D 308 -27.79 -39.75 41.66
N THR D 309 -27.19 -40.27 42.72
CA THR D 309 -25.74 -40.13 42.90
C THR D 309 -24.98 -40.80 41.77
N GLU D 310 -23.66 -40.61 41.74
CA GLU D 310 -22.89 -40.88 40.54
C GLU D 310 -22.72 -42.38 40.27
N SER D 311 -22.66 -43.20 41.31
CA SER D 311 -22.42 -44.63 41.11
C SER D 311 -23.69 -45.33 40.64
N TRP D 312 -24.64 -44.55 40.12
CA TRP D 312 -25.92 -45.01 39.61
C TRP D 312 -25.86 -46.35 38.90
N ARG D 313 -24.97 -46.48 37.91
CA ARG D 313 -24.82 -47.74 37.19
C ARG D 313 -23.41 -48.27 37.39
N LEU D 314 -23.30 -49.42 38.06
CA LEU D 314 -22.01 -50.00 38.38
C LEU D 314 -22.19 -51.45 38.79
N SER D 315 -21.08 -52.16 38.89
CA SER D 315 -21.10 -53.54 39.31
C SER D 315 -20.79 -53.66 40.79
N LEU D 316 -21.57 -54.50 41.49
CA LEU D 316 -21.40 -54.64 42.93
C LEU D 316 -19.96 -54.95 43.30
N ARG D 317 -19.24 -55.64 42.42
CA ARG D 317 -17.83 -55.93 42.70
C ARG D 317 -16.97 -54.69 42.53
N GLN D 318 -17.44 -53.71 41.77
CA GLN D 318 -16.70 -52.45 41.64
C GLN D 318 -16.87 -51.58 42.87
N LYS D 319 -18.12 -51.42 43.33
CA LYS D 319 -18.39 -50.62 44.52
C LYS D 319 -17.51 -51.05 45.68
N VAL D 320 -17.44 -52.35 45.94
CA VAL D 320 -16.66 -52.83 47.07
C VAL D 320 -15.20 -52.43 46.93
N ARG D 321 -14.66 -52.52 45.71
CA ARG D 321 -13.31 -52.03 45.52
C ARG D 321 -13.25 -50.52 45.74
N ASP D 322 -14.33 -49.81 45.41
CA ASP D 322 -14.38 -48.39 45.75
C ASP D 322 -14.60 -48.21 47.25
N GLY D 323 -15.16 -49.22 47.91
CA GLY D 323 -15.36 -49.13 49.34
C GLY D 323 -14.08 -49.30 50.13
N VAL D 324 -13.44 -50.46 50.00
CA VAL D 324 -12.23 -50.75 50.78
C VAL D 324 -11.17 -49.68 50.54
N ALA D 325 -11.23 -49.02 49.38
CA ALA D 325 -10.27 -47.98 49.07
C ALA D 325 -10.26 -46.89 50.14
N ILE D 326 -11.44 -46.54 50.66
CA ILE D 326 -11.56 -45.44 51.60
C ILE D 326 -10.82 -45.78 52.88
N LEU D 327 -11.18 -46.90 53.49
CA LEU D 327 -10.49 -47.33 54.71
C LEU D 327 -8.99 -47.42 54.46
N ALA D 328 -8.60 -47.92 53.29
CA ALA D 328 -7.19 -48.01 52.94
C ALA D 328 -6.55 -46.63 52.87
N LEU D 329 -7.06 -45.77 51.98
CA LEU D 329 -6.48 -44.44 51.84
C LEU D 329 -6.52 -43.67 53.15
N GLY D 330 -7.50 -43.97 54.00
CA GLY D 330 -7.51 -43.36 55.31
C GLY D 330 -6.45 -43.92 56.23
N ALA D 331 -6.28 -45.24 56.22
CA ALA D 331 -5.30 -45.88 57.09
C ALA D 331 -3.89 -45.43 56.75
N HIS D 332 -3.45 -45.67 55.52
CA HIS D 332 -2.10 -45.31 55.12
C HIS D 332 -1.84 -43.82 55.34
N SER D 333 -2.88 -42.99 55.23
CA SER D 333 -2.70 -41.57 55.49
C SER D 333 -2.50 -41.31 56.97
N TYR D 334 -2.88 -42.26 57.82
CA TYR D 334 -2.65 -42.09 59.25
C TYR D 334 -1.18 -42.32 59.60
N TRP D 335 -0.57 -43.36 59.03
CA TRP D 335 0.81 -43.66 59.34
C TRP D 335 1.74 -42.53 58.93
N ARG D 336 1.41 -41.86 57.81
CA ARG D 336 2.28 -40.78 57.34
C ARG D 336 2.29 -39.62 58.31
N GLN D 337 1.15 -39.30 58.91
CA GLN D 337 1.05 -38.14 59.79
C GLN D 337 1.13 -38.50 61.27
N HIS D 338 0.25 -39.38 61.74
CA HIS D 338 0.25 -39.74 63.15
C HIS D 338 1.20 -40.90 63.42
N GLY D 339 1.21 -41.89 62.53
CA GLY D 339 2.20 -42.95 62.62
C GLY D 339 1.72 -44.30 63.06
N THR D 340 2.05 -45.32 62.26
CA THR D 340 1.98 -46.73 62.66
C THR D 340 0.56 -47.19 63.02
N LEU D 341 -0.34 -47.22 62.01
CA LEU D 341 -1.48 -48.11 62.04
C LEU D 341 -2.35 -48.00 63.29
N PRO D 342 -3.24 -47.00 63.38
CA PRO D 342 -3.98 -46.75 64.63
C PRO D 342 -4.64 -47.99 65.18
N ALA D 343 -4.70 -48.09 66.51
CA ALA D 343 -4.98 -49.36 67.17
C ALA D 343 -6.29 -49.95 66.68
N PRO D 344 -6.24 -51.02 65.90
CA PRO D 344 -7.48 -51.66 65.43
C PRO D 344 -8.02 -52.65 66.43
N ALA D 345 -9.21 -52.38 66.96
CA ALA D 345 -9.80 -53.25 67.97
C ALA D 345 -11.26 -52.91 68.18
N GLY D 346 -12.09 -53.93 68.31
CA GLY D 346 -13.49 -53.72 68.65
C GLY D 346 -14.03 -54.97 69.33
N ASP D 347 -14.64 -54.75 70.48
CA ASP D 347 -15.08 -55.83 71.34
C ASP D 347 -16.60 -55.91 71.38
N CYS D 348 -17.12 -57.13 71.28
CA CYS D 348 -18.56 -57.35 71.45
C CYS D 348 -18.90 -57.33 72.93
N ARG D 349 -20.06 -57.88 73.27
CA ARG D 349 -20.82 -57.67 74.52
C ARG D 349 -19.86 -57.48 75.71
N VAL D 350 -18.72 -58.15 75.75
CA VAL D 350 -17.85 -58.07 76.92
C VAL D 350 -17.35 -56.64 77.13
N HIS D 351 -17.82 -56.01 78.20
CA HIS D 351 -17.37 -54.70 78.65
C HIS D 351 -17.08 -53.71 77.52
N PRO D 352 -18.11 -53.27 76.79
CA PRO D 352 -17.87 -52.44 75.62
C PRO D 352 -17.96 -50.95 75.90
N GLY D 353 -16.99 -50.23 75.36
CA GLY D 353 -17.11 -48.82 75.08
C GLY D 353 -17.53 -47.92 76.22
N PRO D 354 -16.66 -47.75 77.23
CA PRO D 354 -16.88 -46.63 78.15
C PRO D 354 -16.59 -45.26 77.54
N VAL D 355 -15.46 -45.13 76.84
CA VAL D 355 -15.08 -43.88 76.18
C VAL D 355 -13.98 -44.18 75.17
N SER D 356 -13.79 -43.30 74.19
CA SER D 356 -12.80 -43.51 73.15
C SER D 356 -11.84 -42.32 73.05
N PRO D 357 -10.62 -42.42 73.57
CA PRO D 357 -9.67 -41.31 73.46
C PRO D 357 -8.79 -41.36 72.22
N ALA D 358 -8.61 -42.54 71.63
CA ALA D 358 -7.72 -42.71 70.49
C ALA D 358 -8.42 -42.99 69.18
N ARG D 359 -9.35 -43.96 69.16
CA ARG D 359 -10.08 -44.25 67.92
C ARG D 359 -10.80 -43.02 67.40
N GLU D 360 -11.34 -42.20 68.32
CA GLU D 360 -12.02 -40.98 67.91
C GLU D 360 -11.07 -40.01 67.22
N ALA D 361 -9.77 -40.17 67.42
CA ALA D 361 -8.82 -39.35 66.70
C ALA D 361 -8.53 -39.92 65.32
N PHE D 362 -8.78 -41.23 65.14
CA PHE D 362 -8.66 -41.83 63.83
C PHE D 362 -9.85 -41.47 62.95
N TYR D 363 -11.01 -41.26 63.57
CA TYR D 363 -12.22 -40.86 62.85
C TYR D 363 -11.95 -39.68 61.92
N ARG D 364 -11.24 -38.65 62.40
CA ARG D 364 -11.11 -37.42 61.64
C ARG D 364 -10.27 -37.65 60.37
N HIS D 365 -9.17 -38.39 60.49
CA HIS D 365 -8.42 -38.78 59.30
C HIS D 365 -9.33 -39.40 58.26
N LEU D 366 -10.36 -40.12 58.69
CA LEU D 366 -11.12 -40.93 57.76
C LEU D 366 -12.13 -40.10 56.96
N LEU D 367 -12.33 -38.83 57.31
CA LEU D 367 -13.37 -38.05 56.66
C LEU D 367 -12.94 -37.61 55.27
N ASN D 368 -11.88 -36.80 55.17
CA ASN D 368 -11.39 -36.31 53.90
C ASN D 368 -10.57 -37.38 53.20
N VAL D 369 -10.96 -37.72 51.98
CA VAL D 369 -10.20 -38.67 51.19
C VAL D 369 -10.56 -38.49 49.72
N THR D 370 -9.55 -38.48 48.85
CA THR D 370 -9.75 -38.44 47.42
C THR D 370 -9.11 -39.66 46.77
N TRP D 371 -9.69 -40.12 45.69
CA TRP D 371 -9.22 -41.36 45.09
C TRP D 371 -9.70 -41.46 43.65
N GLU D 372 -8.77 -41.81 42.76
CA GLU D 372 -9.07 -42.00 41.35
C GLU D 372 -9.78 -40.81 40.74
N GLY D 373 -9.51 -39.61 41.27
CA GLY D 373 -10.05 -38.40 40.68
C GLY D 373 -11.41 -37.99 41.16
N ARG D 374 -11.83 -38.44 42.34
CA ARG D 374 -13.10 -38.05 42.93
C ARG D 374 -12.88 -37.49 44.32
N ASP D 375 -13.89 -36.82 44.86
CA ASP D 375 -13.84 -36.28 46.22
C ASP D 375 -14.92 -36.98 47.04
N PHE D 376 -14.56 -37.48 48.21
CA PHE D 376 -15.47 -38.21 49.07
C PHE D 376 -15.60 -37.59 50.45
N SER D 377 -15.37 -36.29 50.58
CA SER D 377 -15.33 -35.66 51.89
C SER D 377 -16.70 -35.73 52.57
N PHE D 378 -16.72 -36.25 53.79
CA PHE D 378 -17.96 -36.39 54.54
C PHE D 378 -18.17 -35.20 55.48
N SER D 379 -19.39 -35.06 55.95
CA SER D 379 -19.76 -34.06 56.95
C SER D 379 -20.03 -34.77 58.26
N PRO D 380 -19.98 -34.08 59.40
CA PRO D 380 -20.28 -34.76 60.67
C PRO D 380 -21.56 -35.57 60.66
N GLY D 381 -22.53 -35.20 59.85
CA GLY D 381 -23.74 -35.98 59.75
C GLY D 381 -23.55 -37.27 58.98
N GLY D 382 -22.34 -37.50 58.48
CA GLY D 382 -22.04 -38.76 57.83
C GLY D 382 -22.60 -38.95 56.44
N TYR D 383 -23.01 -37.89 55.76
CA TYR D 383 -23.46 -37.99 54.38
C TYR D 383 -22.53 -37.18 53.50
N LEU D 384 -22.34 -37.63 52.26
CA LEU D 384 -21.37 -37.01 51.37
C LEU D 384 -21.63 -35.52 51.25
N VAL D 385 -20.57 -34.76 51.20
CA VAL D 385 -20.66 -33.34 50.86
C VAL D 385 -20.19 -33.14 49.44
N GLN D 386 -21.06 -32.60 48.60
CA GLN D 386 -20.66 -32.23 47.25
C GLN D 386 -20.17 -33.45 46.47
N PRO D 387 -21.05 -34.38 46.15
CA PRO D 387 -20.69 -35.43 45.18
C PRO D 387 -21.14 -35.05 43.78
N THR D 388 -20.53 -35.63 42.76
CA THR D 388 -20.91 -35.31 41.40
C THR D 388 -22.17 -36.06 40.99
N MET D 389 -23.31 -35.43 41.17
CA MET D 389 -24.60 -36.09 40.95
C MET D 389 -24.93 -36.07 39.47
N VAL D 390 -25.88 -36.92 39.09
CA VAL D 390 -26.42 -36.93 37.74
C VAL D 390 -27.92 -36.76 37.82
N VAL D 391 -28.54 -36.66 36.66
CA VAL D 391 -29.99 -36.66 36.54
C VAL D 391 -30.37 -37.80 35.59
N ILE D 392 -31.55 -38.37 35.78
CA ILE D 392 -31.99 -39.45 34.92
C ILE D 392 -33.46 -39.29 34.62
N ALA D 393 -33.87 -39.87 33.50
CA ALA D 393 -35.23 -39.74 33.02
C ALA D 393 -35.69 -41.03 32.36
N LEU D 394 -36.98 -41.14 32.14
CA LEU D 394 -37.60 -42.36 31.64
C LEU D 394 -38.03 -42.15 30.20
N ASN D 395 -37.25 -42.68 29.27
CA ASN D 395 -37.53 -42.44 27.86
C ASN D 395 -38.64 -43.33 27.33
N ARG D 396 -38.81 -43.39 26.02
CA ARG D 396 -39.88 -44.16 25.40
C ARG D 396 -39.48 -45.59 25.12
N HIS D 397 -38.58 -46.15 25.91
CA HIS D 397 -38.33 -47.58 25.93
C HIS D 397 -38.42 -48.11 27.35
N ARG D 398 -38.88 -47.28 28.27
CA ARG D 398 -39.03 -47.62 29.67
C ARG D 398 -37.71 -48.06 30.28
N LEU D 399 -36.67 -47.30 29.98
CA LEU D 399 -35.36 -47.45 30.61
C LEU D 399 -35.00 -46.14 31.29
N TRP D 400 -33.78 -46.05 31.80
CA TRP D 400 -33.27 -44.82 32.36
C TRP D 400 -32.03 -44.39 31.57
N GLU D 401 -32.00 -43.13 31.14
CA GLU D 401 -30.92 -42.61 30.33
C GLU D 401 -30.38 -41.34 30.98
N MET D 402 -29.07 -41.30 31.17
CA MET D 402 -28.44 -40.15 31.79
C MET D 402 -28.71 -38.90 30.98
N VAL D 403 -29.37 -37.93 31.61
CA VAL D 403 -29.79 -36.71 30.92
C VAL D 403 -28.83 -35.56 31.19
N GLY D 404 -28.33 -35.42 32.40
CA GLY D 404 -27.41 -34.33 32.64
C GLY D 404 -26.61 -34.37 33.92
N ARG D 405 -25.31 -34.21 33.82
CA ARG D 405 -24.43 -34.24 34.96
C ARG D 405 -24.52 -32.92 35.73
N TRP D 406 -24.15 -32.96 37.01
CA TRP D 406 -24.07 -31.78 37.85
C TRP D 406 -22.70 -31.78 38.54
N GLU D 407 -21.69 -31.24 37.85
CA GLU D 407 -20.32 -31.29 38.34
C GLU D 407 -19.89 -29.93 38.85
N HIS D 408 -19.50 -29.87 40.12
CA HIS D 408 -18.79 -28.73 40.68
C HIS D 408 -19.57 -27.43 40.54
N GLY D 409 -20.88 -27.50 40.75
CA GLY D 409 -21.67 -26.32 41.00
C GLY D 409 -22.45 -25.77 39.82
N VAL D 410 -22.31 -26.33 38.63
CA VAL D 410 -22.99 -25.80 37.45
C VAL D 410 -23.67 -26.94 36.70
N LEU D 411 -24.99 -26.83 36.55
CA LEU D 411 -25.81 -27.90 36.02
C LEU D 411 -25.73 -27.91 34.50
N TYR D 412 -25.12 -28.95 33.93
CA TYR D 412 -25.10 -29.13 32.48
C TYR D 412 -26.40 -29.80 32.06
N MET D 413 -26.60 -29.98 30.77
CA MET D 413 -27.79 -30.66 30.29
C MET D 413 -27.46 -31.38 28.99
N LYS D 414 -28.48 -32.02 28.42
CA LYS D 414 -28.36 -32.69 27.15
C LYS D 414 -29.46 -32.36 26.17
N TYR D 415 -30.59 -31.86 26.65
CA TYR D 415 -31.69 -31.50 25.76
C TYR D 415 -32.00 -30.03 25.90
N PRO D 416 -31.76 -29.21 24.88
CA PRO D 416 -32.08 -27.78 25.00
C PRO D 416 -33.56 -27.50 25.09
N VAL D 417 -34.43 -28.47 24.82
CA VAL D 417 -35.85 -28.39 25.13
C VAL D 417 -36.34 -29.77 25.54
N TRP D 418 -37.38 -29.77 26.36
CA TRP D 418 -37.86 -31.02 26.96
C TRP D 418 -38.66 -31.80 25.93
N PRO D 419 -38.20 -32.97 25.49
CA PRO D 419 -38.87 -33.68 24.39
C PRO D 419 -40.38 -33.82 24.56
N ARG D 420 -40.85 -34.19 25.75
CA ARG D 420 -42.27 -34.14 26.05
C ARG D 420 -43.08 -35.02 25.10
N TYR D 421 -42.86 -36.33 25.18
CA TYR D 421 -43.45 -37.28 24.25
C TYR D 421 -44.97 -37.28 24.33
N SER D 422 -45.59 -37.97 23.38
CA SER D 422 -47.02 -38.12 23.24
C SER D 422 -47.42 -39.49 23.78
N ALA D 423 -48.67 -39.89 23.50
CA ALA D 423 -49.09 -41.25 23.79
C ALA D 423 -48.03 -42.25 23.33
N SER D 424 -47.78 -42.31 22.03
CA SER D 424 -46.54 -42.88 21.53
C SER D 424 -46.21 -42.25 20.19
N LEU D 425 -45.48 -41.11 20.22
CA LEU D 425 -44.66 -40.55 19.16
C LEU D 425 -44.16 -39.15 19.53
N GLN D 426 -43.35 -38.54 18.66
CA GLN D 426 -42.78 -37.24 18.97
C GLN D 426 -43.77 -36.11 18.66
N PRO D 427 -44.28 -35.42 19.69
CA PRO D 427 -45.19 -34.28 19.48
C PRO D 427 -44.51 -32.91 19.46
N VAL D 428 -43.87 -32.53 18.37
CA VAL D 428 -43.28 -31.20 18.27
C VAL D 428 -44.36 -30.13 18.44
N VAL D 429 -43.85 -28.92 18.76
CA VAL D 429 -44.57 -27.62 18.97
C VAL D 429 -43.65 -26.49 18.48
N ASP D 430 -44.21 -25.29 18.21
CA ASP D 430 -43.41 -24.12 17.73
C ASP D 430 -43.58 -22.93 18.69
N SER D 431 -44.16 -21.81 18.21
CA SER D 431 -44.44 -20.62 19.06
C SER D 431 -45.56 -19.76 18.45
N ARG D 432 -46.20 -18.90 19.26
CA ARG D 432 -47.23 -17.95 18.74
C ARG D 432 -47.35 -16.73 19.67
N HIS D 433 -47.42 -15.50 19.11
CA HIS D 433 -47.57 -14.18 19.80
C HIS D 433 -46.30 -13.77 20.55
N LEU D 434 -45.69 -12.64 20.14
CA LEU D 434 -44.43 -12.13 20.66
C LEU D 434 -44.63 -10.74 21.29
N THR D 435 -43.90 -10.51 22.39
CA THR D 435 -43.95 -9.25 23.12
C THR D 435 -42.69 -8.45 22.84
N VAL D 436 -42.87 -7.23 22.34
CA VAL D 436 -41.78 -6.42 21.80
C VAL D 436 -41.58 -5.19 22.66
N ALA D 437 -40.32 -4.74 22.76
CA ALA D 437 -39.96 -3.50 23.42
C ALA D 437 -39.23 -2.59 22.43
N THR D 438 -39.58 -1.31 22.46
CA THR D 438 -38.99 -0.34 21.55
C THR D 438 -39.18 1.05 22.17
N LEU D 439 -38.74 2.10 21.47
CA LEU D 439 -38.59 3.42 22.07
C LEU D 439 -38.91 4.50 21.06
N GLU D 440 -39.24 5.68 21.58
CA GLU D 440 -39.43 6.85 20.73
C GLU D 440 -38.11 7.22 20.07
N GLU D 441 -38.17 7.64 18.82
CA GLU D 441 -36.95 7.99 18.12
C GLU D 441 -37.28 8.99 17.03
N ARG D 442 -36.30 9.26 16.19
CA ARG D 442 -36.26 10.15 15.05
C ARG D 442 -37.01 9.49 13.91
N PRO D 443 -37.02 10.05 12.67
CA PRO D 443 -37.84 9.47 11.60
C PRO D 443 -37.84 7.96 11.43
N PHE D 444 -37.03 7.21 12.18
CA PHE D 444 -37.18 5.75 12.16
C PHE D 444 -38.50 5.31 12.80
N VAL D 445 -38.90 5.95 13.91
CA VAL D 445 -40.13 5.58 14.61
C VAL D 445 -40.71 6.83 15.26
N ILE D 446 -41.98 7.12 14.99
CA ILE D 446 -42.68 8.26 15.56
C ILE D 446 -43.94 7.76 16.25
N VAL D 447 -44.20 8.25 17.46
CA VAL D 447 -45.38 7.87 18.22
C VAL D 447 -46.22 9.11 18.48
N GLU D 448 -47.54 8.91 18.54
CA GLU D 448 -48.48 10.02 18.61
C GLU D 448 -49.71 9.62 19.42
N SER D 449 -50.54 10.62 19.72
CA SER D 449 -51.90 10.35 20.16
C SER D 449 -52.78 10.09 18.95
N PRO D 450 -53.54 8.99 18.96
CA PRO D 450 -53.95 8.37 17.70
C PRO D 450 -54.83 9.21 16.77
N ASP D 451 -56.06 9.49 17.18
CA ASP D 451 -56.98 10.29 16.37
C ASP D 451 -58.12 10.78 17.24
N PRO D 452 -58.09 12.04 17.70
CA PRO D 452 -59.12 12.51 18.65
C PRO D 452 -60.55 12.34 18.17
N GLY D 453 -60.75 11.92 16.91
CA GLY D 453 -62.10 11.71 16.40
C GLY D 453 -62.59 10.27 16.45
N THR D 454 -61.69 9.30 16.62
CA THR D 454 -62.08 7.90 16.52
C THR D 454 -61.51 6.99 17.60
N GLY D 455 -60.69 7.49 18.53
CA GLY D 455 -60.07 6.65 19.52
C GLY D 455 -58.90 5.85 18.98
N GLY D 456 -59.05 5.21 17.84
CA GLY D 456 -57.93 4.64 17.13
C GLY D 456 -57.21 5.72 16.34
N CYS D 457 -56.49 5.36 15.29
CA CYS D 457 -55.72 6.31 14.50
C CYS D 457 -55.93 6.06 13.01
N VAL D 458 -55.46 7.01 12.21
CA VAL D 458 -55.46 6.93 10.74
C VAL D 458 -54.73 5.65 10.35
N PRO D 459 -55.26 4.87 9.41
CA PRO D 459 -54.72 3.52 9.16
C PRO D 459 -53.28 3.54 8.63
N ASN D 460 -52.79 2.33 8.37
CA ASN D 460 -51.36 2.04 8.16
C ASN D 460 -50.56 2.42 9.40
N THR D 461 -51.15 2.24 10.57
CA THR D 461 -50.53 2.57 11.84
C THR D 461 -51.03 1.58 12.89
N VAL D 462 -50.18 1.28 13.86
CA VAL D 462 -50.48 0.22 14.82
C VAL D 462 -50.53 0.81 16.23
N PRO D 463 -51.52 0.43 17.04
CA PRO D 463 -51.49 0.82 18.45
C PRO D 463 -50.38 0.10 19.19
N CYS D 464 -49.83 0.77 20.19
CA CYS D 464 -48.65 0.29 20.90
C CYS D 464 -48.63 0.87 22.30
N ARG D 465 -48.39 0.00 23.28
CA ARG D 465 -48.53 0.35 24.69
C ARG D 465 -47.23 0.92 25.24
N ARG D 466 -47.35 1.89 26.13
CA ARG D 466 -46.23 2.59 26.71
C ARG D 466 -46.48 2.86 28.19
N GLN D 467 -45.42 2.78 29.00
CA GLN D 467 -45.51 3.00 30.44
C GLN D 467 -44.64 4.18 30.79
N SER D 468 -45.27 5.28 31.17
CA SER D 468 -44.56 6.44 31.69
C SER D 468 -44.87 6.63 33.17
N ASN D 469 -43.86 6.45 34.02
CA ASN D 469 -44.04 6.46 35.47
C ASN D 469 -43.75 7.82 36.06
N HIS D 470 -44.15 8.90 35.38
CA HIS D 470 -43.83 10.26 35.77
C HIS D 470 -44.77 10.77 36.86
N THR D 471 -45.40 9.86 37.61
CA THR D 471 -46.33 10.23 38.67
C THR D 471 -45.81 9.72 40.02
N PHE D 472 -46.50 10.10 41.09
CA PHE D 472 -46.08 9.72 42.44
C PHE D 472 -46.41 8.25 42.72
N SER D 473 -46.29 7.87 43.99
CA SER D 473 -46.38 6.47 44.40
C SER D 473 -47.44 6.20 45.46
N SER D 474 -48.51 7.00 45.53
CA SER D 474 -49.49 6.83 46.60
C SER D 474 -50.23 5.49 46.53
N GLY D 475 -51.10 5.31 45.53
CA GLY D 475 -51.76 4.03 45.35
C GLY D 475 -51.23 3.14 44.25
N ASP D 476 -51.19 3.67 43.02
CA ASP D 476 -50.80 2.97 41.80
C ASP D 476 -50.91 3.95 40.65
N VAL D 477 -50.29 3.60 39.53
CA VAL D 477 -50.46 4.39 38.31
C VAL D 477 -50.44 3.50 37.08
N ALA D 478 -51.45 3.64 36.21
CA ALA D 478 -51.55 2.90 34.96
C ALA D 478 -51.42 3.85 33.78
N PRO D 479 -50.20 4.14 33.33
CA PRO D 479 -50.02 5.06 32.21
C PRO D 479 -50.08 4.38 30.86
N TYR D 480 -50.33 3.07 30.85
CA TYR D 480 -50.42 2.32 29.60
C TYR D 480 -51.61 2.85 28.82
N THR D 481 -51.33 3.73 27.86
CA THR D 481 -52.42 4.39 27.08
C THR D 481 -52.31 4.04 25.60
N LYS D 482 -53.46 3.77 24.98
CA LYS D 482 -53.53 3.39 23.58
C LYS D 482 -53.02 4.55 22.74
N LEU D 483 -51.75 4.49 22.35
CA LEU D 483 -51.17 5.38 21.37
C LEU D 483 -51.04 4.63 20.06
N CYS D 484 -50.41 5.26 19.07
CA CYS D 484 -50.19 4.61 17.78
C CYS D 484 -48.75 4.81 17.33
N CYS D 485 -48.18 3.76 16.73
CA CYS D 485 -46.81 3.74 16.29
C CYS D 485 -46.74 3.76 14.77
N LYS D 486 -46.08 4.78 14.22
CA LYS D 486 -45.96 4.92 12.77
C LYS D 486 -44.50 5.20 12.44
N GLY D 487 -44.07 4.68 11.30
CA GLY D 487 -42.73 4.96 10.82
C GLY D 487 -42.16 3.77 10.08
N PHE D 488 -40.85 3.87 9.82
CA PHE D 488 -40.15 2.86 9.03
C PHE D 488 -40.10 1.52 9.74
N CYS D 489 -39.65 1.52 10.99
CA CYS D 489 -39.42 0.26 11.68
C CYS D 489 -40.71 -0.54 11.86
N ILE D 490 -41.86 0.12 11.95
CA ILE D 490 -43.11 -0.63 12.01
C ILE D 490 -43.40 -1.29 10.66
N ASP D 491 -42.92 -0.69 9.57
CA ASP D 491 -43.15 -1.27 8.26
C ASP D 491 -42.43 -2.59 8.12
N ILE D 492 -41.16 -2.67 8.52
CA ILE D 492 -40.43 -3.92 8.44
C ILE D 492 -41.12 -4.98 9.29
N LEU D 493 -41.66 -4.57 10.44
CA LEU D 493 -42.42 -5.51 11.27
C LEU D 493 -43.73 -5.92 10.62
N LYS D 494 -44.51 -4.96 10.11
CA LYS D 494 -45.75 -5.31 9.43
C LYS D 494 -45.49 -5.93 8.06
N LYS D 495 -44.22 -6.13 7.70
CA LYS D 495 -43.89 -6.83 6.46
C LYS D 495 -43.31 -8.21 6.73
N LEU D 496 -42.89 -8.47 7.97
CA LEU D 496 -42.42 -9.81 8.32
C LEU D 496 -43.59 -10.70 8.75
N ALA D 497 -44.60 -10.11 9.39
CA ALA D 497 -45.77 -10.88 9.77
C ALA D 497 -46.52 -11.41 8.56
N ARG D 498 -46.66 -10.59 7.51
CA ARG D 498 -47.26 -11.08 6.27
C ARG D 498 -46.38 -12.08 5.55
N VAL D 499 -45.15 -12.29 6.04
CA VAL D 499 -44.30 -13.33 5.48
C VAL D 499 -44.38 -14.60 6.31
N VAL D 500 -44.19 -14.51 7.62
CA VAL D 500 -44.09 -15.71 8.44
C VAL D 500 -45.21 -15.76 9.48
N LYS D 501 -46.37 -15.21 9.14
CA LYS D 501 -47.57 -15.29 9.97
C LYS D 501 -47.27 -15.00 11.44
N PHE D 502 -46.48 -13.94 11.64
CA PHE D 502 -46.16 -13.48 12.98
C PHE D 502 -47.38 -12.80 13.60
N SER D 503 -47.37 -12.69 14.92
CA SER D 503 -48.41 -11.99 15.65
C SER D 503 -47.79 -11.36 16.90
N TYR D 504 -48.34 -10.22 17.31
CA TYR D 504 -47.60 -9.36 18.21
C TYR D 504 -48.49 -8.30 18.81
N ASP D 505 -48.11 -7.86 20.00
CA ASP D 505 -48.47 -6.55 20.50
C ASP D 505 -47.21 -5.68 20.47
N LEU D 506 -47.28 -4.46 20.99
CA LEU D 506 -46.12 -3.58 20.95
C LEU D 506 -46.07 -2.77 22.24
N TYR D 507 -44.95 -2.88 22.96
CA TYR D 507 -44.77 -2.24 24.25
C TYR D 507 -43.50 -1.43 24.22
N LEU D 508 -43.54 -0.20 24.73
CA LEU D 508 -42.36 0.65 24.70
C LEU D 508 -41.33 0.16 25.72
N VAL D 509 -40.17 0.81 25.71
CA VAL D 509 -39.14 0.59 26.71
C VAL D 509 -39.37 1.60 27.84
N THR D 510 -39.37 1.11 29.08
CA THR D 510 -39.77 1.91 30.23
C THR D 510 -38.86 3.12 30.47
N ASN D 511 -37.66 3.11 29.91
CA ASN D 511 -36.68 4.14 30.25
C ASN D 511 -35.90 4.60 29.03
N GLY D 512 -34.79 5.29 29.30
CA GLY D 512 -34.23 6.22 28.33
C GLY D 512 -33.94 5.60 26.98
N LYS D 513 -32.93 4.73 26.90
CA LYS D 513 -32.46 4.31 25.59
C LYS D 513 -31.69 3.01 25.70
N HIS D 514 -30.98 2.68 24.62
CA HIS D 514 -30.19 1.47 24.53
C HIS D 514 -29.22 1.37 25.69
N GLY D 515 -28.76 0.16 25.99
CA GLY D 515 -27.88 -0.05 27.11
C GLY D 515 -26.57 -0.70 26.72
N LYS D 516 -25.72 -0.87 27.74
CA LYS D 516 -24.47 -1.59 27.63
C LYS D 516 -24.18 -2.25 28.97
N ARG D 517 -23.34 -3.28 28.95
CA ARG D 517 -23.03 -4.05 30.16
C ARG D 517 -22.26 -3.13 31.11
N VAL D 518 -22.94 -2.64 32.14
CA VAL D 518 -22.35 -1.67 33.05
C VAL D 518 -22.64 -2.12 34.48
N ARG D 519 -21.64 -1.93 35.35
CA ARG D 519 -21.70 -2.19 36.79
C ARG D 519 -21.97 -3.65 37.11
N GLY D 520 -22.03 -4.53 36.12
CA GLY D 520 -22.37 -5.92 36.30
C GLY D 520 -23.69 -6.33 35.71
N VAL D 521 -24.67 -5.43 35.65
CA VAL D 521 -26.01 -5.72 35.15
C VAL D 521 -26.45 -4.60 34.22
N TRP D 522 -27.00 -4.96 33.08
CA TRP D 522 -27.36 -3.98 32.06
C TRP D 522 -28.45 -3.04 32.55
N ASN D 523 -28.73 -2.02 31.74
CA ASN D 523 -29.77 -1.03 32.02
C ASN D 523 -30.36 -0.56 30.70
N GLY D 524 -31.65 -0.77 30.51
CA GLY D 524 -32.36 -0.22 29.37
C GLY D 524 -33.03 -1.30 28.55
N MET D 525 -33.06 -1.07 27.25
CA MET D 525 -33.81 -1.94 26.34
C MET D 525 -33.28 -3.37 26.38
N ILE D 526 -31.97 -3.53 26.33
CA ILE D 526 -31.35 -4.85 26.25
C ILE D 526 -31.74 -5.68 27.46
N GLY D 527 -31.81 -5.05 28.63
CA GLY D 527 -32.22 -5.77 29.82
C GLY D 527 -33.54 -6.49 29.65
N GLU D 528 -34.54 -5.83 29.07
CA GLU D 528 -35.83 -6.46 28.88
C GLU D 528 -35.71 -7.71 28.01
N VAL D 529 -34.64 -7.84 27.24
CA VAL D 529 -34.33 -9.11 26.59
C VAL D 529 -33.63 -10.04 27.57
N TYR D 530 -32.62 -9.52 28.28
CA TYR D 530 -31.88 -10.35 29.22
C TYR D 530 -32.66 -10.67 30.48
N TYR D 531 -33.54 -9.77 30.94
CA TYR D 531 -34.27 -9.95 32.19
C TYR D 531 -35.56 -10.73 32.00
N LYS D 532 -35.75 -11.37 30.84
CA LYS D 532 -36.96 -12.13 30.53
C LYS D 532 -38.22 -11.29 30.67
N ARG D 533 -38.14 -9.99 30.40
CA ARG D 533 -39.32 -9.14 30.34
C ARG D 533 -39.85 -8.98 28.93
N ALA D 534 -39.13 -9.48 27.93
CA ALA D 534 -39.56 -9.41 26.55
C ALA D 534 -38.81 -10.46 25.74
N ASP D 535 -39.13 -10.55 24.45
CA ASP D 535 -38.44 -11.53 23.61
C ASP D 535 -37.50 -10.84 22.62
N MET D 536 -37.98 -9.85 21.89
CA MET D 536 -37.20 -9.22 20.84
C MET D 536 -37.31 -7.70 20.93
N ALA D 537 -36.42 -7.04 20.19
CA ALA D 537 -36.38 -5.59 20.13
C ALA D 537 -36.18 -5.16 18.68
N ILE D 538 -36.93 -4.15 18.25
CA ILE D 538 -36.89 -3.68 16.87
C ILE D 538 -36.50 -2.21 16.89
N GLY D 539 -36.12 -1.69 15.73
CA GLY D 539 -35.80 -0.28 15.62
C GLY D 539 -34.35 -0.04 15.28
N SER D 540 -33.91 1.18 15.57
CA SER D 540 -32.54 1.58 15.32
C SER D 540 -31.63 0.96 16.36
N LEU D 541 -31.14 -0.25 16.08
CA LEU D 541 -30.24 -0.94 16.99
C LEU D 541 -28.91 -1.14 16.30
N THR D 542 -27.90 -0.40 16.76
CA THR D 542 -26.57 -0.43 16.16
C THR D 542 -25.83 -1.68 16.61
N ILE D 543 -25.40 -2.47 15.62
CA ILE D 543 -24.76 -3.74 15.92
C ILE D 543 -23.36 -3.48 16.46
N ASN D 544 -22.89 -4.36 17.34
CA ASN D 544 -21.68 -4.10 18.10
C ASN D 544 -21.11 -5.40 18.64
N GLU D 545 -19.85 -5.35 19.06
CA GLU D 545 -19.22 -6.53 19.63
C GLU D 545 -19.44 -6.61 21.13
N GLU D 546 -19.68 -5.46 21.77
CA GLU D 546 -19.84 -5.44 23.23
C GLU D 546 -21.14 -6.09 23.65
N ARG D 547 -22.09 -6.20 22.72
CA ARG D 547 -23.39 -6.78 23.03
C ARG D 547 -23.71 -8.02 22.21
N SER D 548 -22.99 -8.30 21.12
CA SER D 548 -23.23 -9.52 20.37
C SER D 548 -22.93 -10.75 21.21
N GLU D 549 -22.14 -10.60 22.26
CA GLU D 549 -21.86 -11.73 23.14
C GLU D 549 -23.13 -12.18 23.86
N ILE D 550 -23.76 -11.29 24.62
CA ILE D 550 -24.89 -11.67 25.46
C ILE D 550 -26.20 -11.74 24.70
N VAL D 551 -26.20 -11.46 23.40
CA VAL D 551 -27.37 -11.65 22.56
C VAL D 551 -26.93 -11.66 21.10
N ASP D 552 -27.53 -12.54 20.31
CA ASP D 552 -27.18 -12.65 18.90
C ASP D 552 -27.74 -11.47 18.11
N PHE D 553 -27.46 -11.45 16.81
CA PHE D 553 -27.88 -10.34 15.96
C PHE D 553 -27.99 -10.85 14.52
N SER D 554 -28.98 -10.35 13.80
CA SER D 554 -29.13 -10.68 12.39
C SER D 554 -28.23 -9.79 11.53
N VAL D 555 -28.50 -9.83 10.23
CA VAL D 555 -27.73 -9.06 9.24
C VAL D 555 -28.33 -7.66 9.16
N PRO D 556 -27.57 -6.66 8.72
CA PRO D 556 -28.08 -5.29 8.73
C PRO D 556 -28.95 -4.98 7.52
N PHE D 557 -29.65 -3.87 7.60
CA PHE D 557 -30.52 -3.41 6.52
C PHE D 557 -30.30 -1.93 6.19
N VAL D 558 -29.17 -1.36 6.62
CA VAL D 558 -28.83 0.03 6.36
C VAL D 558 -27.33 0.20 6.15
N GLU D 559 -26.91 1.43 5.90
CA GLU D 559 -25.49 1.80 5.85
C GLU D 559 -25.34 3.14 6.58
N THR D 560 -25.03 3.08 7.87
CA THR D 560 -25.03 4.26 8.73
C THR D 560 -23.61 4.60 9.14
N GLY D 561 -23.35 5.89 9.31
CA GLY D 561 -22.09 6.35 9.87
C GLY D 561 -22.35 7.28 11.03
N ILE D 562 -21.26 7.66 11.70
CA ILE D 562 -21.36 8.61 12.79
C ILE D 562 -20.86 9.97 12.31
N SER D 563 -21.54 11.04 12.70
CA SER D 563 -21.21 12.36 12.19
C SER D 563 -21.55 13.39 13.26
N VAL D 564 -21.10 14.62 13.03
CA VAL D 564 -21.25 15.70 13.99
C VAL D 564 -22.28 16.66 13.42
N MET D 565 -23.23 17.08 14.26
CA MET D 565 -24.23 18.06 13.85
C MET D 565 -24.05 19.34 14.67
N VAL D 566 -24.10 20.47 13.98
CA VAL D 566 -23.78 21.77 14.56
C VAL D 566 -24.90 22.74 14.18
N ALA D 567 -24.99 23.85 14.92
CA ALA D 567 -26.05 24.83 14.73
C ALA D 567 -25.98 25.46 13.34
N ARG D 568 -26.96 26.30 13.07
CA ARG D 568 -27.21 26.75 11.70
C ARG D 568 -26.03 27.55 11.15
N SER D 569 -25.97 27.61 9.82
CA SER D 569 -25.01 28.47 9.13
C SER D 569 -25.59 29.87 9.00
N ASN D 570 -24.84 30.87 9.44
CA ASN D 570 -25.35 32.25 9.50
C ASN D 570 -24.29 33.20 8.96
N GLY D 571 -24.72 34.20 8.20
CA GLY D 571 -23.83 35.24 7.73
C GLY D 571 -24.03 36.57 8.43
N THR D 572 -23.13 36.95 9.31
CA THR D 572 -23.22 38.21 10.03
C THR D 572 -21.85 38.88 10.10
N VAL D 573 -21.85 40.21 10.00
CA VAL D 573 -20.65 41.01 9.97
C VAL D 573 -20.14 41.29 11.38
N SER D 574 -18.92 41.81 11.49
CA SER D 574 -18.34 42.02 12.82
C SER D 574 -17.70 43.40 13.00
N PRO D 575 -18.40 44.51 12.76
CA PRO D 575 -17.86 45.81 13.18
C PRO D 575 -18.26 46.13 14.61
N SER D 576 -17.29 46.21 15.51
CA SER D 576 -17.64 46.53 16.90
C SER D 576 -18.16 47.95 17.01
N ALA D 577 -17.33 48.93 16.65
CA ALA D 577 -17.73 50.33 16.71
C ALA D 577 -17.40 50.97 15.37
N PHE D 578 -18.18 51.99 15.02
CA PHE D 578 -18.00 52.63 13.73
C PHE D 578 -16.65 53.30 13.61
N LEU D 579 -15.98 53.57 14.73
CA LEU D 579 -14.68 54.22 14.69
C LEU D 579 -13.59 53.25 14.27
N GLU D 580 -13.99 52.07 13.77
CA GLU D 580 -13.01 51.04 13.45
C GLU D 580 -12.06 51.44 12.33
N PRO D 581 -12.52 52.01 11.20
CA PRO D 581 -11.59 52.27 10.09
C PRO D 581 -10.40 53.15 10.43
N TYR D 582 -10.39 53.80 11.59
CA TYR D 582 -9.29 54.65 11.98
C TYR D 582 -8.79 54.23 13.36
N SER D 583 -7.49 53.96 13.46
CA SER D 583 -6.88 53.73 14.76
C SER D 583 -6.97 55.01 15.60
N PRO D 584 -7.11 54.91 16.91
CA PRO D 584 -7.22 56.14 17.72
C PRO D 584 -5.99 57.03 17.63
N ALA D 585 -4.91 56.55 17.02
CA ALA D 585 -3.74 57.39 16.83
C ALA D 585 -4.06 58.56 15.90
N VAL D 586 -4.86 58.33 14.86
CA VAL D 586 -5.19 59.39 13.92
C VAL D 586 -6.36 60.21 14.43
N TRP D 587 -7.29 59.56 15.12
CA TRP D 587 -8.47 60.26 15.62
C TRP D 587 -8.10 61.43 16.51
N VAL D 588 -7.43 61.16 17.63
CA VAL D 588 -7.06 62.23 18.55
C VAL D 588 -6.26 63.30 17.82
N MET D 589 -5.33 62.88 16.95
CA MET D 589 -4.59 63.86 16.17
C MET D 589 -5.53 64.70 15.32
N MET D 590 -6.36 64.05 14.51
CA MET D 590 -7.35 64.78 13.74
C MET D 590 -8.27 65.57 14.64
N PHE D 591 -8.55 65.06 15.84
CA PHE D 591 -9.35 65.81 16.79
C PHE D 591 -8.65 67.08 17.23
N VAL D 592 -7.35 66.99 17.55
CA VAL D 592 -6.63 68.13 18.08
C VAL D 592 -6.02 68.97 16.96
N MET D 593 -5.45 68.33 15.93
CA MET D 593 -4.91 69.10 14.81
C MET D 593 -6.01 69.89 14.11
N CYS D 594 -7.25 69.41 14.20
CA CYS D 594 -8.36 70.26 13.83
C CYS D 594 -8.47 71.44 14.77
N LEU D 595 -8.22 71.21 16.06
CA LEU D 595 -8.52 72.21 17.06
C LEU D 595 -7.56 73.40 16.96
N THR D 596 -6.46 73.24 16.21
CA THR D 596 -5.51 74.34 16.08
C THR D 596 -5.94 75.33 15.00
N VAL D 597 -6.39 74.83 13.84
CA VAL D 597 -6.89 75.73 12.82
C VAL D 597 -8.12 76.47 13.34
N VAL D 598 -8.79 75.89 14.34
CA VAL D 598 -9.74 76.66 15.12
C VAL D 598 -9.08 77.89 15.71
N ALA D 599 -7.90 77.72 16.31
CA ALA D 599 -7.29 78.83 17.03
C ALA D 599 -6.63 79.82 16.10
N ILE D 600 -5.76 79.35 15.21
CA ILE D 600 -4.94 80.26 14.42
C ILE D 600 -5.81 81.17 13.55
N THR D 601 -6.90 80.64 13.01
CA THR D 601 -7.65 81.38 12.00
C THR D 601 -8.33 82.61 12.59
N VAL D 602 -8.74 82.55 13.86
CA VAL D 602 -9.34 83.72 14.48
C VAL D 602 -8.26 84.74 14.85
N PHE D 603 -7.01 84.27 15.01
CA PHE D 603 -5.92 85.19 15.19
C PHE D 603 -5.58 85.93 13.91
N MET D 604 -5.58 85.24 12.76
CA MET D 604 -5.28 85.89 11.49
C MET D 604 -6.47 86.63 10.91
N PHE D 605 -7.60 86.65 11.63
CA PHE D 605 -8.77 87.39 11.17
C PHE D 605 -9.15 88.50 12.13
N GLU D 606 -8.79 88.37 13.41
CA GLU D 606 -9.09 89.42 14.37
C GLU D 606 -8.20 90.64 14.16
N TYR D 607 -7.05 90.46 13.51
CA TYR D 607 -6.14 91.56 13.24
C TYR D 607 -6.08 91.87 11.74
N ALA D 627 -16.68 92.09 12.71
CA ALA D 627 -15.64 91.12 12.53
C ALA D 627 -16.18 89.78 12.83
N PHE D 628 -15.32 88.90 13.27
CA PHE D 628 -15.74 87.56 13.60
C PHE D 628 -15.58 87.37 15.07
N THR D 629 -16.66 86.95 15.68
CA THR D 629 -16.71 86.73 17.10
C THR D 629 -15.80 85.59 17.47
N ILE D 630 -15.19 85.68 18.64
CA ILE D 630 -14.27 84.65 19.05
C ILE D 630 -14.96 83.31 19.11
N GLY D 631 -16.12 83.30 19.73
CA GLY D 631 -16.92 82.10 19.84
C GLY D 631 -17.43 81.63 18.51
N LYS D 632 -17.77 82.58 17.68
CA LYS D 632 -18.32 82.23 16.43
C LYS D 632 -17.40 81.45 15.57
N SER D 633 -16.13 81.76 15.53
CA SER D 633 -15.27 81.06 14.58
C SER D 633 -15.17 79.56 14.70
N VAL D 634 -15.34 79.10 15.94
CA VAL D 634 -15.33 77.67 16.36
C VAL D 634 -16.52 76.95 15.74
N TRP D 635 -17.70 77.57 15.76
CA TRP D 635 -18.87 76.84 15.21
C TRP D 635 -18.67 76.56 13.73
N LEU D 636 -18.25 77.57 12.97
CA LEU D 636 -18.14 77.36 11.51
C LEU D 636 -17.13 76.25 11.22
N LEU D 637 -15.93 76.32 11.83
CA LEU D 637 -15.01 75.30 11.35
C LEU D 637 -15.49 73.90 11.69
N TRP D 638 -15.94 73.64 12.90
CA TRP D 638 -16.33 72.26 13.03
C TRP D 638 -17.43 72.16 12.06
N ALA D 639 -18.35 73.09 12.09
CA ALA D 639 -19.48 72.87 11.18
C ALA D 639 -19.00 72.59 9.77
N LEU D 640 -17.86 73.17 9.39
CA LEU D 640 -17.34 72.96 8.04
C LEU D 640 -16.95 71.51 7.82
N VAL D 641 -16.13 70.95 8.72
CA VAL D 641 -15.65 69.59 8.56
C VAL D 641 -16.84 68.64 8.67
N PHE D 642 -17.96 69.14 9.15
CA PHE D 642 -19.15 68.31 9.26
C PHE D 642 -20.22 68.63 8.22
N ASN D 643 -19.90 69.67 7.44
CA ASN D 643 -20.86 70.25 6.48
C ASN D 643 -21.90 71.04 7.28
N ASN D 644 -22.45 72.10 6.66
CA ASN D 644 -23.53 72.99 7.20
C ASN D 644 -22.92 74.14 8.04
N SER D 645 -23.58 75.32 8.02
CA SER D 645 -23.16 76.53 8.76
C SER D 645 -24.29 77.01 9.68
N THR D 654 -8.96 88.66 1.68
CA THR D 654 -8.03 87.54 1.64
C THR D 654 -7.71 87.05 3.03
N THR D 655 -8.47 87.53 4.01
CA THR D 655 -8.24 87.16 5.39
C THR D 655 -8.95 85.86 5.76
N SER D 656 -10.27 85.79 5.56
CA SER D 656 -11.01 84.59 5.93
C SER D 656 -10.81 83.47 4.91
N LYS D 657 -10.70 83.84 3.63
CA LYS D 657 -10.80 82.86 2.56
C LYS D 657 -9.61 81.91 2.54
N ILE D 658 -8.39 82.46 2.39
CA ILE D 658 -7.25 81.69 1.91
C ILE D 658 -7.10 80.37 2.65
N MET D 659 -7.29 80.36 3.97
CA MET D 659 -7.11 79.12 4.72
C MET D 659 -8.35 78.25 4.66
N VAL D 660 -9.54 78.84 4.82
CA VAL D 660 -10.76 78.04 4.91
C VAL D 660 -11.00 77.34 3.59
N LEU D 661 -10.44 77.86 2.52
CA LEU D 661 -10.63 77.24 1.22
C LEU D 661 -9.99 75.86 1.18
N VAL D 662 -8.70 75.77 1.46
CA VAL D 662 -8.01 74.50 1.35
C VAL D 662 -8.38 73.59 2.53
N TRP D 663 -8.65 74.16 3.70
CA TRP D 663 -9.09 73.33 4.82
C TRP D 663 -10.43 72.68 4.52
N ALA D 664 -11.24 73.33 3.68
CA ALA D 664 -12.52 72.75 3.31
C ALA D 664 -12.33 71.46 2.53
N PHE D 665 -11.49 71.50 1.49
CA PHE D 665 -11.20 70.26 0.76
C PHE D 665 -10.56 69.23 1.69
N PHE D 666 -9.73 69.70 2.63
CA PHE D 666 -9.04 68.78 3.53
C PHE D 666 -10.01 67.82 4.18
N ALA D 667 -11.19 68.32 4.55
CA ALA D 667 -12.26 67.43 4.96
C ALA D 667 -12.57 66.44 3.84
N VAL D 668 -12.88 66.96 2.65
CA VAL D 668 -13.35 66.10 1.56
C VAL D 668 -12.32 65.03 1.23
N ILE D 669 -11.04 65.30 1.48
CA ILE D 669 -10.01 64.33 1.15
C ILE D 669 -10.12 63.10 2.02
N PHE D 670 -10.07 63.28 3.34
CA PHE D 670 -10.08 62.10 4.20
C PHE D 670 -11.50 61.57 4.40
N LEU D 671 -12.48 62.46 4.56
CA LEU D 671 -13.87 62.04 4.74
C LEU D 671 -14.28 61.08 3.64
N ALA D 672 -13.67 61.20 2.47
CA ALA D 672 -13.95 60.25 1.40
C ALA D 672 -13.07 59.01 1.50
N SER D 673 -11.95 59.06 2.21
CA SER D 673 -11.14 57.86 2.37
C SER D 673 -11.75 56.96 3.43
N TYR D 674 -12.25 57.55 4.50
CA TYR D 674 -13.01 56.80 5.49
C TYR D 674 -14.02 55.88 4.82
N THR D 675 -14.85 56.44 3.95
CA THR D 675 -15.75 55.62 3.15
C THR D 675 -15.00 54.52 2.43
N ALA D 676 -13.92 54.87 1.74
CA ALA D 676 -13.17 53.84 1.02
C ALA D 676 -12.64 52.78 1.95
N ASN D 677 -12.25 53.17 3.17
CA ASN D 677 -11.72 52.19 4.10
C ASN D 677 -12.78 51.18 4.50
N LEU D 678 -13.97 51.65 4.87
CA LEU D 678 -15.02 50.73 5.25
C LEU D 678 -15.35 49.77 4.13
N ALA D 679 -15.17 50.19 2.89
CA ALA D 679 -15.42 49.30 1.75
C ALA D 679 -14.43 48.14 1.73
N ALA D 680 -13.30 48.29 2.41
CA ALA D 680 -12.37 47.18 2.53
C ALA D 680 -12.71 46.31 3.73
N PHE D 681 -12.94 46.95 4.87
CA PHE D 681 -13.28 46.24 6.10
C PHE D 681 -14.57 45.44 5.98
N MET D 682 -15.38 45.71 4.96
CA MET D 682 -16.61 44.97 4.72
C MET D 682 -16.50 43.97 3.58
N ILE D 683 -15.33 43.84 2.97
CA ILE D 683 -15.17 42.93 1.84
C ILE D 683 -14.06 41.90 2.05
N GLN D 684 -13.07 42.18 2.89
CA GLN D 684 -12.01 41.22 3.16
C GLN D 684 -12.23 40.45 4.45
N GLU D 685 -13.39 40.60 5.08
CA GLU D 685 -13.71 39.82 6.26
C GLU D 685 -14.38 38.51 5.86
N GLN D 686 -14.58 37.65 6.85
CA GLN D 686 -15.19 36.35 6.61
C GLN D 686 -15.73 35.80 7.93
N TYR D 687 -16.72 34.91 7.82
CA TYR D 687 -17.26 34.25 8.99
C TYR D 687 -16.42 33.02 9.34
N ILE D 688 -16.73 32.43 10.50
CA ILE D 688 -15.99 31.27 10.96
C ILE D 688 -16.38 30.07 10.10
N ASP D 689 -15.61 28.99 10.23
CA ASP D 689 -15.50 28.02 9.13
C ASP D 689 -16.40 26.81 9.32
N THR D 690 -17.23 26.80 10.36
CA THR D 690 -18.09 25.64 10.63
C THR D 690 -17.22 24.40 10.74
N VAL D 691 -16.44 24.30 11.82
CA VAL D 691 -15.27 23.43 11.88
C VAL D 691 -15.61 22.00 11.43
N SER D 692 -14.58 21.32 10.90
CA SER D 692 -14.73 20.06 10.19
C SER D 692 -14.93 18.88 11.14
N GLY D 693 -14.76 17.67 10.63
CA GLY D 693 -15.10 16.48 11.39
C GLY D 693 -14.25 16.29 12.64
N LEU D 694 -14.29 15.07 13.16
CA LEU D 694 -13.74 14.72 14.47
C LEU D 694 -12.41 15.37 14.80
N SER D 695 -11.39 15.16 13.96
CA SER D 695 -10.03 15.50 14.32
C SER D 695 -9.73 16.99 14.20
N ASP D 696 -10.76 17.83 14.20
CA ASP D 696 -10.57 19.27 14.04
C ASP D 696 -9.80 19.84 15.23
N LYS D 697 -9.31 21.06 15.05
CA LYS D 697 -8.42 21.66 16.03
C LYS D 697 -9.17 22.03 17.31
N LYS D 698 -10.49 22.18 17.24
CA LYS D 698 -11.23 22.66 18.41
C LYS D 698 -11.53 21.52 19.38
N PHE D 699 -11.60 20.29 18.86
CA PHE D 699 -11.96 19.16 19.72
C PHE D 699 -10.75 18.58 20.43
N GLN D 700 -9.75 18.12 19.66
CA GLN D 700 -8.64 17.40 20.27
C GLN D 700 -7.87 18.27 21.26
N ARG D 701 -8.24 19.53 21.39
CA ARG D 701 -7.77 20.37 22.48
C ARG D 701 -8.97 20.64 23.39
N PRO D 702 -9.36 19.67 24.21
CA PRO D 702 -10.61 19.85 24.98
C PRO D 702 -10.46 20.82 26.13
N GLN D 703 -9.29 21.42 26.30
CA GLN D 703 -9.14 22.46 27.31
C GLN D 703 -9.73 23.76 26.76
N ASP D 704 -11.02 23.97 27.00
CA ASP D 704 -11.72 25.11 26.44
C ASP D 704 -13.08 25.22 27.10
N GLN D 705 -13.54 26.45 27.31
CA GLN D 705 -14.81 26.68 27.98
C GLN D 705 -15.64 27.69 27.20
N TYR D 706 -15.04 28.32 26.20
CA TYR D 706 -15.87 29.00 25.22
C TYR D 706 -15.53 28.60 23.78
N PRO D 707 -15.34 27.32 23.46
CA PRO D 707 -15.38 26.88 22.08
C PRO D 707 -16.80 26.56 21.71
N PRO D 708 -17.04 25.90 20.59
CA PRO D 708 -18.19 25.00 20.60
C PRO D 708 -18.04 24.14 21.84
N PHE D 709 -18.86 24.41 22.86
CA PHE D 709 -18.68 23.82 24.17
C PHE D 709 -19.46 22.55 24.36
N ARG D 710 -20.06 22.04 23.30
CA ARG D 710 -20.91 20.87 23.41
C ARG D 710 -20.16 19.62 23.00
N PHE D 711 -20.44 18.53 23.72
CA PHE D 711 -20.09 17.20 23.24
C PHE D 711 -21.22 16.24 23.57
N GLY D 712 -22.47 16.66 23.28
CA GLY D 712 -23.62 16.11 23.98
C GLY D 712 -23.57 14.61 24.20
N THR D 713 -23.66 13.84 23.12
CA THR D 713 -23.42 12.41 23.20
C THR D 713 -24.32 11.74 24.23
N VAL D 714 -25.61 11.62 23.91
CA VAL D 714 -26.70 11.26 24.81
C VAL D 714 -26.30 10.21 25.84
N PRO D 715 -26.68 10.40 27.11
CA PRO D 715 -26.20 9.52 28.18
C PRO D 715 -26.56 8.07 27.95
N ASN D 716 -25.64 7.18 28.34
CA ASN D 716 -25.82 5.74 28.28
C ASN D 716 -26.08 5.23 26.88
N GLY D 717 -25.81 6.05 25.87
CA GLY D 717 -26.00 5.64 24.50
C GLY D 717 -24.94 4.66 24.04
N SER D 718 -25.08 4.25 22.77
CA SER D 718 -24.07 3.38 22.18
C SER D 718 -22.74 4.11 22.01
N THR D 719 -22.79 5.33 21.46
CA THR D 719 -21.56 6.10 21.30
C THR D 719 -21.07 6.65 22.63
N GLU D 720 -21.66 6.25 23.75
CA GLU D 720 -21.03 6.52 25.03
C GLU D 720 -19.84 5.60 25.24
N ARG D 721 -19.92 4.38 24.72
CA ARG D 721 -18.82 3.44 24.88
C ARG D 721 -17.66 3.80 23.95
N ASN D 722 -17.95 4.13 22.69
CA ASN D 722 -16.88 4.41 21.73
C ASN D 722 -15.97 5.51 22.22
N ILE D 723 -16.50 6.47 22.98
CA ILE D 723 -15.65 7.53 23.51
C ILE D 723 -15.01 7.08 24.83
N ARG D 724 -15.11 5.80 25.17
CA ARG D 724 -14.33 5.24 26.27
C ARG D 724 -13.37 4.17 25.80
N SER D 725 -12.86 4.27 24.56
CA SER D 725 -12.00 3.22 24.04
C SER D 725 -10.55 3.40 24.49
N ASN D 726 -9.90 4.48 24.06
CA ASN D 726 -8.50 4.68 24.38
C ASN D 726 -8.21 5.99 25.10
N TYR D 727 -8.77 7.09 24.60
CA TYR D 727 -8.29 8.44 24.93
C TYR D 727 -9.23 9.09 25.93
N ARG D 728 -8.78 9.22 27.17
CA ARG D 728 -9.56 9.90 28.20
C ARG D 728 -9.65 11.40 27.97
N ASP D 729 -9.10 11.90 26.87
CA ASP D 729 -9.15 13.33 26.59
C ASP D 729 -10.58 13.80 26.44
N MET D 730 -11.45 12.95 25.88
CA MET D 730 -12.80 13.39 25.56
C MET D 730 -13.77 13.07 26.69
N HIS D 731 -13.77 11.82 27.14
CA HIS D 731 -14.77 11.38 28.11
C HIS D 731 -14.73 12.24 29.37
N THR D 732 -13.65 12.99 29.55
CA THR D 732 -13.55 13.87 30.70
C THR D 732 -14.30 15.18 30.47
N HIS D 733 -14.32 15.68 29.24
CA HIS D 733 -15.10 16.87 28.94
C HIS D 733 -16.44 16.55 28.29
N MET D 734 -16.68 15.28 27.96
CA MET D 734 -17.98 14.84 27.46
C MET D 734 -18.97 14.61 28.60
N VAL D 735 -18.70 15.15 29.79
CA VAL D 735 -19.52 14.91 30.96
C VAL D 735 -20.66 15.92 31.11
N LYS D 736 -20.75 16.89 30.21
CA LYS D 736 -21.86 17.84 30.20
C LYS D 736 -23.06 17.31 29.40
N PHE D 737 -23.18 16.00 29.26
CA PHE D 737 -24.26 15.40 28.49
C PHE D 737 -25.62 15.73 29.08
N ASN D 738 -26.67 15.65 28.26
CA ASN D 738 -28.04 15.88 28.68
C ASN D 738 -28.90 14.69 28.28
N GLN D 739 -29.73 14.23 29.20
CA GLN D 739 -30.41 12.95 29.09
C GLN D 739 -31.72 12.99 28.32
N ARG D 740 -32.15 14.17 27.87
CA ARG D 740 -33.38 14.26 27.10
C ARG D 740 -33.14 13.54 25.77
N SER D 741 -33.66 12.32 25.67
CA SER D 741 -33.05 11.22 24.93
C SER D 741 -32.42 11.74 23.65
N VAL D 742 -33.18 12.28 22.70
CA VAL D 742 -32.56 12.94 21.56
C VAL D 742 -33.17 14.31 21.34
N GLU D 743 -34.48 14.32 21.03
CA GLU D 743 -35.13 15.48 20.46
C GLU D 743 -35.11 16.68 21.41
N ASP D 744 -35.52 16.46 22.65
CA ASP D 744 -35.55 17.58 23.60
C ASP D 744 -34.15 18.12 23.83
N ALA D 745 -33.13 17.27 23.76
CA ALA D 745 -31.77 17.76 23.81
C ALA D 745 -31.27 18.18 22.43
N LEU D 746 -31.95 17.73 21.38
CA LEU D 746 -31.59 18.18 20.04
C LEU D 746 -31.89 19.67 19.87
N THR D 747 -33.12 20.09 20.17
CA THR D 747 -33.50 21.48 19.96
C THR D 747 -32.54 22.45 20.63
N SER D 748 -31.80 21.96 21.64
CA SER D 748 -30.77 22.78 22.25
C SER D 748 -29.77 23.27 21.22
N LEU D 749 -29.37 22.40 20.28
CA LEU D 749 -28.50 22.83 19.20
C LEU D 749 -29.16 23.93 18.39
N LYS D 750 -30.49 23.91 18.29
CA LYS D 750 -31.19 24.97 17.58
C LYS D 750 -31.37 26.20 18.47
N MET D 751 -31.46 25.98 19.78
CA MET D 751 -31.74 27.09 20.70
C MET D 751 -30.54 28.01 20.83
N GLY D 752 -29.35 27.45 21.02
CA GLY D 752 -28.17 28.23 21.32
C GLY D 752 -27.50 27.91 22.64
N LYS D 753 -27.99 26.91 23.36
CA LYS D 753 -27.33 26.51 24.59
C LYS D 753 -26.36 25.36 24.35
N LEU D 754 -26.48 24.69 23.21
CA LEU D 754 -25.58 23.61 22.81
C LEU D 754 -25.00 23.93 21.45
N ASP D 755 -23.77 23.51 21.22
CA ASP D 755 -23.02 23.94 20.05
C ASP D 755 -22.78 22.83 19.03
N ALA D 756 -22.62 21.58 19.44
CA ALA D 756 -22.36 20.48 18.52
C ALA D 756 -22.67 19.17 19.21
N PHE D 757 -23.58 18.40 18.61
CA PHE D 757 -24.06 17.15 19.18
C PHE D 757 -23.65 16.01 18.26
N ILE D 758 -23.22 14.89 18.84
CA ILE D 758 -22.59 13.81 18.08
C ILE D 758 -23.51 12.59 18.14
N TYR D 759 -23.81 12.02 16.98
CA TYR D 759 -24.75 10.90 16.91
C TYR D 759 -24.54 10.19 15.58
N ASP D 760 -25.49 9.31 15.25
CA ASP D 760 -25.42 8.57 14.00
C ASP D 760 -25.94 9.41 12.84
N ALA D 761 -25.39 9.16 11.65
CA ALA D 761 -25.76 9.95 10.48
C ALA D 761 -27.15 9.63 9.96
N ALA D 762 -27.75 8.53 10.41
CA ALA D 762 -29.05 8.14 9.85
C ALA D 762 -30.15 9.09 10.31
N VAL D 763 -30.16 9.45 11.59
CA VAL D 763 -31.23 10.29 12.12
C VAL D 763 -30.94 11.78 11.92
N LEU D 764 -29.73 12.15 11.52
CA LEU D 764 -29.39 13.56 11.43
C LEU D 764 -29.79 14.14 10.08
N ASN D 765 -29.44 13.44 8.99
CA ASN D 765 -29.72 14.00 7.66
C ASN D 765 -31.22 14.20 7.46
N TYR D 766 -32.04 13.24 7.87
CA TYR D 766 -33.47 13.46 7.87
C TYR D 766 -33.83 14.64 8.76
N MET D 767 -33.16 14.78 9.90
CA MET D 767 -33.37 15.95 10.73
C MET D 767 -32.71 17.18 10.10
N ALA D 768 -31.80 16.97 9.16
CA ALA D 768 -31.15 18.09 8.50
C ALA D 768 -32.06 18.73 7.46
N GLY D 769 -32.69 17.90 6.64
CA GLY D 769 -33.56 18.44 5.61
C GLY D 769 -34.98 18.67 6.09
N LYS D 770 -35.60 17.63 6.62
CA LYS D 770 -37.04 17.68 6.91
C LYS D 770 -37.35 18.72 7.98
N ASP D 771 -36.36 19.18 8.72
CA ASP D 771 -36.62 20.25 9.69
C ASP D 771 -36.68 21.59 8.99
N GLU D 772 -37.65 22.42 9.41
CA GLU D 772 -37.80 23.74 8.84
C GLU D 772 -36.57 24.59 9.15
N GLY D 773 -36.20 25.43 8.20
CA GLY D 773 -34.98 26.20 8.34
C GLY D 773 -33.76 25.37 8.00
N CYS D 774 -32.63 25.81 8.55
CA CYS D 774 -31.34 25.24 8.22
C CYS D 774 -30.60 24.86 9.49
N LYS D 775 -29.99 23.68 9.46
CA LYS D 775 -29.01 23.24 10.44
C LYS D 775 -28.11 22.23 9.74
N LEU D 776 -26.83 22.53 9.68
CA LEU D 776 -25.96 21.81 8.77
C LEU D 776 -25.14 20.80 9.54
N VAL D 777 -25.18 19.56 9.06
CA VAL D 777 -24.33 18.49 9.56
C VAL D 777 -22.95 18.71 8.97
N THR D 778 -21.93 18.06 9.52
CA THR D 778 -20.62 18.15 8.92
C THR D 778 -20.61 17.45 7.56
N ILE D 779 -19.41 17.32 6.98
CA ILE D 779 -19.22 17.12 5.55
C ILE D 779 -20.24 16.15 4.95
N GLY D 780 -20.41 14.98 5.55
CA GLY D 780 -21.46 14.10 5.09
C GLY D 780 -20.98 12.67 4.95
N SER D 781 -21.34 12.07 3.80
CA SER D 781 -20.98 10.68 3.51
C SER D 781 -19.50 10.40 3.68
N GLY D 782 -18.65 11.42 3.52
CA GLY D 782 -17.24 11.24 3.80
C GLY D 782 -16.88 11.49 5.25
N LYS D 783 -17.64 12.36 5.93
CA LYS D 783 -17.47 12.61 7.36
C LYS D 783 -18.29 11.57 8.10
N VAL D 784 -17.83 10.33 8.05
CA VAL D 784 -18.45 9.23 8.78
C VAL D 784 -17.32 8.39 9.37
N PHE D 785 -17.61 7.68 10.47
CA PHE D 785 -16.59 6.96 11.22
C PHE D 785 -17.17 5.71 11.86
N ALA D 786 -16.40 4.62 11.81
CA ALA D 786 -16.86 3.32 12.28
C ALA D 786 -18.22 2.98 11.67
N THR D 787 -18.26 3.12 10.34
CA THR D 787 -19.48 2.88 9.60
C THR D 787 -20.04 1.50 9.93
N THR D 788 -21.22 1.49 10.55
CA THR D 788 -21.77 0.27 11.11
C THR D 788 -23.19 0.13 10.56
N GLY D 789 -23.95 -0.84 11.06
CA GLY D 789 -25.29 -1.08 10.55
C GLY D 789 -26.27 -1.36 11.68
N TYR D 790 -27.54 -1.12 11.36
CA TYR D 790 -28.64 -1.46 12.25
C TYR D 790 -29.26 -2.77 11.82
N GLY D 791 -29.49 -3.66 12.79
CA GLY D 791 -30.12 -4.94 12.53
C GLY D 791 -31.04 -5.35 13.67
N ILE D 792 -31.80 -6.40 13.41
CA ILE D 792 -32.76 -6.92 14.37
C ILE D 792 -32.12 -8.12 15.04
N ALA D 793 -32.21 -8.16 16.36
CA ALA D 793 -31.46 -9.15 17.14
C ALA D 793 -32.30 -10.40 17.35
N MET D 794 -31.67 -11.56 17.19
CA MET D 794 -32.25 -12.79 17.71
C MET D 794 -31.75 -13.04 19.12
N GLN D 795 -32.68 -13.17 20.06
CA GLN D 795 -32.30 -13.42 21.45
C GLN D 795 -31.60 -14.77 21.57
N LYS D 796 -30.74 -14.89 22.58
CA LYS D 796 -29.95 -16.12 22.75
C LYS D 796 -30.87 -17.31 22.99
N ASP D 797 -30.47 -18.45 22.43
CA ASP D 797 -31.27 -19.68 22.47
C ASP D 797 -32.63 -19.46 21.82
N SER D 798 -32.61 -18.93 20.59
CA SER D 798 -33.82 -18.72 19.80
C SER D 798 -33.41 -18.73 18.33
N HIS D 799 -33.67 -19.84 17.65
CA HIS D 799 -33.14 -20.07 16.31
C HIS D 799 -33.98 -19.44 15.22
N TRP D 800 -34.81 -18.44 15.55
CA TRP D 800 -35.59 -17.72 14.56
C TRP D 800 -34.73 -17.10 13.45
N LYS D 801 -33.41 -17.05 13.65
CA LYS D 801 -32.47 -16.40 12.74
C LYS D 801 -32.76 -16.72 11.28
N ARG D 802 -32.92 -18.01 10.97
CA ARG D 802 -33.15 -18.42 9.58
C ARG D 802 -34.36 -17.72 8.99
N ALA D 803 -35.41 -17.51 9.80
CA ALA D 803 -36.60 -16.83 9.30
C ALA D 803 -36.30 -15.37 8.96
N ILE D 804 -35.74 -14.63 9.92
CA ILE D 804 -35.54 -13.20 9.73
C ILE D 804 -34.41 -12.93 8.73
N ASP D 805 -33.34 -13.72 8.79
CA ASP D 805 -32.25 -13.58 7.82
C ASP D 805 -32.79 -13.75 6.40
N LEU D 806 -33.73 -14.68 6.22
CA LEU D 806 -34.29 -14.92 4.89
C LEU D 806 -35.18 -13.77 4.46
N ALA D 807 -36.08 -13.32 5.34
CA ALA D 807 -36.94 -12.20 5.00
C ALA D 807 -36.13 -10.94 4.71
N LEU D 808 -35.02 -10.74 5.44
CA LEU D 808 -34.16 -9.59 5.17
C LEU D 808 -33.48 -9.70 3.82
N LEU D 809 -32.80 -10.82 3.57
CA LEU D 809 -32.17 -11.02 2.27
C LEU D 809 -33.19 -11.04 1.15
N GLN D 810 -34.37 -11.60 1.41
CA GLN D 810 -35.46 -11.48 0.45
C GLN D 810 -35.86 -10.02 0.26
N PHE D 811 -35.82 -9.24 1.34
CA PHE D 811 -36.08 -7.81 1.21
C PHE D 811 -34.85 -7.10 0.66
N LEU D 812 -33.69 -7.75 0.70
CA LEU D 812 -32.56 -7.26 -0.08
C LEU D 812 -32.72 -7.59 -1.55
N GLY D 813 -33.49 -8.62 -1.86
CA GLY D 813 -33.57 -9.08 -3.24
C GLY D 813 -34.42 -8.18 -4.13
N ASP D 814 -35.71 -8.09 -3.86
CA ASP D 814 -36.67 -7.59 -4.83
C ASP D 814 -36.81 -6.07 -4.83
N GLY D 815 -35.82 -5.34 -4.33
CA GLY D 815 -35.85 -3.90 -4.42
C GLY D 815 -36.95 -3.23 -3.65
N GLU D 816 -37.37 -3.81 -2.52
CA GLU D 816 -38.26 -3.09 -1.62
C GLU D 816 -37.53 -2.07 -0.77
N THR D 817 -36.21 -2.17 -0.68
CA THR D 817 -35.40 -1.28 0.14
C THR D 817 -35.73 0.20 -0.07
N GLN D 818 -35.59 0.71 -1.29
CA GLN D 818 -35.79 2.14 -1.50
C GLN D 818 -37.24 2.54 -1.32
N LYS D 819 -38.17 1.69 -1.80
CA LYS D 819 -39.60 1.97 -1.66
C LYS D 819 -39.96 2.19 -0.20
N LEU D 820 -39.38 1.39 0.70
CA LEU D 820 -39.66 1.55 2.12
C LEU D 820 -38.95 2.78 2.68
N GLU D 821 -37.87 3.21 2.04
CA GLU D 821 -37.16 4.41 2.49
C GLU D 821 -37.86 5.68 2.04
N THR D 822 -38.23 5.77 0.77
CA THR D 822 -38.75 7.01 0.21
C THR D 822 -40.10 7.37 0.81
N VAL D 823 -40.66 6.50 1.65
CA VAL D 823 -41.96 6.76 2.23
C VAL D 823 -41.80 7.13 3.70
N TRP D 824 -40.58 7.04 4.20
CA TRP D 824 -40.33 7.41 5.59
C TRP D 824 -39.06 8.24 5.71
N LEU D 825 -38.17 8.16 4.73
CA LEU D 825 -36.85 8.77 4.81
C LEU D 825 -36.51 9.35 3.44
N SER D 826 -36.69 10.66 3.30
CA SER D 826 -36.31 11.36 2.07
C SER D 826 -35.69 12.71 2.41
N GLY D 827 -35.19 13.38 1.39
CA GLY D 827 -34.76 14.76 1.52
C GLY D 827 -35.77 15.67 0.87
N ILE D 828 -36.49 16.46 1.66
CA ILE D 828 -37.69 17.11 1.16
C ILE D 828 -37.37 18.51 0.65
N CYS D 829 -36.94 19.40 1.53
CA CYS D 829 -36.69 20.78 1.13
C CYS D 829 -35.27 21.18 1.52
N GLN D 830 -34.32 20.90 0.63
CA GLN D 830 -32.94 21.29 0.87
C GLN D 830 -32.81 22.81 0.93
N ASN D 831 -31.77 23.27 1.63
CA ASN D 831 -31.50 24.69 1.71
C ASN D 831 -30.87 25.18 0.40
N GLU D 832 -31.42 26.27 -0.14
CA GLU D 832 -30.85 26.92 -1.31
C GLU D 832 -29.54 27.57 -0.88
N LYS D 833 -28.43 26.89 -1.19
CA LYS D 833 -27.15 27.24 -0.60
C LYS D 833 -26.63 28.59 -1.09
N ASN D 834 -26.94 28.95 -2.34
CA ASN D 834 -26.35 30.13 -2.97
C ASN D 834 -26.94 31.41 -2.37
N GLU D 835 -26.64 31.62 -1.09
CA GLU D 835 -26.98 32.84 -0.38
C GLU D 835 -25.77 33.25 0.46
N VAL D 836 -24.93 34.13 -0.10
CA VAL D 836 -23.64 34.46 0.49
C VAL D 836 -23.54 35.94 0.86
N MET D 837 -24.10 36.82 0.03
CA MET D 837 -23.88 38.26 0.05
C MET D 837 -23.74 38.87 1.44
N SER D 838 -24.58 38.43 2.39
CA SER D 838 -24.53 38.87 3.77
C SER D 838 -24.86 40.35 3.96
N SER D 839 -26.00 40.79 3.44
CA SER D 839 -26.49 42.13 3.74
C SER D 839 -26.68 42.30 5.24
N LYS D 840 -26.06 43.32 5.80
CA LYS D 840 -25.92 43.44 7.25
C LYS D 840 -26.91 44.43 7.81
N LEU D 841 -27.74 43.96 8.73
CA LEU D 841 -28.52 44.83 9.60
C LEU D 841 -27.89 44.72 10.98
N ASP D 842 -26.97 45.64 11.28
CA ASP D 842 -26.26 45.60 12.55
C ASP D 842 -26.89 46.63 13.47
N ILE D 843 -28.01 46.23 14.08
CA ILE D 843 -28.75 47.10 14.99
C ILE D 843 -27.86 47.61 16.11
N ASP D 844 -26.82 46.86 16.45
CA ASP D 844 -25.88 47.33 17.47
C ASP D 844 -24.88 48.32 16.91
N ASN D 845 -24.36 48.09 15.71
CA ASN D 845 -23.68 49.17 14.99
C ASN D 845 -24.54 50.43 15.01
N MET D 846 -25.81 50.29 14.62
CA MET D 846 -26.75 51.38 14.77
C MET D 846 -26.84 51.85 16.21
N ALA D 847 -27.06 50.93 17.15
CA ALA D 847 -27.03 51.29 18.55
C ALA D 847 -25.67 51.87 18.93
N GLY D 848 -24.65 51.60 18.11
CA GLY D 848 -23.36 52.25 18.32
C GLY D 848 -23.44 53.75 18.07
N VAL D 849 -23.83 54.15 16.86
CA VAL D 849 -23.88 55.57 16.53
C VAL D 849 -24.94 56.26 17.36
N PHE D 850 -25.98 55.52 17.78
CA PHE D 850 -27.03 56.11 18.59
C PHE D 850 -26.52 56.52 19.96
N TYR D 851 -25.35 56.02 20.36
CA TYR D 851 -24.74 56.45 21.61
C TYR D 851 -24.50 57.95 21.62
N MET D 852 -23.65 58.43 20.71
CA MET D 852 -23.42 59.87 20.61
C MET D 852 -24.65 60.58 20.04
N LEU D 853 -25.63 59.82 19.54
CA LEU D 853 -26.83 60.43 18.95
C LEU D 853 -27.80 60.89 20.04
N LEU D 854 -28.27 59.97 20.86
CA LEU D 854 -29.33 60.32 21.81
C LEU D 854 -28.79 61.12 22.97
N VAL D 855 -27.55 60.87 23.39
CA VAL D 855 -26.97 61.63 24.49
C VAL D 855 -26.79 63.09 24.08
N ALA D 856 -26.91 63.39 22.79
CA ALA D 856 -26.98 64.78 22.35
C ALA D 856 -28.16 65.46 23.03
N MET D 857 -29.30 64.77 23.07
CA MET D 857 -30.41 65.26 23.88
C MET D 857 -30.05 65.23 25.36
N GLY D 858 -29.26 64.24 25.77
CA GLY D 858 -28.73 64.25 27.13
C GLY D 858 -27.75 65.39 27.36
N LEU D 859 -27.17 65.91 26.29
CA LEU D 859 -26.39 67.14 26.41
C LEU D 859 -27.31 68.36 26.48
N ALA D 860 -28.55 68.21 26.03
CA ALA D 860 -29.51 69.30 26.13
C ALA D 860 -30.19 69.31 27.49
N LEU D 861 -30.54 68.13 27.99
CA LEU D 861 -31.09 68.03 29.35
C LEU D 861 -30.19 68.75 30.35
N LEU D 862 -28.88 68.54 30.25
CA LEU D 862 -27.92 69.25 31.08
C LEU D 862 -27.73 70.70 30.65
N VAL D 863 -28.38 71.13 29.57
CA VAL D 863 -28.26 72.50 29.09
C VAL D 863 -29.64 73.12 29.02
N PHE D 864 -30.66 72.35 29.42
CA PHE D 864 -32.01 72.89 29.48
C PHE D 864 -32.23 73.65 30.79
N ALA D 865 -31.83 73.06 31.92
CA ALA D 865 -31.95 73.74 33.21
C ALA D 865 -30.77 74.67 33.44
N TRP D 866 -29.62 74.36 32.84
CA TRP D 866 -28.44 75.19 33.02
C TRP D 866 -28.65 76.60 32.47
N GLU D 867 -29.71 76.80 31.70
CA GLU D 867 -29.99 78.12 31.16
C GLU D 867 -31.00 78.87 32.03
N HIS D 868 -31.87 78.14 32.73
CA HIS D 868 -32.92 78.78 33.53
C HIS D 868 -32.33 79.58 34.68
N LEU D 869 -31.44 78.99 35.47
CA LEU D 869 -30.73 79.77 36.48
C LEU D 869 -29.77 80.76 35.83
N VAL D 870 -29.37 80.50 34.59
CA VAL D 870 -28.52 81.44 33.85
C VAL D 870 -29.31 82.61 33.29
N TYR D 871 -30.50 82.36 32.74
CA TYR D 871 -31.36 83.46 32.30
C TYR D 871 -31.98 84.17 33.48
N TRP D 872 -31.75 83.66 34.69
CA TRP D 872 -32.24 84.27 35.91
C TRP D 872 -31.13 84.43 36.95
C1 NAG E . 63.51 -50.04 9.87
C2 NAG E . 64.02 -49.53 8.51
C3 NAG E . 65.53 -49.24 8.58
C4 NAG E . 65.84 -48.32 9.74
C5 NAG E . 65.31 -48.94 11.03
C6 NAG E . 65.52 -48.07 12.24
C7 NAG E . 62.51 -50.78 7.02
C8 NAG E . 62.42 -51.80 5.92
N2 NAG E . 63.75 -50.50 7.46
O3 NAG E . 65.93 -48.63 7.36
O4 NAG E . 67.24 -48.13 9.84
O5 NAG E . 63.89 -49.13 10.90
O6 NAG E . 65.68 -46.70 11.89
O7 NAG E . 61.52 -50.25 7.49
C1 NAG E . 68.40 -47.44 10.18
C2 NAG E . 69.63 -47.27 11.06
C3 NAG E . 70.21 -45.87 10.89
C4 NAG E . 70.45 -45.57 9.41
C5 NAG E . 69.18 -45.82 8.61
C6 NAG E . 69.36 -45.65 7.13
C7 NAG E . 70.24 -47.84 13.37
C8 NAG E . 69.73 -48.06 14.77
N2 NAG E . 69.32 -47.52 12.45
O3 NAG E . 71.43 -45.75 11.60
O4 NAG E . 70.88 -44.23 9.24
O5 NAG E . 68.72 -47.16 8.82
O6 NAG E . 70.71 -45.93 6.74
O7 NAG E . 71.43 -47.93 13.09
C1 BMA E . 71.80 -43.30 8.82
C2 BMA E . 71.72 -41.81 8.45
C3 BMA E . 73.03 -41.08 8.79
C4 BMA E . 73.60 -41.49 10.16
C5 BMA E . 73.65 -43.01 10.26
C6 BMA E . 74.16 -43.48 11.61
O2 BMA E . 70.69 -41.14 9.16
O3 BMA E . 72.85 -39.67 8.76
O4 BMA E . 74.90 -40.98 10.31
O5 BMA E . 72.33 -43.51 10.11
O6 BMA E . 75.18 -42.58 12.02
C1 NAG F . 51.67 6.71 6.51
C2 NAG F . 50.79 7.37 7.57
C3 NAG F . 51.61 8.42 8.32
C4 NAG F . 52.84 7.76 8.92
C5 NAG F . 53.63 7.08 7.81
C6 NAG F . 54.83 6.31 8.35
C7 NAG F . 49.74 8.81 5.91
C8 NAG F . 48.44 9.33 5.36
N2 NAG F . 49.64 8.00 6.96
O3 NAG F . 50.82 9.00 9.36
O4 NAG F . 53.62 8.80 9.51
O5 NAG F . 52.82 6.14 7.12
O6 NAG F . 54.38 5.18 9.10
O7 NAG F . 50.81 9.11 5.43
C1 NAG F . 54.04 8.46 10.86
C2 NAG F . 55.43 9.03 11.10
C3 NAG F . 55.90 8.63 12.49
C4 NAG F . 54.88 9.12 13.51
C5 NAG F . 53.51 8.54 13.18
C6 NAG F . 52.47 9.03 14.17
C7 NAG F . 56.77 9.33 9.09
C8 NAG F . 57.29 8.62 7.88
N2 NAG F . 56.38 8.57 10.11
O3 NAG F . 57.18 9.23 12.76
O4 NAG F . 55.28 8.71 14.82
O5 NAG F . 53.14 8.92 11.85
O6 NAG F . 52.26 10.44 14.01
O7 NAG F . 56.70 10.55 9.14
C1 NAG G . -0.34 8.51 -51.06
C2 NAG G . -0.69 7.44 -52.08
C3 NAG G . 0.57 7.01 -52.82
C4 NAG G . 1.25 8.21 -53.44
C5 NAG G . 1.49 9.30 -52.39
C6 NAG G . 1.99 10.59 -52.97
C7 NAG G . -2.17 5.50 -52.09
C8 NAG G . -2.73 4.36 -51.28
N2 NAG G . -1.32 6.30 -51.44
O3 NAG G . 0.22 6.06 -53.82
O4 NAG G . 2.49 7.83 -54.01
O5 NAG G . 0.25 9.61 -51.72
O6 NAG G . 1.08 11.12 -53.91
O7 NAG G . -2.46 5.68 -53.26
C1 NAG G . 2.27 7.92 -55.36
C2 NAG G . 3.69 7.83 -55.89
C3 NAG G . 3.70 7.76 -57.41
C4 NAG G . 2.79 6.64 -57.89
C5 NAG G . 1.40 6.78 -57.29
C6 NAG G . 0.48 5.64 -57.63
C7 NAG G . 5.82 8.96 -55.37
C8 NAG G . 6.45 10.21 -54.87
N2 NAG G . 4.48 8.97 -55.43
O3 NAG G . 5.03 7.55 -57.88
O4 NAG G . 2.68 6.68 -59.31
O5 NAG G . 1.51 6.81 -55.85
O6 NAG G . 1.12 4.68 -58.46
O7 NAG G . 6.48 7.98 -55.71
C1 NAG H . 47.42 2.35 36.87
C2 NAG H . 45.98 2.84 36.66
C3 NAG H . 45.63 3.90 37.71
C4 NAG H . 45.92 3.41 39.11
C5 NAG H . 47.35 2.89 39.20
C6 NAG H . 47.68 2.28 40.54
C7 NAG H . 44.63 3.49 34.71
C8 NAG H . 44.66 4.05 33.32
N2 NAG H . 45.82 3.38 35.31
O3 NAG H . 44.25 4.23 37.60
O4 NAG H . 45.73 4.45 40.05
O5 NAG H . 47.57 1.88 38.21
O6 NAG H . 48.55 3.11 41.29
O7 NAG H . 43.60 3.15 35.26
C1 NAG I . 36.51 -41.23 31.30
C2 NAG I . 36.35 -41.64 32.77
C3 NAG I . 35.72 -43.03 32.89
C4 NAG I . 34.44 -43.09 32.07
C5 NAG I . 34.73 -42.65 30.63
C6 NAG I . 33.48 -42.59 29.78
C7 NAG I . 38.75 -42.17 33.40
C8 NAG I . 38.86 -43.17 32.27
N2 NAG I . 37.58 -41.53 33.56
O3 NAG I . 35.42 -43.30 34.25
O4 NAG I . 33.93 -44.42 32.05
O5 NAG I . 35.26 -41.32 30.63
O6 NAG I . 32.31 -42.46 30.58
O7 NAG I . 39.70 -41.96 34.15
C1 NAG J . 37.24 -3.30 49.64
C2 NAG J . 37.46 -2.54 50.95
C3 NAG J . 37.01 -1.09 50.82
C4 NAG J . 37.56 -0.49 49.54
C5 NAG J . 36.91 -1.18 48.35
C6 NAG J . 37.85 -1.36 47.18
C7 NAG J . 37.33 -4.17 52.77
C8 NAG J . 36.50 -4.73 53.87
N2 NAG J . 36.79 -3.18 52.06
O3 NAG J . 37.47 -0.35 51.94
O4 NAG J . 37.30 0.90 49.48
O5 NAG J . 36.43 -2.48 48.71
O6 NAG J . 37.15 -1.74 46.01
O7 NAG J . 38.46 -4.60 52.54
C1 NAG K . 50.57 -42.42 32.32
C2 NAG K . 50.79 -42.58 33.81
C3 NAG K . 51.11 -44.03 34.16
C4 NAG K . 50.04 -44.96 33.61
C5 NAG K . 49.88 -44.72 32.11
C6 NAG K . 48.76 -45.53 31.50
C7 NAG K . 53.12 -41.78 33.98
C8 NAG K . 54.03 -40.77 34.60
N2 NAG K . 51.83 -41.69 34.31
O3 NAG K . 51.20 -44.17 35.57
O4 NAG K . 50.40 -46.32 33.82
O5 NAG K . 49.57 -43.34 31.86
O6 NAG K . 47.51 -44.86 31.64
O7 NAG K . 53.54 -42.64 33.21
C1 NAG L . 6.06 -5.83 40.46
C2 NAG L . 6.17 -5.72 41.98
C3 NAG L . 6.37 -7.09 42.61
C4 NAG L . 5.25 -8.02 42.16
C5 NAG L . 5.14 -8.02 40.64
C6 NAG L . 3.94 -8.85 40.20
C7 NAG L . 8.50 -5.14 41.88
C8 NAG L . 9.60 -4.32 42.50
N2 NAG L . 7.28 -4.86 42.32
O3 NAG L . 6.33 -6.96 44.03
O4 NAG L . 5.54 -9.33 42.63
O5 NAG L . 4.98 -6.70 40.14
O6 NAG L . 2.74 -8.17 40.55
O7 NAG L . 8.70 -6.00 41.04
C1 NAG M . 27.72 -39.78 31.48
C2 NAG M . 27.19 -40.77 30.45
C3 NAG M . 25.68 -40.86 30.48
C4 NAG M . 25.20 -41.10 31.91
C5 NAG M . 25.78 -40.05 32.84
C6 NAG M . 25.34 -40.30 34.27
C7 NAG M . 28.87 -40.65 28.70
C8 NAG M . 29.65 -39.48 28.20
N2 NAG M . 27.64 -40.38 29.12
O3 NAG M . 25.23 -41.92 29.63
O4 NAG M . 23.77 -41.04 31.95
O5 NAG M . 27.21 -40.06 32.79
O6 NAG M . 23.92 -40.57 34.29
O7 NAG M . 29.33 -41.78 28.72
C1 NAG N . 21.26 24.91 -33.79
C2 NAG N . 22.53 24.53 -33.05
C3 NAG N . 23.75 25.11 -33.74
C4 NAG N . 23.76 24.70 -35.21
C5 NAG N . 22.44 25.06 -35.87
C6 NAG N . 22.34 24.53 -37.29
C7 NAG N . 22.41 26.20 -31.23
C8 NAG N . 22.38 26.39 -29.74
N2 NAG N . 22.48 24.93 -31.64
O3 NAG N . 24.94 24.66 -33.10
O4 NAG N . 24.82 25.37 -35.88
O5 NAG N . 21.35 24.47 -35.15
O6 NAG N . 22.78 23.19 -37.36
O7 NAG N . 22.37 27.15 -32.00
C1 NAG O . -7.44 11.51 -60.83
C2 NAG O . -6.12 11.49 -61.60
C3 NAG O . -6.37 11.55 -63.11
C4 NAG O . -7.34 10.45 -63.53
C5 NAG O . -8.61 10.53 -62.68
C6 NAG O . -9.59 9.42 -62.98
C7 NAG O . -5.58 13.88 -61.21
C8 NAG O . -4.53 14.84 -60.74
N2 NAG O . -5.24 12.58 -61.18
O3 NAG O . -5.14 11.40 -63.80
O4 NAG O . -7.68 10.59 -64.90
O5 NAG O . -8.28 10.44 -61.29
O6 NAG O . -10.93 9.86 -62.86
O7 NAG O . -6.67 14.26 -61.62
#